data_7LD1
#
_entry.id   7LD1
#
_cell.length_a   1.00
_cell.length_b   1.00
_cell.length_c   1.00
_cell.angle_alpha   90.00
_cell.angle_beta   90.00
_cell.angle_gamma   90.00
#
_symmetry.space_group_name_H-M   'P 1'
#
loop_
_entity.id
_entity.type
_entity.pdbx_description
1 polymer 'Spike glycoprotein'
2 polymer 'DH1047 heavy chain'
3 polymer 'DH1047 light chain'
4 branched beta-D-mannopyranose-(1-4)-2-acetamido-2-deoxy-beta-D-glucopyranose-(1-4)-2-acetamido-2-deoxy-beta-D-glucopyranose
5 branched 2-acetamido-2-deoxy-beta-D-glucopyranose-(1-4)-2-acetamido-2-deoxy-beta-D-glucopyranose
6 non-polymer 2-acetamido-2-deoxy-beta-D-glucopyranose
#
loop_
_entity_poly.entity_id
_entity_poly.type
_entity_poly.pdbx_seq_one_letter_code
_entity_poly.pdbx_strand_id
1 'polypeptide(L)'
;AYTNSFTRGVYYPDKVFRSSVLHSTQDLFLPFFSNVTWFHAIHVSGTNGTKRFDNPVLPFNDGVYFASTEKSNIIRGWIF
GTTLDSKTQSLLIVNNATNVVIKVCEFQFCNDPFLGVYYHKNNKSWMESEFRVYSSANNCTFEYVSQPFLMDLEGKQGNF
KNLREFVFKNIDGYFKIYSKHTPINLVRDLPQGFSALEPLVDLPIGINITRFQTLLALHRSYLTPGDSSSGWTAGAAAYY
VGYLQPRTFLLKYNENGTITDAVDCALDPLSETKCTLKSFTVEKGIYQTSNFRVQPTESIVRFPNITNLCPFGEVFNATR
FASVYAWNRKRISNCVADYSVLYNSASFSTFKCYGVSPTKLNDLCFTNVYADSFVIRGDEVRQIAPGQTGKIADYNYKLP
DDFTGCVIAWNSNNLDSKVGGNYNYLYRLFRKSNLKPFERDISEAIYQAGSTPCNGVEGYNCYFPLQSYGFQPTNGVGYQ
PYRVVVLSFELLHAPATVCGPKKSTNLVKNKCVNFNFNGLTGTGVLTESNKKFLPFQQFGRDIADTTDAVRDPQTLEILD
ITPCSFGGVSVITPGTNTSNEVAVLYQDVNCTEVPVAIHADQLTPTWRVYSTGSNVFQTRAGCLIGAEHVNNSYECDIPI
GAGICASYQTQTNSPRRARSVASQSIIAYTMSLGAENSVAYSNNSIAIPTNFTISVTTEILPVSMTKTSVDCTMYICGDS
TECSNLLLQYGSFCTQLNRALTGIAVEQDKNTQEVFAQVKQIYKTPPIKDFGGFNFSQILPDPSKPSKRSFIEDLLFNKV
TLADAGFIKQYGDCLGDIAARDLICAQKFNGLTVLPPLLTDEMIAQYTSALLAGTITSGWTFGAGAALQIPFAMQMAYRF
NGIGVTQNVLYENQKLIANQFNSAIGKIQDSLSSTASALGKLQDVVNQNAQALNTLVKQLSSNFGAISSVLNDILSRLDP
PEAEVQIDRLITGRLQSLQTYVTQQLIRAAEIRASANLAATKMSECVLGQSKRVDFCGKGYHLMSFPQSAPHGVVFLHVT
YVPAQEKNFTTAPAICHDGKAHFPREGVFVSNGTHWFVTQRNFYEPQIITTDNTFVSGNCDVVIGIVNNTVYDPLQPELD
S
;
A,B,C
2 'polypeptide(L)'
;QVQLVQSGAEVKKPGASVQVSCQASANTFTNHYIHWVRQAPGQGLEWMGIIYPTGGNTIYAQGFQGRVTMTRDTSLNTIY
LELSSLRSEDTAVYYCARDVRVDDSWSGYDLLSGGTYFDYWGQGTLVTVSSASTKGPSVFPLAPSSKSTSGGTAALGCLV
KDYFPEPVTVSWNSGALTSGVHTFPAVLQSSGLYSLSSVVTVPSSSLGTQTYICNVNHKPSNTKVDKKVEPK
;
M,P,H
3 'polypeptide(L)'
;DIVMTQSPDSLAVSLGERATINCRSSQSVLYSSNNENYLAWYQQKPGQPPKLLIYWASTRESGIPDRFSGSGSGTDFTLT
ISRLQAEDVAVYYCQQYYSLPRTFGQGTKVEIKRTVAAPSVFIFPPSDEQLKSGTASVVCLLNNFYPREAKVQWKVDNAL
QSGNSQESVTEQDSKDSTYSLSSTLTLSKADYEKHKVYACEVTHQGLSSPVTKSFNRGEC
;
N,O,L
#
# COMPACT_ATOMS: atom_id res chain seq x y z
N ALA A 1 -9.32 -7.13 -57.05
CA ALA A 1 -7.97 -7.06 -57.64
C ALA A 1 -6.95 -6.62 -56.59
N TYR A 2 -5.67 -6.97 -56.72
CA TYR A 2 -4.63 -6.67 -55.71
C TYR A 2 -3.33 -6.17 -56.35
N THR A 3 -2.55 -5.38 -55.63
CA THR A 3 -1.26 -4.82 -56.11
C THR A 3 -0.32 -4.53 -54.94
N ASN A 4 0.98 -4.58 -55.15
CA ASN A 4 1.98 -4.35 -54.12
C ASN A 4 2.05 -2.87 -53.73
N SER A 5 1.88 -2.55 -52.45
CA SER A 5 1.88 -1.20 -51.87
C SER A 5 3.24 -0.48 -51.86
N PHE A 6 4.33 -1.20 -52.12
CA PHE A 6 5.69 -0.69 -52.00
C PHE A 6 5.94 -0.02 -50.65
N THR A 7 6.35 1.24 -50.60
CA THR A 7 6.69 1.96 -49.36
C THR A 7 5.71 3.08 -49.00
N ARG A 8 4.64 3.29 -49.78
CA ARG A 8 3.66 4.38 -49.58
C ARG A 8 2.93 4.23 -48.25
N GLY A 9 2.37 5.32 -47.72
CA GLY A 9 1.52 5.29 -46.53
C GLY A 9 2.18 5.58 -45.18
N VAL A 10 3.45 5.97 -45.15
CA VAL A 10 4.04 6.54 -43.94
C VAL A 10 3.49 7.94 -43.68
N TYR A 11 3.27 8.31 -42.44
CA TYR A 11 2.76 9.64 -42.08
C TYR A 11 3.43 10.14 -40.82
N TYR A 12 3.48 11.45 -40.61
CA TYR A 12 4.10 12.02 -39.42
C TYR A 12 3.32 11.54 -38.20
N PRO A 13 3.89 10.71 -37.30
CA PRO A 13 3.09 10.03 -36.30
C PRO A 13 2.50 11.01 -35.30
N ASP A 14 3.25 12.04 -34.95
CA ASP A 14 2.99 13.02 -33.91
C ASP A 14 3.43 14.43 -34.33
N LYS A 15 2.96 15.41 -33.58
CA LYS A 15 2.95 16.84 -33.94
C LYS A 15 4.29 17.56 -33.81
N VAL A 16 5.39 16.85 -33.63
CA VAL A 16 6.68 17.43 -33.25
C VAL A 16 7.69 17.43 -34.38
N PHE A 17 8.46 18.51 -34.45
CA PHE A 17 9.66 18.65 -35.24
C PHE A 17 10.79 17.90 -34.58
N ARG A 18 11.58 17.20 -35.40
CA ARG A 18 12.82 16.53 -35.01
C ARG A 18 13.90 16.89 -36.02
N SER A 19 15.15 17.01 -35.58
CA SER A 19 16.31 17.30 -36.42
C SER A 19 16.61 16.14 -37.39
N SER A 20 17.79 16.09 -38.03
CA SER A 20 18.22 14.92 -38.81
C SER A 20 18.53 13.71 -37.93
N VAL A 21 17.48 13.04 -37.47
CA VAL A 21 17.52 11.99 -36.46
C VAL A 21 16.68 10.81 -36.89
N LEU A 22 17.07 9.61 -36.48
CA LEU A 22 16.33 8.39 -36.76
C LEU A 22 15.44 8.14 -35.56
N HIS A 23 14.12 8.23 -35.74
CA HIS A 23 13.17 8.11 -34.65
C HIS A 23 12.39 6.80 -34.74
N SER A 24 12.37 6.03 -33.65
CA SER A 24 11.63 4.77 -33.60
C SER A 24 10.26 4.99 -32.97
N THR A 25 9.22 4.37 -33.52
CA THR A 25 7.85 4.61 -33.13
C THR A 25 6.96 3.38 -33.29
N GLN A 26 5.87 3.34 -32.52
CA GLN A 26 4.81 2.34 -32.63
C GLN A 26 3.53 3.04 -33.06
N ASP A 27 2.92 2.63 -34.16
CA ASP A 27 1.66 3.20 -34.63
C ASP A 27 0.98 2.32 -35.65
N LEU A 28 -0.24 2.68 -36.06
CA LEU A 28 -0.98 1.98 -37.10
C LEU A 28 -0.50 2.47 -38.45
N PHE A 29 0.19 1.63 -39.21
CA PHE A 29 0.86 1.97 -40.46
C PHE A 29 0.52 0.96 -41.55
N LEU A 30 0.57 1.34 -42.83
CA LEU A 30 0.45 0.33 -43.89
C LEU A 30 1.75 -0.49 -43.95
N PRO A 31 1.74 -1.80 -43.70
CA PRO A 31 2.95 -2.61 -43.78
C PRO A 31 3.59 -2.54 -45.16
N PHE A 32 4.91 -2.39 -45.23
CA PHE A 32 5.62 -2.28 -46.50
C PHE A 32 5.40 -3.50 -47.37
N PHE A 33 5.33 -3.28 -48.66
CA PHE A 33 5.11 -4.28 -49.69
C PHE A 33 3.89 -5.19 -49.51
N SER A 34 2.93 -4.81 -48.68
CA SER A 34 1.66 -5.51 -48.53
C SER A 34 0.74 -5.29 -49.73
N ASN A 35 -0.36 -6.02 -49.81
CA ASN A 35 -1.36 -5.86 -50.87
C ASN A 35 -2.27 -4.65 -50.61
N VAL A 36 -2.26 -3.64 -51.48
CA VAL A 36 -3.45 -2.81 -51.63
C VAL A 36 -4.52 -3.63 -52.35
N THR A 37 -5.78 -3.42 -51.99
CA THR A 37 -6.90 -3.84 -52.81
C THR A 37 -7.16 -2.73 -53.83
N TRP A 38 -7.16 -3.04 -55.12
CA TRP A 38 -7.37 -2.09 -56.21
C TRP A 38 -8.82 -2.19 -56.70
N PHE A 39 -9.48 -1.06 -56.84
CA PHE A 39 -10.84 -0.92 -57.32
C PHE A 39 -10.89 -0.04 -58.56
N HIS A 40 -11.94 -0.21 -59.35
CA HIS A 40 -12.11 0.48 -60.64
C HIS A 40 -13.57 0.87 -60.89
N ASN A 55 -19.14 2.35 -56.17
CA ASN A 55 -18.24 1.46 -55.47
C ASN A 55 -18.87 0.81 -54.22
N PRO A 56 -18.41 -0.37 -53.79
CA PRO A 56 -18.97 -1.11 -52.67
C PRO A 56 -18.61 -0.49 -51.31
N VAL A 57 -19.44 -0.75 -50.29
CA VAL A 57 -19.07 -0.51 -48.89
C VAL A 57 -18.04 -1.55 -48.44
N LEU A 58 -17.07 -1.13 -47.64
CA LEU A 58 -15.90 -1.90 -47.22
C LEU A 58 -15.72 -1.83 -45.69
N PRO A 59 -14.99 -2.75 -45.07
CA PRO A 59 -14.57 -2.58 -43.68
C PRO A 59 -13.59 -1.42 -43.55
N PHE A 60 -13.65 -0.68 -42.46
CA PHE A 60 -12.59 0.20 -42.00
C PHE A 60 -11.48 -0.55 -41.25
N ASN A 61 -11.82 -1.67 -40.60
CA ASN A 61 -10.92 -2.44 -39.73
C ASN A 61 -10.27 -1.53 -38.66
N ASP A 62 -8.94 -1.55 -38.53
CA ASP A 62 -8.23 -0.67 -37.59
C ASP A 62 -8.09 0.79 -38.07
N GLY A 63 -8.20 1.03 -39.38
CA GLY A 63 -7.87 2.29 -40.01
C GLY A 63 -7.36 2.08 -41.44
N VAL A 64 -7.57 3.05 -42.31
CA VAL A 64 -7.54 2.89 -43.77
C VAL A 64 -6.50 3.80 -44.39
N TYR A 65 -5.57 3.26 -45.15
CA TYR A 65 -4.89 4.02 -46.18
C TYR A 65 -5.77 4.07 -47.42
N PHE A 66 -5.75 5.18 -48.16
CA PHE A 66 -6.54 5.34 -49.39
C PHE A 66 -5.77 6.17 -50.42
N ALA A 67 -5.89 5.88 -51.71
CA ALA A 67 -5.29 6.69 -52.76
C ALA A 67 -6.00 6.54 -54.11
N SER A 68 -5.81 7.47 -55.03
CA SER A 68 -6.41 7.43 -56.38
C SER A 68 -5.68 8.36 -57.34
N THR A 69 -5.89 8.21 -58.65
CA THR A 69 -5.33 9.12 -59.68
C THR A 69 -6.42 9.81 -60.48
N GLU A 70 -7.53 10.17 -59.84
CA GLU A 70 -8.69 10.78 -60.49
C GLU A 70 -8.43 12.22 -60.94
N LYS A 71 -7.90 12.42 -62.14
CA LYS A 71 -7.41 13.73 -62.63
C LYS A 71 -8.43 14.86 -62.52
N SER A 72 -9.67 14.61 -62.93
CA SER A 72 -10.78 15.57 -62.89
C SER A 72 -11.53 15.59 -61.54
N ASN A 73 -10.84 15.23 -60.45
CA ASN A 73 -11.40 15.16 -59.11
C ASN A 73 -12.67 14.30 -59.10
N ILE A 74 -12.57 13.10 -59.68
CA ILE A 74 -13.68 12.17 -59.91
C ILE A 74 -14.22 11.60 -58.61
N ILE A 75 -13.34 11.19 -57.69
CA ILE A 75 -13.73 10.90 -56.31
C ILE A 75 -14.05 12.23 -55.63
N ARG A 76 -15.29 12.38 -55.18
CA ARG A 76 -15.81 13.56 -54.48
C ARG A 76 -15.87 13.38 -52.97
N GLY A 77 -15.82 12.17 -52.41
CA GLY A 77 -15.92 12.03 -50.96
C GLY A 77 -16.03 10.61 -50.43
N TRP A 78 -16.41 10.50 -49.15
CA TRP A 78 -16.38 9.28 -48.35
C TRP A 78 -17.54 9.25 -47.35
N ILE A 79 -17.90 8.07 -46.87
CA ILE A 79 -18.84 7.88 -45.76
C ILE A 79 -18.25 6.86 -44.80
N PHE A 80 -18.41 7.01 -43.48
CA PHE A 80 -17.90 6.07 -42.49
C PHE A 80 -18.89 5.82 -41.36
N GLY A 81 -18.87 4.66 -40.72
CA GLY A 81 -19.72 4.39 -39.55
C GLY A 81 -19.85 2.91 -39.23
N THR A 82 -20.91 2.52 -38.52
CA THR A 82 -21.35 1.12 -38.43
C THR A 82 -22.45 0.82 -39.46
N THR A 83 -23.56 1.54 -39.41
CA THR A 83 -24.73 1.35 -40.29
C THR A 83 -24.54 2.00 -41.66
N LEU A 84 -23.94 3.19 -41.71
CA LEU A 84 -24.00 4.09 -42.87
C LEU A 84 -25.46 4.36 -43.31
N ASP A 85 -26.39 4.33 -42.35
CA ASP A 85 -27.82 4.52 -42.51
C ASP A 85 -28.45 4.97 -41.18
N SER A 86 -29.65 5.54 -41.22
CA SER A 86 -30.17 6.43 -40.19
C SER A 86 -30.41 5.79 -38.80
N LYS A 87 -30.27 4.47 -38.69
CA LYS A 87 -30.27 3.73 -37.43
C LYS A 87 -29.20 4.20 -36.41
N THR A 88 -28.10 4.82 -36.86
CA THR A 88 -27.20 5.61 -36.03
C THR A 88 -26.42 6.66 -36.85
N GLN A 89 -25.72 7.58 -36.19
CA GLN A 89 -24.91 8.60 -36.85
C GLN A 89 -23.76 8.01 -37.71
N SER A 90 -23.39 8.73 -38.77
CA SER A 90 -22.34 8.35 -39.70
C SER A 90 -21.56 9.58 -40.17
N LEU A 91 -20.23 9.46 -40.24
CA LEU A 91 -19.36 10.52 -40.71
C LEU A 91 -19.47 10.65 -42.23
N LEU A 92 -19.74 11.84 -42.73
CA LEU A 92 -19.75 12.18 -44.15
C LEU A 92 -18.60 13.16 -44.43
N ILE A 93 -17.86 12.94 -45.49
CA ILE A 93 -16.84 13.88 -45.98
C ILE A 93 -17.10 14.14 -47.45
N VAL A 94 -17.04 15.40 -47.89
CA VAL A 94 -17.17 15.77 -49.29
C VAL A 94 -16.15 16.82 -49.66
N ASN A 95 -15.37 16.58 -50.71
CA ASN A 95 -14.50 17.56 -51.35
C ASN A 95 -15.31 18.42 -52.34
N ASN A 96 -16.23 19.24 -51.82
CA ASN A 96 -17.01 20.20 -52.60
C ASN A 96 -16.09 21.18 -53.38
N ALA A 97 -16.58 21.71 -54.50
CA ALA A 97 -15.76 22.50 -55.43
C ALA A 97 -15.13 23.76 -54.78
N THR A 98 -15.83 24.39 -53.84
CA THR A 98 -15.32 25.52 -53.07
C THR A 98 -14.40 25.12 -51.92
N ASN A 99 -14.79 24.13 -51.11
CA ASN A 99 -14.07 23.71 -49.90
C ASN A 99 -14.36 22.27 -49.44
N VAL A 100 -13.50 21.70 -48.60
CA VAL A 100 -13.79 20.46 -47.86
C VAL A 100 -14.98 20.70 -46.91
N VAL A 101 -15.94 19.79 -46.86
CA VAL A 101 -17.12 19.87 -45.99
C VAL A 101 -17.30 18.56 -45.26
N ILE A 102 -17.56 18.58 -43.96
CA ILE A 102 -17.61 17.39 -43.11
C ILE A 102 -18.83 17.46 -42.21
N LYS A 103 -19.54 16.34 -41.99
CA LYS A 103 -20.77 16.26 -41.17
C LYS A 103 -20.86 14.92 -40.42
N VAL A 104 -21.73 14.78 -39.42
CA VAL A 104 -21.92 13.51 -38.67
C VAL A 104 -23.38 13.06 -38.49
N CYS A 105 -24.31 13.51 -39.33
CA CYS A 105 -25.73 13.21 -39.18
C CYS A 105 -26.05 11.70 -39.21
N GLU A 106 -27.23 11.32 -38.74
CA GLU A 106 -27.85 10.01 -38.95
C GLU A 106 -28.42 9.91 -40.37
N PHE A 107 -27.56 10.01 -41.38
CA PHE A 107 -27.92 9.97 -42.80
C PHE A 107 -28.64 8.68 -43.21
N GLN A 108 -29.48 8.75 -44.24
CA GLN A 108 -30.09 7.59 -44.88
C GLN A 108 -30.10 7.75 -46.39
N PHE A 109 -29.18 7.08 -47.09
CA PHE A 109 -29.02 7.13 -48.55
C PHE A 109 -28.62 5.78 -49.16
N CYS A 110 -28.83 5.64 -50.47
CA CYS A 110 -28.37 4.54 -51.30
C CYS A 110 -26.85 4.60 -51.59
N ASN A 111 -26.40 3.93 -52.65
CA ASN A 111 -25.00 3.85 -53.09
C ASN A 111 -24.24 5.18 -53.08
N ASP A 112 -24.87 6.27 -53.53
CA ASP A 112 -24.43 7.65 -53.28
C ASP A 112 -25.57 8.65 -53.50
N PRO A 113 -25.83 9.61 -52.59
CA PRO A 113 -26.90 10.59 -52.77
C PRO A 113 -26.58 11.56 -53.91
N PHE A 114 -27.55 11.78 -54.79
CA PHE A 114 -27.49 12.75 -55.90
C PHE A 114 -28.86 13.35 -56.19
N ASN A 138 -31.64 15.71 -38.32
CA ASN A 138 -30.81 14.54 -38.63
C ASN A 138 -29.71 14.27 -37.60
N ASN A 139 -29.84 14.82 -36.39
CA ASN A 139 -28.89 14.69 -35.26
C ASN A 139 -27.44 15.04 -35.66
N CYS A 140 -27.26 16.16 -36.36
CA CYS A 140 -25.98 16.56 -36.96
C CYS A 140 -25.02 17.19 -35.94
N THR A 141 -24.58 16.42 -34.94
CA THR A 141 -23.89 16.92 -33.73
C THR A 141 -22.54 17.61 -33.96
N PHE A 142 -21.95 17.49 -35.14
CA PHE A 142 -20.73 18.17 -35.56
C PHE A 142 -20.76 18.52 -37.05
N GLU A 143 -20.08 19.60 -37.40
CA GLU A 143 -19.82 20.02 -38.77
C GLU A 143 -18.48 20.77 -38.85
N TYR A 144 -17.81 20.73 -39.99
CA TYR A 144 -16.56 21.46 -40.24
C TYR A 144 -16.45 21.83 -41.73
N VAL A 145 -15.77 22.92 -42.02
CA VAL A 145 -15.50 23.38 -43.39
C VAL A 145 -14.05 23.82 -43.50
N SER A 146 -13.40 23.58 -44.64
CA SER A 146 -12.02 24.00 -44.90
C SER A 146 -11.77 24.40 -46.36
N PHE A 160 -4.23 11.52 -63.04
CA PHE A 160 -3.35 10.81 -63.98
C PHE A 160 -2.09 11.62 -64.32
N LYS A 161 -2.13 12.92 -64.03
CA LYS A 161 -0.96 13.75 -63.71
C LYS A 161 -0.56 13.55 -62.24
N ASN A 162 -1.52 13.24 -61.35
CA ASN A 162 -1.37 13.24 -59.89
C ASN A 162 -1.95 11.99 -59.23
N LEU A 163 -1.37 11.66 -58.08
CA LEU A 163 -1.92 10.76 -57.08
C LEU A 163 -2.43 11.62 -55.92
N ARG A 164 -3.70 11.45 -55.56
CA ARG A 164 -4.26 12.00 -54.33
C ARG A 164 -4.29 10.89 -53.31
N GLU A 165 -3.74 11.13 -52.13
CA GLU A 165 -3.35 10.08 -51.18
C GLU A 165 -3.68 10.51 -49.75
N PHE A 166 -4.20 9.60 -48.93
CA PHE A 166 -4.75 9.91 -47.63
C PHE A 166 -4.56 8.76 -46.65
N VAL A 167 -4.65 9.06 -45.36
CA VAL A 167 -4.88 8.08 -44.32
C VAL A 167 -6.00 8.56 -43.43
N PHE A 168 -6.91 7.67 -43.06
CA PHE A 168 -7.98 7.93 -42.11
C PHE A 168 -7.71 7.09 -40.89
N LYS A 169 -7.89 7.63 -39.68
CA LYS A 169 -7.45 6.97 -38.45
C LYS A 169 -8.34 7.35 -37.26
N ASN A 170 -8.40 6.52 -36.23
CA ASN A 170 -9.17 6.77 -35.02
C ASN A 170 -8.52 6.11 -33.79
N TYR A 174 -12.42 11.94 -31.93
CA TYR A 174 -11.16 11.22 -31.75
C TYR A 174 -10.42 11.04 -33.09
N PHE A 175 -11.19 11.07 -34.17
CA PHE A 175 -10.83 10.83 -35.57
C PHE A 175 -9.78 11.78 -36.14
N LYS A 176 -8.97 11.31 -37.10
CA LYS A 176 -7.84 12.05 -37.69
C LYS A 176 -7.68 11.75 -39.18
N ILE A 177 -7.08 12.67 -39.93
CA ILE A 177 -6.74 12.50 -41.34
C ILE A 177 -5.32 13.00 -41.62
N TYR A 178 -4.62 12.36 -42.54
CA TYR A 178 -3.35 12.80 -43.11
C TYR A 178 -3.41 12.74 -44.62
N SER A 179 -2.57 13.48 -45.34
CA SER A 179 -2.59 13.47 -46.81
C SER A 179 -1.25 13.83 -47.44
N LYS A 180 -1.13 13.54 -48.74
CA LYS A 180 -0.15 14.10 -49.67
C LYS A 180 -0.78 14.15 -51.07
N HIS A 181 -0.24 14.94 -51.98
CA HIS A 181 -0.81 15.16 -53.31
C HIS A 181 0.36 15.40 -54.26
N THR A 182 0.69 14.41 -55.09
CA THR A 182 1.99 14.31 -55.78
C THR A 182 1.85 13.95 -57.25
N PRO A 183 2.71 14.45 -58.16
CA PRO A 183 2.71 14.07 -59.56
C PRO A 183 3.15 12.62 -59.80
N ILE A 184 2.55 11.93 -60.77
CA ILE A 184 2.80 10.52 -61.11
C ILE A 184 2.78 10.27 -62.62
N ASN A 185 3.36 9.15 -63.04
CA ASN A 185 3.35 8.64 -64.42
C ASN A 185 1.99 8.03 -64.78
N ASP A 189 0.01 -0.03 -60.11
CA ASP A 189 0.61 1.11 -60.79
C ASP A 189 1.14 2.21 -59.85
N LEU A 190 1.11 2.00 -58.54
CA LEU A 190 1.59 2.95 -57.53
C LEU A 190 3.10 3.23 -57.72
N PRO A 191 3.60 4.47 -57.51
CA PRO A 191 5.03 4.74 -57.62
C PRO A 191 5.84 3.93 -56.62
N GLN A 192 7.03 3.51 -57.02
CA GLN A 192 8.04 2.99 -56.09
C GLN A 192 8.69 4.06 -55.22
N GLY A 193 8.48 5.34 -55.53
CA GLY A 193 9.00 6.48 -54.77
C GLY A 193 8.32 6.70 -53.41
N PHE A 194 9.09 7.23 -52.48
CA PHE A 194 8.68 7.42 -51.09
C PHE A 194 8.39 8.89 -50.74
N SER A 195 7.30 9.14 -50.02
CA SER A 195 6.98 10.44 -49.42
C SER A 195 5.91 10.30 -48.34
N ALA A 196 6.17 10.84 -47.15
CA ALA A 196 5.25 10.77 -46.02
C ALA A 196 4.09 11.76 -46.13
N LEU A 197 2.96 11.41 -45.53
CA LEU A 197 1.75 12.23 -45.51
C LEU A 197 1.77 13.19 -44.33
N GLU A 198 1.65 14.49 -44.57
CA GLU A 198 1.43 15.51 -43.54
C GLU A 198 0.04 15.37 -42.89
N PRO A 199 -0.14 15.70 -41.60
CA PRO A 199 -1.46 15.75 -40.98
C PRO A 199 -2.33 16.82 -41.64
N LEU A 200 -3.64 16.57 -41.69
CA LEU A 200 -4.58 17.41 -42.42
C LEU A 200 -5.77 17.80 -41.55
N VAL A 201 -6.24 16.94 -40.63
CA VAL A 201 -7.16 17.36 -39.56
C VAL A 201 -7.20 16.38 -38.38
N ASP A 202 -7.66 16.83 -37.22
CA ASP A 202 -8.11 16.01 -36.10
C ASP A 202 -9.49 16.52 -35.65
N LEU A 203 -10.47 15.63 -35.50
CA LEU A 203 -11.85 15.97 -35.15
C LEU A 203 -12.21 15.33 -33.79
N PRO A 204 -12.95 16.03 -32.92
CA PRO A 204 -13.24 15.59 -31.56
C PRO A 204 -14.38 14.55 -31.46
N ILE A 205 -14.96 14.19 -32.60
CA ILE A 205 -16.29 13.58 -32.73
C ILE A 205 -16.52 12.20 -32.11
N GLY A 206 -15.50 11.34 -32.04
CA GLY A 206 -15.59 10.00 -31.42
C GLY A 206 -16.64 9.04 -32.00
N ILE A 207 -16.95 9.13 -33.29
CA ILE A 207 -17.94 8.27 -33.98
C ILE A 207 -17.47 6.80 -34.03
N ASN A 208 -18.39 5.86 -33.86
CA ASN A 208 -18.17 4.43 -34.01
C ASN A 208 -17.97 4.09 -35.50
N ILE A 209 -16.74 4.00 -35.98
CA ILE A 209 -16.44 3.64 -37.37
C ILE A 209 -15.94 2.20 -37.41
N THR A 210 -16.64 1.36 -38.20
CA THR A 210 -16.27 -0.03 -38.48
C THR A 210 -16.27 -0.34 -39.98
N ARG A 211 -17.05 0.38 -40.77
CA ARG A 211 -17.14 0.30 -42.24
C ARG A 211 -17.08 1.68 -42.88
N PHE A 212 -16.76 1.73 -44.16
CA PHE A 212 -16.74 2.96 -44.95
C PHE A 212 -17.17 2.73 -46.40
N GLN A 213 -17.49 3.80 -47.12
CA GLN A 213 -17.90 3.83 -48.52
C GLN A 213 -17.18 4.95 -49.28
N THR A 214 -17.43 5.12 -50.58
CA THR A 214 -16.84 6.20 -51.39
C THR A 214 -17.83 6.79 -52.37
N LEU A 215 -17.72 8.10 -52.59
CA LEU A 215 -18.64 8.93 -53.38
C LEU A 215 -17.89 9.62 -54.53
N LEU A 216 -18.50 9.78 -55.70
CA LEU A 216 -17.82 10.21 -56.93
C LEU A 216 -18.56 11.32 -57.68
N ALA A 237 -13.43 4.99 -61.94
CA ALA A 237 -12.00 5.26 -62.07
C ALA A 237 -11.17 4.49 -61.02
N ALA A 238 -9.86 4.40 -61.22
CA ALA A 238 -8.95 3.61 -60.38
C ALA A 238 -8.74 4.21 -58.97
N TYR A 239 -8.92 3.42 -57.92
CA TYR A 239 -8.54 3.80 -56.56
C TYR A 239 -8.16 2.58 -55.71
N TYR A 240 -7.48 2.82 -54.60
CA TYR A 240 -6.80 1.81 -53.80
C TYR A 240 -7.16 1.90 -52.33
N VAL A 241 -7.11 0.80 -51.60
CA VAL A 241 -7.37 0.70 -50.16
C VAL A 241 -6.33 -0.21 -49.54
N GLY A 242 -5.89 0.03 -48.31
CA GLY A 242 -5.07 -0.91 -47.56
C GLY A 242 -5.22 -0.67 -46.07
N TYR A 243 -4.95 -1.67 -45.24
CA TYR A 243 -5.25 -1.58 -43.82
C TYR A 243 -4.03 -1.33 -42.96
N LEU A 244 -4.14 -0.35 -42.08
CA LEU A 244 -3.09 0.01 -41.14
C LEU A 244 -2.94 -1.12 -40.11
N GLN A 245 -1.88 -1.91 -40.20
CA GLN A 245 -1.55 -2.83 -39.12
C GLN A 245 -0.85 -2.05 -38.00
N PRO A 246 -1.01 -2.42 -36.72
CA PRO A 246 -0.05 -1.99 -35.71
C PRO A 246 1.34 -2.47 -36.14
N ARG A 247 2.33 -1.60 -36.04
CA ARG A 247 3.67 -1.85 -36.57
C ARG A 247 4.72 -1.01 -35.85
N THR A 248 5.96 -1.49 -35.80
CA THR A 248 7.09 -0.68 -35.33
C THR A 248 7.80 -0.12 -36.53
N PHE A 249 8.05 1.17 -36.54
CA PHE A 249 8.76 1.84 -37.62
C PHE A 249 9.95 2.61 -37.10
N LEU A 250 11.03 2.60 -37.86
CA LEU A 250 12.05 3.62 -37.77
C LEU A 250 11.78 4.62 -38.90
N LEU A 251 11.84 5.91 -38.60
CA LEU A 251 11.58 7.02 -39.51
C LEU A 251 12.81 7.90 -39.61
N LYS A 252 13.22 8.26 -40.82
CA LYS A 252 14.35 9.14 -41.05
C LYS A 252 13.90 10.60 -41.14
N TYR A 253 13.76 11.24 -39.99
CA TYR A 253 13.61 12.69 -39.93
C TYR A 253 14.87 13.38 -40.46
N ASN A 254 14.69 14.59 -40.96
CA ASN A 254 15.65 15.32 -41.78
C ASN A 254 15.78 16.80 -41.39
N GLU A 255 16.69 17.50 -42.03
CA GLU A 255 17.13 18.86 -41.71
C GLU A 255 16.01 19.90 -41.67
N ASN A 256 14.96 19.74 -42.47
CA ASN A 256 13.81 20.64 -42.52
C ASN A 256 12.65 20.10 -41.67
N GLY A 257 12.89 19.12 -40.79
CA GLY A 257 11.86 18.45 -40.00
C GLY A 257 11.03 17.42 -40.77
N THR A 258 11.29 17.21 -42.07
CA THR A 258 10.57 16.26 -42.92
C THR A 258 11.05 14.81 -42.75
N ILE A 259 10.17 13.86 -43.02
CA ILE A 259 10.49 12.43 -43.11
C ILE A 259 10.95 12.09 -44.52
N THR A 260 12.18 11.60 -44.68
CA THR A 260 12.75 11.28 -45.99
C THR A 260 12.77 9.79 -46.32
N ASP A 261 12.72 8.90 -45.33
CA ASP A 261 12.79 7.45 -45.55
C ASP A 261 12.27 6.69 -44.34
N ALA A 262 11.94 5.41 -44.47
CA ALA A 262 11.36 4.59 -43.41
C ALA A 262 11.63 3.08 -43.59
N VAL A 263 11.52 2.30 -42.51
CA VAL A 263 11.99 0.89 -42.47
C VAL A 263 10.92 -0.21 -42.40
N ASP A 264 9.85 -0.07 -41.62
CA ASP A 264 8.94 -1.18 -41.21
C ASP A 264 9.70 -2.36 -40.58
N CYS A 265 9.92 -2.33 -39.26
CA CYS A 265 10.81 -3.26 -38.59
C CYS A 265 10.44 -4.74 -38.74
N ALA A 266 9.16 -5.03 -38.93
CA ALA A 266 8.63 -6.40 -39.04
C ALA A 266 8.77 -7.01 -40.44
N LEU A 267 9.18 -6.23 -41.45
CA LEU A 267 9.17 -6.63 -42.85
C LEU A 267 10.03 -7.88 -43.11
N ASP A 268 11.29 -7.85 -42.70
CA ASP A 268 12.25 -8.93 -42.92
C ASP A 268 13.41 -8.85 -41.91
N PRO A 269 14.30 -9.84 -41.84
CA PRO A 269 15.36 -9.83 -40.83
C PRO A 269 16.31 -8.63 -40.96
N LEU A 270 16.52 -8.13 -42.18
CA LEU A 270 17.30 -6.90 -42.34
C LEU A 270 16.60 -5.68 -41.76
N SER A 271 15.29 -5.58 -41.88
CA SER A 271 14.51 -4.48 -41.31
C SER A 271 14.43 -4.58 -39.79
N GLU A 272 14.38 -5.77 -39.19
CA GLU A 272 14.62 -5.89 -37.75
C GLU A 272 16.03 -5.41 -37.37
N THR A 273 17.04 -5.67 -38.20
CA THR A 273 18.41 -5.30 -37.88
C THR A 273 18.58 -3.79 -37.89
N LYS A 274 18.10 -3.11 -38.94
CA LYS A 274 18.07 -1.65 -39.03
C LYS A 274 17.39 -1.01 -37.84
N CYS A 275 16.23 -1.51 -37.44
CA CYS A 275 15.53 -0.95 -36.28
C CYS A 275 16.25 -1.19 -34.96
N THR A 276 16.85 -2.36 -34.78
CA THR A 276 17.56 -2.69 -33.54
C THR A 276 18.78 -1.80 -33.35
N LEU A 277 19.50 -1.50 -34.43
CA LEU A 277 20.65 -0.62 -34.41
C LEU A 277 20.27 0.87 -34.45
N LYS A 278 18.99 1.20 -34.63
CA LYS A 278 18.50 2.56 -34.93
C LYS A 278 19.34 3.20 -36.04
N SER A 279 19.47 2.52 -37.19
CA SER A 279 20.30 3.01 -38.29
C SER A 279 19.84 2.49 -39.66
N PHE A 280 19.91 3.31 -40.70
CA PHE A 280 19.62 2.88 -42.07
C PHE A 280 20.84 2.22 -42.75
N THR A 281 22.05 2.53 -42.31
CA THR A 281 23.26 1.80 -42.71
C THR A 281 23.55 0.73 -41.67
N VAL A 282 23.85 -0.50 -42.06
CA VAL A 282 24.29 -1.55 -41.13
C VAL A 282 25.61 -2.16 -41.58
N GLU A 283 26.61 -2.18 -40.71
CA GLU A 283 27.94 -2.71 -41.01
C GLU A 283 27.99 -4.23 -41.08
N LYS A 284 29.02 -4.81 -41.70
CA LYS A 284 29.25 -6.26 -41.74
C LYS A 284 29.30 -6.84 -40.32
N GLY A 285 28.52 -7.87 -40.02
CA GLY A 285 28.58 -8.50 -38.70
C GLY A 285 27.42 -9.45 -38.40
N ILE A 286 27.36 -9.93 -37.16
CA ILE A 286 26.22 -10.67 -36.62
C ILE A 286 25.56 -9.84 -35.53
N TYR A 287 24.25 -9.64 -35.61
CA TYR A 287 23.51 -8.77 -34.69
C TYR A 287 22.32 -9.50 -34.08
N GLN A 288 22.09 -9.37 -32.79
CA GLN A 288 20.86 -9.88 -32.16
C GLN A 288 19.67 -9.03 -32.59
N THR A 289 18.48 -9.59 -32.76
CA THR A 289 17.28 -8.80 -33.11
C THR A 289 16.02 -9.18 -32.37
N SER A 290 15.84 -10.43 -31.95
CA SER A 290 14.57 -10.91 -31.39
C SER A 290 14.77 -12.21 -30.63
N ASN A 291 13.76 -12.65 -29.87
CA ASN A 291 13.75 -13.96 -29.22
C ASN A 291 12.76 -14.88 -29.94
N PHE A 292 13.25 -15.98 -30.50
CA PHE A 292 12.41 -17.03 -31.04
C PHE A 292 11.88 -17.87 -29.89
N ARG A 293 10.57 -18.14 -29.86
CA ARG A 293 9.94 -19.03 -28.89
C ARG A 293 8.88 -19.86 -29.59
N VAL A 294 8.94 -21.18 -29.49
CA VAL A 294 7.86 -22.06 -29.95
C VAL A 294 6.64 -21.86 -29.06
N GLN A 295 5.46 -21.60 -29.62
CA GLN A 295 4.23 -21.45 -28.83
C GLN A 295 3.60 -22.80 -28.48
N PRO A 296 2.95 -22.96 -27.31
CA PRO A 296 2.24 -24.19 -26.97
C PRO A 296 1.07 -24.41 -27.91
N THR A 297 1.04 -25.55 -28.60
CA THR A 297 0.06 -25.82 -29.66
C THR A 297 -1.32 -26.21 -29.14
N GLU A 298 -1.42 -26.76 -27.92
CA GLU A 298 -2.68 -27.05 -27.22
C GLU A 298 -2.48 -27.14 -25.69
N SER A 299 -3.56 -27.29 -24.93
CA SER A 299 -3.50 -27.56 -23.48
C SER A 299 -4.00 -28.98 -23.13
N ILE A 300 -3.18 -29.73 -22.39
CA ILE A 300 -3.45 -31.09 -21.90
C ILE A 300 -3.80 -31.02 -20.41
N VAL A 301 -4.84 -31.73 -20.00
CA VAL A 301 -5.30 -31.77 -18.60
C VAL A 301 -5.38 -33.22 -18.14
N ARG A 302 -4.79 -33.56 -16.98
CA ARG A 302 -4.77 -34.93 -16.46
C ARG A 302 -5.05 -34.97 -14.96
N PHE A 303 -5.84 -35.95 -14.54
CA PHE A 303 -6.15 -36.27 -13.15
C PHE A 303 -6.33 -37.78 -13.00
N PRO A 304 -6.25 -38.36 -11.80
CA PRO A 304 -6.58 -39.76 -11.57
C PRO A 304 -7.99 -40.10 -12.02
N ASN A 305 -8.23 -41.38 -12.28
CA ASN A 305 -9.55 -41.86 -12.68
C ASN A 305 -10.60 -41.51 -11.63
N ILE A 306 -11.82 -41.19 -12.07
CA ILE A 306 -12.93 -41.01 -11.15
C ILE A 306 -13.25 -42.32 -10.42
N THR A 307 -13.56 -42.24 -9.13
CA THR A 307 -13.96 -43.38 -8.30
C THR A 307 -14.80 -42.93 -7.10
N ASN A 308 -15.49 -43.88 -6.48
CA ASN A 308 -16.27 -43.66 -5.26
C ASN A 308 -17.31 -42.55 -5.39
N LEU A 309 -18.29 -42.71 -6.29
CA LEU A 309 -19.40 -41.78 -6.48
C LEU A 309 -20.20 -41.51 -5.19
N CYS A 310 -20.82 -40.34 -5.12
CA CYS A 310 -21.71 -39.91 -4.05
C CYS A 310 -22.95 -40.84 -3.87
N PRO A 311 -23.45 -41.03 -2.64
CA PRO A 311 -24.66 -41.80 -2.33
C PRO A 311 -25.98 -41.24 -2.91
N PHE A 312 -25.98 -40.14 -3.66
CA PHE A 312 -27.16 -39.66 -4.39
C PHE A 312 -27.83 -40.77 -5.23
N GLY A 313 -27.05 -41.71 -5.78
CA GLY A 313 -27.51 -42.84 -6.58
C GLY A 313 -28.46 -43.77 -5.85
N GLU A 314 -28.25 -43.94 -4.54
CA GLU A 314 -29.21 -44.60 -3.65
C GLU A 314 -30.36 -43.67 -3.25
N VAL A 315 -30.06 -42.41 -2.87
CA VAL A 315 -31.04 -41.47 -2.32
C VAL A 315 -32.23 -41.25 -3.26
N PHE A 316 -31.95 -40.92 -4.53
CA PHE A 316 -32.98 -40.62 -5.53
C PHE A 316 -33.53 -41.86 -6.25
N ASN A 317 -33.18 -43.05 -5.77
CA ASN A 317 -33.79 -44.33 -6.15
C ASN A 317 -34.44 -45.06 -4.96
N ALA A 318 -34.57 -44.40 -3.79
CA ALA A 318 -35.19 -44.98 -2.61
C ALA A 318 -36.72 -44.93 -2.71
N THR A 319 -37.36 -46.09 -2.86
CA THR A 319 -38.80 -46.24 -2.73
C THR A 319 -39.31 -45.92 -1.32
N ARG A 320 -38.47 -46.12 -0.30
CA ARG A 320 -38.70 -45.74 1.09
C ARG A 320 -38.39 -44.27 1.44
N PHE A 321 -38.36 -43.37 0.44
CA PHE A 321 -38.02 -41.94 0.60
C PHE A 321 -38.74 -41.28 1.78
N ALA A 322 -38.01 -40.49 2.56
CA ALA A 322 -38.44 -40.04 3.88
C ALA A 322 -39.72 -39.18 3.87
N SER A 323 -40.60 -39.42 4.83
CA SER A 323 -41.75 -38.56 5.13
C SER A 323 -41.28 -37.22 5.71
N VAL A 324 -41.87 -36.10 5.28
CA VAL A 324 -41.44 -34.76 5.73
C VAL A 324 -41.58 -34.53 7.23
N TYR A 325 -42.57 -35.15 7.90
CA TYR A 325 -42.70 -35.12 9.36
C TYR A 325 -41.60 -35.86 10.13
N ALA A 326 -40.77 -36.64 9.42
CA ALA A 326 -39.69 -37.47 9.95
C ALA A 326 -38.47 -37.48 9.00
N TRP A 327 -38.15 -36.32 8.40
CA TRP A 327 -37.07 -36.15 7.43
C TRP A 327 -35.72 -36.68 7.93
N ASN A 328 -34.91 -37.23 7.05
CA ASN A 328 -33.66 -37.93 7.38
C ASN A 328 -32.51 -37.59 6.42
N ARG A 329 -31.27 -37.76 6.87
CA ARG A 329 -30.08 -37.24 6.19
C ARG A 329 -28.79 -38.01 6.48
N LYS A 330 -27.73 -37.73 5.70
CA LYS A 330 -26.38 -38.23 5.89
C LYS A 330 -25.32 -37.33 5.24
N ARG A 331 -24.11 -37.27 5.79
CA ARG A 331 -22.99 -36.54 5.20
C ARG A 331 -22.40 -37.30 4.01
N ILE A 332 -22.63 -36.79 2.79
CA ILE A 332 -21.89 -37.23 1.61
C ILE A 332 -20.47 -36.65 1.66
N SER A 333 -19.46 -37.47 1.94
CA SER A 333 -18.08 -37.04 2.06
C SER A 333 -17.08 -38.14 1.66
N ASN A 334 -15.87 -37.73 1.28
CA ASN A 334 -14.88 -38.56 0.60
C ASN A 334 -15.46 -39.25 -0.65
N CYS A 335 -16.05 -38.47 -1.56
CA CYS A 335 -16.76 -39.00 -2.72
C CYS A 335 -16.66 -38.11 -3.97
N VAL A 336 -16.86 -38.73 -5.14
CA VAL A 336 -17.13 -38.05 -6.39
C VAL A 336 -18.61 -37.60 -6.46
N ALA A 337 -18.89 -36.35 -6.10
CA ALA A 337 -20.20 -35.71 -6.26
C ALA A 337 -20.51 -35.42 -7.74
N ASP A 338 -20.99 -36.41 -8.49
CA ASP A 338 -21.34 -36.34 -9.91
C ASP A 338 -22.61 -35.52 -10.21
N TYR A 339 -22.65 -34.27 -9.73
CA TYR A 339 -23.76 -33.33 -9.92
C TYR A 339 -24.06 -32.98 -11.39
N SER A 340 -23.12 -33.20 -12.32
CA SER A 340 -23.37 -33.09 -13.75
C SER A 340 -24.44 -34.07 -14.26
N VAL A 341 -24.54 -35.25 -13.64
CA VAL A 341 -25.57 -36.23 -13.92
C VAL A 341 -26.97 -35.74 -13.52
N LEU A 342 -27.07 -34.91 -12.47
CA LEU A 342 -28.28 -34.18 -12.09
C LEU A 342 -28.54 -32.95 -12.97
N TYR A 343 -27.51 -32.20 -13.37
CA TYR A 343 -27.63 -31.05 -14.25
C TYR A 343 -28.29 -31.40 -15.59
N ASN A 344 -27.87 -32.52 -16.18
CA ASN A 344 -28.46 -33.10 -17.37
C ASN A 344 -29.72 -33.97 -17.14
N SER A 345 -30.24 -34.07 -15.92
CA SER A 345 -31.23 -35.09 -15.54
C SER A 345 -32.64 -34.83 -16.09
N ALA A 346 -32.91 -35.31 -17.31
CA ALA A 346 -34.18 -35.11 -18.03
C ALA A 346 -35.41 -35.73 -17.33
N SER A 347 -35.18 -36.71 -16.45
CA SER A 347 -36.20 -37.36 -15.61
C SER A 347 -36.51 -36.62 -14.29
N PHE A 348 -35.67 -35.68 -13.84
CA PHE A 348 -35.86 -35.02 -12.55
C PHE A 348 -37.11 -34.14 -12.54
N SER A 349 -37.98 -34.30 -11.53
CA SER A 349 -39.20 -33.50 -11.36
C SER A 349 -38.91 -32.01 -11.13
N THR A 350 -37.77 -31.69 -10.52
CA THR A 350 -37.28 -30.32 -10.35
C THR A 350 -35.81 -30.31 -9.94
N PHE A 351 -35.17 -29.14 -10.02
CA PHE A 351 -33.95 -28.85 -9.29
C PHE A 351 -34.01 -27.46 -8.66
N LYS A 352 -33.50 -27.34 -7.43
CA LYS A 352 -33.78 -26.22 -6.53
C LYS A 352 -32.51 -25.64 -5.88
N CYS A 353 -31.43 -25.50 -6.64
CA CYS A 353 -30.11 -25.18 -6.08
C CYS A 353 -29.98 -23.69 -5.70
N TYR A 354 -30.18 -23.37 -4.43
CA TYR A 354 -30.02 -22.02 -3.87
C TYR A 354 -28.54 -21.59 -3.71
N GLY A 355 -27.60 -22.53 -3.81
CA GLY A 355 -26.16 -22.27 -3.87
C GLY A 355 -25.66 -22.13 -5.32
N VAL A 356 -24.59 -22.84 -5.65
CA VAL A 356 -24.03 -22.87 -7.00
C VAL A 356 -25.01 -23.41 -8.05
N SER A 357 -24.98 -22.85 -9.26
CA SER A 357 -25.74 -23.39 -10.39
C SER A 357 -25.19 -24.76 -10.80
N PRO A 358 -26.03 -25.72 -11.24
CA PRO A 358 -25.64 -27.14 -11.34
C PRO A 358 -24.49 -27.40 -12.33
N THR A 359 -24.33 -26.54 -13.34
CA THR A 359 -23.20 -26.57 -14.28
C THR A 359 -21.84 -26.24 -13.63
N LYS A 360 -21.82 -25.38 -12.61
CA LYS A 360 -20.67 -25.12 -11.76
C LYS A 360 -20.55 -26.13 -10.60
N LEU A 361 -21.69 -26.57 -10.06
CA LEU A 361 -21.79 -27.55 -8.98
C LEU A 361 -21.29 -28.96 -9.37
N ASN A 362 -21.39 -29.33 -10.64
CA ASN A 362 -20.71 -30.49 -11.24
C ASN A 362 -19.18 -30.44 -11.10
N ASP A 363 -18.60 -29.28 -10.80
CA ASP A 363 -17.19 -29.07 -10.49
C ASP A 363 -16.94 -28.35 -9.15
N LEU A 364 -17.91 -28.33 -8.25
CA LEU A 364 -17.79 -27.77 -6.90
C LEU A 364 -16.94 -28.62 -5.95
N CYS A 365 -16.67 -28.07 -4.75
CA CYS A 365 -16.10 -28.80 -3.63
C CYS A 365 -16.63 -28.28 -2.28
N PHE A 366 -16.76 -29.18 -1.30
CA PHE A 366 -17.12 -28.84 0.07
C PHE A 366 -16.71 -29.93 1.05
N THR A 367 -16.60 -29.61 2.34
CA THR A 367 -16.17 -30.56 3.37
C THR A 367 -17.05 -31.81 3.39
N ASN A 368 -18.37 -31.64 3.30
CA ASN A 368 -19.31 -32.67 2.91
C ASN A 368 -20.61 -32.05 2.39
N VAL A 369 -21.38 -32.80 1.61
CA VAL A 369 -22.75 -32.44 1.30
C VAL A 369 -23.66 -32.79 2.48
N TYR A 370 -24.41 -31.82 3.01
CA TYR A 370 -25.41 -32.02 4.06
C TYR A 370 -26.72 -32.66 3.55
N ALA A 371 -26.60 -33.76 2.80
CA ALA A 371 -27.68 -34.38 2.03
C ALA A 371 -28.83 -34.91 2.91
N ASP A 372 -30.05 -34.42 2.70
CA ASP A 372 -31.26 -34.76 3.44
C ASP A 372 -32.52 -34.79 2.57
N SER A 373 -33.51 -35.61 2.95
CA SER A 373 -34.70 -35.92 2.15
C SER A 373 -36.03 -35.69 2.89
N PHE A 374 -37.09 -35.36 2.15
CA PHE A 374 -38.46 -35.24 2.64
C PHE A 374 -39.53 -35.42 1.53
N VAL A 375 -40.77 -35.69 1.90
CA VAL A 375 -41.89 -35.86 0.97
C VAL A 375 -43.24 -35.46 1.57
N ILE A 376 -44.15 -35.02 0.70
CA ILE A 376 -45.46 -34.45 1.03
C ILE A 376 -46.33 -34.36 -0.22
N ARG A 377 -47.53 -33.78 -0.12
CA ARG A 377 -48.31 -33.36 -1.29
C ARG A 377 -47.53 -32.33 -2.12
N GLY A 378 -47.46 -32.45 -3.44
CA GLY A 378 -46.51 -31.70 -4.27
C GLY A 378 -46.56 -30.18 -4.07
N ASP A 379 -47.74 -29.58 -4.14
CA ASP A 379 -47.93 -28.14 -3.96
C ASP A 379 -47.50 -27.62 -2.58
N GLU A 380 -47.60 -28.44 -1.54
CA GLU A 380 -47.11 -28.13 -0.19
C GLU A 380 -45.60 -28.41 -0.02
N VAL A 381 -45.09 -29.49 -0.59
CA VAL A 381 -43.66 -29.82 -0.62
C VAL A 381 -42.81 -28.79 -1.38
N ARG A 382 -43.42 -28.06 -2.32
CA ARG A 382 -42.83 -26.89 -2.99
C ARG A 382 -42.44 -25.74 -2.04
N GLN A 383 -42.89 -25.75 -0.78
CA GLN A 383 -42.44 -24.83 0.26
C GLN A 383 -40.99 -25.04 0.75
N ILE A 384 -40.33 -26.11 0.34
CA ILE A 384 -39.03 -26.53 0.87
C ILE A 384 -37.86 -25.73 0.26
N ALA A 385 -37.61 -24.52 0.78
CA ALA A 385 -36.47 -23.68 0.40
C ALA A 385 -35.75 -23.05 1.61
N PRO A 386 -34.43 -22.79 1.54
CA PRO A 386 -33.71 -22.06 2.57
C PRO A 386 -34.22 -20.61 2.67
N GLY A 387 -34.63 -20.20 3.87
CA GLY A 387 -35.26 -18.90 4.10
C GLY A 387 -36.71 -18.79 3.60
N GLN A 388 -37.35 -19.90 3.23
CA GLN A 388 -38.79 -19.95 2.90
C GLN A 388 -39.69 -19.88 4.15
N THR A 389 -41.00 -19.70 3.92
CA THR A 389 -42.00 -19.43 4.96
C THR A 389 -43.29 -20.28 4.89
N GLY A 390 -43.39 -21.26 3.98
CA GLY A 390 -44.61 -22.06 3.78
C GLY A 390 -45.00 -22.92 5.00
N LYS A 391 -46.29 -22.98 5.33
CA LYS A 391 -46.77 -23.66 6.53
C LYS A 391 -46.44 -25.16 6.56
N ILE A 392 -46.46 -25.84 5.42
CA ILE A 392 -46.11 -27.25 5.29
C ILE A 392 -44.63 -27.54 5.59
N ALA A 393 -43.72 -26.69 5.13
CA ALA A 393 -42.30 -26.77 5.47
C ALA A 393 -42.04 -26.40 6.93
N ASP A 394 -42.76 -25.42 7.49
CA ASP A 394 -42.77 -25.16 8.93
C ASP A 394 -43.20 -26.39 9.73
N TYR A 395 -44.20 -27.13 9.22
CA TYR A 395 -44.70 -28.41 9.72
C TYR A 395 -43.86 -29.65 9.35
N ASN A 396 -42.60 -29.50 8.93
CA ASN A 396 -41.72 -30.62 8.57
C ASN A 396 -40.23 -30.36 8.84
N TYR A 397 -39.60 -29.46 8.08
CA TYR A 397 -38.15 -29.28 8.11
C TYR A 397 -37.64 -28.01 7.40
N LYS A 398 -38.39 -26.90 7.45
CA LYS A 398 -38.07 -25.65 6.73
C LYS A 398 -36.66 -25.12 7.06
N LEU A 399 -35.81 -24.96 6.04
CA LEU A 399 -34.41 -24.58 6.19
C LEU A 399 -34.21 -23.11 6.58
N PRO A 400 -33.22 -22.78 7.44
CA PRO A 400 -32.75 -21.40 7.59
C PRO A 400 -32.25 -20.78 6.29
N ASP A 401 -32.10 -19.46 6.25
CA ASP A 401 -31.53 -18.75 5.10
C ASP A 401 -30.07 -19.14 4.78
N ASP A 402 -29.34 -19.63 5.79
CA ASP A 402 -27.98 -20.16 5.66
C ASP A 402 -27.89 -21.57 5.02
N PHE A 403 -29.03 -22.20 4.69
CA PHE A 403 -29.09 -23.53 4.05
C PHE A 403 -28.99 -23.53 2.51
N THR A 404 -28.44 -22.47 1.89
CA THR A 404 -28.16 -22.44 0.46
C THR A 404 -27.27 -23.62 0.04
N GLY A 405 -27.66 -24.34 -1.01
CA GLY A 405 -27.02 -25.57 -1.46
C GLY A 405 -27.65 -26.11 -2.73
N CYS A 406 -27.45 -27.37 -3.04
CA CYS A 406 -28.09 -28.04 -4.18
C CYS A 406 -29.44 -28.65 -3.78
N VAL A 407 -30.32 -28.91 -4.74
CA VAL A 407 -31.57 -29.64 -4.52
C VAL A 407 -32.12 -30.34 -5.77
N ILE A 408 -32.89 -31.41 -5.58
CA ILE A 408 -33.54 -32.18 -6.64
C ILE A 408 -34.79 -32.93 -6.16
N ALA A 409 -35.66 -33.31 -7.09
CA ALA A 409 -36.99 -33.87 -6.81
C ALA A 409 -37.43 -34.98 -7.78
N TRP A 410 -38.41 -35.80 -7.36
CA TRP A 410 -38.99 -36.91 -8.13
C TRP A 410 -40.51 -37.06 -7.91
N ASN A 411 -41.20 -37.63 -8.90
CA ASN A 411 -42.65 -37.83 -8.93
C ASN A 411 -43.11 -38.98 -8.03
N SER A 412 -43.30 -38.71 -6.74
CA SER A 412 -43.69 -39.71 -5.75
C SER A 412 -45.05 -40.38 -6.03
N ASN A 413 -45.99 -39.69 -6.68
CA ASN A 413 -47.29 -40.25 -7.06
C ASN A 413 -47.23 -41.50 -7.94
N ASN A 414 -46.16 -41.66 -8.73
CA ASN A 414 -45.93 -42.81 -9.61
C ASN A 414 -45.38 -44.08 -8.92
N LEU A 415 -44.90 -43.98 -7.67
CA LEU A 415 -44.25 -45.10 -6.98
C LEU A 415 -44.22 -45.02 -5.44
N ASP A 416 -43.90 -43.87 -4.86
CA ASP A 416 -43.84 -43.67 -3.40
C ASP A 416 -45.21 -43.64 -2.71
N SER A 417 -46.28 -43.29 -3.44
CA SER A 417 -47.63 -43.24 -2.91
C SER A 417 -48.19 -44.62 -2.52
N LYS A 418 -48.97 -44.65 -1.44
CA LYS A 418 -49.73 -45.81 -0.99
C LYS A 418 -51.10 -45.91 -1.67
N VAL A 419 -51.96 -46.85 -1.23
CA VAL A 419 -53.34 -46.96 -1.69
C VAL A 419 -54.18 -45.70 -1.38
N GLY A 420 -53.87 -45.01 -0.29
CA GLY A 420 -54.39 -43.67 0.05
C GLY A 420 -53.55 -42.50 -0.51
N GLY A 421 -52.68 -42.75 -1.48
CA GLY A 421 -51.79 -41.75 -2.08
C GLY A 421 -50.73 -41.24 -1.11
N ASN A 422 -50.70 -39.94 -0.86
CA ASN A 422 -49.79 -39.31 0.10
C ASN A 422 -49.98 -39.77 1.55
N TYR A 423 -51.07 -40.48 1.88
CA TYR A 423 -51.29 -41.11 3.19
C TYR A 423 -50.29 -42.23 3.53
N ASN A 424 -49.42 -42.63 2.60
CA ASN A 424 -48.29 -43.53 2.85
C ASN A 424 -47.29 -43.03 3.91
N TYR A 425 -47.19 -41.72 4.14
CA TYR A 425 -46.20 -41.13 5.05
C TYR A 425 -46.68 -39.83 5.72
N LEU A 426 -46.08 -39.48 6.87
CA LEU A 426 -46.36 -38.24 7.59
C LEU A 426 -45.94 -37.01 6.78
N TYR A 427 -46.91 -36.16 6.44
CA TYR A 427 -46.78 -35.03 5.51
C TYR A 427 -45.99 -33.84 6.04
N ARG A 428 -45.70 -32.89 5.14
CA ARG A 428 -45.14 -31.59 5.49
C ARG A 428 -46.07 -30.79 6.43
N LYS A 436 -34.02 -27.50 8.11
CA LYS A 436 -33.25 -28.73 8.24
C LYS A 436 -34.06 -29.89 8.84
N PRO A 437 -33.58 -31.15 8.80
CA PRO A 437 -34.34 -32.32 9.26
C PRO A 437 -34.77 -32.23 10.74
N PHE A 438 -36.08 -32.26 10.99
CA PHE A 438 -36.70 -31.99 12.30
C PHE A 438 -36.30 -30.66 12.97
N GLU A 439 -35.69 -29.72 12.24
CA GLU A 439 -35.13 -28.48 12.77
C GLU A 439 -36.18 -27.43 13.18
N ARG A 440 -37.43 -27.57 12.73
CA ARG A 440 -38.59 -26.77 13.12
C ARG A 440 -39.23 -27.22 14.45
N ASP A 441 -38.46 -27.89 15.31
CA ASP A 441 -38.90 -28.61 16.53
C ASP A 441 -39.94 -29.71 16.24
N ILE A 442 -39.98 -30.24 15.02
CA ILE A 442 -41.00 -31.19 14.55
C ILE A 442 -40.76 -32.60 15.06
N SER A 443 -41.81 -33.16 15.65
CA SER A 443 -41.99 -34.55 16.06
C SER A 443 -43.48 -34.88 16.07
N GLU A 444 -43.81 -36.15 16.22
CA GLU A 444 -45.16 -36.72 16.08
C GLU A 444 -46.10 -36.45 17.27
N ALA A 445 -45.55 -35.97 18.39
CA ALA A 445 -46.29 -35.58 19.58
C ALA A 445 -47.18 -34.34 19.34
N ILE A 446 -47.83 -33.84 20.39
CA ILE A 446 -48.52 -32.53 20.35
C ILE A 446 -47.58 -31.40 19.89
N TYR A 447 -48.08 -30.47 19.06
CA TYR A 447 -47.24 -29.45 18.42
C TYR A 447 -47.88 -28.07 18.30
N GLN A 448 -48.93 -27.93 17.47
CA GLN A 448 -49.28 -26.64 16.88
C GLN A 448 -50.20 -25.76 17.74
N ALA A 449 -51.35 -26.29 18.14
CA ALA A 449 -52.52 -25.46 18.42
C ALA A 449 -52.70 -25.06 19.90
N GLY A 450 -52.92 -23.76 20.14
CA GLY A 450 -53.13 -23.15 21.47
C GLY A 450 -54.54 -23.30 22.07
N SER A 451 -55.37 -24.22 21.56
CA SER A 451 -56.76 -24.38 21.99
C SER A 451 -56.94 -24.94 23.42
N THR A 452 -55.93 -25.67 23.91
CA THR A 452 -55.82 -26.25 25.27
C THR A 452 -54.38 -26.15 25.76
N PRO A 453 -54.07 -26.38 27.06
CA PRO A 453 -52.71 -26.48 27.60
C PRO A 453 -51.80 -27.62 27.06
N CYS A 454 -52.05 -28.14 25.85
CA CYS A 454 -51.31 -29.24 25.22
C CYS A 454 -51.16 -30.49 26.10
N ASN A 455 -52.25 -30.93 26.73
CA ASN A 455 -52.36 -32.29 27.25
C ASN A 455 -52.15 -33.31 26.11
N GLY A 456 -51.50 -34.43 26.42
CA GLY A 456 -50.75 -35.28 25.48
C GLY A 456 -51.47 -36.02 24.33
N VAL A 457 -52.74 -35.72 24.04
CA VAL A 457 -53.48 -36.24 22.88
C VAL A 457 -53.09 -35.45 21.63
N GLU A 458 -52.49 -36.13 20.64
CA GLU A 458 -51.92 -35.57 19.40
C GLU A 458 -52.93 -34.88 18.48
N GLY A 459 -54.22 -35.16 18.66
CA GLY A 459 -55.36 -34.56 17.95
C GLY A 459 -55.91 -33.29 18.63
N TYR A 460 -57.20 -33.32 18.95
CA TYR A 460 -58.03 -32.16 19.34
C TYR A 460 -57.48 -31.24 20.45
N ASN A 461 -56.59 -31.71 21.33
CA ASN A 461 -55.97 -30.85 22.34
C ASN A 461 -54.98 -29.83 21.74
N CYS A 462 -54.05 -30.29 20.90
CA CYS A 462 -52.88 -29.51 20.47
C CYS A 462 -52.26 -30.12 19.19
N TYR A 463 -52.94 -29.95 18.06
CA TYR A 463 -52.74 -30.73 16.83
C TYR A 463 -51.28 -30.95 16.39
N PHE A 464 -50.94 -32.20 16.10
CA PHE A 464 -49.81 -32.57 15.24
C PHE A 464 -50.15 -32.27 13.76
N PRO A 465 -49.42 -31.37 13.08
CA PRO A 465 -49.78 -30.93 11.74
C PRO A 465 -49.37 -31.92 10.64
N LEU A 466 -48.32 -32.71 10.89
CA LEU A 466 -47.64 -33.54 9.89
C LEU A 466 -48.22 -34.96 9.78
N GLN A 467 -49.54 -35.08 9.90
CA GLN A 467 -50.29 -36.32 9.70
C GLN A 467 -50.18 -36.87 8.26
N SER A 468 -50.72 -38.07 7.99
CA SER A 468 -50.62 -38.70 6.67
C SER A 468 -51.08 -37.79 5.53
N TYR A 469 -50.26 -37.61 4.49
CA TYR A 469 -50.38 -36.50 3.54
C TYR A 469 -51.64 -36.54 2.65
N GLY A 470 -52.19 -35.38 2.34
CA GLY A 470 -53.52 -35.24 1.73
C GLY A 470 -53.60 -35.51 0.22
N PHE A 471 -52.46 -35.61 -0.47
CA PHE A 471 -52.39 -35.75 -1.92
C PHE A 471 -52.99 -37.07 -2.45
N GLN A 472 -53.90 -36.95 -3.42
CA GLN A 472 -54.64 -38.08 -4.00
C GLN A 472 -53.77 -39.00 -4.89
N PRO A 473 -53.94 -40.34 -4.82
CA PRO A 473 -53.13 -41.28 -5.61
C PRO A 473 -53.40 -41.18 -7.12
N THR A 474 -54.62 -40.82 -7.51
CA THR A 474 -55.06 -40.72 -8.90
C THR A 474 -54.61 -39.42 -9.61
N ASN A 475 -54.16 -38.41 -8.85
CA ASN A 475 -53.61 -37.17 -9.40
C ASN A 475 -52.16 -37.33 -9.90
N GLY A 476 -51.69 -36.41 -10.73
CA GLY A 476 -50.25 -36.25 -11.06
C GLY A 476 -49.51 -35.52 -9.93
N VAL A 477 -48.19 -35.67 -9.80
CA VAL A 477 -47.39 -35.36 -8.60
C VAL A 477 -47.37 -33.90 -8.05
N GLY A 478 -48.09 -32.96 -8.67
CA GLY A 478 -48.42 -31.65 -8.07
C GLY A 478 -49.64 -31.69 -7.15
N TYR A 479 -50.74 -32.31 -7.61
CA TYR A 479 -51.91 -32.62 -6.80
C TYR A 479 -51.75 -33.91 -5.97
N GLN A 480 -51.02 -34.87 -6.51
CA GLN A 480 -50.56 -36.09 -5.84
C GLN A 480 -49.27 -35.86 -5.01
N PRO A 481 -48.71 -36.88 -4.34
CA PRO A 481 -47.48 -36.71 -3.57
C PRO A 481 -46.24 -36.49 -4.45
N TYR A 482 -45.25 -35.76 -3.91
CA TYR A 482 -43.93 -35.59 -4.49
C TYR A 482 -42.83 -35.66 -3.41
N ARG A 483 -41.62 -36.06 -3.80
CA ARG A 483 -40.47 -36.21 -2.90
C ARG A 483 -39.28 -35.39 -3.39
N VAL A 484 -38.54 -34.79 -2.47
CA VAL A 484 -37.36 -33.97 -2.76
C VAL A 484 -36.27 -34.07 -1.71
N VAL A 485 -35.04 -33.74 -2.11
CA VAL A 485 -33.87 -33.72 -1.24
C VAL A 485 -32.89 -32.62 -1.60
N VAL A 486 -32.03 -32.24 -0.67
CA VAL A 486 -31.08 -31.15 -0.85
C VAL A 486 -29.87 -31.29 0.07
N LEU A 487 -28.77 -30.60 -0.28
CA LEU A 487 -27.53 -30.62 0.50
C LEU A 487 -26.76 -29.30 0.36
N SER A 488 -26.54 -28.62 1.47
CA SER A 488 -25.59 -27.51 1.54
C SER A 488 -24.14 -28.00 1.56
N PHE A 489 -23.20 -27.12 1.19
CA PHE A 489 -21.77 -27.44 1.11
C PHE A 489 -21.16 -27.82 2.45
N ALA A 496 -13.62 -29.92 0.83
CA ALA A 496 -12.54 -30.74 1.34
C ALA A 496 -12.74 -32.27 1.22
N THR A 497 -13.93 -32.76 0.87
CA THR A 497 -14.17 -34.20 0.65
C THR A 497 -15.37 -34.58 -0.24
N VAL A 498 -16.37 -33.71 -0.38
CA VAL A 498 -17.43 -33.84 -1.38
C VAL A 498 -17.04 -33.09 -2.65
N CYS A 499 -16.39 -33.79 -3.58
CA CYS A 499 -15.71 -33.19 -4.74
C CYS A 499 -16.39 -33.57 -6.05
N GLY A 500 -16.67 -32.59 -6.91
CA GLY A 500 -17.10 -32.85 -8.28
C GLY A 500 -16.01 -33.50 -9.16
N PRO A 501 -16.39 -34.28 -10.19
CA PRO A 501 -15.44 -34.94 -11.09
C PRO A 501 -14.55 -33.96 -11.86
N LYS A 502 -13.25 -34.23 -11.87
CA LYS A 502 -12.27 -33.49 -12.66
C LYS A 502 -12.06 -34.18 -14.02
N LYS A 503 -12.63 -33.62 -15.09
CA LYS A 503 -12.44 -34.11 -16.45
C LYS A 503 -10.97 -34.04 -16.90
N SER A 504 -10.52 -34.99 -17.72
CA SER A 504 -9.15 -35.05 -18.27
C SER A 504 -9.17 -35.17 -19.79
N THR A 505 -8.18 -34.58 -20.47
CA THR A 505 -7.97 -34.76 -21.91
C THR A 505 -7.29 -36.08 -22.20
N ASN A 506 -7.32 -36.50 -23.47
CA ASN A 506 -6.34 -37.46 -23.95
C ASN A 506 -4.92 -36.89 -23.75
N LEU A 507 -3.94 -37.76 -23.55
CA LEU A 507 -2.52 -37.39 -23.48
C LEU A 507 -1.99 -36.99 -24.85
N VAL A 508 -0.96 -36.13 -24.88
CA VAL A 508 -0.17 -35.81 -26.07
C VAL A 508 1.32 -35.92 -25.74
N LYS A 509 2.13 -36.35 -26.72
CA LYS A 509 3.58 -36.46 -26.59
C LYS A 509 4.30 -35.71 -27.71
N ASN A 510 5.53 -35.33 -27.45
CA ASN A 510 6.49 -34.81 -28.43
C ASN A 510 6.11 -33.46 -29.08
N LYS A 511 5.18 -32.70 -28.47
CA LYS A 511 4.78 -31.37 -28.92
C LYS A 511 4.91 -30.37 -27.78
N CYS A 512 5.35 -29.15 -28.06
CA CYS A 512 5.28 -28.05 -27.10
C CYS A 512 3.81 -27.75 -26.78
N VAL A 513 3.39 -27.98 -25.54
CA VAL A 513 2.00 -27.86 -25.10
C VAL A 513 1.94 -27.30 -23.70
N ASN A 514 0.81 -26.73 -23.32
CA ASN A 514 0.51 -26.53 -21.90
C ASN A 514 0.11 -27.85 -21.27
N PHE A 515 0.44 -28.05 -20.00
CA PHE A 515 0.05 -29.23 -19.24
C PHE A 515 -0.44 -28.84 -17.86
N ASN A 516 -1.54 -29.42 -17.43
CA ASN A 516 -1.97 -29.46 -16.04
C ASN A 516 -2.07 -30.93 -15.61
N PHE A 517 -1.36 -31.29 -14.55
CA PHE A 517 -1.49 -32.58 -13.90
C PHE A 517 -1.78 -32.34 -12.41
N ASN A 518 -2.96 -32.75 -11.93
CA ASN A 518 -3.42 -32.42 -10.58
C ASN A 518 -3.28 -30.91 -10.31
N GLY A 519 -2.51 -30.49 -9.30
CA GLY A 519 -2.21 -29.08 -9.03
C GLY A 519 -0.99 -28.53 -9.76
N LEU A 520 -0.18 -29.38 -10.39
CA LEU A 520 1.00 -28.97 -11.16
C LEU A 520 0.59 -28.44 -12.53
N THR A 521 1.00 -27.21 -12.83
CA THR A 521 0.82 -26.56 -14.14
C THR A 521 2.16 -26.21 -14.75
N GLY A 522 2.27 -26.31 -16.07
CA GLY A 522 3.40 -25.76 -16.82
C GLY A 522 3.17 -25.74 -18.32
N THR A 523 4.26 -25.50 -19.03
CA THR A 523 4.29 -25.44 -20.49
C THR A 523 5.59 -26.07 -20.97
N GLY A 524 5.52 -27.09 -21.83
CA GLY A 524 6.67 -27.88 -22.21
C GLY A 524 6.37 -28.97 -23.23
N VAL A 525 7.42 -29.61 -23.70
CA VAL A 525 7.38 -30.81 -24.54
C VAL A 525 7.36 -32.02 -23.59
N LEU A 526 6.20 -32.65 -23.44
CA LEU A 526 6.07 -33.89 -22.65
C LEU A 526 6.60 -35.07 -23.47
N THR A 527 7.52 -35.86 -22.93
CA THR A 527 8.14 -36.99 -23.64
C THR A 527 8.12 -38.27 -22.81
N GLU A 528 7.84 -39.42 -23.42
CA GLU A 528 8.00 -40.71 -22.72
C GLU A 528 9.46 -40.93 -22.32
N SER A 529 9.72 -41.55 -21.17
CA SER A 529 11.07 -41.60 -20.60
C SER A 529 11.41 -42.88 -19.84
N ASN A 530 12.71 -43.12 -19.66
CA ASN A 530 13.28 -44.22 -18.89
C ASN A 530 13.36 -43.96 -17.38
N LYS A 531 13.11 -42.73 -16.91
CA LYS A 531 13.48 -42.28 -15.56
C LYS A 531 12.56 -42.87 -14.49
N LYS A 532 12.90 -44.05 -13.95
CA LYS A 532 12.07 -44.74 -12.95
C LYS A 532 12.07 -43.98 -11.63
N PHE A 533 10.92 -43.87 -10.97
CA PHE A 533 10.87 -43.37 -9.59
C PHE A 533 9.71 -43.97 -8.78
N LEU A 534 9.86 -43.91 -7.45
CA LEU A 534 9.17 -44.74 -6.47
C LEU A 534 7.64 -44.57 -6.44
N PRO A 535 6.87 -45.60 -6.04
CA PRO A 535 5.42 -45.68 -6.31
C PRO A 535 4.58 -44.53 -5.76
N PHE A 536 4.92 -43.99 -4.60
CA PHE A 536 4.21 -42.85 -4.00
C PHE A 536 4.54 -41.51 -4.66
N GLN A 537 5.70 -41.41 -5.31
CA GLN A 537 6.21 -40.17 -5.89
C GLN A 537 5.45 -39.77 -7.16
N GLN A 538 5.39 -38.47 -7.44
CA GLN A 538 4.62 -37.92 -8.57
C GLN A 538 5.44 -37.07 -9.53
N PHE A 539 6.46 -36.33 -9.08
CA PHE A 539 7.22 -35.39 -9.92
C PHE A 539 8.69 -35.77 -10.04
N GLY A 540 9.31 -35.34 -11.13
CA GLY A 540 10.75 -35.18 -11.17
C GLY A 540 11.19 -33.84 -10.60
N ARG A 541 12.48 -33.65 -10.42
CA ARG A 541 13.07 -32.35 -10.14
C ARG A 541 14.42 -32.20 -10.80
N ASP A 542 14.82 -30.97 -11.05
CA ASP A 542 16.20 -30.65 -11.38
C ASP A 542 16.95 -30.16 -10.13
N ILE A 543 18.28 -30.02 -10.24
CA ILE A 543 19.13 -29.60 -9.12
C ILE A 543 18.75 -28.18 -8.64
N ALA A 544 18.21 -27.36 -9.54
CA ALA A 544 17.68 -26.03 -9.26
C ALA A 544 16.28 -26.02 -8.62
N ASP A 545 15.76 -27.16 -8.16
CA ASP A 545 14.43 -27.28 -7.55
C ASP A 545 13.31 -26.74 -8.46
N THR A 546 13.25 -27.25 -9.68
CA THR A 546 12.20 -26.99 -10.67
C THR A 546 11.64 -28.31 -11.17
N THR A 547 10.40 -28.35 -11.61
CA THR A 547 9.78 -29.55 -12.18
C THR A 547 10.58 -30.09 -13.37
N ASP A 548 10.76 -31.40 -13.45
CA ASP A 548 11.55 -32.06 -14.49
C ASP A 548 10.85 -33.26 -15.14
N ALA A 549 9.85 -33.85 -14.49
CA ALA A 549 9.11 -34.98 -15.00
C ALA A 549 7.77 -35.07 -14.28
N VAL A 550 6.84 -35.87 -14.79
CA VAL A 550 5.59 -36.22 -14.10
C VAL A 550 5.25 -37.68 -14.27
N ARG A 551 4.67 -38.32 -13.26
CA ARG A 551 3.92 -39.56 -13.44
C ARG A 551 2.58 -39.21 -14.04
N ASP A 552 2.21 -39.77 -15.18
CA ASP A 552 0.84 -39.61 -15.68
C ASP A 552 -0.14 -40.33 -14.74
N PRO A 553 -1.20 -39.69 -14.25
CA PRO A 553 -2.07 -40.26 -13.23
C PRO A 553 -3.01 -41.36 -13.71
N GLN A 554 -3.07 -41.67 -15.00
CA GLN A 554 -4.01 -42.64 -15.59
C GLN A 554 -3.34 -43.82 -16.30
N THR A 555 -2.07 -43.72 -16.64
CA THR A 555 -1.22 -44.82 -17.10
C THR A 555 0.18 -44.45 -16.63
N LEU A 556 0.70 -45.14 -15.62
CA LEU A 556 1.72 -44.62 -14.70
C LEU A 556 3.15 -44.41 -15.26
N GLU A 557 3.31 -44.27 -16.57
CA GLU A 557 4.58 -43.90 -17.17
C GLU A 557 5.13 -42.57 -16.64
N ILE A 558 6.44 -42.42 -16.68
CA ILE A 558 7.11 -41.17 -16.31
C ILE A 558 7.41 -40.36 -17.56
N LEU A 559 6.84 -39.18 -17.65
CA LEU A 559 7.04 -38.26 -18.74
C LEU A 559 8.12 -37.27 -18.35
N ASP A 560 9.26 -37.32 -19.02
CA ASP A 560 10.30 -36.30 -18.92
C ASP A 560 9.84 -35.04 -19.64
N ILE A 561 9.97 -33.87 -19.00
CA ILE A 561 9.50 -32.57 -19.51
C ILE A 561 10.68 -31.68 -19.91
N THR A 562 10.70 -31.24 -21.16
CA THR A 562 11.64 -30.23 -21.67
C THR A 562 10.88 -28.92 -21.90
N PRO A 563 11.40 -27.72 -21.59
CA PRO A 563 10.67 -26.50 -21.88
C PRO A 563 10.48 -26.32 -23.39
N CYS A 564 9.41 -25.63 -23.81
CA CYS A 564 9.21 -25.28 -25.21
C CYS A 564 10.45 -24.54 -25.74
N SER A 565 11.01 -25.02 -26.84
CA SER A 565 12.27 -24.50 -27.38
C SER A 565 12.19 -22.99 -27.61
N PHE A 566 13.23 -22.28 -27.17
CA PHE A 566 13.39 -20.84 -27.35
C PHE A 566 14.87 -20.50 -27.45
N GLY A 567 15.21 -19.37 -28.06
CA GLY A 567 16.59 -18.94 -28.23
C GLY A 567 16.68 -17.58 -28.91
N GLY A 568 17.87 -16.99 -28.92
CA GLY A 568 18.08 -15.75 -29.64
C GLY A 568 17.90 -15.92 -31.15
N VAL A 569 17.48 -14.85 -31.80
CA VAL A 569 17.55 -14.69 -33.24
C VAL A 569 18.68 -13.74 -33.54
N SER A 570 19.59 -14.13 -34.41
CA SER A 570 20.73 -13.30 -34.78
C SER A 570 20.79 -13.19 -36.28
N VAL A 571 21.03 -12.01 -36.80
CA VAL A 571 21.10 -11.78 -38.25
C VAL A 571 22.55 -11.66 -38.63
N ILE A 572 23.05 -12.61 -39.40
CA ILE A 572 24.32 -12.48 -40.10
C ILE A 572 24.07 -11.57 -41.27
N THR A 573 24.94 -10.60 -41.53
CA THR A 573 24.84 -9.74 -42.70
C THR A 573 26.22 -9.29 -43.20
N PRO A 574 26.49 -9.27 -44.51
CA PRO A 574 27.49 -8.34 -45.04
C PRO A 574 27.01 -6.91 -44.77
N GLY A 575 27.88 -5.92 -44.92
CA GLY A 575 27.43 -4.52 -44.80
C GLY A 575 26.34 -4.18 -45.84
N THR A 576 25.32 -3.39 -45.48
CA THR A 576 24.26 -2.99 -46.44
C THR A 576 24.85 -2.26 -47.63
N ASN A 577 25.93 -1.52 -47.38
CA ASN A 577 26.86 -0.94 -48.36
C ASN A 577 27.31 -1.90 -49.49
N THR A 578 27.27 -3.20 -49.24
CA THR A 578 27.67 -4.30 -50.14
C THR A 578 26.50 -5.12 -50.64
N SER A 579 25.57 -5.54 -49.77
CA SER A 579 24.36 -6.25 -50.18
C SER A 579 23.24 -6.16 -49.16
N ASN A 580 21.99 -6.31 -49.60
CA ASN A 580 20.82 -6.45 -48.73
C ASN A 580 20.49 -7.91 -48.38
N GLU A 581 21.22 -8.89 -48.90
CA GLU A 581 21.01 -10.29 -48.56
C GLU A 581 21.53 -10.60 -47.15
N VAL A 582 20.78 -11.38 -46.36
CA VAL A 582 21.05 -11.70 -44.94
C VAL A 582 20.78 -13.17 -44.63
N ALA A 583 21.35 -13.69 -43.55
CA ALA A 583 21.13 -15.06 -43.09
C ALA A 583 20.79 -15.08 -41.61
N VAL A 584 19.78 -15.83 -41.21
CA VAL A 584 19.27 -15.83 -39.84
C VAL A 584 19.81 -17.04 -39.10
N LEU A 585 20.34 -16.83 -37.92
CA LEU A 585 20.68 -17.88 -36.99
C LEU A 585 19.63 -17.91 -35.88
N TYR A 586 18.94 -19.02 -35.74
CA TYR A 586 18.14 -19.33 -34.58
C TYR A 586 19.01 -20.11 -33.61
N GLN A 587 19.47 -19.45 -32.56
CA GLN A 587 20.45 -19.98 -31.61
C GLN A 587 19.91 -21.20 -30.85
N ASP A 588 20.71 -22.25 -30.73
CA ASP A 588 20.41 -23.51 -30.03
C ASP A 588 19.13 -24.26 -30.42
N VAL A 589 18.32 -23.80 -31.37
CA VAL A 589 17.17 -24.56 -31.88
C VAL A 589 17.62 -25.70 -32.78
N ASN A 590 16.73 -26.67 -32.97
CA ASN A 590 16.86 -27.72 -33.96
C ASN A 590 16.08 -27.30 -35.21
N CYS A 591 16.61 -27.43 -36.43
CA CYS A 591 15.95 -26.89 -37.62
C CYS A 591 14.55 -27.46 -37.86
N THR A 592 14.21 -28.61 -37.26
CA THR A 592 12.83 -29.14 -37.22
C THR A 592 11.81 -28.15 -36.62
N GLU A 593 12.23 -27.30 -35.69
CA GLU A 593 11.37 -26.47 -34.81
C GLU A 593 10.90 -25.14 -35.41
N VAL A 594 11.52 -24.67 -36.48
CA VAL A 594 11.19 -23.39 -37.12
C VAL A 594 9.79 -23.41 -37.75
N ASN A 615 17.69 -21.76 -48.23
CA ASN A 615 18.41 -22.96 -47.81
C ASN A 615 18.60 -22.99 -46.28
N VAL A 616 18.87 -24.16 -45.70
CA VAL A 616 18.95 -24.38 -44.26
C VAL A 616 20.11 -25.31 -43.90
N PHE A 617 20.78 -25.02 -42.78
CA PHE A 617 21.93 -25.73 -42.27
C PHE A 617 21.82 -25.82 -40.74
N GLN A 618 21.88 -27.02 -40.16
CA GLN A 618 22.03 -27.19 -38.71
C GLN A 618 23.50 -27.04 -38.31
N THR A 619 23.89 -25.89 -37.79
CA THR A 619 25.20 -25.68 -37.15
C THR A 619 25.20 -26.24 -35.73
N ARG A 620 26.38 -26.33 -35.12
CA ARG A 620 26.54 -26.64 -33.70
C ARG A 620 26.03 -25.55 -32.73
N ALA A 621 25.89 -24.30 -33.19
CA ALA A 621 25.36 -23.17 -32.41
C ALA A 621 23.86 -22.89 -32.61
N GLY A 622 23.16 -23.64 -33.45
CA GLY A 622 21.76 -23.38 -33.82
C GLY A 622 21.48 -23.52 -35.31
N CYS A 623 20.22 -23.37 -35.69
CA CYS A 623 19.79 -23.50 -37.07
C CYS A 623 20.08 -22.23 -37.87
N LEU A 624 20.83 -22.33 -38.96
CA LEU A 624 21.22 -21.21 -39.81
C LEU A 624 20.44 -21.26 -41.12
N ILE A 625 19.80 -20.17 -41.49
CA ILE A 625 18.89 -20.05 -42.63
C ILE A 625 19.41 -19.03 -43.64
N GLY A 626 19.30 -19.35 -44.92
CA GLY A 626 19.72 -18.51 -46.03
C GLY A 626 21.19 -18.67 -46.39
N ALA A 627 22.05 -19.07 -45.45
CA ALA A 627 23.45 -19.32 -45.74
C ALA A 627 23.68 -20.70 -46.37
N GLU A 628 24.63 -20.78 -47.29
CA GLU A 628 25.06 -22.01 -47.94
C GLU A 628 26.25 -22.61 -47.18
N HIS A 629 26.16 -23.89 -46.86
CA HIS A 629 27.27 -24.62 -46.25
C HIS A 629 28.44 -24.75 -47.23
N VAL A 630 29.67 -24.68 -46.75
CA VAL A 630 30.87 -24.81 -47.56
C VAL A 630 31.89 -25.71 -46.86
N ASN A 631 32.61 -26.53 -47.62
CA ASN A 631 33.63 -27.46 -47.11
C ASN A 631 35.06 -26.91 -47.16
N ASN A 632 35.30 -25.86 -47.93
CA ASN A 632 36.53 -25.07 -47.84
C ASN A 632 36.64 -24.42 -46.45
N SER A 633 37.78 -23.83 -46.15
CA SER A 633 37.96 -23.06 -44.92
C SER A 633 38.78 -21.81 -45.19
N TYR A 634 38.47 -20.74 -44.46
CA TYR A 634 39.03 -19.41 -44.63
C TYR A 634 39.28 -18.81 -43.25
N GLU A 635 39.97 -17.68 -43.16
CA GLU A 635 39.94 -16.88 -41.93
C GLU A 635 38.51 -16.56 -41.52
N CYS A 636 38.24 -16.38 -40.23
CA CYS A 636 36.89 -16.04 -39.78
C CYS A 636 36.56 -14.60 -40.12
N ASP A 637 35.49 -14.39 -40.87
CA ASP A 637 35.05 -13.04 -41.24
C ASP A 637 33.95 -12.54 -40.30
N ILE A 638 32.73 -13.09 -40.38
CA ILE A 638 31.68 -12.89 -39.38
C ILE A 638 31.61 -14.15 -38.52
N PRO A 639 31.74 -14.10 -37.19
CA PRO A 639 31.66 -15.29 -36.35
C PRO A 639 30.22 -15.73 -36.10
N ILE A 640 30.01 -17.02 -35.82
CA ILE A 640 28.71 -17.58 -35.42
C ILE A 640 28.76 -18.30 -34.08
N GLY A 641 29.78 -19.11 -33.83
CA GLY A 641 29.88 -19.95 -32.64
C GLY A 641 30.29 -21.37 -33.01
N ALA A 642 30.85 -22.13 -32.08
CA ALA A 642 31.30 -23.50 -32.34
C ALA A 642 32.19 -23.60 -33.59
N GLY A 643 33.08 -22.62 -33.79
CA GLY A 643 34.00 -22.57 -34.90
C GLY A 643 33.40 -22.21 -36.26
N ILE A 644 32.09 -22.01 -36.37
CA ILE A 644 31.46 -21.58 -37.62
C ILE A 644 31.65 -20.07 -37.82
N CYS A 645 31.93 -19.68 -39.05
CA CYS A 645 31.98 -18.29 -39.49
C CYS A 645 31.30 -18.16 -40.85
N ALA A 646 30.90 -16.96 -41.21
CA ALA A 646 30.15 -16.66 -42.42
C ALA A 646 30.73 -15.45 -43.16
N SER A 647 30.50 -15.39 -44.47
CA SER A 647 30.99 -14.32 -45.35
C SER A 647 30.17 -14.27 -46.65
N TYR A 648 30.36 -13.25 -47.49
CA TYR A 648 29.60 -13.07 -48.74
C TYR A 648 30.48 -13.37 -49.96
N GLN A 649 30.07 -14.31 -50.82
CA GLN A 649 30.92 -14.90 -51.86
C GLN A 649 30.14 -15.35 -53.10
N THR A 650 30.84 -15.52 -54.22
CA THR A 650 30.36 -16.32 -55.37
C THR A 650 30.11 -17.77 -54.96
N SER A 663 25.68 -13.62 -58.94
CA SER A 663 26.30 -14.93 -58.69
C SER A 663 26.73 -15.12 -57.24
N GLN A 664 26.49 -14.14 -56.36
CA GLN A 664 26.98 -14.14 -54.97
C GLN A 664 25.88 -14.29 -53.92
N SER A 665 26.24 -14.87 -52.77
CA SER A 665 25.36 -15.25 -51.67
C SER A 665 26.15 -15.37 -50.36
N ILE A 666 25.44 -15.45 -49.23
CA ILE A 666 26.08 -15.70 -47.94
C ILE A 666 26.48 -17.17 -47.83
N ILE A 667 27.69 -17.44 -47.37
CA ILE A 667 28.18 -18.78 -47.06
C ILE A 667 28.54 -18.89 -45.58
N ALA A 668 28.52 -20.10 -45.04
CA ALA A 668 28.99 -20.41 -43.70
C ALA A 668 29.82 -21.70 -43.67
N TYR A 669 30.90 -21.67 -42.90
CA TYR A 669 31.97 -22.66 -42.99
C TYR A 669 32.65 -22.82 -41.63
N THR A 670 33.32 -23.94 -41.40
CA THR A 670 34.20 -24.08 -40.22
C THR A 670 35.46 -23.26 -40.45
N MET A 671 35.77 -22.33 -39.56
CA MET A 671 36.89 -21.41 -39.75
C MET A 671 38.23 -22.13 -39.79
N SER A 672 39.15 -21.65 -40.62
CA SER A 672 40.57 -22.00 -40.55
C SER A 672 41.26 -21.03 -39.64
N LEU A 673 42.18 -21.52 -38.82
CA LEU A 673 43.02 -20.66 -38.01
C LEU A 673 44.16 -20.03 -38.83
N GLY A 674 44.53 -20.63 -39.96
CA GLY A 674 45.60 -20.18 -40.83
C GLY A 674 46.29 -21.33 -41.55
N ALA A 675 47.36 -21.03 -42.28
CA ALA A 675 48.15 -22.02 -42.99
C ALA A 675 48.77 -23.05 -42.03
N GLU A 676 48.66 -24.33 -42.34
CA GLU A 676 49.27 -25.40 -41.54
C GLU A 676 50.76 -25.58 -41.90
N ASN A 677 51.58 -24.59 -41.59
CA ASN A 677 53.01 -24.55 -41.92
C ASN A 677 53.80 -25.65 -41.18
N SER A 678 54.30 -26.63 -41.91
CA SER A 678 55.25 -27.62 -41.40
C SER A 678 56.65 -27.02 -41.29
N VAL A 679 57.01 -26.43 -40.13
CA VAL A 679 58.37 -25.88 -39.92
C VAL A 679 59.41 -26.96 -40.18
N ALA A 680 60.39 -26.69 -41.04
CA ALA A 680 61.36 -27.67 -41.50
C ALA A 680 62.46 -27.95 -40.44
N TYR A 681 62.06 -28.27 -39.21
CA TYR A 681 62.99 -28.59 -38.12
C TYR A 681 63.87 -29.77 -38.50
N SER A 682 65.14 -29.70 -38.13
CA SER A 682 65.98 -30.89 -38.13
C SER A 682 67.07 -30.79 -37.07
N ASN A 683 67.35 -31.94 -36.48
CA ASN A 683 68.57 -32.35 -35.79
C ASN A 683 69.79 -31.39 -35.89
N ASN A 684 70.17 -30.92 -37.09
CA ASN A 684 71.28 -29.98 -37.28
C ASN A 684 71.05 -28.84 -38.30
N SER A 685 69.82 -28.37 -38.50
CA SER A 685 69.52 -27.29 -39.45
C SER A 685 69.09 -26.01 -38.75
N ILE A 686 69.61 -24.84 -39.16
CA ILE A 686 69.14 -23.53 -38.71
C ILE A 686 68.80 -22.60 -39.86
N ALA A 687 67.69 -21.89 -39.80
CA ALA A 687 67.42 -20.80 -40.73
C ALA A 687 67.78 -19.46 -40.08
N ILE A 688 68.67 -18.68 -40.69
CA ILE A 688 69.08 -17.37 -40.18
C ILE A 688 68.62 -16.29 -41.16
N PRO A 689 68.01 -15.18 -40.72
CA PRO A 689 67.63 -14.10 -41.60
C PRO A 689 68.85 -13.41 -42.20
N THR A 690 68.85 -13.21 -43.50
CA THR A 690 69.79 -12.37 -44.24
C THR A 690 69.34 -10.93 -44.32
N ASN A 691 68.05 -10.64 -44.06
CA ASN A 691 67.51 -9.31 -44.22
C ASN A 691 66.31 -9.05 -43.32
N PHE A 692 65.96 -7.79 -43.13
CA PHE A 692 64.92 -7.33 -42.23
C PHE A 692 64.06 -6.27 -42.88
N THR A 693 62.93 -6.00 -42.25
CA THR A 693 62.17 -4.79 -42.46
C THR A 693 62.03 -4.10 -41.13
N ILE A 694 62.22 -2.79 -41.08
CA ILE A 694 61.57 -1.98 -40.04
C ILE A 694 60.06 -2.01 -40.30
N SER A 695 59.27 -1.90 -39.25
CA SER A 695 57.83 -1.80 -39.30
C SER A 695 57.39 -0.70 -38.36
N VAL A 696 56.22 -0.13 -38.55
CA VAL A 696 55.66 0.90 -37.65
C VAL A 696 54.26 0.49 -37.26
N THR A 697 54.18 -0.67 -36.61
CA THR A 697 52.98 -1.19 -35.95
C THR A 697 52.35 -0.13 -35.04
N THR A 698 51.12 0.26 -35.33
CA THR A 698 50.36 1.22 -34.51
C THR A 698 49.62 0.52 -33.39
N GLU A 699 49.50 1.16 -32.23
CA GLU A 699 48.70 0.69 -31.10
C GLU A 699 47.91 1.84 -30.48
N ILE A 700 46.66 1.60 -30.13
CA ILE A 700 45.71 2.62 -29.71
C ILE A 700 45.15 2.26 -28.34
N LEU A 701 45.23 3.16 -27.37
CA LEU A 701 44.75 2.90 -26.02
C LEU A 701 43.86 4.05 -25.55
N PRO A 702 42.67 3.79 -25.01
CA PRO A 702 41.93 4.82 -24.32
C PRO A 702 42.61 5.16 -23.01
N VAL A 703 42.45 6.39 -22.53
CA VAL A 703 43.14 6.89 -21.34
C VAL A 703 42.19 7.60 -20.39
N SER A 704 41.09 8.19 -20.85
CA SER A 704 40.20 8.89 -19.92
C SER A 704 38.83 9.11 -20.50
N MET A 705 37.80 8.76 -19.74
CA MET A 705 36.41 9.06 -20.10
C MET A 705 36.16 10.56 -20.11
N THR A 706 35.04 10.98 -20.66
CA THR A 706 34.48 12.32 -20.44
C THR A 706 34.20 12.51 -18.94
N LYS A 707 34.82 13.49 -18.28
CA LYS A 707 34.52 13.82 -16.89
C LYS A 707 33.08 14.27 -16.75
N THR A 708 32.27 13.49 -16.09
CA THR A 708 30.82 13.68 -16.10
C THR A 708 30.29 13.65 -14.68
N SER A 709 29.34 14.53 -14.37
CA SER A 709 28.70 14.65 -13.06
C SER A 709 27.22 14.88 -13.22
N VAL A 710 26.42 14.40 -12.27
CA VAL A 710 24.98 14.58 -12.25
C VAL A 710 24.59 15.21 -10.93
N ASP A 711 23.98 16.39 -10.97
CA ASP A 711 23.20 16.84 -9.82
C ASP A 711 22.03 15.87 -9.66
N CYS A 712 22.18 14.93 -8.74
CA CYS A 712 21.24 13.85 -8.55
C CYS A 712 19.88 14.37 -8.07
N THR A 713 19.84 15.51 -7.37
CA THR A 713 18.55 16.11 -7.01
C THR A 713 17.88 16.76 -8.21
N MET A 714 18.61 17.46 -9.07
CA MET A 714 17.99 18.01 -10.28
C MET A 714 17.57 16.90 -11.23
N TYR A 715 18.38 15.84 -11.37
CA TYR A 715 18.00 14.67 -12.15
C TYR A 715 16.71 14.05 -11.64
N ILE A 716 16.61 13.76 -10.34
CA ILE A 716 15.42 13.08 -9.81
C ILE A 716 14.20 14.01 -9.80
N CYS A 717 14.35 15.27 -9.34
CA CYS A 717 13.24 16.11 -8.93
C CYS A 717 12.98 17.40 -9.73
N GLY A 718 13.86 17.87 -10.60
CA GLY A 718 13.57 19.02 -11.47
C GLY A 718 13.03 20.29 -10.76
N ASP A 719 13.60 20.64 -9.60
CA ASP A 719 13.14 21.74 -8.73
C ASP A 719 11.76 21.60 -8.07
N SER A 720 11.05 20.48 -8.21
CA SER A 720 9.80 20.25 -7.46
C SER A 720 10.13 20.14 -5.98
N THR A 721 9.62 21.07 -5.16
CA THR A 721 9.95 21.10 -3.73
C THR A 721 9.40 19.86 -3.01
N GLU A 722 8.21 19.39 -3.35
CA GLU A 722 7.64 18.16 -2.80
C GLU A 722 8.54 16.95 -3.05
N CYS A 723 8.97 16.76 -4.29
CA CYS A 723 9.91 15.70 -4.66
C CYS A 723 11.23 15.84 -3.90
N SER A 724 11.81 17.04 -3.92
CA SER A 724 13.09 17.31 -3.26
C SER A 724 13.06 16.96 -1.77
N ASN A 725 11.94 17.24 -1.10
CA ASN A 725 11.70 16.81 0.28
C ASN A 725 11.53 15.30 0.41
N LEU A 726 10.75 14.64 -0.45
CA LEU A 726 10.65 13.17 -0.40
C LEU A 726 12.03 12.53 -0.56
N LEU A 727 12.90 13.06 -1.42
CA LEU A 727 14.26 12.57 -1.59
C LEU A 727 15.09 12.65 -0.31
N LEU A 728 14.76 13.53 0.65
CA LEU A 728 15.43 13.55 1.95
C LEU A 728 15.16 12.29 2.77
N GLN A 729 13.98 11.69 2.63
CA GLN A 729 13.60 10.48 3.36
C GLN A 729 14.48 9.29 2.98
N TYR A 730 14.95 9.23 1.73
CA TYR A 730 15.89 8.23 1.25
C TYR A 730 17.32 8.42 1.77
N GLY A 731 17.61 9.53 2.43
CA GLY A 731 18.90 9.74 3.07
C GLY A 731 20.05 9.81 2.07
N SER A 732 21.19 9.24 2.47
CA SER A 732 22.53 9.55 1.96
C SER A 732 22.85 9.15 0.52
N PHE A 733 21.96 8.46 -0.21
CA PHE A 733 22.26 7.98 -1.55
C PHE A 733 22.71 9.10 -2.49
N CYS A 734 22.01 10.23 -2.51
CA CYS A 734 22.29 11.28 -3.48
C CYS A 734 23.72 11.82 -3.28
N THR A 735 24.12 12.04 -2.03
CA THR A 735 25.48 12.47 -1.67
C THR A 735 26.52 11.43 -2.07
N GLN A 736 26.22 10.16 -1.83
CA GLN A 736 27.14 9.07 -2.14
C GLN A 736 27.35 8.92 -3.64
N LEU A 737 26.31 9.06 -4.46
CA LEU A 737 26.43 9.01 -5.91
C LEU A 737 27.29 10.16 -6.44
N ASN A 738 27.13 11.37 -5.91
CA ASN A 738 28.00 12.47 -6.31
C ASN A 738 29.44 12.27 -5.87
N ARG A 739 29.68 11.72 -4.69
CA ARG A 739 31.04 11.35 -4.28
C ARG A 739 31.65 10.35 -5.26
N ALA A 740 30.90 9.34 -5.68
CA ALA A 740 31.35 8.34 -6.65
C ALA A 740 31.71 8.94 -8.02
N LEU A 741 30.82 9.74 -8.61
CA LEU A 741 31.09 10.41 -9.89
C LEU A 741 32.24 11.40 -9.78
N THR A 742 32.37 12.10 -8.65
CA THR A 742 33.49 13.02 -8.46
C THR A 742 34.80 12.27 -8.37
N GLY A 743 34.81 11.09 -7.74
CA GLY A 743 35.97 10.21 -7.71
C GLY A 743 36.42 9.83 -9.13
N ILE A 744 35.47 9.43 -9.98
CA ILE A 744 35.74 9.19 -11.40
C ILE A 744 36.30 10.44 -12.06
N ALA A 745 35.71 11.60 -11.81
CA ALA A 745 36.06 12.81 -12.53
C ALA A 745 37.49 13.24 -12.21
N VAL A 746 37.89 13.31 -10.94
CA VAL A 746 39.27 13.61 -10.56
C VAL A 746 40.21 12.58 -11.14
N GLU A 747 39.81 11.31 -11.04
CA GLU A 747 40.62 10.21 -11.55
C GLU A 747 40.87 10.33 -13.07
N GLN A 748 39.95 10.88 -13.87
CA GLN A 748 40.22 11.04 -15.31
C GLN A 748 41.34 12.03 -15.60
N ASP A 749 41.47 13.10 -14.82
CA ASP A 749 42.64 13.97 -14.93
C ASP A 749 43.89 13.25 -14.46
N LYS A 750 43.83 12.52 -13.36
CA LYS A 750 44.95 11.69 -12.90
C LYS A 750 45.38 10.68 -13.96
N ASN A 751 44.47 9.91 -14.54
CA ASN A 751 44.75 8.97 -15.62
C ASN A 751 45.48 9.68 -16.76
N THR A 752 44.97 10.84 -17.18
CA THR A 752 45.58 11.63 -18.25
C THR A 752 46.96 12.14 -17.86
N GLN A 753 47.15 12.55 -16.61
CA GLN A 753 48.41 13.01 -16.06
C GLN A 753 49.43 11.89 -15.95
N GLU A 754 49.05 10.70 -15.51
CA GLU A 754 49.95 9.55 -15.41
C GLU A 754 50.50 9.12 -16.77
N VAL A 755 49.66 9.17 -17.80
CA VAL A 755 50.10 8.81 -19.15
C VAL A 755 51.06 9.83 -19.73
N PHE A 756 50.72 11.12 -19.72
CA PHE A 756 51.46 12.14 -20.47
C PHE A 756 52.50 12.90 -19.66
N ALA A 757 52.29 13.17 -18.38
CA ALA A 757 53.14 14.04 -17.58
C ALA A 757 54.46 13.40 -17.13
N GLN A 758 54.99 12.43 -17.90
CA GLN A 758 56.15 11.62 -17.54
C GLN A 758 57.49 12.32 -17.77
N VAL A 759 57.49 13.65 -17.84
CA VAL A 759 58.66 14.48 -18.14
C VAL A 759 58.62 15.76 -17.32
N LYS A 760 59.77 16.25 -16.87
CA LYS A 760 59.86 17.47 -16.08
C LYS A 760 59.80 18.75 -16.93
N GLN A 761 60.57 18.79 -18.01
CA GLN A 761 60.71 19.94 -18.90
C GLN A 761 60.08 19.70 -20.27
N ILE A 762 59.46 20.71 -20.85
CA ILE A 762 58.95 20.63 -22.21
C ILE A 762 60.12 20.80 -23.17
N TYR A 763 60.73 19.68 -23.54
CA TYR A 763 61.73 19.68 -24.60
C TYR A 763 61.11 20.12 -25.92
N LYS A 764 61.85 20.93 -26.69
CA LYS A 764 61.49 21.37 -28.03
C LYS A 764 62.58 20.97 -29.02
N THR A 765 62.18 20.52 -30.20
CA THR A 765 63.09 20.06 -31.26
C THR A 765 64.01 21.18 -31.75
N PRO A 766 65.23 20.88 -32.21
CA PRO A 766 66.08 21.87 -32.85
C PRO A 766 65.43 22.40 -34.14
N PRO A 767 65.87 23.57 -34.65
CA PRO A 767 65.39 24.12 -35.91
C PRO A 767 65.79 23.24 -37.11
N ILE A 768 67.01 22.72 -37.12
CA ILE A 768 67.56 21.93 -38.21
C ILE A 768 67.34 20.44 -37.97
N LYS A 769 66.58 19.79 -38.86
CA LYS A 769 66.16 18.39 -38.74
C LYS A 769 67.23 17.41 -39.26
N ASP A 770 68.45 17.51 -38.74
CA ASP A 770 69.60 16.69 -39.16
C ASP A 770 69.62 15.28 -38.55
N PHE A 771 68.53 14.52 -38.70
CA PHE A 771 68.36 13.16 -38.14
C PHE A 771 68.85 12.04 -39.05
N GLY A 772 69.88 12.27 -39.85
CA GLY A 772 70.53 11.24 -40.66
C GLY A 772 69.63 10.53 -41.67
N GLY A 773 68.50 11.11 -42.06
CA GLY A 773 67.54 10.61 -43.06
C GLY A 773 66.14 10.33 -42.52
N PHE A 774 65.97 10.15 -41.21
CA PHE A 774 64.69 9.78 -40.63
C PHE A 774 63.75 10.98 -40.66
N ASN A 775 62.62 10.91 -41.35
CA ASN A 775 61.74 12.06 -41.62
C ASN A 775 60.50 12.07 -40.70
N PHE A 776 60.66 12.65 -39.51
CA PHE A 776 59.59 12.78 -38.50
C PHE A 776 58.51 13.82 -38.80
N SER A 777 58.52 14.49 -39.95
CA SER A 777 57.69 15.69 -40.17
C SER A 777 56.18 15.45 -40.09
N GLN A 778 55.74 14.19 -40.09
CA GLN A 778 54.34 13.81 -39.91
C GLN A 778 53.93 13.71 -38.43
N ILE A 779 54.88 13.41 -37.53
CA ILE A 779 54.63 13.13 -36.11
C ILE A 779 54.98 14.30 -35.18
N LEU A 780 55.87 15.21 -35.60
CA LEU A 780 56.18 16.44 -34.88
C LEU A 780 55.12 17.52 -35.09
N PRO A 781 55.02 18.53 -34.23
CA PRO A 781 54.09 19.64 -34.40
C PRO A 781 54.16 20.32 -35.75
N ASP A 782 53.01 20.56 -36.37
CA ASP A 782 52.84 21.41 -37.54
C ASP A 782 52.48 22.82 -37.04
N PRO A 783 53.43 23.77 -36.94
CA PRO A 783 53.20 25.06 -36.29
C PRO A 783 52.24 25.99 -37.05
N SER A 784 51.84 25.65 -38.27
CA SER A 784 50.94 26.48 -39.08
C SER A 784 49.57 26.72 -38.41
N LYS A 785 49.12 25.80 -37.54
CA LYS A 785 47.91 25.96 -36.74
C LYS A 785 48.10 27.03 -35.65
N SER A 787 46.60 25.39 -32.39
CA SER A 787 47.04 24.22 -31.62
C SER A 787 48.18 23.49 -32.31
N LYS A 788 49.31 23.34 -31.64
CA LYS A 788 50.52 22.76 -32.21
C LYS A 788 50.49 21.22 -32.36
N ARG A 789 49.37 20.67 -32.85
CA ARG A 789 49.29 19.24 -33.19
C ARG A 789 50.12 18.90 -34.41
N SER A 790 50.64 17.69 -34.44
CA SER A 790 51.28 17.11 -35.62
C SER A 790 50.25 16.70 -36.65
N PHE A 791 50.72 16.36 -37.86
CA PHE A 791 49.84 15.93 -38.93
C PHE A 791 49.07 14.66 -38.55
N ILE A 792 49.76 13.64 -38.05
CA ILE A 792 49.09 12.40 -37.68
C ILE A 792 48.15 12.62 -36.49
N GLU A 793 48.48 13.47 -35.52
CA GLU A 793 47.51 13.83 -34.49
C GLU A 793 46.25 14.48 -35.09
N ASP A 794 46.34 15.29 -36.16
CA ASP A 794 45.14 15.80 -36.81
C ASP A 794 44.27 14.70 -37.41
N LEU A 795 44.84 13.67 -38.05
CA LEU A 795 44.02 12.58 -38.58
C LEU A 795 43.24 11.90 -37.45
N LEU A 796 43.90 11.66 -36.33
CA LEU A 796 43.29 11.05 -35.16
C LEU A 796 42.21 11.96 -34.58
N PHE A 797 42.46 13.26 -34.49
CA PHE A 797 41.47 14.22 -34.02
C PHE A 797 40.29 14.34 -35.00
N ASN A 798 40.49 14.17 -36.30
CA ASN A 798 39.41 14.18 -37.29
C ASN A 798 38.57 12.90 -37.23
N LYS A 799 39.19 11.71 -37.17
CA LYS A 799 38.49 10.42 -37.33
C LYS A 799 37.51 10.04 -36.21
N VAL A 800 37.63 10.61 -35.03
CA VAL A 800 36.69 10.35 -33.93
C VAL A 800 35.49 11.28 -34.04
N THR A 801 34.28 10.71 -34.01
CA THR A 801 33.00 11.41 -34.18
C THR A 801 33.03 12.41 -35.35
N LYS A 828 18.52 17.24 -22.38
CA LYS A 828 19.72 16.56 -21.91
C LYS A 828 20.09 16.97 -20.48
N PHE A 829 20.02 18.27 -20.18
CA PHE A 829 20.66 18.85 -19.01
C PHE A 829 19.84 18.73 -17.71
N ASN A 830 19.14 17.61 -17.51
CA ASN A 830 18.45 17.30 -16.24
C ASN A 830 19.47 16.95 -15.15
N GLY A 831 20.16 17.95 -14.63
CA GLY A 831 21.27 17.78 -13.69
C GLY A 831 22.57 17.32 -14.32
N LEU A 832 22.51 16.70 -15.50
CA LEU A 832 23.66 16.21 -16.25
C LEU A 832 24.59 17.36 -16.60
N THR A 833 25.87 17.19 -16.31
CA THR A 833 26.92 18.16 -16.63
C THR A 833 28.17 17.42 -17.07
N VAL A 834 28.86 17.97 -18.04
CA VAL A 834 30.21 17.55 -18.40
C VAL A 834 31.16 18.62 -17.93
N LEU A 835 32.17 18.22 -17.17
CA LEU A 835 33.25 19.09 -16.74
C LEU A 835 34.36 19.06 -17.79
N PRO A 836 35.11 20.14 -18.01
CA PRO A 836 36.24 20.10 -18.91
C PRO A 836 37.38 19.25 -18.34
N PRO A 837 38.28 18.75 -19.19
CA PRO A 837 39.55 18.17 -18.74
C PRO A 837 40.44 19.22 -18.08
N LEU A 838 41.33 18.84 -17.18
CA LEU A 838 42.30 19.79 -16.62
C LEU A 838 43.28 20.27 -17.69
N LEU A 839 43.90 19.34 -18.42
CA LEU A 839 44.78 19.67 -19.54
C LEU A 839 43.95 19.94 -20.78
N THR A 840 44.19 21.05 -21.48
CA THR A 840 43.59 21.22 -22.80
C THR A 840 44.23 20.23 -23.77
N ASP A 841 43.52 19.88 -24.84
CA ASP A 841 44.10 19.04 -25.89
C ASP A 841 45.34 19.65 -26.53
N GLU A 842 45.51 20.96 -26.45
CA GLU A 842 46.75 21.61 -26.84
C GLU A 842 47.89 21.34 -25.85
N MET A 843 47.64 21.35 -24.54
CA MET A 843 48.64 20.95 -23.55
C MET A 843 49.02 19.48 -23.71
N ILE A 844 48.06 18.61 -24.03
CA ILE A 844 48.39 17.22 -24.35
C ILE A 844 49.30 17.19 -25.58
N ALA A 845 49.02 17.94 -26.63
CA ALA A 845 49.92 18.03 -27.77
C ALA A 845 51.28 18.67 -27.45
N GLN A 846 51.40 19.54 -26.45
CA GLN A 846 52.70 19.97 -25.96
C GLN A 846 53.43 18.82 -25.29
N TYR A 847 52.78 18.08 -24.38
CA TYR A 847 53.41 16.92 -23.78
C TYR A 847 53.81 15.87 -24.83
N THR A 848 52.95 15.47 -25.75
CA THR A 848 53.35 14.48 -26.76
C THR A 848 54.46 15.03 -27.63
N SER A 849 54.52 16.32 -27.89
CA SER A 849 55.69 16.94 -28.52
C SER A 849 56.93 16.88 -27.63
N ALA A 850 56.83 17.11 -26.33
CA ALA A 850 57.97 17.04 -25.43
C ALA A 850 58.54 15.63 -25.40
N LEU A 851 57.69 14.65 -25.13
CA LEU A 851 58.05 13.24 -25.09
C LEU A 851 58.72 12.85 -26.38
N LEU A 852 58.13 13.22 -27.51
CA LEU A 852 58.70 12.94 -28.80
C LEU A 852 60.03 13.66 -29.02
N ALA A 853 60.14 14.95 -28.70
CA ALA A 853 61.37 15.71 -28.90
C ALA A 853 62.52 15.20 -28.04
N GLY A 854 62.24 14.78 -26.82
CA GLY A 854 63.21 14.05 -26.02
C GLY A 854 63.56 12.71 -26.65
N THR A 855 62.58 11.93 -27.10
CA THR A 855 62.79 10.60 -27.69
C THR A 855 63.66 10.68 -28.94
N ILE A 856 63.50 11.71 -29.74
CA ILE A 856 64.33 11.97 -30.91
C ILE A 856 65.72 12.41 -30.46
N THR A 857 65.83 13.46 -29.66
CA THR A 857 67.13 14.11 -29.44
C THR A 857 67.99 13.45 -28.39
N SER A 858 67.43 12.61 -27.54
CA SER A 858 68.12 12.19 -26.31
C SER A 858 67.81 10.76 -25.86
N GLY A 859 67.05 10.00 -26.63
CA GLY A 859 66.86 8.58 -26.37
C GLY A 859 66.06 8.29 -25.12
N TRP A 860 66.46 7.25 -24.39
CA TRP A 860 65.89 6.92 -23.08
C TRP A 860 66.31 7.90 -21.98
N THR A 861 67.41 8.64 -22.18
CA THR A 861 68.06 9.36 -21.09
C THR A 861 67.16 10.38 -20.43
N PHE A 862 66.18 10.95 -21.14
CA PHE A 862 65.27 11.93 -20.53
C PHE A 862 64.23 11.28 -19.60
N GLY A 863 64.13 9.96 -19.56
CA GLY A 863 63.36 9.25 -18.53
C GLY A 863 64.18 9.08 -17.25
N ALA A 864 65.43 8.64 -17.42
CA ALA A 864 66.43 8.52 -16.36
C ALA A 864 67.05 9.86 -15.95
N GLY A 865 66.23 10.82 -15.54
CA GLY A 865 66.67 12.14 -15.09
C GLY A 865 66.98 13.11 -16.23
N ALA A 866 68.22 13.56 -16.35
CA ALA A 866 68.60 14.62 -17.29
C ALA A 866 68.71 14.13 -18.73
N ALA A 867 68.01 14.79 -19.67
CA ALA A 867 68.13 14.53 -21.11
C ALA A 867 69.52 14.91 -21.65
N LEU A 868 70.11 14.01 -22.42
CA LEU A 868 71.42 14.18 -23.04
C LEU A 868 71.29 14.16 -24.57
N GLN A 869 71.77 15.18 -25.30
CA GLN A 869 71.81 15.07 -26.75
C GLN A 869 72.64 13.87 -27.20
N ILE A 870 72.22 13.24 -28.29
CA ILE A 870 72.94 12.21 -29.03
C ILE A 870 72.44 12.19 -30.49
N PRO A 871 73.29 12.07 -31.51
CA PRO A 871 72.87 12.02 -32.91
C PRO A 871 71.86 10.90 -33.15
N PHE A 872 70.83 11.10 -33.98
CA PHE A 872 69.77 10.08 -34.05
C PHE A 872 70.22 8.73 -34.61
N ALA A 873 71.09 8.72 -35.63
CA ALA A 873 71.64 7.47 -36.11
C ALA A 873 72.41 6.73 -35.02
N MET A 874 73.11 7.44 -34.13
CA MET A 874 73.80 6.81 -33.01
C MET A 874 72.83 6.25 -32.01
N GLN A 875 71.78 6.99 -31.67
CA GLN A 875 70.72 6.42 -30.87
C GLN A 875 70.15 5.16 -31.51
N MET A 876 69.95 5.12 -32.82
CA MET A 876 69.45 3.90 -33.42
C MET A 876 70.46 2.77 -33.33
N ALA A 877 71.75 3.01 -33.52
CA ALA A 877 72.73 1.96 -33.34
C ALA A 877 72.72 1.39 -31.92
N TYR A 878 72.51 2.23 -30.91
CA TYR A 878 72.35 1.78 -29.53
C TYR A 878 70.94 1.34 -29.17
N ARG A 879 69.98 1.33 -30.10
CA ARG A 879 68.75 0.53 -30.01
C ARG A 879 68.87 -0.80 -30.75
N PHE A 880 69.59 -0.88 -31.87
CA PHE A 880 69.93 -2.13 -32.56
C PHE A 880 70.72 -3.05 -31.63
N ASN A 881 71.70 -2.52 -30.90
CA ASN A 881 72.45 -3.29 -29.93
C ASN A 881 71.55 -3.84 -28.81
N GLY A 882 70.43 -3.17 -28.52
CA GLY A 882 69.40 -3.60 -27.57
C GLY A 882 68.49 -4.74 -28.05
N ILE A 883 68.65 -5.19 -29.29
CA ILE A 883 68.05 -6.41 -29.84
C ILE A 883 69.11 -7.38 -30.39
N GLY A 884 70.37 -7.20 -30.00
CA GLY A 884 71.47 -8.09 -30.38
C GLY A 884 71.91 -8.00 -31.84
N VAL A 885 71.36 -7.11 -32.64
CA VAL A 885 71.87 -6.76 -33.97
C VAL A 885 73.06 -5.81 -33.81
N THR A 886 74.24 -6.16 -34.31
CA THR A 886 75.45 -5.36 -34.07
C THR A 886 75.38 -3.99 -34.72
N GLN A 887 75.94 -2.95 -34.10
CA GLN A 887 75.81 -1.56 -34.57
C GLN A 887 76.11 -1.38 -36.06
N ASN A 888 77.10 -2.06 -36.62
CA ASN A 888 77.46 -1.90 -38.03
C ASN A 888 76.31 -2.28 -38.97
N VAL A 889 75.46 -3.20 -38.60
CA VAL A 889 74.28 -3.55 -39.37
C VAL A 889 73.26 -2.41 -39.43
N LEU A 890 73.38 -1.37 -38.60
CA LEU A 890 72.66 -0.11 -38.81
C LEU A 890 73.41 0.87 -39.70
N TYR A 891 74.62 1.31 -39.35
CA TYR A 891 75.29 2.35 -40.13
C TYR A 891 75.63 1.91 -41.55
N GLU A 892 75.89 0.63 -41.78
CA GLU A 892 76.13 0.16 -43.13
C GLU A 892 74.84 0.08 -43.95
N ASN A 893 73.67 0.09 -43.30
CA ASN A 893 72.34 0.10 -43.92
C ASN A 893 71.57 1.39 -43.64
N GLN A 894 72.23 2.49 -43.24
CA GLN A 894 71.56 3.68 -42.74
C GLN A 894 70.59 4.25 -43.76
N LYS A 895 71.03 4.44 -45.02
CA LYS A 895 70.20 4.87 -46.16
C LYS A 895 68.92 4.04 -46.26
N LEU A 896 69.08 2.72 -46.29
CA LEU A 896 67.97 1.80 -46.48
C LEU A 896 67.01 1.78 -45.30
N ILE A 897 67.53 1.88 -44.07
CA ILE A 897 66.71 1.94 -42.86
C ILE A 897 65.94 3.24 -42.80
N ALA A 898 66.58 4.36 -43.15
CA ALA A 898 65.93 5.64 -43.26
C ALA A 898 64.76 5.57 -44.24
N ASN A 899 64.99 5.03 -45.45
CA ASN A 899 63.92 4.89 -46.43
C ASN A 899 62.78 3.99 -45.95
N GLN A 900 63.08 2.86 -45.31
CA GLN A 900 62.04 1.99 -44.77
C GLN A 900 61.21 2.68 -43.70
N PHE A 901 61.84 3.33 -42.72
CA PHE A 901 61.12 4.04 -41.67
C PHE A 901 60.24 5.15 -42.24
N ASN A 902 60.80 5.99 -43.10
CA ASN A 902 60.05 7.06 -43.77
C ASN A 902 58.85 6.52 -44.54
N SER A 903 59.06 5.47 -45.34
CA SER A 903 57.99 4.82 -46.09
C SER A 903 56.91 4.25 -45.16
N ALA A 904 57.29 3.58 -44.08
CA ALA A 904 56.37 3.03 -43.13
C ALA A 904 55.51 4.11 -42.47
N ILE A 905 56.11 5.21 -42.02
CA ILE A 905 55.39 6.39 -41.53
C ILE A 905 54.37 6.85 -42.59
N GLY A 906 54.74 6.84 -43.86
CA GLY A 906 53.86 7.13 -44.99
C GLY A 906 52.61 6.27 -45.00
N LYS A 907 52.78 4.95 -44.93
CA LYS A 907 51.68 3.99 -44.90
C LYS A 907 50.76 4.17 -43.70
N ILE A 908 51.25 4.68 -42.57
CA ILE A 908 50.37 4.97 -41.43
C ILE A 908 49.30 5.98 -41.82
N GLN A 909 49.66 7.01 -42.58
CA GLN A 909 48.70 8.05 -42.95
C GLN A 909 47.56 7.46 -43.78
N ASP A 910 47.86 6.55 -44.70
CA ASP A 910 46.83 5.82 -45.45
C ASP A 910 45.99 4.94 -44.51
N SER A 911 46.62 4.23 -43.57
CA SER A 911 45.93 3.35 -42.63
C SER A 911 44.91 4.11 -41.78
N LEU A 912 45.24 5.33 -41.38
CA LEU A 912 44.35 6.19 -40.59
C LEU A 912 43.35 6.97 -41.45
N SER A 913 43.72 7.33 -42.68
CA SER A 913 42.86 8.12 -43.58
C SER A 913 41.80 7.27 -44.28
N SER A 914 42.19 6.08 -44.78
CA SER A 914 41.34 5.17 -45.55
C SER A 914 40.05 4.75 -44.83
N THR A 915 40.14 4.42 -43.53
CA THR A 915 39.04 3.81 -42.77
C THR A 915 38.97 4.34 -41.34
N ALA A 916 37.75 4.45 -40.79
CA ALA A 916 37.53 4.76 -39.38
C ALA A 916 37.77 3.56 -38.45
N SER A 917 37.70 2.34 -38.97
CA SER A 917 37.75 1.09 -38.20
C SER A 917 39.04 0.85 -37.42
N ALA A 918 40.13 1.56 -37.73
CA ALA A 918 41.35 1.54 -36.93
C ALA A 918 41.13 2.08 -35.50
N LEU A 919 40.44 3.21 -35.34
CA LEU A 919 40.18 3.89 -34.06
C LEU A 919 39.01 3.27 -33.26
N GLY A 920 38.66 2.01 -33.50
CA GLY A 920 37.51 1.37 -32.88
C GLY A 920 37.52 1.46 -31.36
N LYS A 921 38.69 1.26 -30.74
CA LYS A 921 38.84 1.28 -29.27
C LYS A 921 38.39 2.62 -28.69
N LEU A 922 38.86 3.74 -29.25
CA LEU A 922 38.49 5.07 -28.73
C LEU A 922 37.03 5.37 -29.03
N GLN A 923 36.56 5.06 -30.23
CA GLN A 923 35.18 5.32 -30.62
C GLN A 923 34.21 4.48 -29.80
N ASP A 924 34.57 3.28 -29.34
CA ASP A 924 33.74 2.54 -28.41
C ASP A 924 33.57 3.30 -27.11
N VAL A 925 34.64 3.87 -26.55
CA VAL A 925 34.57 4.61 -25.29
C VAL A 925 33.69 5.84 -25.39
N VAL A 926 33.84 6.61 -26.47
CA VAL A 926 32.94 7.74 -26.77
C VAL A 926 31.51 7.26 -26.91
N ASN A 927 31.27 6.21 -27.71
CA ASN A 927 29.93 5.70 -27.97
C ASN A 927 29.29 5.21 -26.68
N GLN A 928 29.99 4.42 -25.86
CA GLN A 928 29.42 3.89 -24.63
C GLN A 928 29.00 4.98 -23.65
N ASN A 929 29.79 6.03 -23.51
CA ASN A 929 29.38 7.17 -22.70
C ASN A 929 28.13 7.84 -23.26
N ALA A 930 28.11 8.19 -24.54
CA ALA A 930 26.94 8.81 -25.17
C ALA A 930 25.69 7.91 -25.08
N GLN A 931 25.85 6.61 -25.27
CA GLN A 931 24.79 5.62 -25.13
C GLN A 931 24.26 5.58 -23.70
N ALA A 932 25.12 5.52 -22.70
CA ALA A 932 24.73 5.51 -21.31
C ALA A 932 24.04 6.80 -20.90
N LEU A 933 24.54 7.97 -21.30
CA LEU A 933 23.88 9.25 -21.04
C LEU A 933 22.53 9.35 -21.73
N ASN A 934 22.45 9.02 -23.02
CA ASN A 934 21.16 9.03 -23.73
C ASN A 934 20.17 8.08 -23.05
N THR A 935 20.62 6.92 -22.61
CA THR A 935 19.79 5.97 -21.87
C THR A 935 19.32 6.57 -20.56
N LEU A 936 20.23 7.18 -19.79
CA LEU A 936 19.91 7.82 -18.52
C LEU A 936 18.90 8.96 -18.69
N VAL A 937 19.00 9.75 -19.76
CA VAL A 937 18.01 10.81 -20.02
C VAL A 937 16.68 10.19 -20.43
N LYS A 938 16.66 9.26 -21.37
CA LYS A 938 15.43 8.57 -21.77
C LYS A 938 14.72 7.93 -20.58
N GLN A 939 15.46 7.37 -19.64
CA GLN A 939 14.88 6.81 -18.41
C GLN A 939 14.07 7.84 -17.61
N LEU A 940 14.33 9.14 -17.68
CA LEU A 940 13.47 10.13 -17.02
C LEU A 940 12.03 10.10 -17.56
N SER A 941 11.87 9.81 -18.86
CA SER A 941 10.55 9.68 -19.47
C SER A 941 9.86 8.35 -19.12
N SER A 942 10.56 7.37 -18.55
CA SER A 942 9.98 6.08 -18.17
C SER A 942 9.01 6.24 -17.00
N ASN A 943 7.88 5.56 -17.09
CA ASN A 943 6.75 5.74 -16.20
C ASN A 943 6.91 5.11 -14.80
N PHE A 944 7.67 4.02 -14.66
CA PHE A 944 7.94 3.32 -13.39
C PHE A 944 6.69 2.95 -12.54
N GLY A 945 5.52 2.86 -13.15
CA GLY A 945 4.26 2.58 -12.47
C GLY A 945 3.57 3.79 -11.88
N ALA A 946 4.01 5.01 -12.16
CA ALA A 946 3.27 6.23 -11.80
C ALA A 946 2.08 6.48 -12.75
N ILE A 947 1.21 7.46 -12.45
CA ILE A 947 0.23 7.93 -13.45
C ILE A 947 0.85 8.68 -14.64
N SER A 948 2.06 9.23 -14.49
CA SER A 948 2.82 9.93 -15.54
C SER A 948 4.29 9.96 -15.20
N SER A 949 5.19 10.17 -16.16
CA SER A 949 6.60 10.47 -15.90
C SER A 949 6.92 11.97 -15.82
N VAL A 950 5.94 12.86 -15.93
CA VAL A 950 6.12 14.31 -15.76
C VAL A 950 5.55 14.74 -14.41
N LEU A 951 6.39 15.31 -13.56
CA LEU A 951 6.03 15.65 -12.18
C LEU A 951 4.88 16.66 -12.12
N ASN A 952 4.83 17.63 -13.04
CA ASN A 952 3.75 18.63 -13.09
C ASN A 952 2.38 17.99 -13.28
N ASP A 953 2.27 16.89 -14.01
CA ASP A 953 1.02 16.12 -14.11
C ASP A 953 0.60 15.65 -12.72
N ILE A 954 1.50 14.98 -12.01
CA ILE A 954 1.21 14.40 -10.70
C ILE A 954 0.85 15.49 -9.69
N LEU A 955 1.62 16.56 -9.68
CA LEU A 955 1.43 17.69 -8.76
C LEU A 955 0.12 18.45 -9.01
N SER A 956 -0.37 18.47 -10.25
CA SER A 956 -1.64 19.16 -10.59
C SER A 956 -2.87 18.24 -10.50
N ARG A 957 -2.74 16.97 -10.87
CA ARG A 957 -3.85 15.99 -10.95
C ARG A 957 -4.21 15.34 -9.61
N LEU A 958 -3.33 15.37 -8.62
CA LEU A 958 -3.51 14.65 -7.36
C LEU A 958 -3.37 15.53 -6.11
N ASP A 959 -4.08 15.13 -5.06
CA ASP A 959 -3.90 15.69 -3.72
C ASP A 959 -2.52 15.32 -3.15
N PRO A 960 -1.89 16.15 -2.31
CA PRO A 960 -0.56 15.91 -1.80
C PRO A 960 -0.24 14.49 -1.30
N PRO A 961 -1.10 13.77 -0.56
CA PRO A 961 -0.76 12.42 -0.10
C PRO A 961 -0.60 11.43 -1.26
N GLU A 962 -1.46 11.52 -2.27
CA GLU A 962 -1.39 10.68 -3.47
C GLU A 962 -0.27 11.12 -4.41
N ALA A 963 -0.10 12.43 -4.62
CA ALA A 963 1.00 12.95 -5.39
C ALA A 963 2.35 12.49 -4.80
N GLU A 964 2.50 12.47 -3.47
CA GLU A 964 3.67 11.90 -2.81
C GLU A 964 3.86 10.42 -3.12
N VAL A 965 2.85 9.58 -2.93
CA VAL A 965 3.00 8.13 -3.20
C VAL A 965 3.37 7.87 -4.66
N GLN A 966 2.82 8.64 -5.59
CA GLN A 966 3.18 8.57 -7.00
C GLN A 966 4.59 9.07 -7.29
N ILE A 967 5.00 10.19 -6.70
CA ILE A 967 6.37 10.68 -6.80
C ILE A 967 7.32 9.65 -6.23
N ASP A 968 6.95 8.91 -5.20
CA ASP A 968 7.81 7.87 -4.68
C ASP A 968 8.13 6.79 -5.71
N ARG A 969 7.19 6.41 -6.58
CA ARG A 969 7.48 5.47 -7.67
C ARG A 969 8.52 6.06 -8.61
N LEU A 970 8.36 7.33 -8.98
CA LEU A 970 9.31 8.00 -9.86
C LEU A 970 10.69 8.17 -9.20
N ILE A 971 10.75 8.62 -7.95
CA ILE A 971 12.01 8.68 -7.21
C ILE A 971 12.67 7.32 -7.26
N THR A 972 11.95 6.26 -6.90
CA THR A 972 12.51 4.92 -6.87
C THR A 972 13.09 4.53 -8.22
N GLY A 973 12.30 4.66 -9.29
CA GLY A 973 12.73 4.30 -10.63
C GLY A 973 13.93 5.10 -11.11
N ARG A 974 13.88 6.42 -10.94
CA ARG A 974 14.96 7.33 -11.36
C ARG A 974 16.23 7.06 -10.57
N LEU A 975 16.13 6.94 -9.26
CA LEU A 975 17.28 6.65 -8.40
C LEU A 975 17.88 5.29 -8.72
N GLN A 976 17.05 4.26 -8.89
CA GLN A 976 17.52 2.95 -9.31
C GLN A 976 18.20 3.01 -10.68
N SER A 977 17.72 3.86 -11.59
CA SER A 977 18.41 4.10 -12.86
C SER A 977 19.75 4.78 -12.66
N LEU A 978 19.80 5.82 -11.83
CA LEU A 978 21.03 6.57 -11.56
C LEU A 978 22.06 5.66 -10.92
N GLN A 979 21.68 4.87 -9.93
CA GLN A 979 22.54 3.86 -9.32
C GLN A 979 23.06 2.88 -10.36
N THR A 980 22.20 2.44 -11.28
CA THR A 980 22.61 1.53 -12.36
C THR A 980 23.68 2.21 -13.21
N TYR A 981 23.45 3.44 -13.63
CA TYR A 981 24.40 4.21 -14.41
C TYR A 981 25.73 4.42 -13.70
N VAL A 982 25.74 4.85 -12.45
CA VAL A 982 26.98 5.06 -11.69
C VAL A 982 27.72 3.75 -11.53
N THR A 983 27.01 2.65 -11.34
CA THR A 983 27.64 1.33 -11.26
C THR A 983 28.32 0.98 -12.57
N GLN A 984 27.64 1.16 -13.71
CA GLN A 984 28.28 0.98 -15.01
C GLN A 984 29.49 1.87 -15.16
N GLN A 985 29.42 3.13 -14.73
CA GLN A 985 30.52 4.07 -14.90
C GLN A 985 31.70 3.74 -14.00
N LEU A 986 31.50 3.27 -12.78
CA LEU A 986 32.61 2.83 -11.93
C LEU A 986 33.35 1.65 -12.53
N ILE A 987 32.61 0.69 -13.08
CA ILE A 987 33.17 -0.48 -13.74
C ILE A 987 33.91 -0.06 -15.02
N ARG A 988 33.27 0.74 -15.87
CA ARG A 988 33.89 1.26 -17.08
C ARG A 988 35.14 2.08 -16.75
N ALA A 989 35.10 2.90 -15.72
CA ALA A 989 36.26 3.67 -15.28
C ALA A 989 37.36 2.77 -14.75
N ALA A 990 37.04 1.64 -14.09
CA ALA A 990 38.05 0.65 -13.74
C ALA A 990 38.75 0.09 -14.99
N GLU A 991 38.01 -0.21 -16.06
CA GLU A 991 38.63 -0.65 -17.31
C GLU A 991 39.55 0.44 -17.87
N ILE A 992 39.09 1.68 -17.91
CA ILE A 992 39.89 2.79 -18.41
C ILE A 992 41.12 3.03 -17.53
N ARG A 993 41.02 2.92 -16.21
CA ARG A 993 42.18 2.97 -15.32
C ARG A 993 43.19 1.88 -15.66
N ALA A 994 42.76 0.64 -15.85
CA ALA A 994 43.67 -0.43 -16.26
C ALA A 994 44.31 -0.16 -17.62
N SER A 995 43.55 0.42 -18.55
CA SER A 995 44.07 0.83 -19.85
C SER A 995 45.03 2.02 -19.75
N ALA A 996 44.76 2.97 -18.87
CA ALA A 996 45.65 4.09 -18.61
C ALA A 996 46.94 3.65 -17.93
N ASN A 997 46.89 2.76 -16.93
CA ASN A 997 48.10 2.25 -16.30
C ASN A 997 48.93 1.43 -17.29
N LEU A 998 48.27 0.68 -18.18
CA LEU A 998 48.95 0.02 -19.29
C LEU A 998 49.60 1.06 -20.21
N ALA A 999 48.86 2.05 -20.70
CA ALA A 999 49.37 3.09 -21.57
C ALA A 999 50.54 3.85 -20.92
N ALA A 1000 50.39 4.23 -19.66
CA ALA A 1000 51.44 4.86 -18.87
C ALA A 1000 52.67 3.96 -18.83
N THR A 1001 52.51 2.65 -18.73
CA THR A 1001 53.65 1.74 -18.77
C THR A 1001 54.25 1.68 -20.15
N LYS A 1002 53.46 1.61 -21.23
CA LYS A 1002 54.03 1.63 -22.58
C LYS A 1002 54.76 2.94 -22.87
N MET A 1003 54.29 4.04 -22.28
CA MET A 1003 55.03 5.29 -22.28
C MET A 1003 56.36 5.11 -21.56
N SER A 1004 56.34 4.60 -20.34
CA SER A 1004 57.56 4.47 -19.56
C SER A 1004 58.55 3.45 -20.12
N GLU A 1005 58.11 2.38 -20.76
CA GLU A 1005 59.00 1.34 -21.29
C GLU A 1005 59.37 1.58 -22.75
N CYS A 1006 58.39 1.76 -23.62
CA CYS A 1006 58.63 1.83 -25.06
C CYS A 1006 59.08 3.22 -25.51
N VAL A 1007 58.51 4.27 -24.95
CA VAL A 1007 58.84 5.65 -25.37
C VAL A 1007 60.09 6.11 -24.67
N LEU A 1008 60.06 6.13 -23.34
CA LEU A 1008 61.17 6.54 -22.47
C LEU A 1008 62.30 5.51 -22.40
N GLY A 1009 62.20 4.37 -23.05
CA GLY A 1009 63.15 3.25 -22.96
C GLY A 1009 63.16 2.43 -24.24
N GLN A 1010 63.53 1.16 -24.11
CA GLN A 1010 63.41 0.13 -25.13
C GLN A 1010 63.08 -1.18 -24.42
N SER A 1011 61.83 -1.62 -24.43
CA SER A 1011 61.47 -2.82 -23.67
C SER A 1011 62.00 -4.10 -24.31
N LYS A 1012 62.50 -5.04 -23.49
CA LYS A 1012 62.90 -6.39 -23.93
C LYS A 1012 61.80 -7.43 -23.68
N ARG A 1013 60.57 -6.95 -23.46
CA ARG A 1013 59.36 -7.76 -23.31
C ARG A 1013 58.75 -8.01 -24.69
N VAL A 1014 58.88 -9.22 -25.21
CA VAL A 1014 58.37 -9.59 -26.54
C VAL A 1014 56.87 -9.36 -26.63
N ASP A 1015 56.41 -8.74 -27.71
CA ASP A 1015 55.01 -8.37 -27.95
C ASP A 1015 54.37 -7.52 -26.82
N PHE A 1016 55.16 -6.85 -25.97
CA PHE A 1016 54.64 -5.71 -25.19
C PHE A 1016 54.60 -4.46 -26.05
N CYS A 1017 55.75 -4.01 -26.55
CA CYS A 1017 55.87 -2.80 -27.36
C CYS A 1017 55.70 -3.06 -28.87
N GLY A 1018 54.59 -3.68 -29.27
CA GLY A 1018 54.26 -3.97 -30.67
C GLY A 1018 54.97 -5.19 -31.25
N LYS A 1019 54.36 -5.85 -32.24
CA LYS A 1019 54.73 -7.20 -32.67
C LYS A 1019 56.02 -7.26 -33.51
N GLY A 1020 57.16 -7.35 -32.85
CA GLY A 1020 58.47 -7.56 -33.42
C GLY A 1020 59.56 -7.44 -32.36
N TYR A 1021 60.82 -7.41 -32.76
CA TYR A 1021 61.88 -6.95 -31.87
C TYR A 1021 61.76 -5.43 -31.73
N HIS A 1022 61.65 -4.90 -30.52
CA HIS A 1022 61.28 -3.49 -30.36
C HIS A 1022 62.49 -2.57 -30.50
N LEU A 1023 62.37 -1.46 -31.24
CA LEU A 1023 63.42 -0.46 -31.33
C LEU A 1023 63.09 0.76 -30.49
N MET A 1024 61.94 1.39 -30.69
CA MET A 1024 61.49 2.60 -30.00
C MET A 1024 60.02 2.84 -30.27
N SER A 1025 59.42 3.79 -29.62
CA SER A 1025 58.03 4.14 -29.89
C SER A 1025 57.81 5.63 -29.84
N PHE A 1026 56.83 6.14 -30.56
CA PHE A 1026 56.44 7.53 -30.49
C PHE A 1026 54.98 7.66 -30.09
N PRO A 1027 54.64 8.48 -29.08
CA PRO A 1027 53.26 8.77 -28.75
C PRO A 1027 52.71 9.84 -29.67
N GLN A 1028 51.42 9.81 -29.91
CA GLN A 1028 50.64 10.82 -30.61
C GLN A 1028 49.34 10.97 -29.84
N SER A 1029 48.94 12.19 -29.49
CA SER A 1029 47.72 12.40 -28.73
C SER A 1029 46.49 12.10 -29.58
N ALA A 1030 45.40 11.68 -28.97
CA ALA A 1030 44.13 11.44 -29.63
C ALA A 1030 43.00 11.69 -28.64
N PRO A 1031 41.78 12.00 -29.07
CA PRO A 1031 40.73 12.40 -28.14
C PRO A 1031 40.44 11.26 -27.18
N HIS A 1032 40.45 11.55 -25.87
CA HIS A 1032 40.27 10.58 -24.80
C HIS A 1032 41.28 9.42 -24.77
N GLY A 1033 42.37 9.48 -25.52
CA GLY A 1033 43.25 8.33 -25.72
C GLY A 1033 44.68 8.68 -26.03
N VAL A 1034 45.44 7.71 -26.49
CA VAL A 1034 46.79 7.88 -27.00
C VAL A 1034 47.03 6.86 -28.10
N VAL A 1035 47.86 7.22 -29.07
CA VAL A 1035 48.31 6.35 -30.15
C VAL A 1035 49.80 6.21 -30.06
N PHE A 1036 50.30 5.00 -30.06
CA PHE A 1036 51.72 4.72 -30.12
C PHE A 1036 52.05 4.25 -31.52
N LEU A 1037 53.17 4.70 -32.06
CA LEU A 1037 53.72 4.23 -33.31
C LEU A 1037 54.93 3.38 -33.00
N HIS A 1038 54.75 2.10 -32.66
CA HIS A 1038 55.84 1.25 -32.22
C HIS A 1038 56.75 0.89 -33.37
N VAL A 1039 57.93 1.48 -33.43
CA VAL A 1039 58.92 1.15 -34.44
C VAL A 1039 59.58 -0.16 -34.04
N THR A 1040 59.33 -1.21 -34.81
CA THR A 1040 59.80 -2.56 -34.52
C THR A 1040 60.62 -3.09 -35.67
N TYR A 1041 61.74 -3.71 -35.36
CA TYR A 1041 62.51 -4.51 -36.31
C TYR A 1041 61.79 -5.83 -36.49
N VAL A 1042 61.67 -6.32 -37.73
CA VAL A 1042 61.13 -7.65 -38.04
C VAL A 1042 61.99 -8.28 -39.13
N PRO A 1043 62.55 -9.49 -38.96
CA PRO A 1043 63.28 -10.19 -40.02
C PRO A 1043 62.38 -10.56 -41.20
N ALA A 1044 62.93 -10.75 -42.40
CA ALA A 1044 62.09 -10.94 -43.58
C ALA A 1044 62.63 -11.80 -44.73
N GLN A 1045 63.93 -12.04 -44.83
CA GLN A 1045 64.49 -13.03 -45.77
C GLN A 1045 65.46 -13.93 -45.03
N GLU A 1046 65.49 -15.22 -45.31
CA GLU A 1046 66.31 -16.19 -44.59
C GLU A 1046 66.90 -17.26 -45.49
N LYS A 1047 67.98 -17.89 -45.01
CA LYS A 1047 68.62 -19.01 -45.67
C LYS A 1047 68.78 -20.14 -44.68
N ASN A 1048 68.61 -21.37 -45.14
CA ASN A 1048 68.95 -22.55 -44.34
C ASN A 1048 70.47 -22.69 -44.24
N PHE A 1049 70.98 -23.13 -43.10
CA PHE A 1049 72.38 -23.47 -42.91
C PHE A 1049 72.54 -24.72 -42.07
N THR A 1050 73.59 -25.47 -42.35
CA THR A 1050 74.00 -26.55 -41.48
C THR A 1050 74.70 -25.95 -40.28
N THR A 1051 74.42 -26.45 -39.09
CA THR A 1051 74.88 -25.84 -37.84
C THR A 1051 75.44 -26.89 -36.90
N ALA A 1052 76.23 -26.47 -35.91
CA ALA A 1052 76.75 -27.33 -34.87
C ALA A 1052 76.79 -26.57 -33.53
N PRO A 1053 76.44 -27.17 -32.38
CA PRO A 1053 76.38 -26.49 -31.09
C PRO A 1053 77.69 -25.83 -30.71
N ALA A 1054 78.78 -26.51 -30.99
CA ALA A 1054 80.14 -26.08 -30.82
C ALA A 1054 80.88 -26.48 -32.08
N ILE A 1055 82.16 -26.14 -32.20
CA ILE A 1055 83.08 -26.78 -33.15
C ILE A 1055 84.32 -27.24 -32.42
N CYS A 1056 84.98 -28.27 -32.89
CA CYS A 1056 86.15 -28.86 -32.27
C CYS A 1056 87.41 -28.57 -33.08
N HIS A 1057 88.48 -28.15 -32.43
CA HIS A 1057 89.78 -27.89 -33.06
C HIS A 1057 90.90 -28.20 -32.06
N ASP A 1058 92.05 -28.69 -32.51
CA ASP A 1058 93.18 -29.05 -31.65
C ASP A 1058 92.76 -29.92 -30.44
N GLY A 1059 91.80 -30.83 -30.67
CA GLY A 1059 91.24 -31.72 -29.66
C GLY A 1059 90.40 -31.08 -28.55
N LYS A 1060 90.02 -29.79 -28.66
CA LYS A 1060 89.19 -29.09 -27.67
C LYS A 1060 87.95 -28.44 -28.29
N ALA A 1061 86.87 -28.38 -27.54
CA ALA A 1061 85.67 -27.68 -27.98
C ALA A 1061 85.89 -26.17 -27.99
N HIS A 1062 85.36 -25.49 -29.01
CA HIS A 1062 85.27 -24.05 -29.18
C HIS A 1062 83.80 -23.68 -29.34
N PHE A 1063 83.41 -22.54 -28.81
CA PHE A 1063 82.02 -22.08 -28.80
C PHE A 1063 81.98 -20.60 -29.18
N PRO A 1064 80.93 -20.09 -29.81
CA PRO A 1064 80.90 -18.70 -30.23
C PRO A 1064 80.60 -17.79 -29.03
N ARG A 1065 81.35 -16.68 -28.85
CA ARG A 1065 81.07 -15.73 -27.74
C ARG A 1065 79.67 -15.16 -27.82
N GLU A 1066 79.32 -14.68 -29.00
CA GLU A 1066 78.00 -14.19 -29.38
C GLU A 1066 77.59 -14.81 -30.70
N GLY A 1067 76.30 -15.05 -30.90
CA GLY A 1067 75.79 -15.63 -32.15
C GLY A 1067 75.72 -17.15 -32.16
N VAL A 1068 75.96 -17.75 -33.34
CA VAL A 1068 75.72 -19.15 -33.72
C VAL A 1068 76.77 -19.59 -34.74
N PHE A 1069 77.10 -20.88 -34.83
CA PHE A 1069 77.92 -21.42 -35.91
C PHE A 1069 77.10 -21.94 -37.09
N VAL A 1070 77.55 -21.66 -38.31
CA VAL A 1070 76.89 -22.04 -39.55
C VAL A 1070 77.88 -22.36 -40.66
N SER A 1071 77.44 -23.14 -41.64
CA SER A 1071 77.97 -23.10 -42.99
C SER A 1071 76.84 -23.40 -43.97
N ASN A 1072 76.98 -23.02 -45.23
CA ASN A 1072 76.21 -23.64 -46.31
C ASN A 1072 76.95 -24.90 -46.82
N GLY A 1073 77.19 -25.83 -45.90
CA GLY A 1073 77.68 -27.18 -46.17
C GLY A 1073 79.12 -27.28 -46.69
N THR A 1074 80.03 -26.40 -46.29
CA THR A 1074 81.42 -26.40 -46.82
C THR A 1074 82.48 -25.88 -45.85
N HIS A 1075 82.48 -24.60 -45.45
CA HIS A 1075 83.47 -24.02 -44.51
C HIS A 1075 82.79 -23.28 -43.37
N TRP A 1076 83.27 -23.42 -42.14
CA TRP A 1076 82.52 -22.92 -40.99
C TRP A 1076 82.69 -21.42 -40.74
N PHE A 1077 81.59 -20.74 -40.44
CA PHE A 1077 81.48 -19.33 -40.09
C PHE A 1077 80.68 -19.14 -38.81
N VAL A 1078 81.05 -18.15 -37.99
CA VAL A 1078 80.19 -17.63 -36.93
C VAL A 1078 79.34 -16.49 -37.48
N THR A 1079 78.14 -16.29 -36.96
CA THR A 1079 77.32 -15.12 -37.27
C THR A 1079 76.51 -14.72 -36.06
N GLN A 1080 76.20 -13.44 -35.88
CA GLN A 1080 75.16 -13.04 -34.93
C GLN A 1080 73.83 -13.68 -35.33
N ARG A 1081 72.92 -13.86 -34.39
CA ARG A 1081 71.76 -14.76 -34.62
C ARG A 1081 70.49 -14.07 -35.09
N ASN A 1082 70.53 -12.77 -35.33
CA ASN A 1082 69.39 -11.97 -35.84
C ASN A 1082 69.63 -11.29 -37.20
N PHE A 1083 70.78 -11.51 -37.84
CA PHE A 1083 71.09 -11.00 -39.18
C PHE A 1083 72.37 -11.66 -39.69
N TYR A 1084 72.30 -12.42 -40.76
CA TYR A 1084 73.43 -13.18 -41.27
C TYR A 1084 74.60 -12.29 -41.62
N GLU A 1085 75.74 -12.53 -40.99
CA GLU A 1085 76.95 -11.77 -41.18
C GLU A 1085 78.12 -12.73 -40.93
N PRO A 1086 78.43 -13.59 -41.89
CA PRO A 1086 79.41 -14.63 -41.71
C PRO A 1086 80.79 -14.03 -41.48
N GLN A 1087 81.48 -14.53 -40.45
CA GLN A 1087 82.85 -14.15 -40.12
C GLN A 1087 83.71 -15.40 -40.01
N ILE A 1088 84.98 -15.29 -40.39
CA ILE A 1088 85.99 -16.34 -40.17
C ILE A 1088 86.08 -16.60 -38.68
N ILE A 1089 86.10 -17.87 -38.29
CA ILE A 1089 86.10 -18.26 -36.89
C ILE A 1089 87.52 -18.20 -36.36
N THR A 1090 87.70 -17.59 -35.21
CA THR A 1090 89.01 -17.34 -34.62
C THR A 1090 88.98 -17.66 -33.15
N THR A 1091 90.15 -17.75 -32.54
CA THR A 1091 90.29 -17.76 -31.08
C THR A 1091 89.60 -16.58 -30.38
N ASP A 1092 89.26 -15.49 -31.08
CA ASP A 1092 88.81 -14.27 -30.45
C ASP A 1092 87.30 -14.11 -30.49
N ASN A 1093 86.61 -14.55 -31.56
CA ASN A 1093 85.15 -14.66 -31.55
C ASN A 1093 84.63 -15.92 -30.81
N THR A 1094 85.52 -16.70 -30.19
CA THR A 1094 85.19 -17.96 -29.52
C THR A 1094 85.79 -18.09 -28.12
N PHE A 1095 85.32 -19.06 -27.35
CA PHE A 1095 85.96 -19.51 -26.11
C PHE A 1095 86.08 -21.05 -26.05
N VAL A 1096 87.18 -21.53 -25.49
CA VAL A 1096 87.45 -22.96 -25.27
C VAL A 1096 86.58 -23.50 -24.15
N SER A 1097 86.24 -24.79 -24.18
CA SER A 1097 85.57 -25.46 -23.05
C SER A 1097 85.94 -26.93 -22.84
N GLY A 1098 87.22 -27.26 -22.92
CA GLY A 1098 87.75 -28.58 -22.58
C GLY A 1098 87.68 -29.59 -23.73
N ASN A 1099 87.86 -30.88 -23.41
CA ASN A 1099 88.01 -31.91 -24.43
C ASN A 1099 86.80 -32.05 -25.36
N CYS A 1100 87.10 -32.47 -26.59
CA CYS A 1100 86.19 -32.53 -27.73
C CYS A 1100 84.95 -33.44 -27.55
N ASP A 1101 85.02 -34.46 -26.68
CA ASP A 1101 84.12 -35.62 -26.66
C ASP A 1101 82.64 -35.33 -26.32
N VAL A 1102 82.37 -34.67 -25.18
CA VAL A 1102 81.04 -34.79 -24.53
C VAL A 1102 79.93 -34.03 -25.28
N VAL A 1103 80.27 -33.03 -26.07
CA VAL A 1103 79.31 -32.22 -26.83
C VAL A 1103 78.64 -33.05 -27.92
N ILE A 1104 77.33 -33.26 -27.81
CA ILE A 1104 76.54 -33.98 -28.82
C ILE A 1104 76.53 -33.17 -30.12
N GLY A 1105 76.93 -33.77 -31.22
CA GLY A 1105 76.85 -33.13 -32.54
C GLY A 1105 77.85 -32.01 -32.79
N ILE A 1106 78.94 -31.95 -32.06
CA ILE A 1106 80.11 -31.13 -32.42
C ILE A 1106 80.67 -31.56 -33.79
N VAL A 1107 81.35 -30.67 -34.51
CA VAL A 1107 81.95 -30.90 -35.83
C VAL A 1107 83.32 -30.28 -35.92
N ASN A 1108 84.18 -30.73 -36.83
CA ASN A 1108 85.56 -30.25 -36.90
C ASN A 1108 85.75 -28.99 -37.73
N ASN A 1109 86.86 -28.32 -37.51
CA ASN A 1109 87.36 -27.14 -38.23
C ASN A 1109 88.84 -26.93 -37.86
N THR A 1110 89.56 -26.05 -38.56
CA THR A 1110 90.79 -25.45 -38.02
C THR A 1110 90.48 -24.01 -37.65
N VAL A 1111 90.30 -23.70 -36.37
CA VAL A 1111 89.98 -22.32 -35.94
C VAL A 1111 91.21 -21.44 -36.13
N TYR A 1112 91.06 -20.27 -36.73
CA TYR A 1112 92.21 -19.42 -37.04
C TYR A 1112 92.78 -18.75 -35.77
N ASP A 1113 94.11 -18.70 -35.69
CA ASP A 1113 94.84 -17.96 -34.67
C ASP A 1113 95.28 -16.60 -35.24
N PRO A 1114 94.68 -15.47 -34.82
CA PRO A 1114 95.08 -14.14 -35.27
C PRO A 1114 96.53 -13.77 -34.96
N LEU A 1115 97.17 -14.44 -34.00
CA LEU A 1115 98.57 -14.24 -33.67
C LEU A 1115 99.53 -15.00 -34.60
N GLN A 1116 99.03 -15.95 -35.40
CA GLN A 1116 99.86 -16.80 -36.24
C GLN A 1116 100.84 -16.06 -37.15
N PRO A 1117 100.46 -14.97 -37.85
CA PRO A 1117 101.38 -14.24 -38.72
C PRO A 1117 102.51 -13.55 -37.97
N GLU A 1118 102.38 -13.35 -36.67
CA GLU A 1118 103.23 -12.50 -35.84
C GLU A 1118 104.47 -13.24 -35.30
N LEU A 1119 105.00 -14.20 -36.06
CA LEU A 1119 106.15 -15.04 -35.71
C LEU A 1119 107.54 -14.37 -35.84
N ASP A 1120 107.60 -13.07 -35.56
CA ASP A 1120 108.80 -12.23 -35.68
C ASP A 1120 109.80 -12.34 -34.52
N SER A 1121 109.33 -12.70 -33.32
CA SER A 1121 110.14 -12.73 -32.10
C SER A 1121 109.69 -13.80 -31.10
N ALA B 1 11.68 -44.59 31.42
CA ALA B 1 12.79 -45.26 30.74
C ALA B 1 13.04 -44.65 29.37
N TYR B 2 14.27 -44.65 28.89
CA TYR B 2 14.68 -43.99 27.63
C TYR B 2 15.66 -44.79 26.78
N THR B 3 15.76 -44.47 25.49
CA THR B 3 16.76 -45.03 24.57
C THR B 3 17.21 -43.99 23.51
N ASN B 4 18.44 -44.11 23.04
CA ASN B 4 19.04 -43.20 22.07
C ASN B 4 18.54 -43.45 20.62
N SER B 5 17.93 -42.44 19.98
CA SER B 5 17.47 -42.54 18.58
C SER B 5 18.62 -42.44 17.58
N PHE B 6 19.23 -43.57 17.21
CA PHE B 6 20.34 -43.62 16.25
C PHE B 6 19.90 -43.33 14.80
N THR B 7 19.66 -42.08 14.43
CA THR B 7 19.31 -41.61 13.07
C THR B 7 17.99 -42.11 12.47
N ARG B 8 17.30 -43.04 13.11
CA ARG B 8 15.95 -43.51 12.72
C ARG B 8 14.95 -42.35 12.71
N GLY B 9 13.81 -42.54 12.04
CA GLY B 9 12.72 -41.55 12.01
C GLY B 9 12.78 -40.50 10.90
N VAL B 10 13.70 -40.61 9.95
CA VAL B 10 13.65 -39.83 8.69
C VAL B 10 12.50 -40.34 7.82
N TYR B 11 11.73 -39.46 7.19
CA TYR B 11 10.59 -39.86 6.35
C TYR B 11 10.50 -38.91 5.14
N TYR B 12 9.95 -39.36 4.02
CA TYR B 12 9.92 -38.53 2.80
C TYR B 12 9.21 -37.19 3.06
N PRO B 13 9.90 -36.04 2.91
CA PRO B 13 9.46 -34.78 3.50
C PRO B 13 8.06 -34.31 3.10
N ASP B 14 7.57 -34.81 1.98
CA ASP B 14 6.19 -34.74 1.55
C ASP B 14 5.84 -36.05 0.82
N LYS B 15 4.55 -36.41 0.77
CA LYS B 15 4.08 -37.62 0.09
C LYS B 15 4.22 -37.51 -1.43
N VAL B 16 4.05 -36.31 -1.97
CA VAL B 16 4.17 -35.95 -3.38
C VAL B 16 5.65 -35.81 -3.84
N PHE B 17 6.56 -36.59 -3.27
CA PHE B 17 8.00 -36.45 -3.40
C PHE B 17 8.54 -36.68 -4.82
N ARG B 18 9.86 -36.46 -4.98
CA ARG B 18 10.56 -36.31 -6.24
C ARG B 18 11.95 -36.94 -6.27
N SER B 19 12.52 -37.12 -7.47
CA SER B 19 13.79 -37.86 -7.65
C SER B 19 15.10 -37.09 -7.29
N SER B 20 16.26 -37.66 -7.61
CA SER B 20 17.62 -37.42 -7.08
C SER B 20 18.14 -35.96 -7.01
N VAL B 21 18.89 -35.63 -5.94
CA VAL B 21 19.57 -34.34 -5.56
C VAL B 21 20.30 -34.55 -4.21
N LEU B 22 20.89 -33.54 -3.56
CA LEU B 22 21.15 -33.49 -2.10
C LEU B 22 20.26 -32.41 -1.43
N HIS B 23 18.96 -32.63 -1.28
CA HIS B 23 18.00 -31.58 -0.87
C HIS B 23 18.12 -31.17 0.60
N SER B 24 17.91 -29.90 0.90
CA SER B 24 17.79 -29.36 2.26
C SER B 24 16.36 -28.92 2.53
N THR B 25 15.79 -29.29 3.67
CA THR B 25 14.36 -29.07 3.97
C THR B 25 14.09 -28.80 5.44
N GLN B 26 12.97 -28.16 5.72
CA GLN B 26 12.54 -27.75 7.05
C GLN B 26 11.24 -28.49 7.38
N ASP B 27 11.24 -29.36 8.39
CA ASP B 27 10.07 -30.18 8.73
C ASP B 27 10.11 -30.73 10.15
N LEU B 28 8.98 -31.26 10.59
CA LEU B 28 8.82 -31.85 11.92
C LEU B 28 9.45 -33.24 11.98
N PHE B 29 10.78 -33.31 12.00
CA PHE B 29 11.55 -34.55 12.13
C PHE B 29 11.76 -34.97 13.58
N LEU B 30 12.04 -36.25 13.83
CA LEU B 30 12.59 -36.71 15.10
C LEU B 30 14.06 -36.27 15.17
N PRO B 31 14.47 -35.38 16.08
CA PRO B 31 15.85 -34.95 16.16
C PRO B 31 16.80 -36.10 16.50
N PHE B 32 17.93 -36.16 15.82
CA PHE B 32 18.87 -37.27 15.94
C PHE B 32 19.47 -37.39 17.35
N PHE B 33 19.66 -38.63 17.80
CA PHE B 33 20.18 -38.98 19.11
C PHE B 33 19.39 -38.38 20.29
N SER B 34 18.13 -38.00 20.07
CA SER B 34 17.19 -37.67 21.13
C SER B 34 16.75 -38.93 21.88
N ASN B 35 16.30 -38.77 23.12
CA ASN B 35 15.80 -39.85 23.93
C ASN B 35 14.36 -40.21 23.54
N VAL B 36 14.18 -41.35 22.88
CA VAL B 36 12.85 -41.98 22.77
C VAL B 36 12.44 -42.57 24.10
N THR B 37 11.19 -42.41 24.48
CA THR B 37 10.61 -43.13 25.62
C THR B 37 10.47 -44.60 25.26
N TRP B 38 10.64 -45.50 26.22
CA TRP B 38 10.51 -46.94 26.01
C TRP B 38 9.44 -47.52 26.92
N PHE B 39 8.73 -48.54 26.42
CA PHE B 39 7.61 -49.19 27.10
C PHE B 39 7.60 -50.69 26.89
N HIS B 40 6.82 -51.39 27.72
CA HIS B 40 6.41 -52.78 27.50
C HIS B 40 4.96 -53.03 27.95
N ASN B 55 0.86 -49.88 26.92
CA ASN B 55 -0.17 -49.86 27.94
C ASN B 55 -0.71 -48.47 28.32
N PRO B 56 0.11 -47.46 28.66
CA PRO B 56 -0.38 -46.15 29.09
C PRO B 56 -0.90 -45.26 27.95
N VAL B 57 -1.77 -44.31 28.30
CA VAL B 57 -2.13 -43.18 27.43
C VAL B 57 -1.03 -42.13 27.48
N LEU B 58 -0.71 -41.50 26.34
CA LEU B 58 0.47 -40.63 26.17
C LEU B 58 0.11 -39.32 25.42
N PRO B 59 0.86 -38.23 25.59
CA PRO B 59 0.66 -37.00 24.82
C PRO B 59 1.15 -37.19 23.38
N PHE B 60 0.53 -36.51 22.41
CA PHE B 60 0.92 -36.51 21.00
C PHE B 60 1.83 -35.33 20.61
N ASN B 61 1.79 -34.24 21.39
CA ASN B 61 2.60 -33.03 21.15
C ASN B 61 2.44 -32.51 19.70
N ASP B 62 3.55 -32.19 19.02
CA ASP B 62 3.58 -31.77 17.61
C ASP B 62 3.41 -32.94 16.60
N GLY B 63 3.27 -34.17 17.07
CA GLY B 63 3.37 -35.37 16.25
C GLY B 63 4.42 -36.33 16.78
N VAL B 64 4.31 -37.58 16.38
CA VAL B 64 4.89 -38.73 17.07
C VAL B 64 5.68 -39.59 16.11
N TYR B 65 6.92 -39.91 16.44
CA TYR B 65 7.56 -41.12 15.93
C TYR B 65 7.11 -42.31 16.78
N PHE B 66 6.90 -43.46 16.18
CA PHE B 66 6.53 -44.67 16.91
C PHE B 66 7.20 -45.90 16.29
N ALA B 67 7.61 -46.87 17.10
CA ALA B 67 8.13 -48.14 16.59
C ALA B 67 7.85 -49.27 17.58
N SER B 68 7.75 -50.50 17.10
CA SER B 68 7.63 -51.66 17.98
C SER B 68 8.22 -52.92 17.34
N THR B 69 8.67 -53.83 18.18
CA THR B 69 9.14 -55.15 17.75
C THR B 69 7.94 -56.03 17.41
N GLU B 70 7.88 -56.55 16.18
CA GLU B 70 6.83 -57.46 15.73
C GLU B 70 7.22 -58.24 14.46
N LYS B 71 7.23 -59.58 14.55
CA LYS B 71 7.29 -60.51 13.41
C LYS B 71 5.92 -60.67 12.72
N SER B 72 4.85 -60.77 13.51
CA SER B 72 3.50 -61.19 13.08
C SER B 72 2.38 -60.20 13.43
N ASN B 73 2.67 -58.89 13.34
CA ASN B 73 1.72 -57.79 13.59
C ASN B 73 1.10 -57.84 15.00
N ILE B 74 1.96 -58.02 16.01
CA ILE B 74 1.59 -58.32 17.41
C ILE B 74 0.88 -57.13 18.07
N ILE B 75 1.37 -55.91 17.87
CA ILE B 75 0.72 -54.67 18.30
C ILE B 75 -0.50 -54.44 17.39
N ARG B 76 -1.71 -54.29 17.95
CA ARG B 76 -2.94 -54.26 17.14
C ARG B 76 -3.34 -52.88 16.68
N GLY B 77 -3.19 -51.85 17.50
CA GLY B 77 -3.80 -50.57 17.15
C GLY B 77 -3.42 -49.37 17.97
N TRP B 78 -4.01 -48.24 17.58
CA TRP B 78 -3.78 -46.90 18.11
C TRP B 78 -5.11 -46.15 18.22
N ILE B 79 -5.18 -45.21 19.15
CA ILE B 79 -6.27 -44.24 19.23
C ILE B 79 -5.63 -42.86 19.36
N PHE B 80 -6.12 -41.85 18.65
CA PHE B 80 -5.61 -40.48 18.71
C PHE B 80 -6.76 -39.48 18.90
N GLY B 81 -6.61 -38.51 19.80
CA GLY B 81 -7.64 -37.50 20.05
C GLY B 81 -7.34 -36.64 21.27
N THR B 82 -8.39 -36.21 21.98
CA THR B 82 -8.32 -35.50 23.27
C THR B 82 -8.87 -36.36 24.41
N THR B 83 -10.11 -36.82 24.31
CA THR B 83 -10.75 -37.72 25.29
C THR B 83 -10.16 -39.13 25.29
N LEU B 84 -9.85 -39.69 24.12
CA LEU B 84 -9.65 -41.14 23.89
C LEU B 84 -10.85 -41.99 24.39
N ASP B 85 -12.03 -41.38 24.38
CA ASP B 85 -13.29 -41.85 24.93
C ASP B 85 -14.44 -41.04 24.28
N SER B 86 -15.70 -41.30 24.60
CA SER B 86 -16.84 -40.68 23.95
C SER B 86 -17.06 -39.20 24.34
N LYS B 87 -18.10 -38.57 23.78
CA LYS B 87 -18.39 -37.14 23.86
C LYS B 87 -17.47 -36.20 23.05
N THR B 88 -16.56 -36.74 22.23
CA THR B 88 -16.00 -36.08 21.03
C THR B 88 -15.52 -37.16 20.05
N GLN B 89 -15.36 -36.82 18.77
CA GLN B 89 -14.79 -37.71 17.75
C GLN B 89 -13.29 -37.95 17.98
N SER B 90 -12.81 -39.17 17.74
CA SER B 90 -11.40 -39.55 17.88
C SER B 90 -10.99 -40.64 16.88
N LEU B 91 -9.79 -40.53 16.33
CA LEU B 91 -9.24 -41.44 15.35
C LEU B 91 -8.94 -42.80 15.99
N LEU B 92 -9.48 -43.88 15.44
CA LEU B 92 -9.12 -45.25 15.76
C LEU B 92 -8.40 -45.88 14.57
N ILE B 93 -7.26 -46.53 14.80
CA ILE B 93 -6.54 -47.30 13.78
C ILE B 93 -6.32 -48.71 14.29
N VAL B 94 -6.65 -49.70 13.47
CA VAL B 94 -6.31 -51.11 13.72
C VAL B 94 -5.53 -51.70 12.56
N ASN B 95 -4.35 -52.27 12.82
CA ASN B 95 -3.63 -53.14 11.90
C ASN B 95 -4.20 -54.57 12.01
N ASN B 96 -5.38 -54.75 11.44
CA ASN B 96 -6.20 -55.94 11.55
C ASN B 96 -5.70 -57.08 10.63
N ALA B 97 -6.26 -58.28 10.76
CA ALA B 97 -5.87 -59.45 9.98
C ALA B 97 -6.10 -59.26 8.47
N THR B 98 -7.23 -58.68 8.07
CA THR B 98 -7.51 -58.36 6.66
C THR B 98 -6.58 -57.30 6.10
N ASN B 99 -6.60 -56.10 6.68
CA ASN B 99 -5.86 -54.91 6.23
C ASN B 99 -5.92 -53.80 7.29
N VAL B 100 -5.15 -52.72 7.14
CA VAL B 100 -5.25 -51.54 8.00
C VAL B 100 -6.66 -50.94 7.90
N VAL B 101 -7.36 -50.79 9.03
CA VAL B 101 -8.73 -50.25 9.14
C VAL B 101 -8.70 -48.91 9.91
N ILE B 102 -9.44 -47.90 9.44
CA ILE B 102 -9.41 -46.55 10.03
C ILE B 102 -10.82 -46.00 10.21
N LYS B 103 -11.11 -45.42 11.38
CA LYS B 103 -12.43 -44.93 11.80
C LYS B 103 -12.29 -43.68 12.66
N VAL B 104 -13.33 -42.83 12.79
CA VAL B 104 -13.24 -41.52 13.48
C VAL B 104 -14.40 -41.21 14.44
N CYS B 105 -15.07 -42.24 14.94
CA CYS B 105 -16.23 -42.17 15.84
C CYS B 105 -15.93 -41.53 17.22
N GLU B 106 -16.98 -41.26 17.98
CA GLU B 106 -16.91 -40.94 19.41
C GLU B 106 -17.01 -42.21 20.28
N PHE B 107 -16.01 -43.09 20.17
CA PHE B 107 -15.98 -44.42 20.82
C PHE B 107 -16.06 -44.38 22.35
N GLN B 108 -16.85 -45.25 22.98
CA GLN B 108 -16.93 -45.39 24.43
C GLN B 108 -15.85 -46.32 25.05
N PHE B 109 -14.90 -46.81 24.25
CA PHE B 109 -13.95 -47.85 24.64
C PHE B 109 -12.71 -47.24 25.30
N CYS B 110 -12.79 -46.94 26.60
CA CYS B 110 -11.74 -46.29 27.38
C CYS B 110 -10.48 -47.13 27.62
N ASN B 111 -10.49 -48.45 27.34
CA ASN B 111 -9.34 -49.33 27.50
C ASN B 111 -9.21 -50.40 26.40
N ASP B 112 -10.34 -50.98 25.95
CA ASP B 112 -10.39 -51.92 24.83
C ASP B 112 -11.83 -52.17 24.34
N PRO B 113 -12.10 -52.22 23.01
CA PRO B 113 -13.40 -52.62 22.46
C PRO B 113 -13.66 -54.12 22.63
N PHE B 114 -12.61 -54.94 22.62
CA PHE B 114 -12.64 -56.38 22.90
C PHE B 114 -12.81 -56.67 24.39
N ASN B 138 -21.09 -43.93 17.25
CA ASN B 138 -21.57 -42.57 17.11
C ASN B 138 -20.60 -41.68 16.35
N ASN B 139 -21.11 -40.66 15.64
CA ASN B 139 -20.31 -39.63 14.96
C ASN B 139 -19.21 -40.19 14.02
N CYS B 140 -19.44 -41.32 13.37
CA CYS B 140 -18.45 -42.01 12.53
C CYS B 140 -18.29 -41.36 11.13
N THR B 141 -17.87 -40.09 11.08
CA THR B 141 -17.95 -39.26 9.85
C THR B 141 -17.00 -39.67 8.72
N PHE B 142 -16.07 -40.59 8.96
CA PHE B 142 -15.17 -41.19 7.96
C PHE B 142 -14.88 -42.65 8.32
N GLU B 143 -14.67 -43.48 7.31
CA GLU B 143 -14.12 -44.82 7.46
C GLU B 143 -13.26 -45.15 6.23
N TYR B 144 -12.22 -45.95 6.41
CA TYR B 144 -11.34 -46.44 5.35
C TYR B 144 -10.74 -47.81 5.67
N VAL B 145 -10.45 -48.60 4.64
CA VAL B 145 -9.60 -49.80 4.72
C VAL B 145 -8.54 -49.73 3.64
N SER B 146 -7.28 -50.04 3.97
CA SER B 146 -6.19 -50.13 3.01
C SER B 146 -6.28 -51.35 2.11
N PHE B 160 9.05 -60.45 16.96
CA PHE B 160 10.09 -59.51 17.38
C PHE B 160 11.40 -59.62 16.57
N LYS B 161 11.49 -60.54 15.59
CA LYS B 161 12.57 -60.59 14.59
C LYS B 161 12.56 -59.43 13.59
N ASN B 162 11.44 -58.70 13.54
CA ASN B 162 11.26 -57.49 12.75
C ASN B 162 10.80 -56.33 13.63
N LEU B 163 11.05 -55.12 13.16
CA LEU B 163 10.57 -53.86 13.72
C LEU B 163 9.56 -53.26 12.74
N ARG B 164 8.34 -52.95 13.20
CA ARG B 164 7.45 -52.06 12.46
C ARG B 164 7.60 -50.65 13.02
N GLU B 165 7.67 -49.67 12.13
CA GLU B 165 8.14 -48.33 12.42
C GLU B 165 7.28 -47.29 11.70
N PHE B 166 7.03 -46.14 12.32
CA PHE B 166 6.02 -45.17 11.90
C PHE B 166 6.40 -43.75 12.24
N VAL B 167 5.81 -42.81 11.52
CA VAL B 167 5.62 -41.43 11.96
C VAL B 167 4.17 -41.06 11.74
N PHE B 168 3.56 -40.48 12.76
CA PHE B 168 2.20 -39.98 12.77
C PHE B 168 2.22 -38.47 12.93
N LYS B 169 1.55 -37.72 12.05
CA LYS B 169 1.67 -36.25 11.99
C LYS B 169 0.33 -35.63 11.63
N ASN B 170 -0.07 -34.52 12.25
CA ASN B 170 -1.37 -33.89 11.99
C ASN B 170 -1.27 -32.70 11.04
N TYR B 174 -5.10 -34.27 5.10
CA TYR B 174 -4.31 -33.38 5.93
C TYR B 174 -3.39 -34.13 6.90
N PHE B 175 -3.95 -35.04 7.70
CA PHE B 175 -3.20 -35.91 8.61
C PHE B 175 -2.38 -36.92 7.81
N LYS B 176 -1.15 -37.22 8.24
CA LYS B 176 -0.21 -38.09 7.51
C LYS B 176 0.26 -39.26 8.35
N ILE B 177 0.47 -40.39 7.68
CA ILE B 177 1.27 -41.50 8.21
C ILE B 177 2.40 -41.82 7.25
N TYR B 178 3.56 -42.06 7.80
CA TYR B 178 4.69 -42.67 7.12
C TYR B 178 5.09 -43.93 7.88
N SER B 179 5.71 -44.91 7.24
CA SER B 179 6.06 -46.16 7.90
C SER B 179 7.19 -46.91 7.21
N LYS B 180 7.71 -47.92 7.89
CA LYS B 180 8.68 -48.90 7.38
C LYS B 180 8.52 -50.22 8.13
N HIS B 181 8.91 -51.31 7.50
CA HIS B 181 9.09 -52.62 8.12
C HIS B 181 10.54 -53.07 7.89
N THR B 182 11.25 -53.54 8.91
CA THR B 182 12.62 -54.04 8.75
C THR B 182 12.96 -55.19 9.67
N PRO B 183 13.80 -56.15 9.25
CA PRO B 183 14.40 -57.11 10.17
C PRO B 183 15.38 -56.42 11.13
N ILE B 184 15.51 -56.97 12.34
CA ILE B 184 16.40 -56.48 13.41
C ILE B 184 17.08 -57.67 14.11
N ASN B 185 18.16 -57.39 14.84
CA ASN B 185 18.99 -58.41 15.47
C ASN B 185 19.31 -58.07 16.95
N ASP B 189 16.82 -52.01 21.99
CA ASP B 189 17.07 -52.79 20.78
C ASP B 189 16.84 -52.03 19.47
N LEU B 190 16.48 -50.74 19.52
CA LEU B 190 16.27 -49.84 18.37
C LEU B 190 17.60 -49.61 17.61
N PRO B 191 17.81 -50.19 16.41
CA PRO B 191 19.16 -50.36 15.86
C PRO B 191 19.82 -49.09 15.35
N GLN B 192 21.16 -49.12 15.32
CA GLN B 192 21.98 -48.09 14.69
C GLN B 192 21.93 -48.09 13.15
N GLY B 193 21.40 -49.15 12.53
CA GLY B 193 21.21 -49.19 11.07
C GLY B 193 20.15 -48.20 10.58
N PHE B 194 20.46 -47.41 9.56
CA PHE B 194 19.57 -46.38 9.04
C PHE B 194 18.64 -46.90 7.92
N SER B 195 17.40 -46.43 7.92
CA SER B 195 16.53 -46.40 6.73
C SER B 195 15.47 -45.30 6.90
N ALA B 196 14.92 -44.80 5.80
CA ALA B 196 13.86 -43.81 5.79
C ALA B 196 12.48 -44.43 5.61
N LEU B 197 11.46 -43.82 6.21
CA LEU B 197 10.07 -44.26 6.18
C LEU B 197 9.36 -43.75 4.91
N GLU B 198 8.81 -44.65 4.10
CA GLU B 198 7.90 -44.35 2.99
C GLU B 198 6.56 -43.79 3.49
N PRO B 199 5.73 -43.13 2.65
CA PRO B 199 4.39 -42.72 3.04
C PRO B 199 3.45 -43.92 3.17
N LEU B 200 2.25 -43.67 3.66
CA LEU B 200 1.19 -44.67 3.76
C LEU B 200 -0.17 -44.09 3.41
N VAL B 201 -0.61 -43.01 4.06
CA VAL B 201 -1.87 -42.32 3.76
C VAL B 201 -1.79 -40.84 4.07
N ASP B 202 -2.61 -40.07 3.36
CA ASP B 202 -3.07 -38.74 3.73
C ASP B 202 -4.57 -38.81 4.04
N LEU B 203 -5.02 -38.18 5.12
CA LEU B 203 -6.43 -38.25 5.56
C LEU B 203 -6.98 -36.86 5.92
N PRO B 204 -8.03 -36.37 5.24
CA PRO B 204 -8.52 -34.99 5.33
C PRO B 204 -9.41 -34.73 6.57
N ILE B 205 -9.27 -35.54 7.62
CA ILE B 205 -10.29 -35.70 8.66
C ILE B 205 -10.23 -34.65 9.77
N GLY B 206 -9.14 -33.91 9.92
CA GLY B 206 -9.08 -32.69 10.75
C GLY B 206 -9.38 -32.86 12.25
N ILE B 207 -9.10 -34.02 12.84
CA ILE B 207 -9.40 -34.31 14.26
C ILE B 207 -8.53 -33.45 15.19
N ASN B 208 -9.06 -33.00 16.33
CA ASN B 208 -8.26 -32.49 17.44
C ASN B 208 -7.49 -33.64 18.09
N ILE B 209 -6.19 -33.73 17.83
CA ILE B 209 -5.31 -34.70 18.49
C ILE B 209 -4.37 -33.95 19.43
N THR B 210 -4.37 -34.36 20.71
CA THR B 210 -3.42 -33.92 21.75
C THR B 210 -2.79 -35.11 22.47
N ARG B 211 -3.41 -36.29 22.38
CA ARG B 211 -3.02 -37.54 23.06
C ARG B 211 -3.22 -38.72 22.14
N PHE B 212 -2.54 -39.82 22.48
CA PHE B 212 -2.74 -41.11 21.83
C PHE B 212 -2.56 -42.29 22.81
N GLN B 213 -3.02 -43.47 22.41
CA GLN B 213 -2.92 -44.72 23.15
C GLN B 213 -2.63 -45.91 22.23
N THR B 214 -2.22 -47.05 22.78
CA THR B 214 -1.86 -48.27 22.03
C THR B 214 -2.65 -49.49 22.50
N LEU B 215 -2.98 -50.40 21.57
CA LEU B 215 -3.94 -51.48 21.73
C LEU B 215 -3.31 -52.86 21.44
N LEU B 216 -3.61 -53.88 22.26
CA LEU B 216 -3.29 -55.28 22.01
C LEU B 216 -4.42 -56.22 22.48
N ALA B 237 4.05 -56.10 24.59
CA ALA B 237 5.24 -56.15 23.76
C ALA B 237 6.10 -54.89 23.93
N ALA B 238 7.37 -54.95 23.54
CA ALA B 238 8.25 -53.77 23.60
C ALA B 238 7.89 -52.74 22.52
N TYR B 239 7.75 -51.47 22.91
CA TYR B 239 7.58 -50.37 21.96
C TYR B 239 8.23 -49.06 22.41
N TYR B 240 8.44 -48.14 21.46
CA TYR B 240 9.15 -46.89 21.62
C TYR B 240 8.28 -45.73 21.16
N VAL B 241 8.42 -44.57 21.78
CA VAL B 241 7.77 -43.33 21.38
C VAL B 241 8.80 -42.21 21.30
N GLY B 242 8.77 -41.40 20.26
CA GLY B 242 9.57 -40.17 20.17
C GLY B 242 8.72 -39.00 19.69
N TYR B 243 9.21 -37.79 19.85
CA TYR B 243 8.47 -36.60 19.47
C TYR B 243 9.19 -35.77 18.43
N LEU B 244 8.42 -35.21 17.51
CA LEU B 244 8.93 -34.47 16.38
C LEU B 244 9.19 -33.01 16.74
N GLN B 245 10.19 -32.39 16.13
CA GLN B 245 10.58 -31.01 16.34
C GLN B 245 10.78 -30.32 14.99
N PRO B 246 10.43 -29.03 14.83
CA PRO B 246 10.79 -28.29 13.64
C PRO B 246 12.31 -28.21 13.54
N ARG B 247 12.83 -28.80 12.47
CA ARG B 247 14.24 -29.05 12.29
C ARG B 247 14.61 -28.84 10.83
N THR B 248 15.82 -28.38 10.57
CA THR B 248 16.36 -28.38 9.22
C THR B 248 17.14 -29.66 9.01
N PHE B 249 16.93 -30.33 7.89
CA PHE B 249 17.61 -31.56 7.51
C PHE B 249 18.23 -31.42 6.13
N LEU B 250 19.39 -32.01 5.93
CA LEU B 250 19.96 -32.27 4.61
C LEU B 250 19.81 -33.77 4.31
N LEU B 251 19.34 -34.13 3.12
CA LEU B 251 19.04 -35.51 2.73
C LEU B 251 19.83 -35.90 1.49
N LYS B 252 20.32 -37.14 1.42
CA LYS B 252 21.02 -37.70 0.27
C LYS B 252 20.15 -38.70 -0.47
N TYR B 253 20.12 -38.62 -1.79
CA TYR B 253 19.28 -39.47 -2.63
C TYR B 253 20.07 -40.37 -3.58
N ASN B 254 19.64 -41.63 -3.63
CA ASN B 254 20.02 -42.58 -4.65
C ASN B 254 19.44 -42.18 -6.03
N GLU B 255 19.93 -42.80 -7.10
CA GLU B 255 19.41 -42.70 -8.47
C GLU B 255 17.95 -43.16 -8.62
N ASN B 256 17.44 -43.91 -7.65
CA ASN B 256 16.01 -44.27 -7.54
C ASN B 256 15.16 -43.12 -6.99
N GLY B 257 15.75 -42.07 -6.42
CA GLY B 257 15.03 -41.12 -5.58
C GLY B 257 14.80 -41.61 -4.15
N THR B 258 15.49 -42.67 -3.71
CA THR B 258 15.47 -43.19 -2.32
C THR B 258 16.36 -42.37 -1.39
N ILE B 259 15.90 -42.02 -0.19
CA ILE B 259 16.76 -41.39 0.83
C ILE B 259 17.77 -42.41 1.36
N THR B 260 19.04 -42.27 1.02
CA THR B 260 20.11 -43.16 1.53
C THR B 260 20.70 -42.70 2.85
N ASP B 261 20.72 -41.39 3.13
CA ASP B 261 21.31 -40.85 4.35
C ASP B 261 20.79 -39.45 4.65
N ALA B 262 20.96 -38.96 5.87
CA ALA B 262 20.41 -37.69 6.32
C ALA B 262 21.29 -37.02 7.38
N VAL B 263 21.18 -35.70 7.52
CA VAL B 263 21.85 -34.90 8.55
C VAL B 263 20.84 -33.99 9.21
N ASP B 264 20.73 -34.04 10.53
CA ASP B 264 20.01 -33.04 11.31
C ASP B 264 20.93 -31.83 11.53
N CYS B 265 20.64 -30.67 10.92
CA CYS B 265 21.57 -29.54 10.94
C CYS B 265 21.84 -29.02 12.36
N ALA B 266 20.82 -29.00 13.23
CA ALA B 266 20.94 -28.40 14.55
C ALA B 266 21.64 -29.30 15.57
N LEU B 267 21.92 -30.57 15.23
CA LEU B 267 22.47 -31.59 16.12
C LEU B 267 23.76 -31.12 16.77
N ASP B 268 24.78 -30.82 15.97
CA ASP B 268 26.10 -30.42 16.45
C ASP B 268 26.82 -29.55 15.40
N PRO B 269 27.96 -28.93 15.75
CA PRO B 269 28.64 -28.01 14.84
C PRO B 269 29.12 -28.64 13.54
N LEU B 270 29.51 -29.93 13.54
CA LEU B 270 29.80 -30.60 12.28
C LEU B 270 28.55 -30.70 11.42
N SER B 271 27.43 -31.10 12.02
CA SER B 271 26.16 -31.25 11.31
C SER B 271 25.67 -29.91 10.76
N GLU B 272 25.80 -28.83 11.53
CA GLU B 272 25.49 -27.51 11.04
C GLU B 272 26.45 -27.03 9.95
N THR B 273 27.72 -27.42 10.03
CA THR B 273 28.68 -27.13 8.96
C THR B 273 28.26 -27.79 7.67
N LYS B 274 27.99 -29.10 7.69
CA LYS B 274 27.71 -29.82 6.46
C LYS B 274 26.33 -29.51 5.86
N CYS B 275 25.36 -29.03 6.65
CA CYS B 275 24.22 -28.29 6.11
C CYS B 275 24.60 -26.97 5.46
N THR B 276 25.46 -26.16 6.08
CA THR B 276 25.87 -24.85 5.51
C THR B 276 26.54 -25.02 4.15
N LEU B 277 27.34 -26.07 3.99
CA LEU B 277 28.01 -26.42 2.73
C LEU B 277 27.14 -27.26 1.80
N LYS B 278 25.91 -27.62 2.17
CA LYS B 278 25.00 -28.45 1.37
C LYS B 278 25.68 -29.73 0.90
N SER B 279 26.35 -30.44 1.81
CA SER B 279 27.19 -31.60 1.51
C SER B 279 27.16 -32.65 2.62
N PHE B 280 27.53 -33.88 2.31
CA PHE B 280 27.82 -34.94 3.31
C PHE B 280 29.32 -35.14 3.57
N THR B 281 30.19 -34.44 2.85
CA THR B 281 31.65 -34.45 3.04
C THR B 281 32.19 -33.04 3.01
N VAL B 282 33.09 -32.70 3.94
CA VAL B 282 33.67 -31.36 4.09
C VAL B 282 35.18 -31.47 4.13
N GLU B 283 35.88 -30.71 3.28
CA GLU B 283 37.34 -30.66 3.27
C GLU B 283 37.91 -29.85 4.43
N LYS B 284 39.18 -30.07 4.79
CA LYS B 284 39.86 -29.36 5.88
C LYS B 284 39.72 -27.85 5.70
N GLY B 285 39.28 -27.13 6.72
CA GLY B 285 39.08 -25.69 6.61
C GLY B 285 38.37 -25.04 7.80
N ILE B 286 37.88 -23.84 7.57
CA ILE B 286 37.08 -23.07 8.53
C ILE B 286 35.82 -22.54 7.83
N TYR B 287 34.66 -22.67 8.44
CA TYR B 287 33.38 -22.42 7.77
C TYR B 287 32.41 -21.59 8.59
N GLN B 288 31.85 -20.53 8.03
CA GLN B 288 31.02 -19.58 8.76
C GLN B 288 29.59 -20.09 8.92
N THR B 289 29.34 -20.93 9.92
CA THR B 289 28.07 -21.66 10.00
C THR B 289 26.87 -20.83 10.44
N SER B 290 27.04 -19.89 11.37
CA SER B 290 25.93 -19.14 11.96
C SER B 290 26.42 -17.86 12.64
N ASN B 291 25.54 -16.92 12.97
CA ASN B 291 25.86 -15.76 13.79
C ASN B 291 25.33 -15.96 15.21
N PHE B 292 26.22 -16.00 16.19
CA PHE B 292 25.86 -16.01 17.61
C PHE B 292 25.59 -14.58 18.07
N ARG B 293 24.60 -14.38 18.94
CA ARG B 293 24.26 -13.09 19.54
C ARG B 293 23.79 -13.29 20.96
N VAL B 294 24.30 -12.57 21.93
CA VAL B 294 23.77 -12.60 23.29
C VAL B 294 22.43 -11.86 23.31
N GLN B 295 21.36 -12.53 23.69
CA GLN B 295 20.05 -11.89 23.89
C GLN B 295 19.97 -11.25 25.29
N PRO B 296 19.24 -10.15 25.48
CA PRO B 296 19.14 -9.46 26.77
C PRO B 296 18.48 -10.29 27.85
N THR B 297 19.00 -10.23 29.08
CA THR B 297 18.53 -11.02 30.22
C THR B 297 17.29 -10.41 30.87
N GLU B 298 17.24 -9.09 31.05
CA GLU B 298 16.10 -8.36 31.65
C GLU B 298 16.02 -6.91 31.18
N SER B 299 14.94 -6.23 31.56
CA SER B 299 14.75 -4.79 31.36
C SER B 299 15.06 -3.99 32.63
N ILE B 300 15.85 -2.93 32.50
CA ILE B 300 16.11 -1.90 33.50
C ILE B 300 15.39 -0.62 33.10
N VAL B 301 14.69 0.03 34.03
CA VAL B 301 14.04 1.32 33.82
C VAL B 301 14.51 2.34 34.85
N ARG B 302 14.90 3.54 34.43
CA ARG B 302 15.28 4.63 35.32
C ARG B 302 14.65 5.96 34.88
N PHE B 303 14.10 6.69 35.83
CA PHE B 303 13.42 7.97 35.62
C PHE B 303 13.94 9.01 36.63
N PRO B 304 13.54 10.28 36.56
CA PRO B 304 13.99 11.31 37.48
C PRO B 304 13.71 10.97 38.94
N ASN B 305 14.49 11.52 39.85
CA ASN B 305 14.38 11.32 41.30
C ASN B 305 13.04 11.87 41.83
N ILE B 306 12.08 10.98 42.14
CA ILE B 306 10.65 11.32 42.26
C ILE B 306 10.39 12.41 43.31
N THR B 307 9.82 13.53 42.84
CA THR B 307 9.57 14.74 43.60
C THR B 307 8.55 15.63 42.88
N ASN B 308 8.02 16.64 43.57
CA ASN B 308 6.91 17.47 43.09
C ASN B 308 5.68 16.63 42.74
N LEU B 309 5.21 15.86 43.73
CA LEU B 309 3.95 15.12 43.67
C LEU B 309 2.75 16.07 43.76
N CYS B 310 1.64 15.69 43.13
CA CYS B 310 0.40 16.46 43.19
C CYS B 310 -0.13 16.53 44.64
N PRO B 311 -0.53 17.72 45.12
CA PRO B 311 -0.99 17.92 46.50
C PRO B 311 -2.46 17.53 46.72
N PHE B 312 -2.84 16.31 46.34
CA PHE B 312 -4.23 15.83 46.45
C PHE B 312 -4.78 15.90 47.89
N GLY B 313 -3.92 15.83 48.91
CA GLY B 313 -4.34 16.00 50.31
C GLY B 313 -4.96 17.37 50.59
N GLU B 314 -4.49 18.43 49.91
CA GLU B 314 -5.10 19.74 50.01
C GLU B 314 -6.52 19.81 49.41
N VAL B 315 -6.90 18.87 48.55
CA VAL B 315 -8.24 18.81 47.93
C VAL B 315 -9.20 17.95 48.75
N PHE B 316 -8.80 16.73 49.09
CA PHE B 316 -9.63 15.82 49.90
C PHE B 316 -9.67 16.18 51.39
N ASN B 317 -8.59 16.74 51.94
CA ASN B 317 -8.43 17.06 53.35
C ASN B 317 -8.37 18.58 53.58
N ALA B 318 -9.17 19.35 52.84
CA ALA B 318 -9.49 20.74 53.17
C ALA B 318 -10.37 20.80 54.42
N THR B 319 -10.40 21.95 55.11
CA THR B 319 -11.19 22.14 56.31
C THR B 319 -12.71 22.14 56.06
N ARG B 320 -13.17 22.62 54.90
CA ARG B 320 -14.58 22.64 54.53
C ARG B 320 -14.81 22.36 53.03
N PHE B 321 -15.91 21.68 52.71
CA PHE B 321 -16.38 21.48 51.34
C PHE B 321 -17.28 22.62 50.85
N ALA B 322 -17.25 22.92 49.56
CA ALA B 322 -18.16 23.88 48.94
C ALA B 322 -19.61 23.36 48.87
N SER B 323 -20.58 24.24 49.07
CA SER B 323 -22.01 23.94 48.91
C SER B 323 -22.38 23.71 47.43
N VAL B 324 -23.53 23.09 47.17
CA VAL B 324 -23.97 22.74 45.81
C VAL B 324 -24.07 23.97 44.89
N TYR B 325 -24.69 25.05 45.36
CA TYR B 325 -24.78 26.32 44.66
C TYR B 325 -23.44 27.09 44.54
N ALA B 326 -22.32 26.48 44.95
CA ALA B 326 -21.00 27.12 45.04
C ALA B 326 -19.84 26.19 44.65
N TRP B 327 -20.08 25.07 43.97
CA TRP B 327 -19.10 24.01 43.67
C TRP B 327 -17.78 24.57 43.14
N ASN B 328 -16.68 24.33 43.87
CA ASN B 328 -15.42 25.07 43.73
C ASN B 328 -14.33 24.26 43.02
N ARG B 329 -13.70 24.83 42.00
CA ARG B 329 -12.53 24.28 41.34
C ARG B 329 -11.24 24.46 42.17
N LYS B 330 -10.24 23.63 41.89
CA LYS B 330 -8.93 23.66 42.56
C LYS B 330 -7.85 22.97 41.72
N ARG B 331 -7.81 23.28 40.41
CA ARG B 331 -6.95 22.58 39.46
C ARG B 331 -5.44 22.74 39.72
N ILE B 332 -4.65 21.75 39.28
CA ILE B 332 -3.20 21.65 39.48
C ILE B 332 -2.46 21.19 38.21
N SER B 333 -1.15 21.43 38.15
CA SER B 333 -0.30 21.13 37.00
C SER B 333 1.20 21.09 37.34
N ASN B 334 2.03 20.65 36.40
CA ASN B 334 3.49 20.51 36.56
C ASN B 334 3.92 19.56 37.69
N CYS B 335 3.19 18.46 37.91
CA CYS B 335 3.43 17.53 39.02
C CYS B 335 3.06 16.07 38.71
N VAL B 336 3.67 15.13 39.42
CA VAL B 336 3.34 13.71 39.30
C VAL B 336 1.98 13.42 39.98
N ALA B 337 0.99 12.95 39.22
CA ALA B 337 -0.36 12.71 39.72
C ALA B 337 -0.49 11.30 40.32
N ASP B 338 -0.40 11.19 41.64
CA ASP B 338 -0.42 9.92 42.39
C ASP B 338 -1.76 9.17 42.40
N TYR B 339 -2.56 9.24 41.34
CA TYR B 339 -3.89 8.65 41.24
C TYR B 339 -3.93 7.15 41.56
N SER B 340 -2.84 6.40 41.36
CA SER B 340 -2.70 5.00 41.77
C SER B 340 -3.02 4.77 43.26
N VAL B 341 -2.56 5.67 44.14
CA VAL B 341 -2.89 5.62 45.56
C VAL B 341 -4.36 5.93 45.86
N LEU B 342 -4.97 6.84 45.10
CA LEU B 342 -6.38 7.19 45.24
C LEU B 342 -7.32 6.09 44.74
N TYR B 343 -6.95 5.39 43.66
CA TYR B 343 -7.68 4.21 43.19
C TYR B 343 -7.52 3.03 44.16
N ASN B 344 -6.31 2.78 44.66
CA ASN B 344 -6.04 1.82 45.73
C ASN B 344 -6.59 2.21 47.11
N SER B 345 -7.25 3.36 47.26
CA SER B 345 -7.75 3.83 48.54
C SER B 345 -8.87 2.95 49.10
N ALA B 346 -8.82 2.67 50.40
CA ALA B 346 -9.82 1.87 51.09
C ALA B 346 -11.08 2.68 51.48
N SER B 347 -10.95 3.98 51.73
CA SER B 347 -12.07 4.84 52.18
C SER B 347 -13.02 5.30 51.07
N PHE B 348 -12.68 5.13 49.79
CA PHE B 348 -13.48 5.59 48.65
C PHE B 348 -14.79 4.80 48.48
N SER B 349 -15.91 5.43 48.85
CA SER B 349 -17.27 4.92 48.61
C SER B 349 -17.66 4.94 47.12
N THR B 350 -16.92 5.69 46.31
CA THR B 350 -16.93 5.65 44.85
C THR B 350 -15.58 6.11 44.30
N PHE B 351 -15.27 5.74 43.06
CA PHE B 351 -14.13 6.23 42.28
C PHE B 351 -14.37 6.10 40.77
N LYS B 352 -15.63 6.21 40.34
CA LYS B 352 -16.06 5.91 38.99
C LYS B 352 -15.52 6.88 37.93
N CYS B 353 -15.16 6.32 36.78
CA CYS B 353 -14.56 7.02 35.65
C CYS B 353 -15.55 7.13 34.49
N TYR B 354 -15.83 8.34 34.00
CA TYR B 354 -16.41 8.54 32.67
C TYR B 354 -15.33 8.49 31.59
N GLY B 355 -14.12 8.96 31.91
CA GLY B 355 -12.90 8.65 31.16
C GLY B 355 -12.38 7.24 31.41
N VAL B 356 -11.10 7.00 31.11
CA VAL B 356 -10.46 5.70 31.28
C VAL B 356 -10.46 5.20 32.73
N SER B 357 -10.51 3.89 32.93
CA SER B 357 -10.51 3.25 34.25
C SER B 357 -9.23 3.52 35.07
N PRO B 358 -9.27 3.31 36.41
CA PRO B 358 -8.17 3.65 37.30
C PRO B 358 -6.86 2.95 36.96
N THR B 359 -6.89 1.72 36.43
CA THR B 359 -5.69 1.01 35.99
C THR B 359 -4.94 1.73 34.86
N LYS B 360 -5.67 2.39 33.96
CA LYS B 360 -5.10 3.33 33.01
C LYS B 360 -4.71 4.67 33.66
N LEU B 361 -5.59 5.24 34.49
CA LEU B 361 -5.38 6.52 35.15
C LEU B 361 -4.16 6.56 36.08
N ASN B 362 -3.71 5.43 36.62
CA ASN B 362 -2.47 5.33 37.39
C ASN B 362 -1.21 5.66 36.57
N ASP B 363 -1.28 5.57 35.24
CA ASP B 363 -0.16 5.76 34.33
C ASP B 363 -0.47 6.67 33.14
N LEU B 364 -1.67 7.28 33.13
CA LEU B 364 -2.12 8.20 32.08
C LEU B 364 -1.47 9.60 32.16
N CYS B 365 -1.74 10.42 31.14
CA CYS B 365 -1.25 11.80 30.98
C CYS B 365 -2.41 12.80 30.85
N PHE B 366 -2.24 14.03 31.31
CA PHE B 366 -3.18 15.13 31.09
C PHE B 366 -2.48 16.48 30.95
N THR B 367 -3.06 17.40 30.18
CA THR B 367 -2.56 18.78 30.06
C THR B 367 -2.67 19.58 31.36
N ASN B 368 -3.62 19.22 32.24
CA ASN B 368 -3.63 19.58 33.65
C ASN B 368 -4.57 18.66 34.45
N VAL B 369 -4.41 18.62 35.78
CA VAL B 369 -5.34 17.97 36.69
C VAL B 369 -6.46 18.94 37.07
N TYR B 370 -7.50 19.03 36.24
CA TYR B 370 -8.61 19.97 36.40
C TYR B 370 -9.67 19.47 37.41
N ALA B 371 -9.28 19.45 38.69
CA ALA B 371 -10.07 19.01 39.83
C ALA B 371 -10.99 20.09 40.45
N ASP B 372 -12.00 19.64 41.21
CA ASP B 372 -12.98 20.43 41.95
C ASP B 372 -13.61 19.63 43.10
N SER B 373 -14.34 20.26 44.01
CA SER B 373 -14.98 19.59 45.15
C SER B 373 -16.34 20.19 45.56
N PHE B 374 -17.17 19.37 46.21
CA PHE B 374 -18.51 19.74 46.69
C PHE B 374 -19.05 18.73 47.72
N VAL B 375 -20.08 19.11 48.47
CA VAL B 375 -20.86 18.24 49.35
C VAL B 375 -22.30 18.07 48.86
N ILE B 376 -22.89 16.89 49.10
CA ILE B 376 -24.23 16.53 48.62
C ILE B 376 -24.94 15.51 49.51
N ARG B 377 -26.27 15.41 49.40
CA ARG B 377 -27.03 14.30 49.97
C ARG B 377 -26.62 12.96 49.34
N GLY B 378 -26.64 11.89 50.12
CA GLY B 378 -26.14 10.58 49.68
C GLY B 378 -26.88 10.01 48.47
N ASP B 379 -28.21 10.05 48.49
CA ASP B 379 -29.03 9.66 47.34
C ASP B 379 -28.89 10.61 46.14
N GLU B 380 -28.70 11.91 46.40
CA GLU B 380 -28.38 12.91 45.38
C GLU B 380 -27.03 12.70 44.69
N VAL B 381 -26.10 11.95 45.29
CA VAL B 381 -24.83 11.59 44.69
C VAL B 381 -24.96 10.84 43.35
N ARG B 382 -26.07 10.15 43.10
CA ARG B 382 -26.37 9.53 41.81
C ARG B 382 -26.70 10.53 40.70
N GLN B 383 -27.35 11.66 41.03
CA GLN B 383 -27.64 12.73 40.08
C GLN B 383 -26.39 13.50 39.62
N ILE B 384 -25.26 13.36 40.31
CA ILE B 384 -23.99 14.03 39.97
C ILE B 384 -23.26 13.47 38.74
N ALA B 385 -23.83 12.51 38.01
CA ALA B 385 -23.17 11.88 36.86
C ALA B 385 -22.96 12.85 35.68
N PRO B 386 -21.85 12.73 34.93
CA PRO B 386 -21.68 13.48 33.67
C PRO B 386 -22.78 13.10 32.66
N GLY B 387 -23.45 14.09 32.07
CA GLY B 387 -24.57 13.84 31.16
C GLY B 387 -25.85 13.31 31.81
N GLN B 388 -25.97 13.39 33.14
CA GLN B 388 -27.19 13.06 33.88
C GLN B 388 -28.27 14.17 33.79
N THR B 389 -29.24 14.14 34.69
CA THR B 389 -30.22 15.21 34.92
C THR B 389 -30.61 15.27 36.40
N GLY B 390 -31.16 16.42 36.83
CA GLY B 390 -31.53 16.67 38.22
C GLY B 390 -31.07 18.04 38.68
N LYS B 391 -31.90 18.73 39.45
CA LYS B 391 -31.61 20.10 39.89
C LYS B 391 -30.31 20.20 40.69
N ILE B 392 -30.01 19.18 41.50
CA ILE B 392 -28.76 19.04 42.27
C ILE B 392 -27.50 19.23 41.41
N ALA B 393 -27.50 18.74 40.16
CA ALA B 393 -26.46 19.05 39.19
C ALA B 393 -26.79 20.32 38.37
N ASP B 394 -27.97 20.38 37.75
CA ASP B 394 -28.37 21.35 36.72
C ASP B 394 -28.43 22.81 37.17
N TYR B 395 -28.45 23.05 38.48
CA TYR B 395 -28.42 24.37 39.11
C TYR B 395 -27.29 24.50 40.15
N ASN B 396 -26.14 23.83 39.91
CA ASN B 396 -25.06 23.75 40.89
C ASN B 396 -23.67 23.46 40.30
N TYR B 397 -23.52 22.39 39.53
CA TYR B 397 -22.22 21.86 39.12
C TYR B 397 -22.25 20.94 37.88
N LYS B 398 -23.35 20.92 37.12
CA LYS B 398 -23.56 19.98 36.04
C LYS B 398 -22.48 20.04 34.97
N LEU B 399 -22.16 18.90 34.37
CA LEU B 399 -21.00 18.71 33.52
C LEU B 399 -21.32 17.90 32.27
N PRO B 400 -20.49 18.01 31.21
CA PRO B 400 -20.75 17.34 29.94
C PRO B 400 -20.73 15.83 30.07
N ASP B 401 -21.57 15.14 29.29
CA ASP B 401 -21.48 13.70 29.08
C ASP B 401 -20.16 13.28 28.42
N ASP B 402 -19.59 14.16 27.58
CA ASP B 402 -18.28 14.01 26.96
C ASP B 402 -17.09 14.32 27.87
N PHE B 403 -17.31 14.75 29.13
CA PHE B 403 -16.24 15.04 30.08
C PHE B 403 -15.54 13.76 30.55
N THR B 404 -14.32 13.53 30.09
CA THR B 404 -13.50 12.35 30.36
C THR B 404 -12.91 12.32 31.78
N GLY B 405 -13.66 12.82 32.77
CA GLY B 405 -13.26 12.89 34.16
C GLY B 405 -13.68 11.69 35.00
N CYS B 406 -13.36 11.76 36.28
CA CYS B 406 -13.65 10.74 37.28
C CYS B 406 -14.14 11.41 38.56
N VAL B 407 -15.00 10.73 39.32
CA VAL B 407 -15.62 11.24 40.54
C VAL B 407 -15.51 10.26 41.70
N ILE B 408 -15.40 10.78 42.92
CA ILE B 408 -15.26 9.99 44.14
C ILE B 408 -15.85 10.67 45.37
N ALA B 409 -16.18 9.91 46.42
CA ALA B 409 -16.71 10.43 47.68
C ALA B 409 -16.43 9.51 48.88
N TRP B 410 -16.66 10.05 50.07
CA TRP B 410 -16.78 9.34 51.34
C TRP B 410 -17.90 9.98 52.18
N ASN B 411 -18.36 9.31 53.24
CA ASN B 411 -19.44 9.82 54.09
C ASN B 411 -19.07 11.11 54.83
N SER B 412 -19.82 12.17 54.59
CA SER B 412 -19.69 13.44 55.30
C SER B 412 -20.32 13.39 56.70
N ASN B 413 -21.28 12.50 56.96
CA ASN B 413 -21.94 12.38 58.25
C ASN B 413 -20.98 12.11 59.42
N ASN B 414 -19.86 11.43 59.15
CA ASN B 414 -18.81 11.17 60.14
C ASN B 414 -18.06 12.40 60.67
N LEU B 415 -18.06 13.54 59.95
CA LEU B 415 -17.29 14.72 60.36
C LEU B 415 -17.72 16.06 59.74
N ASP B 416 -18.13 16.07 58.47
CA ASP B 416 -18.63 17.25 57.76
C ASP B 416 -20.04 17.69 58.21
N SER B 417 -20.97 16.75 58.36
CA SER B 417 -22.35 17.03 58.78
C SER B 417 -22.43 17.44 60.25
N LYS B 418 -23.40 18.30 60.58
CA LYS B 418 -23.87 18.47 61.97
C LYS B 418 -24.82 17.34 62.36
N VAL B 419 -24.86 16.98 63.65
CA VAL B 419 -25.68 15.88 64.16
C VAL B 419 -27.17 15.94 63.80
N GLY B 420 -27.75 17.15 63.83
CA GLY B 420 -29.15 17.44 63.49
C GLY B 420 -29.34 18.07 62.10
N GLY B 421 -28.32 18.05 61.25
CA GLY B 421 -28.32 18.64 59.91
C GLY B 421 -27.29 19.77 59.78
N ASN B 422 -26.40 19.65 58.78
CA ASN B 422 -25.39 20.64 58.42
C ASN B 422 -25.97 21.93 57.79
N TYR B 423 -26.62 22.76 58.60
CA TYR B 423 -27.35 23.96 58.19
C TYR B 423 -26.54 25.04 57.46
N ASN B 424 -25.21 24.98 57.49
CA ASN B 424 -24.30 25.83 56.72
C ASN B 424 -24.24 25.50 55.22
N TYR B 425 -24.61 24.28 54.81
CA TYR B 425 -24.63 23.85 53.41
C TYR B 425 -25.87 24.35 52.65
N LEU B 426 -25.74 24.60 51.35
CA LEU B 426 -26.82 25.04 50.46
C LEU B 426 -26.97 24.16 49.22
N TYR B 427 -28.21 23.95 48.75
CA TYR B 427 -28.55 23.14 47.58
C TYR B 427 -28.30 23.86 46.25
N ARG B 428 -28.58 23.19 45.14
CA ARG B 428 -28.43 23.73 43.79
C ARG B 428 -29.43 24.85 43.47
N LYS B 436 -25.49 25.74 32.82
CA LYS B 436 -24.21 25.89 32.13
C LYS B 436 -23.16 24.87 32.62
N PRO B 437 -22.41 24.18 31.75
CA PRO B 437 -21.39 23.22 32.17
C PRO B 437 -20.31 23.83 33.07
N PHE B 438 -20.12 23.26 34.26
CA PHE B 438 -19.27 23.79 35.34
C PHE B 438 -19.54 25.26 35.75
N GLU B 439 -20.73 25.78 35.48
CA GLU B 439 -21.04 27.21 35.58
C GLU B 439 -22.50 27.58 35.93
N ARG B 440 -23.43 26.63 35.93
CA ARG B 440 -24.85 26.88 36.19
C ARG B 440 -25.11 27.43 37.60
N ASP B 441 -25.73 28.63 37.68
CA ASP B 441 -26.29 29.22 38.89
C ASP B 441 -25.31 29.36 40.10
N ILE B 442 -24.14 29.95 39.87
CA ILE B 442 -23.19 30.32 40.95
C ILE B 442 -23.68 31.63 41.62
N SER B 443 -24.95 31.67 42.02
CA SER B 443 -25.72 32.88 42.34
C SER B 443 -26.76 32.66 43.45
N GLU B 444 -27.30 33.75 44.01
CA GLU B 444 -28.30 33.74 45.09
C GLU B 444 -29.59 34.53 44.76
N ALA B 445 -29.79 34.90 43.50
CA ALA B 445 -30.96 35.67 43.04
C ALA B 445 -32.26 34.84 43.05
N ILE B 446 -33.41 35.52 42.94
CA ILE B 446 -34.69 34.87 42.62
C ILE B 446 -34.68 34.29 41.18
N TYR B 447 -35.40 33.18 40.98
CA TYR B 447 -35.28 32.37 39.76
C TYR B 447 -36.58 31.62 39.37
N GLN B 448 -37.53 31.47 40.29
CA GLN B 448 -38.63 30.51 40.19
C GLN B 448 -39.84 30.96 39.34
N ALA B 449 -39.94 32.22 38.91
CA ALA B 449 -41.08 32.73 38.15
C ALA B 449 -40.68 33.65 36.97
N GLY B 450 -41.66 33.92 36.10
CA GLY B 450 -41.56 34.83 34.94
C GLY B 450 -42.92 35.27 34.37
N SER B 451 -44.01 34.57 34.71
CA SER B 451 -45.40 35.01 34.54
C SER B 451 -45.75 36.24 35.41
N THR B 452 -45.23 36.27 36.64
CA THR B 452 -45.18 37.47 37.50
C THR B 452 -43.97 38.34 37.12
N PRO B 453 -44.00 39.67 37.38
CA PRO B 453 -42.86 40.55 37.11
C PRO B 453 -41.57 40.28 37.91
N CYS B 454 -41.58 39.38 38.90
CA CYS B 454 -40.43 39.10 39.78
C CYS B 454 -39.82 40.37 40.39
N ASN B 455 -40.64 41.08 41.17
CA ASN B 455 -40.16 42.08 42.11
C ASN B 455 -39.23 41.46 43.18
N GLY B 456 -38.52 42.29 43.96
CA GLY B 456 -37.54 41.87 44.98
C GLY B 456 -38.07 41.11 46.21
N VAL B 457 -39.33 40.68 46.21
CA VAL B 457 -39.95 39.86 47.26
C VAL B 457 -39.71 38.37 46.96
N GLU B 458 -38.84 37.72 47.71
CA GLU B 458 -38.35 36.35 47.44
C GLU B 458 -39.36 35.24 47.82
N GLY B 459 -40.63 35.59 48.01
CA GLY B 459 -41.73 34.69 48.39
C GLY B 459 -42.54 34.17 47.19
N TYR B 460 -43.85 33.99 47.38
CA TYR B 460 -44.78 33.48 46.36
C TYR B 460 -44.81 34.31 45.07
N ASN B 461 -44.43 35.58 45.15
CA ASN B 461 -44.20 36.43 43.99
C ASN B 461 -43.14 35.85 43.02
N CYS B 462 -42.01 35.36 43.54
CA CYS B 462 -40.88 34.84 42.74
C CYS B 462 -39.82 34.20 43.67
N TYR B 463 -39.83 32.89 43.88
CA TYR B 463 -38.95 32.25 44.87
C TYR B 463 -37.46 32.22 44.49
N PHE B 464 -36.65 32.23 45.54
CA PHE B 464 -35.23 31.88 45.61
C PHE B 464 -35.04 30.34 45.60
N PRO B 465 -34.10 29.77 44.81
CA PRO B 465 -34.00 28.31 44.62
C PRO B 465 -33.05 27.60 45.61
N LEU B 466 -32.00 28.28 46.09
CA LEU B 466 -30.86 27.63 46.77
C LEU B 466 -31.06 27.38 48.28
N GLN B 467 -32.16 26.71 48.64
CA GLN B 467 -32.49 26.30 50.00
C GLN B 467 -31.42 25.43 50.67
N SER B 468 -31.43 25.30 52.00
CA SER B 468 -30.39 24.61 52.76
C SER B 468 -30.23 23.11 52.42
N TYR B 469 -29.00 22.64 52.38
CA TYR B 469 -28.56 21.29 51.99
C TYR B 469 -28.16 20.38 53.17
N GLY B 470 -28.60 20.71 54.39
CA GLY B 470 -28.08 20.17 55.65
C GLY B 470 -28.55 18.77 56.03
N PHE B 471 -28.03 17.75 55.35
CA PHE B 471 -28.09 16.36 55.81
C PHE B 471 -27.31 16.10 57.11
N GLN B 472 -27.61 14.99 57.78
CA GLN B 472 -27.09 14.66 59.12
C GLN B 472 -26.88 13.15 59.33
N PRO B 473 -25.99 12.74 60.25
CA PRO B 473 -25.79 11.34 60.63
C PRO B 473 -27.00 10.73 61.36
N THR B 474 -27.90 11.55 61.92
CA THR B 474 -29.17 11.10 62.47
C THR B 474 -30.15 10.54 61.41
N ASN B 475 -29.93 10.86 60.13
CA ASN B 475 -30.65 10.30 58.99
C ASN B 475 -30.17 8.90 58.57
N GLY B 476 -30.96 8.24 57.72
CA GLY B 476 -30.59 6.96 57.09
C GLY B 476 -29.39 7.08 56.15
N VAL B 477 -28.80 5.94 55.76
CA VAL B 477 -27.56 5.89 54.98
C VAL B 477 -27.56 6.66 53.65
N GLY B 478 -28.73 6.80 53.00
CA GLY B 478 -28.90 7.64 51.80
C GLY B 478 -29.25 9.10 52.07
N TYR B 479 -29.88 9.42 53.20
CA TYR B 479 -30.14 10.79 53.64
C TYR B 479 -28.90 11.47 54.21
N GLN B 480 -28.00 10.68 54.81
CA GLN B 480 -26.67 11.07 55.25
C GLN B 480 -25.83 11.66 54.09
N PRO B 481 -25.08 12.75 54.32
CA PRO B 481 -24.38 13.45 53.25
C PRO B 481 -23.05 12.77 52.86
N TYR B 482 -22.57 13.10 51.67
CA TYR B 482 -21.28 12.71 51.10
C TYR B 482 -20.35 13.92 50.91
N ARG B 483 -19.08 13.80 51.28
CA ARG B 483 -18.03 14.76 50.93
C ARG B 483 -17.23 14.18 49.76
N VAL B 484 -17.11 14.94 48.68
CA VAL B 484 -16.74 14.43 47.38
C VAL B 484 -15.85 15.36 46.56
N VAL B 485 -15.15 14.77 45.59
CA VAL B 485 -14.28 15.44 44.65
C VAL B 485 -14.36 14.79 43.27
N VAL B 486 -14.10 15.56 42.23
CA VAL B 486 -14.17 15.13 40.84
C VAL B 486 -13.15 15.88 40.01
N LEU B 487 -12.60 15.28 38.95
CA LEU B 487 -11.60 15.93 38.10
C LEU B 487 -11.56 15.39 36.67
N SER B 488 -11.06 16.19 35.73
CA SER B 488 -10.81 15.81 34.33
C SER B 488 -9.52 16.44 33.78
N PHE B 489 -8.98 15.91 32.69
CA PHE B 489 -7.66 16.30 32.16
C PHE B 489 -7.60 17.76 31.72
N ALA B 496 0.54 16.95 29.02
CA ALA B 496 1.97 16.76 29.28
C ALA B 496 2.44 17.41 30.59
N THR B 497 1.62 18.25 31.22
CA THR B 497 1.97 18.92 32.47
C THR B 497 1.71 18.06 33.72
N VAL B 498 0.88 17.02 33.63
CA VAL B 498 0.71 16.05 34.71
C VAL B 498 0.63 14.63 34.16
N CYS B 499 1.31 13.69 34.82
CA CYS B 499 1.26 12.26 34.49
C CYS B 499 1.33 11.42 35.77
N GLY B 500 0.79 10.19 35.72
CA GLY B 500 1.03 9.20 36.76
C GLY B 500 2.54 8.97 36.96
N PRO B 501 3.02 8.74 38.20
CA PRO B 501 4.45 8.65 38.45
C PRO B 501 5.10 7.48 37.69
N LYS B 502 6.18 7.77 36.98
CA LYS B 502 7.01 6.80 36.30
C LYS B 502 7.81 5.96 37.30
N LYS B 503 7.76 4.63 37.19
CA LYS B 503 8.33 3.74 38.20
C LYS B 503 9.69 3.21 37.75
N SER B 504 10.74 3.44 38.52
CA SER B 504 12.09 2.95 38.24
C SER B 504 12.35 1.54 38.82
N THR B 505 13.16 0.73 38.15
CA THR B 505 13.76 -0.51 38.68
C THR B 505 15.09 -0.21 39.36
N ASN B 506 15.67 -1.22 40.00
CA ASN B 506 17.10 -1.23 40.29
C ASN B 506 17.90 -1.27 38.97
N LEU B 507 19.12 -0.75 39.00
CA LEU B 507 20.11 -0.88 37.93
C LEU B 507 20.70 -2.30 37.93
N VAL B 508 21.06 -2.85 36.77
CA VAL B 508 21.96 -4.03 36.68
C VAL B 508 23.11 -3.75 35.73
N LYS B 509 24.32 -3.57 36.27
CA LYS B 509 25.55 -3.41 35.49
C LYS B 509 26.04 -4.75 34.92
N ASN B 510 26.89 -4.69 33.91
CA ASN B 510 27.73 -5.80 33.44
C ASN B 510 26.98 -7.07 32.94
N LYS B 511 25.76 -6.93 32.43
CA LYS B 511 25.03 -7.98 31.70
C LYS B 511 24.41 -7.38 30.46
N CYS B 512 24.17 -8.20 29.43
CA CYS B 512 23.34 -7.78 28.29
C CYS B 512 21.89 -7.60 28.75
N VAL B 513 21.35 -6.39 28.62
CA VAL B 513 20.06 -5.98 29.18
C VAL B 513 19.36 -4.98 28.28
N ASN B 514 18.04 -4.94 28.36
CA ASN B 514 17.27 -3.83 27.84
C ASN B 514 17.34 -2.68 28.84
N PHE B 515 17.49 -1.46 28.36
CA PHE B 515 17.56 -0.29 29.22
C PHE B 515 16.63 0.81 28.72
N ASN B 516 16.10 1.55 29.67
CA ASN B 516 15.20 2.67 29.45
C ASN B 516 15.58 3.81 30.39
N PHE B 517 15.98 4.92 29.81
CA PHE B 517 16.23 6.20 30.47
C PHE B 517 14.90 6.95 30.66
N ASN B 518 14.90 8.29 30.66
CA ASN B 518 13.68 9.09 30.63
C ASN B 518 12.83 8.85 29.36
N GLY B 519 13.42 8.26 28.32
CA GLY B 519 12.72 7.85 27.09
C GLY B 519 13.61 7.22 26.03
N LEU B 520 14.90 7.56 26.02
CA LEU B 520 15.96 6.80 25.32
C LEU B 520 15.89 5.33 25.77
N THR B 521 15.93 4.40 24.82
CA THR B 521 15.92 2.95 25.09
C THR B 521 16.90 2.20 24.20
N GLY B 522 17.34 1.03 24.64
CA GLY B 522 18.09 0.13 23.79
C GLY B 522 18.46 -1.18 24.47
N THR B 523 19.28 -1.95 23.78
CA THR B 523 19.82 -3.22 24.25
C THR B 523 21.33 -3.12 24.30
N GLY B 524 21.93 -3.44 25.44
CA GLY B 524 23.36 -3.26 25.63
C GLY B 524 23.84 -3.74 26.99
N VAL B 525 25.08 -3.43 27.28
CA VAL B 525 25.79 -3.77 28.51
C VAL B 525 26.16 -2.48 29.21
N LEU B 526 25.63 -2.26 30.41
CA LEU B 526 25.73 -1.00 31.14
C LEU B 526 26.87 -1.09 32.15
N THR B 527 27.80 -0.16 32.11
CA THR B 527 29.04 -0.25 32.87
C THR B 527 29.34 1.08 33.57
N GLU B 528 29.69 1.07 34.85
CA GLU B 528 30.14 2.29 35.54
C GLU B 528 31.39 2.84 34.84
N SER B 529 31.54 4.17 34.76
CA SER B 529 32.57 4.77 33.92
C SER B 529 33.16 6.08 34.46
N ASN B 530 34.35 6.44 33.98
CA ASN B 530 35.08 7.67 34.31
C ASN B 530 34.78 8.84 33.35
N LYS B 531 33.82 8.66 32.44
CA LYS B 531 33.56 9.55 31.31
C LYS B 531 32.71 10.77 31.70
N LYS B 532 33.29 11.74 32.41
CA LYS B 532 32.58 12.92 32.94
C LYS B 532 31.97 13.80 31.86
N PHE B 533 30.72 14.22 32.06
CA PHE B 533 30.03 15.15 31.18
C PHE B 533 29.12 16.12 31.94
N LEU B 534 28.74 17.21 31.28
CA LEU B 534 28.34 18.47 31.92
C LEU B 534 27.02 18.37 32.71
N PRO B 535 26.77 19.25 33.70
CA PRO B 535 25.61 19.17 34.58
C PRO B 535 24.22 19.15 33.93
N PHE B 536 24.01 19.81 32.80
CA PHE B 536 22.77 19.72 32.03
C PHE B 536 22.73 18.53 31.07
N GLN B 537 23.88 17.96 30.69
CA GLN B 537 23.96 16.87 29.72
C GLN B 537 23.48 15.56 30.33
N GLN B 538 22.79 14.76 29.51
CA GLN B 538 22.10 13.55 29.93
C GLN B 538 22.65 12.25 29.31
N PHE B 539 23.14 12.27 28.08
CA PHE B 539 23.72 11.08 27.46
C PHE B 539 24.73 11.40 26.39
N GLY B 540 25.71 10.52 26.26
CA GLY B 540 26.81 10.66 25.32
C GLY B 540 26.51 10.02 23.99
N ARG B 541 27.04 10.58 22.91
CA ARG B 541 27.00 10.02 21.56
C ARG B 541 28.42 9.77 21.05
N ASP B 542 28.61 8.73 20.25
CA ASP B 542 29.86 8.53 19.54
C ASP B 542 29.94 9.33 18.23
N ILE B 543 31.02 9.17 17.47
CA ILE B 543 31.25 9.89 16.21
C ILE B 543 30.12 9.66 15.18
N ALA B 544 29.51 8.48 15.18
CA ALA B 544 28.38 8.11 14.34
C ALA B 544 27.02 8.44 14.97
N ASP B 545 27.02 9.23 16.05
CA ASP B 545 25.87 9.69 16.83
C ASP B 545 24.97 8.57 17.38
N THR B 546 25.52 7.38 17.58
CA THR B 546 24.89 6.32 18.37
C THR B 546 25.18 6.53 19.85
N THR B 547 24.25 6.17 20.73
CA THR B 547 24.42 6.42 22.16
C THR B 547 25.55 5.58 22.73
N ASP B 548 26.42 6.22 23.49
CA ASP B 548 27.67 5.68 24.02
C ASP B 548 27.71 5.69 25.55
N ALA B 549 26.93 6.56 26.18
CA ALA B 549 26.80 6.64 27.63
C ALA B 549 25.48 7.27 28.04
N VAL B 550 25.04 7.06 29.27
CA VAL B 550 23.91 7.77 29.90
C VAL B 550 24.29 8.19 31.31
N ARG B 551 23.63 9.21 31.84
CA ARG B 551 23.63 9.56 33.25
C ARG B 551 22.44 8.87 33.90
N ASP B 552 22.64 8.13 34.97
CA ASP B 552 21.52 7.51 35.70
C ASP B 552 20.69 8.60 36.41
N PRO B 553 19.41 8.79 36.06
CA PRO B 553 18.61 9.87 36.61
C PRO B 553 18.27 9.66 38.09
N GLN B 554 18.34 8.44 38.62
CA GLN B 554 18.13 8.20 40.04
C GLN B 554 19.36 8.64 40.86
N THR B 555 20.58 8.54 40.33
CA THR B 555 21.83 8.96 40.98
C THR B 555 22.89 9.21 39.92
N LEU B 556 23.40 10.43 39.86
CA LEU B 556 23.94 11.07 38.64
C LEU B 556 25.31 10.58 38.14
N GLU B 557 25.73 9.37 38.45
CA GLU B 557 26.89 8.74 37.83
C GLU B 557 26.70 8.48 36.33
N ILE B 558 27.80 8.26 35.61
CA ILE B 558 27.79 8.01 34.16
C ILE B 558 27.98 6.52 33.89
N LEU B 559 27.04 5.95 33.16
CA LEU B 559 27.06 4.58 32.67
C LEU B 559 27.49 4.62 31.21
N ASP B 560 28.63 4.02 30.91
CA ASP B 560 29.01 3.72 29.53
C ASP B 560 28.16 2.53 29.03
N ILE B 561 27.59 2.64 27.83
CA ILE B 561 26.78 1.61 27.17
C ILE B 561 27.57 0.97 26.04
N THR B 562 27.82 -0.33 26.16
CA THR B 562 28.50 -1.17 25.15
C THR B 562 27.45 -2.07 24.47
N PRO B 563 27.56 -2.42 23.17
CA PRO B 563 26.59 -3.31 22.52
C PRO B 563 26.57 -4.70 23.15
N CYS B 564 25.43 -5.40 23.11
CA CYS B 564 25.39 -6.82 23.46
C CYS B 564 26.20 -7.62 22.46
N SER B 565 27.08 -8.49 22.97
CA SER B 565 28.11 -9.15 22.16
C SER B 565 27.53 -10.10 21.10
N PHE B 566 28.14 -10.12 19.92
CA PHE B 566 27.71 -10.94 18.79
C PHE B 566 28.85 -11.20 17.80
N GLY B 567 28.77 -12.26 17.00
CA GLY B 567 29.81 -12.62 16.03
C GLY B 567 29.57 -13.96 15.34
N GLY B 568 30.35 -14.23 14.30
CA GLY B 568 30.26 -15.48 13.56
C GLY B 568 30.74 -16.70 14.34
N VAL B 569 29.96 -17.77 14.31
CA VAL B 569 30.29 -19.11 14.75
C VAL B 569 31.00 -19.81 13.61
N SER B 570 32.27 -19.51 13.43
CA SER B 570 33.07 -20.26 12.47
C SER B 570 33.35 -21.64 13.04
N VAL B 571 33.26 -22.70 12.24
CA VAL B 571 33.66 -24.04 12.66
C VAL B 571 34.94 -24.42 11.96
N ILE B 572 35.97 -24.75 12.70
CA ILE B 572 37.23 -25.30 12.23
C ILE B 572 37.02 -26.80 12.18
N THR B 573 37.36 -27.42 11.07
CA THR B 573 37.34 -28.88 10.95
C THR B 573 38.55 -29.40 10.18
N PRO B 574 39.15 -30.52 10.59
CA PRO B 574 39.94 -31.36 9.68
C PRO B 574 39.01 -31.91 8.61
N GLY B 575 39.53 -32.55 7.56
CA GLY B 575 38.64 -33.13 6.54
C GLY B 575 37.74 -34.21 7.13
N THR B 576 36.46 -34.29 6.75
CA THR B 576 35.59 -35.40 7.21
C THR B 576 36.10 -36.74 6.70
N ASN B 577 36.86 -36.71 5.61
CA ASN B 577 37.68 -37.80 5.09
C ASN B 577 38.99 -37.95 5.92
N THR B 578 38.92 -37.82 7.24
CA THR B 578 40.06 -37.86 8.18
C THR B 578 39.61 -37.87 9.65
N SER B 579 38.57 -37.13 10.01
CA SER B 579 38.04 -37.10 11.38
C SER B 579 36.61 -36.58 11.43
N ASN B 580 35.92 -36.76 12.54
CA ASN B 580 34.66 -36.08 12.85
C ASN B 580 34.78 -35.09 14.03
N GLU B 581 35.98 -34.88 14.56
CA GLU B 581 36.23 -33.88 15.60
C GLU B 581 36.22 -32.46 15.00
N VAL B 582 35.66 -31.48 15.71
CA VAL B 582 35.57 -30.08 15.26
C VAL B 582 35.87 -29.13 16.41
N ALA B 583 36.21 -27.90 16.07
CA ALA B 583 36.45 -26.82 17.02
C ALA B 583 35.67 -25.59 16.61
N VAL B 584 35.08 -24.89 17.55
CA VAL B 584 34.17 -23.78 17.27
C VAL B 584 34.82 -22.48 17.69
N LEU B 585 34.97 -21.56 16.75
CA LEU B 585 35.43 -20.21 17.00
C LEU B 585 34.22 -19.28 17.00
N TYR B 586 33.93 -18.69 18.14
CA TYR B 586 33.03 -17.57 18.25
C TYR B 586 33.83 -16.30 18.00
N GLN B 587 33.71 -15.72 16.80
CA GLN B 587 34.51 -14.57 16.41
C GLN B 587 34.26 -13.37 17.33
N ASP B 588 35.32 -12.67 17.71
CA ASP B 588 35.34 -11.41 18.46
C ASP B 588 34.71 -11.39 19.87
N VAL B 589 33.90 -12.38 20.27
CA VAL B 589 33.32 -12.49 21.63
C VAL B 589 34.38 -12.82 22.67
N ASN B 590 34.00 -12.68 23.93
CA ASN B 590 34.80 -13.03 25.09
C ASN B 590 34.35 -14.35 25.70
N CYS B 591 35.27 -15.19 26.15
CA CYS B 591 34.98 -16.55 26.62
C CYS B 591 34.14 -16.60 27.90
N THR B 592 33.91 -15.48 28.58
CA THR B 592 32.86 -15.41 29.62
C THR B 592 31.47 -15.61 29.00
N GLU B 593 31.23 -15.02 27.83
CA GLU B 593 29.90 -14.76 27.30
C GLU B 593 29.22 -16.00 26.68
N VAL B 594 30.00 -16.96 26.21
CA VAL B 594 29.54 -18.09 25.39
C VAL B 594 28.62 -19.02 26.20
N ASN B 615 36.90 -27.20 26.92
CA ASN B 615 38.29 -26.81 26.68
C ASN B 615 38.34 -25.52 25.85
N VAL B 616 38.83 -24.42 26.41
CA VAL B 616 38.58 -23.08 25.90
C VAL B 616 39.85 -22.24 25.86
N PHE B 617 39.98 -21.40 24.85
CA PHE B 617 41.14 -20.57 24.60
C PHE B 617 40.74 -19.22 23.96
N GLN B 618 40.86 -18.11 24.67
CA GLN B 618 40.62 -16.77 24.09
C GLN B 618 41.79 -16.36 23.19
N THR B 619 41.59 -16.36 21.88
CA THR B 619 42.55 -15.83 20.89
C THR B 619 42.34 -14.33 20.67
N ARG B 620 43.27 -13.67 19.97
CA ARG B 620 43.03 -12.32 19.48
C ARG B 620 41.85 -12.22 18.51
N ALA B 621 41.51 -13.32 17.82
CA ALA B 621 40.38 -13.41 16.88
C ALA B 621 39.01 -13.69 17.51
N GLY B 622 38.95 -14.17 18.75
CA GLY B 622 37.70 -14.61 19.37
C GLY B 622 37.86 -15.81 20.28
N CYS B 623 36.78 -16.20 20.93
CA CYS B 623 36.81 -17.33 21.84
C CYS B 623 36.78 -18.64 21.06
N LEU B 624 37.83 -19.47 21.18
CA LEU B 624 37.96 -20.73 20.47
C LEU B 624 37.73 -21.90 21.44
N ILE B 625 36.89 -22.84 21.05
CA ILE B 625 36.37 -23.90 21.92
C ILE B 625 36.66 -25.26 21.29
N GLY B 626 37.10 -26.22 22.08
CA GLY B 626 37.36 -27.59 21.64
C GLY B 626 38.72 -27.79 20.96
N ALA B 627 39.51 -26.74 20.71
CA ALA B 627 40.91 -26.86 20.32
C ALA B 627 41.87 -26.73 21.51
N GLU B 628 43.11 -27.19 21.34
CA GLU B 628 44.16 -27.18 22.36
C GLU B 628 45.28 -26.20 22.02
N HIS B 629 45.59 -25.27 22.91
CA HIS B 629 46.71 -24.35 22.72
C HIS B 629 48.06 -25.09 22.80
N VAL B 630 49.03 -24.65 22.00
CA VAL B 630 50.38 -25.23 21.95
C VAL B 630 51.45 -24.13 21.97
N ASN B 631 52.52 -24.33 22.75
CA ASN B 631 53.67 -23.41 22.82
C ASN B 631 54.55 -23.46 21.57
N ASN B 632 54.71 -24.64 20.96
CA ASN B 632 55.43 -24.82 19.69
C ASN B 632 54.75 -24.06 18.53
N SER B 633 55.41 -23.97 17.37
CA SER B 633 54.88 -23.33 16.17
C SER B 633 55.04 -24.20 14.92
N TYR B 634 54.16 -24.03 13.95
CA TYR B 634 54.18 -24.75 12.67
C TYR B 634 53.76 -23.83 11.53
N GLU B 635 53.91 -24.24 10.28
CA GLU B 635 53.23 -23.57 9.16
C GLU B 635 51.72 -23.57 9.37
N CYS B 636 51.02 -22.57 8.86
CA CYS B 636 49.56 -22.50 8.98
C CYS B 636 48.91 -23.67 8.24
N ASP B 637 48.02 -24.39 8.90
CA ASP B 637 47.27 -25.48 8.29
C ASP B 637 45.83 -25.05 7.98
N ILE B 638 45.04 -24.73 8.99
CA ILE B 638 43.80 -23.96 8.86
C ILE B 638 44.03 -22.57 9.45
N PRO B 639 43.84 -21.47 8.72
CA PRO B 639 43.94 -20.14 9.29
C PRO B 639 42.75 -19.84 10.18
N ILE B 640 42.98 -19.28 11.36
CA ILE B 640 41.90 -18.80 12.24
C ILE B 640 41.85 -17.27 12.21
N GLY B 641 42.99 -16.60 12.26
CA GLY B 641 43.10 -15.14 12.22
C GLY B 641 44.10 -14.62 13.23
N ALA B 642 44.51 -13.35 13.13
CA ALA B 642 45.35 -12.70 14.11
C ALA B 642 46.65 -13.46 14.44
N GLY B 643 47.26 -14.12 13.46
CA GLY B 643 48.46 -14.93 13.59
C GLY B 643 48.23 -16.36 14.09
N ILE B 644 46.98 -16.73 14.38
CA ILE B 644 46.64 -18.03 14.92
C ILE B 644 46.13 -18.94 13.81
N CYS B 645 46.66 -20.15 13.78
CA CYS B 645 46.24 -21.23 12.90
C CYS B 645 46.04 -22.51 13.71
N ALA B 646 45.25 -23.43 13.18
CA ALA B 646 44.93 -24.70 13.81
C ALA B 646 45.13 -25.87 12.87
N SER B 647 45.41 -27.04 13.42
CA SER B 647 45.67 -28.27 12.68
C SER B 647 45.18 -29.47 13.46
N TYR B 648 45.08 -30.62 12.80
CA TYR B 648 44.78 -31.88 13.47
C TYR B 648 46.09 -32.62 13.76
N GLN B 649 46.30 -33.00 15.00
CA GLN B 649 47.62 -33.44 15.46
C GLN B 649 47.55 -34.38 16.68
N THR B 650 48.58 -35.18 16.91
CA THR B 650 48.70 -36.04 18.10
C THR B 650 48.77 -35.26 19.41
N SER B 663 44.86 -40.96 19.13
CA SER B 663 45.73 -40.12 19.95
C SER B 663 45.75 -38.65 19.52
N GLN B 664 44.83 -38.26 18.63
CA GLN B 664 44.83 -36.97 17.93
C GLN B 664 43.67 -36.06 18.32
N SER B 665 43.91 -34.75 18.24
CA SER B 665 42.94 -33.71 18.49
C SER B 665 43.28 -32.44 17.71
N ILE B 666 42.33 -31.51 17.56
CA ILE B 666 42.61 -30.20 16.98
C ILE B 666 43.47 -29.36 17.94
N ILE B 667 44.59 -28.87 17.47
CA ILE B 667 45.43 -27.90 18.17
C ILE B 667 45.33 -26.51 17.53
N ALA B 668 45.65 -25.46 18.27
CA ALA B 668 45.79 -24.10 17.78
C ALA B 668 47.12 -23.49 18.28
N TYR B 669 47.82 -22.78 17.42
CA TYR B 669 49.20 -22.33 17.64
C TYR B 669 49.47 -20.99 16.96
N THR B 670 50.51 -20.26 17.40
CA THR B 670 50.98 -19.06 16.70
C THR B 670 51.79 -19.50 15.48
N MET B 671 51.41 -19.08 14.29
CA MET B 671 52.01 -19.59 13.07
C MET B 671 53.49 -19.23 12.93
N SER B 672 54.28 -20.20 12.48
CA SER B 672 55.61 -20.00 11.95
C SER B 672 55.52 -19.33 10.59
N LEU B 673 56.47 -18.46 10.28
CA LEU B 673 56.62 -17.83 8.97
C LEU B 673 57.71 -18.53 8.13
N GLY B 674 58.11 -19.74 8.52
CA GLY B 674 59.26 -20.48 7.98
C GLY B 674 60.45 -20.55 8.94
N ALA B 675 61.50 -21.27 8.56
CA ALA B 675 62.71 -21.41 9.38
C ALA B 675 63.45 -20.08 9.50
N GLU B 676 63.91 -19.74 10.70
CA GLU B 676 64.66 -18.52 10.98
C GLU B 676 66.14 -18.70 10.61
N ASN B 677 66.40 -18.62 9.31
CA ASN B 677 67.70 -18.87 8.71
C ASN B 677 68.60 -17.63 8.78
N SER B 678 69.54 -17.61 9.72
CA SER B 678 70.61 -16.61 9.70
C SER B 678 71.55 -16.90 8.54
N VAL B 679 71.58 -16.01 7.54
CA VAL B 679 72.49 -16.13 6.40
C VAL B 679 73.94 -15.97 6.85
N ALA B 680 74.83 -16.80 6.35
CA ALA B 680 76.24 -16.81 6.73
C ALA B 680 77.05 -15.70 6.02
N TYR B 681 76.54 -14.46 6.04
CA TYR B 681 77.19 -13.29 5.44
C TYR B 681 78.55 -13.03 6.05
N SER B 682 79.47 -12.55 5.24
CA SER B 682 80.66 -11.88 5.77
C SER B 682 81.22 -10.92 4.74
N ASN B 683 81.88 -9.90 5.25
CA ASN B 683 82.86 -9.01 4.65
C ASN B 683 83.54 -9.50 3.36
N ASN B 684 83.89 -10.78 3.25
CA ASN B 684 84.50 -11.35 2.05
C ASN B 684 84.12 -12.80 1.71
N SER B 685 82.93 -13.27 2.09
CA SER B 685 82.50 -14.65 1.80
C SER B 685 81.44 -14.70 0.73
N ILE B 686 81.54 -15.62 -0.24
CA ILE B 686 80.51 -15.82 -1.26
C ILE B 686 80.15 -17.30 -1.40
N ALA B 687 78.88 -17.61 -1.61
CA ALA B 687 78.45 -18.95 -1.97
C ALA B 687 78.18 -19.00 -3.48
N ILE B 688 78.87 -19.88 -4.22
CA ILE B 688 78.66 -20.04 -5.66
C ILE B 688 78.14 -21.45 -5.93
N PRO B 689 76.99 -21.62 -6.61
CA PRO B 689 76.46 -22.93 -6.94
C PRO B 689 77.39 -23.75 -7.79
N THR B 690 77.67 -24.98 -7.40
CA THR B 690 78.37 -25.99 -8.18
C THR B 690 77.43 -26.79 -9.07
N ASN B 691 76.13 -26.78 -8.79
CA ASN B 691 75.14 -27.54 -9.54
C ASN B 691 73.74 -26.90 -9.49
N PHE B 692 72.85 -27.32 -10.37
CA PHE B 692 71.50 -26.78 -10.57
C PHE B 692 70.45 -27.90 -10.68
N THR B 693 69.18 -27.53 -10.68
CA THR B 693 68.09 -28.37 -11.14
C THR B 693 67.28 -27.60 -12.14
N ILE B 694 66.90 -28.21 -13.25
CA ILE B 694 65.70 -27.76 -13.98
C ILE B 694 64.49 -27.99 -13.07
N SER B 695 63.44 -27.20 -13.18
CA SER B 695 62.24 -27.43 -12.39
C SER B 695 61.06 -26.90 -13.14
N VAL B 696 60.17 -27.78 -13.59
CA VAL B 696 58.95 -27.39 -14.30
C VAL B 696 57.89 -27.03 -13.26
N THR B 697 57.52 -25.76 -13.16
CA THR B 697 56.46 -25.33 -12.23
C THR B 697 55.18 -25.01 -13.00
N THR B 698 54.08 -25.62 -12.61
CA THR B 698 52.76 -25.34 -13.18
C THR B 698 52.27 -23.96 -12.76
N GLU B 699 51.63 -23.20 -13.64
CA GLU B 699 50.80 -22.04 -13.31
C GLU B 699 49.46 -22.16 -14.03
N ILE B 700 48.36 -21.76 -13.41
CA ILE B 700 47.02 -21.89 -13.97
C ILE B 700 46.34 -20.53 -13.92
N LEU B 701 45.71 -20.09 -15.00
CA LEU B 701 44.98 -18.83 -15.05
C LEU B 701 43.63 -19.03 -15.75
N PRO B 702 42.52 -18.50 -15.25
CA PRO B 702 41.28 -18.49 -16.00
C PRO B 702 41.39 -17.48 -17.15
N VAL B 703 40.59 -17.68 -18.20
CA VAL B 703 40.62 -16.82 -19.41
C VAL B 703 39.23 -16.41 -19.83
N SER B 704 38.20 -17.21 -19.57
CA SER B 704 36.84 -16.89 -19.96
C SER B 704 35.82 -17.45 -19.00
N MET B 705 34.88 -16.63 -18.56
CA MET B 705 33.62 -17.16 -18.02
C MET B 705 32.83 -17.85 -19.12
N THR B 706 31.82 -18.61 -18.75
CA THR B 706 30.87 -19.20 -19.71
C THR B 706 30.02 -18.11 -20.34
N LYS B 707 30.05 -17.95 -21.68
CA LYS B 707 29.27 -16.91 -22.38
C LYS B 707 27.80 -17.06 -22.05
N THR B 708 27.22 -16.05 -21.43
CA THR B 708 25.86 -16.14 -20.89
C THR B 708 24.99 -15.06 -21.49
N SER B 709 23.71 -15.34 -21.65
CA SER B 709 22.73 -14.36 -22.09
C SER B 709 21.39 -14.67 -21.46
N VAL B 710 20.61 -13.64 -21.17
CA VAL B 710 19.33 -13.78 -20.50
C VAL B 710 18.31 -13.03 -21.33
N ASP B 711 17.20 -13.67 -21.68
CA ASP B 711 16.03 -12.97 -22.19
C ASP B 711 15.36 -12.30 -20.99
N CYS B 712 15.64 -11.03 -20.77
CA CYS B 712 15.19 -10.31 -19.59
C CYS B 712 13.66 -10.33 -19.45
N THR B 713 12.91 -10.30 -20.54
CA THR B 713 11.45 -10.36 -20.49
C THR B 713 10.99 -11.76 -20.15
N MET B 714 11.55 -12.79 -20.79
CA MET B 714 11.13 -14.16 -20.49
C MET B 714 11.48 -14.54 -19.05
N TYR B 715 12.64 -14.10 -18.55
CA TYR B 715 13.02 -14.30 -17.16
C TYR B 715 12.04 -13.62 -16.20
N ILE B 716 11.77 -12.33 -16.36
CA ILE B 716 10.90 -11.61 -15.43
C ILE B 716 9.46 -12.12 -15.52
N CYS B 717 8.93 -12.31 -16.73
CA CYS B 717 7.49 -12.45 -16.97
C CYS B 717 7.01 -13.86 -17.37
N GLY B 718 7.87 -14.79 -17.75
CA GLY B 718 7.45 -16.17 -18.03
C GLY B 718 6.33 -16.30 -19.07
N ASP B 719 6.38 -15.48 -20.12
CA ASP B 719 5.36 -15.38 -21.18
C ASP B 719 3.98 -14.83 -20.79
N SER B 720 3.78 -14.41 -19.53
CA SER B 720 2.56 -13.69 -19.14
C SER B 720 2.45 -12.36 -19.87
N THR B 721 1.45 -12.22 -20.75
CA THR B 721 1.22 -10.98 -21.52
C THR B 721 0.89 -9.82 -20.57
N GLU B 722 0.10 -10.09 -19.54
CA GLU B 722 -0.21 -9.13 -18.48
C GLU B 722 1.04 -8.61 -17.76
N CYS B 723 2.03 -9.48 -17.50
CA CYS B 723 3.32 -9.03 -16.99
C CYS B 723 4.12 -8.26 -18.03
N SER B 724 4.22 -8.76 -19.26
CA SER B 724 5.01 -8.14 -20.31
C SER B 724 4.67 -6.66 -20.50
N ASN B 725 3.37 -6.33 -20.45
CA ASN B 725 2.90 -4.94 -20.56
C ASN B 725 3.30 -4.06 -19.38
N LEU B 726 3.36 -4.59 -18.15
CA LEU B 726 3.80 -3.86 -16.97
C LEU B 726 5.30 -3.60 -16.96
N LEU B 727 6.10 -4.53 -17.46
CA LEU B 727 7.54 -4.38 -17.54
C LEU B 727 7.94 -3.20 -18.42
N LEU B 728 7.20 -2.90 -19.50
CA LEU B 728 7.50 -1.75 -20.38
C LEU B 728 7.57 -0.44 -19.59
N GLN B 729 6.76 -0.28 -18.54
CA GLN B 729 6.76 0.95 -17.73
C GLN B 729 8.10 1.20 -17.06
N TYR B 730 8.89 0.17 -16.79
CA TYR B 730 10.22 0.31 -16.19
C TYR B 730 11.30 0.71 -17.22
N GLY B 731 10.91 0.88 -18.49
CA GLY B 731 11.74 1.54 -19.49
C GLY B 731 12.89 0.69 -20.01
N SER B 732 14.05 1.31 -20.11
CA SER B 732 15.19 0.79 -20.87
C SER B 732 15.97 -0.32 -20.15
N PHE B 733 15.63 -0.65 -18.90
CA PHE B 733 16.42 -1.62 -18.13
C PHE B 733 16.56 -2.95 -18.83
N CYS B 734 15.49 -3.49 -19.40
CA CYS B 734 15.52 -4.80 -20.02
C CYS B 734 16.58 -4.86 -21.13
N THR B 735 16.52 -3.93 -22.08
CA THR B 735 17.49 -3.84 -23.17
C THR B 735 18.89 -3.52 -22.67
N GLN B 736 19.02 -2.70 -21.64
CA GLN B 736 20.32 -2.36 -21.03
C GLN B 736 21.00 -3.59 -20.40
N LEU B 737 20.23 -4.46 -19.75
CA LEU B 737 20.73 -5.69 -19.14
C LEU B 737 21.11 -6.70 -20.22
N ASN B 738 20.28 -6.89 -21.24
CA ASN B 738 20.64 -7.69 -22.41
C ASN B 738 21.93 -7.19 -23.04
N ARG B 739 22.11 -5.88 -23.20
CA ARG B 739 23.33 -5.30 -23.79
C ARG B 739 24.55 -5.55 -22.91
N ALA B 740 24.45 -5.38 -21.60
CA ALA B 740 25.55 -5.59 -20.68
C ALA B 740 26.06 -7.04 -20.68
N LEU B 741 25.15 -8.02 -20.63
CA LEU B 741 25.51 -9.43 -20.76
C LEU B 741 26.08 -9.74 -22.14
N THR B 742 25.56 -9.13 -23.20
CA THR B 742 26.12 -9.26 -24.55
C THR B 742 27.56 -8.75 -24.63
N GLY B 743 27.87 -7.64 -23.96
CA GLY B 743 29.23 -7.14 -23.85
C GLY B 743 30.16 -8.14 -23.19
N ILE B 744 29.79 -8.66 -22.01
CA ILE B 744 30.52 -9.74 -21.34
C ILE B 744 30.73 -10.90 -22.30
N ALA B 745 29.68 -11.35 -22.97
CA ALA B 745 29.71 -12.52 -23.84
C ALA B 745 30.74 -12.36 -24.95
N VAL B 746 30.70 -11.26 -25.70
CA VAL B 746 31.69 -10.98 -26.75
C VAL B 746 33.10 -10.92 -26.17
N GLU B 747 33.26 -10.34 -24.99
CA GLU B 747 34.58 -10.20 -24.40
C GLU B 747 35.22 -11.54 -24.03
N GLN B 748 34.45 -12.60 -23.76
CA GLN B 748 35.01 -13.93 -23.50
C GLN B 748 35.72 -14.50 -24.73
N ASP B 749 35.15 -14.29 -25.91
CA ASP B 749 35.80 -14.68 -27.15
C ASP B 749 37.02 -13.82 -27.40
N LYS B 750 36.94 -12.53 -27.11
CA LYS B 750 38.09 -11.63 -27.23
C LYS B 750 39.24 -12.06 -26.31
N ASN B 751 38.97 -12.39 -25.06
CA ASN B 751 39.98 -12.93 -24.14
C ASN B 751 40.63 -14.18 -24.72
N THR B 752 39.82 -15.12 -25.18
CA THR B 752 40.34 -16.38 -25.72
C THR B 752 41.19 -16.13 -26.95
N GLN B 753 40.78 -15.21 -27.82
CA GLN B 753 41.49 -14.80 -29.01
C GLN B 753 42.84 -14.17 -28.65
N GLU B 754 42.89 -13.24 -27.71
CA GLU B 754 44.12 -12.57 -27.32
C GLU B 754 45.12 -13.48 -26.61
N VAL B 755 44.66 -14.50 -25.90
CA VAL B 755 45.56 -15.46 -25.25
C VAL B 755 46.11 -16.47 -26.24
N PHE B 756 45.28 -17.13 -27.03
CA PHE B 756 45.72 -18.24 -27.87
C PHE B 756 46.10 -17.86 -29.30
N ALA B 757 45.41 -16.92 -29.93
CA ALA B 757 45.64 -16.57 -31.34
C ALA B 757 46.86 -15.67 -31.58
N GLN B 758 47.87 -15.71 -30.71
CA GLN B 758 49.09 -14.91 -30.88
C GLN B 758 49.98 -15.46 -32.01
N VAL B 759 49.80 -16.72 -32.38
CA VAL B 759 50.54 -17.37 -33.46
C VAL B 759 49.95 -16.99 -34.83
N LYS B 760 50.79 -16.64 -35.79
CA LYS B 760 50.33 -16.16 -37.10
C LYS B 760 49.87 -17.29 -38.04
N GLN B 761 50.35 -18.50 -37.83
CA GLN B 761 50.12 -19.69 -38.64
C GLN B 761 50.03 -20.89 -37.72
N ILE B 762 49.36 -21.96 -38.14
CA ILE B 762 49.33 -23.19 -37.35
C ILE B 762 50.56 -23.98 -37.66
N TYR B 763 51.63 -23.77 -36.90
CA TYR B 763 52.83 -24.58 -37.02
C TYR B 763 52.53 -26.03 -36.69
N LYS B 764 53.07 -26.94 -37.50
CA LYS B 764 53.00 -28.38 -37.33
C LYS B 764 54.38 -28.88 -36.94
N THR B 765 54.45 -29.73 -35.91
CA THR B 765 55.70 -30.40 -35.48
C THR B 765 56.30 -31.30 -36.57
N PRO B 766 57.61 -31.57 -36.53
CA PRO B 766 58.22 -32.56 -37.42
C PRO B 766 57.66 -33.97 -37.17
N PRO B 767 57.79 -34.88 -38.15
CA PRO B 767 57.39 -36.28 -38.01
C PRO B 767 58.28 -37.06 -37.02
N ILE B 768 59.58 -36.74 -36.98
CA ILE B 768 60.56 -37.34 -36.08
C ILE B 768 60.91 -36.34 -34.96
N LYS B 769 60.82 -36.78 -33.71
CA LYS B 769 60.93 -35.95 -32.51
C LYS B 769 62.39 -35.77 -32.05
N ASP B 770 63.31 -35.46 -32.97
CA ASP B 770 64.77 -35.40 -32.72
C ASP B 770 65.22 -34.17 -31.91
N PHE B 771 64.66 -33.97 -30.73
CA PHE B 771 64.86 -32.83 -29.84
C PHE B 771 65.97 -33.04 -28.80
N GLY B 772 67.12 -33.55 -29.22
CA GLY B 772 68.33 -33.54 -28.40
C GLY B 772 68.25 -34.25 -27.05
N GLY B 773 67.30 -35.16 -26.84
CA GLY B 773 67.10 -35.92 -25.59
C GLY B 773 65.82 -35.58 -24.84
N PHE B 774 65.20 -34.44 -25.13
CA PHE B 774 63.98 -34.01 -24.46
C PHE B 774 62.80 -34.83 -24.99
N ASN B 775 61.81 -35.14 -24.16
CA ASN B 775 60.70 -36.02 -24.53
C ASN B 775 59.36 -35.30 -24.31
N PHE B 776 58.97 -34.52 -25.30
CA PHE B 776 57.75 -33.73 -25.27
C PHE B 776 56.48 -34.56 -25.46
N SER B 777 56.52 -35.87 -25.60
CA SER B 777 55.34 -36.64 -26.02
C SER B 777 54.15 -36.57 -25.06
N GLN B 778 54.36 -36.12 -23.82
CA GLN B 778 53.30 -35.81 -22.86
C GLN B 778 52.61 -34.48 -23.15
N ILE B 779 53.38 -33.49 -23.62
CA ILE B 779 52.93 -32.11 -23.84
C ILE B 779 52.48 -31.84 -25.27
N LEU B 780 52.97 -32.58 -26.26
CA LEU B 780 52.52 -32.50 -27.65
C LEU B 780 51.23 -33.26 -27.87
N PRO B 781 50.48 -32.98 -28.95
CA PRO B 781 49.26 -33.70 -29.30
C PRO B 781 49.42 -35.21 -29.37
N ASP B 782 48.42 -35.93 -28.87
CA ASP B 782 48.18 -37.32 -29.21
C ASP B 782 47.24 -37.39 -30.44
N PRO B 783 47.75 -37.63 -31.66
CA PRO B 783 46.93 -37.64 -32.86
C PRO B 783 45.90 -38.78 -32.89
N SER B 784 45.97 -39.76 -31.97
CA SER B 784 44.98 -40.85 -31.89
C SER B 784 43.62 -40.40 -31.32
N LYS B 785 43.55 -39.30 -30.58
CA LYS B 785 42.34 -38.83 -29.88
C LYS B 785 41.36 -38.13 -30.82
N SER B 787 39.30 -35.37 -30.03
CA SER B 787 39.97 -34.07 -30.08
C SER B 787 41.49 -34.22 -29.90
N LYS B 788 42.29 -33.47 -30.67
CA LYS B 788 43.73 -33.67 -30.80
C LYS B 788 44.59 -33.15 -29.64
N ARG B 789 44.10 -33.26 -28.40
CA ARG B 789 44.78 -32.76 -27.19
C ARG B 789 46.08 -33.50 -26.91
N SER B 790 47.00 -32.89 -26.18
CA SER B 790 48.14 -33.60 -25.58
C SER B 790 47.72 -34.47 -24.40
N PHE B 791 48.59 -35.36 -23.93
CA PHE B 791 48.28 -36.16 -22.74
C PHE B 791 47.91 -35.27 -21.57
N ILE B 792 48.74 -34.28 -21.30
CA ILE B 792 48.55 -33.40 -20.16
C ILE B 792 47.28 -32.57 -20.31
N GLU B 793 46.96 -32.09 -21.50
CA GLU B 793 45.68 -31.41 -21.71
C GLU B 793 44.50 -32.32 -21.40
N ASP B 794 44.62 -33.63 -21.63
CA ASP B 794 43.57 -34.58 -21.27
C ASP B 794 43.42 -34.75 -19.76
N LEU B 795 44.52 -34.81 -18.99
CA LEU B 795 44.40 -34.74 -17.53
C LEU B 795 43.66 -33.48 -17.10
N LEU B 796 44.03 -32.33 -17.65
CA LEU B 796 43.43 -31.05 -17.32
C LEU B 796 41.93 -31.01 -17.66
N PHE B 797 41.51 -31.46 -18.84
CA PHE B 797 40.09 -31.53 -19.19
C PHE B 797 39.32 -32.59 -18.38
N ASN B 798 39.98 -33.64 -17.89
CA ASN B 798 39.35 -34.63 -17.03
C ASN B 798 39.22 -34.16 -15.57
N LYS B 799 40.15 -33.33 -15.06
CA LYS B 799 40.21 -32.90 -13.66
C LYS B 799 39.18 -31.85 -13.23
N VAL B 800 38.51 -31.16 -14.16
CA VAL B 800 37.47 -30.15 -13.88
C VAL B 800 36.07 -30.74 -14.11
N THR B 801 35.16 -30.52 -13.15
CA THR B 801 33.75 -30.93 -13.19
C THR B 801 33.55 -32.37 -13.69
N LYS B 828 19.03 -22.12 -16.60
CA LYS B 828 19.34 -22.73 -17.90
C LYS B 828 18.09 -22.90 -18.77
N PHE B 829 16.91 -22.61 -18.22
CA PHE B 829 15.61 -22.92 -18.83
C PHE B 829 14.53 -21.85 -18.58
N ASN B 830 14.66 -21.00 -17.57
CA ASN B 830 13.74 -19.89 -17.29
C ASN B 830 14.12 -18.58 -17.99
N GLY B 831 14.35 -18.61 -19.30
CA GLY B 831 14.84 -17.46 -20.09
C GLY B 831 16.36 -17.28 -20.07
N LEU B 832 17.07 -17.99 -19.20
CA LEU B 832 18.52 -18.13 -19.20
C LEU B 832 18.97 -18.93 -20.42
N THR B 833 20.14 -18.60 -20.97
CA THR B 833 20.77 -19.32 -22.08
C THR B 833 22.27 -19.25 -21.95
N VAL B 834 22.96 -20.26 -22.45
CA VAL B 834 24.41 -20.24 -22.63
C VAL B 834 24.71 -20.29 -24.10
N LEU B 835 25.64 -19.45 -24.55
CA LEU B 835 26.15 -19.48 -25.91
C LEU B 835 27.43 -20.32 -25.95
N PRO B 836 27.74 -20.98 -27.07
CA PRO B 836 29.03 -21.64 -27.20
C PRO B 836 30.16 -20.61 -27.33
N PRO B 837 31.38 -20.94 -26.88
CA PRO B 837 32.57 -20.16 -27.21
C PRO B 837 32.76 -20.11 -28.73
N LEU B 838 33.40 -19.06 -29.25
CA LEU B 838 33.67 -19.00 -30.69
C LEU B 838 34.63 -20.09 -31.12
N LEU B 839 35.77 -20.21 -30.46
CA LEU B 839 36.75 -21.25 -30.78
C LEU B 839 36.31 -22.58 -30.15
N THR B 840 36.27 -23.67 -30.91
CA THR B 840 36.02 -25.01 -30.34
C THR B 840 37.22 -25.47 -29.54
N ASP B 841 37.05 -26.37 -28.58
CA ASP B 841 38.18 -26.90 -27.80
C ASP B 841 39.22 -27.60 -28.69
N GLU B 842 38.80 -28.15 -29.82
CA GLU B 842 39.72 -28.66 -30.84
C GLU B 842 40.57 -27.51 -31.42
N MET B 843 39.98 -26.37 -31.77
CA MET B 843 40.75 -25.20 -32.21
C MET B 843 41.67 -24.67 -31.12
N ILE B 844 41.24 -24.65 -29.86
CA ILE B 844 42.14 -24.28 -28.78
C ILE B 844 43.33 -25.23 -28.74
N ALA B 845 43.10 -26.55 -28.84
CA ALA B 845 44.18 -27.51 -28.88
C ALA B 845 45.07 -27.35 -30.13
N GLN B 846 44.54 -26.89 -31.26
CA GLN B 846 45.38 -26.54 -32.39
C GLN B 846 46.27 -25.34 -32.05
N TYR B 847 45.70 -24.26 -31.51
CA TYR B 847 46.52 -23.11 -31.13
C TYR B 847 47.59 -23.48 -30.12
N THR B 848 47.26 -24.18 -29.03
CA THR B 848 48.27 -24.59 -28.07
C THR B 848 49.29 -25.51 -28.71
N SER B 849 48.91 -26.35 -29.66
CA SER B 849 49.88 -27.12 -30.42
C SER B 849 50.75 -26.25 -31.30
N ALA B 850 50.20 -25.27 -32.01
CA ALA B 850 50.99 -24.38 -32.84
C ALA B 850 51.98 -23.58 -32.02
N LEU B 851 51.52 -22.92 -30.96
CA LEU B 851 52.35 -22.19 -30.02
C LEU B 851 53.50 -23.06 -29.56
N LEU B 852 53.17 -24.27 -29.13
CA LEU B 852 54.16 -25.22 -28.66
C LEU B 852 55.12 -25.65 -29.78
N ALA B 853 54.64 -25.98 -30.97
CA ALA B 853 55.48 -26.40 -32.07
C ALA B 853 56.41 -25.29 -32.52
N GLY B 854 55.95 -24.04 -32.50
CA GLY B 854 56.80 -22.88 -32.66
C GLY B 854 57.85 -22.84 -31.56
N THR B 855 57.43 -22.88 -30.30
CA THR B 855 58.31 -22.82 -29.13
C THR B 855 59.42 -23.87 -29.19
N ILE B 856 59.10 -25.07 -29.65
CA ILE B 856 60.03 -26.18 -29.79
C ILE B 856 60.98 -25.96 -30.96
N THR B 857 60.45 -25.69 -32.14
CA THR B 857 61.25 -25.73 -33.36
C THR B 857 62.01 -24.45 -33.63
N SER B 858 61.61 -23.33 -33.04
CA SER B 858 61.94 -22.02 -33.58
C SER B 858 62.19 -20.94 -32.53
N GLY B 859 62.26 -21.29 -31.25
CA GLY B 859 62.60 -20.34 -30.19
C GLY B 859 61.58 -19.22 -30.04
N TRP B 860 62.07 -18.02 -29.79
CA TRP B 860 61.25 -16.80 -29.85
C TRP B 860 60.91 -16.36 -31.28
N THR B 861 61.57 -16.89 -32.31
CA THR B 861 61.53 -16.27 -33.64
C THR B 861 60.12 -16.19 -34.20
N PHE B 862 59.25 -17.16 -33.90
CA PHE B 862 57.87 -17.15 -34.40
C PHE B 862 56.98 -16.09 -33.76
N GLY B 863 57.40 -15.52 -32.63
CA GLY B 863 56.76 -14.34 -32.02
C GLY B 863 57.20 -13.08 -32.75
N ALA B 864 58.50 -12.95 -32.99
CA ALA B 864 59.11 -11.86 -33.76
C ALA B 864 58.96 -12.04 -35.29
N GLY B 865 57.75 -12.36 -35.75
CA GLY B 865 57.41 -12.53 -37.17
C GLY B 865 57.64 -13.93 -37.72
N ALA B 866 58.75 -14.14 -38.43
CA ALA B 866 58.98 -15.36 -39.21
C ALA B 866 59.57 -16.50 -38.36
N ALA B 867 58.88 -17.64 -38.25
CA ALA B 867 59.38 -18.82 -37.56
C ALA B 867 60.53 -19.46 -38.35
N LEU B 868 61.68 -19.60 -37.71
CA LEU B 868 62.88 -20.19 -38.29
C LEU B 868 63.21 -21.49 -37.57
N GLN B 869 63.54 -22.59 -38.23
CA GLN B 869 64.03 -23.73 -37.47
C GLN B 869 65.35 -23.42 -36.78
N ILE B 870 65.52 -23.95 -35.57
CA ILE B 870 66.77 -24.03 -34.83
C ILE B 870 66.78 -25.32 -33.99
N PRO B 871 67.87 -26.10 -33.92
CA PRO B 871 67.87 -27.37 -33.22
C PRO B 871 67.64 -27.18 -31.72
N PHE B 872 66.95 -28.08 -31.03
CA PHE B 872 66.50 -27.76 -29.66
C PHE B 872 67.63 -27.60 -28.63
N ALA B 873 68.68 -28.41 -28.70
CA ALA B 873 69.84 -28.25 -27.85
C ALA B 873 70.44 -26.85 -27.99
N MET B 874 70.57 -26.35 -29.22
CA MET B 874 71.06 -25.01 -29.48
C MET B 874 70.10 -23.95 -28.99
N GLN B 875 68.80 -24.12 -29.16
CA GLN B 875 67.86 -23.21 -28.54
C GLN B 875 68.06 -23.15 -27.02
N MET B 876 68.27 -24.27 -26.34
CA MET B 876 68.43 -24.20 -24.88
C MET B 876 69.72 -23.53 -24.47
N ALA B 877 70.81 -23.75 -25.20
CA ALA B 877 72.01 -22.97 -24.95
C ALA B 877 71.73 -21.49 -25.09
N TYR B 878 71.00 -21.07 -26.11
CA TYR B 878 70.56 -19.68 -26.27
C TYR B 878 69.35 -19.29 -25.41
N ARG B 879 69.01 -20.07 -24.38
CA ARG B 879 68.21 -19.64 -23.22
C ARG B 879 69.03 -19.66 -21.93
N PHE B 880 69.96 -20.59 -21.73
CA PHE B 880 70.97 -20.52 -20.66
C PHE B 880 71.81 -19.24 -20.78
N ASN B 881 72.23 -18.89 -21.99
CA ASN B 881 72.95 -17.63 -22.23
C ASN B 881 72.13 -16.41 -21.85
N GLY B 882 70.80 -16.53 -21.81
CA GLY B 882 69.84 -15.49 -21.43
C GLY B 882 69.58 -15.38 -19.93
N ILE B 883 70.17 -16.25 -19.10
CA ILE B 883 70.16 -16.18 -17.62
C ILE B 883 71.58 -16.12 -17.05
N GLY B 884 72.55 -15.64 -17.83
CA GLY B 884 73.93 -15.46 -17.38
C GLY B 884 74.67 -16.77 -17.09
N VAL B 885 74.30 -17.88 -17.71
CA VAL B 885 74.99 -19.18 -17.63
C VAL B 885 75.56 -19.55 -19.00
N THR B 886 76.87 -19.71 -19.10
CA THR B 886 77.55 -19.84 -20.39
C THR B 886 77.17 -21.14 -21.11
N GLN B 887 77.04 -21.11 -22.44
CA GLN B 887 76.49 -22.20 -23.24
C GLN B 887 77.08 -23.57 -22.94
N ASN B 888 78.39 -23.66 -22.71
CA ASN B 888 79.05 -24.94 -22.49
C ASN B 888 78.49 -25.70 -21.31
N VAL B 889 77.99 -25.00 -20.30
CA VAL B 889 77.35 -25.65 -19.15
C VAL B 889 76.15 -26.48 -19.59
N LEU B 890 75.42 -26.09 -20.64
CA LEU B 890 74.35 -26.91 -21.19
C LEU B 890 74.83 -28.10 -22.01
N TYR B 891 75.64 -27.90 -23.05
CA TYR B 891 76.03 -29.04 -23.89
C TYR B 891 76.84 -30.07 -23.10
N GLU B 892 77.71 -29.64 -22.20
CA GLU B 892 78.46 -30.55 -21.34
C GLU B 892 77.55 -31.30 -20.36
N ASN B 893 76.30 -30.89 -20.18
CA ASN B 893 75.34 -31.57 -19.33
C ASN B 893 74.08 -31.99 -20.11
N GLN B 894 74.09 -32.05 -21.44
CA GLN B 894 72.85 -32.14 -22.22
C GLN B 894 71.99 -33.34 -21.82
N LYS B 895 72.60 -34.51 -21.61
CA LYS B 895 71.88 -35.71 -21.17
C LYS B 895 71.30 -35.57 -19.77
N LEU B 896 72.09 -35.09 -18.81
CA LEU B 896 71.62 -34.85 -17.44
C LEU B 896 70.44 -33.87 -17.42
N ILE B 897 70.55 -32.78 -18.17
CA ILE B 897 69.50 -31.77 -18.28
C ILE B 897 68.25 -32.40 -18.88
N ALA B 898 68.36 -33.12 -19.99
CA ALA B 898 67.23 -33.78 -20.61
C ALA B 898 66.52 -34.71 -19.63
N ASN B 899 67.26 -35.51 -18.84
CA ASN B 899 66.67 -36.40 -17.85
C ASN B 899 65.92 -35.65 -16.76
N GLN B 900 66.48 -34.56 -16.22
CA GLN B 900 65.79 -33.71 -15.24
C GLN B 900 64.52 -33.09 -15.83
N PHE B 901 64.58 -32.61 -17.07
CA PHE B 901 63.43 -32.03 -17.73
C PHE B 901 62.33 -33.08 -17.91
N ASN B 902 62.63 -34.21 -18.55
CA ASN B 902 61.65 -35.28 -18.79
C ASN B 902 61.05 -35.77 -17.47
N SER B 903 61.88 -35.98 -16.45
CA SER B 903 61.47 -36.40 -15.12
C SER B 903 60.51 -35.41 -14.48
N ALA B 904 60.81 -34.12 -14.57
CA ALA B 904 59.93 -33.09 -14.07
C ALA B 904 58.58 -33.12 -14.80
N ILE B 905 58.56 -33.28 -16.12
CA ILE B 905 57.31 -33.43 -16.86
C ILE B 905 56.52 -34.64 -16.34
N GLY B 906 57.20 -35.75 -16.03
CA GLY B 906 56.59 -36.90 -15.38
C GLY B 906 55.90 -36.52 -14.06
N LYS B 907 56.60 -35.79 -13.19
CA LYS B 907 56.03 -35.30 -11.94
C LYS B 907 54.83 -34.38 -12.16
N ILE B 908 54.72 -33.66 -13.28
CA ILE B 908 53.50 -32.91 -13.59
C ILE B 908 52.34 -33.86 -13.81
N GLN B 909 52.47 -34.86 -14.67
CA GLN B 909 51.39 -35.82 -14.92
C GLN B 909 50.94 -36.50 -13.63
N ASP B 910 51.88 -36.94 -12.81
CA ASP B 910 51.59 -37.51 -11.50
C ASP B 910 50.89 -36.51 -10.59
N SER B 911 51.43 -35.30 -10.41
CA SER B 911 50.84 -34.29 -9.53
C SER B 911 49.42 -33.92 -9.94
N LEU B 912 49.19 -33.70 -11.24
CA LEU B 912 47.88 -33.37 -11.78
C LEU B 912 46.90 -34.54 -11.73
N SER B 913 47.36 -35.78 -11.94
CA SER B 913 46.49 -36.94 -11.76
C SER B 913 46.13 -37.15 -10.28
N SER B 914 47.08 -36.92 -9.38
CA SER B 914 46.96 -37.19 -7.94
C SER B 914 45.96 -36.30 -7.20
N THR B 915 45.82 -35.01 -7.54
CA THR B 915 44.90 -34.12 -6.82
C THR B 915 44.19 -33.09 -7.71
N ALA B 916 42.90 -32.85 -7.41
CA ALA B 916 42.13 -31.74 -7.97
C ALA B 916 42.46 -30.36 -7.36
N SER B 917 43.18 -30.31 -6.24
CA SER B 917 43.57 -29.06 -5.56
C SER B 917 44.45 -28.13 -6.41
N ALA B 918 45.15 -28.64 -7.43
CA ALA B 918 45.93 -27.81 -8.34
C ALA B 918 45.04 -26.85 -9.17
N LEU B 919 43.98 -27.35 -9.79
CA LEU B 919 43.08 -26.61 -10.67
C LEU B 919 42.00 -25.85 -9.90
N GLY B 920 42.33 -25.40 -8.69
CA GLY B 920 41.42 -24.68 -7.82
C GLY B 920 40.80 -23.47 -8.51
N LYS B 921 41.63 -22.63 -9.16
CA LYS B 921 41.19 -21.40 -9.83
C LYS B 921 40.09 -21.64 -10.86
N LEU B 922 40.31 -22.59 -11.76
CA LEU B 922 39.38 -22.87 -12.87
C LEU B 922 38.08 -23.43 -12.34
N GLN B 923 38.15 -24.41 -11.45
CA GLN B 923 36.96 -24.98 -10.83
C GLN B 923 36.20 -23.92 -10.02
N ASP B 924 36.89 -23.00 -9.37
CA ASP B 924 36.31 -21.90 -8.63
C ASP B 924 35.56 -20.95 -9.58
N VAL B 925 36.16 -20.58 -10.71
CA VAL B 925 35.47 -19.77 -11.73
C VAL B 925 34.21 -20.45 -12.24
N VAL B 926 34.26 -21.75 -12.54
CA VAL B 926 33.09 -22.53 -12.98
C VAL B 926 32.03 -22.55 -11.89
N ASN B 927 32.42 -22.84 -10.65
CA ASN B 927 31.53 -22.91 -9.49
C ASN B 927 30.87 -21.57 -9.19
N GLN B 928 31.60 -20.45 -9.22
CA GLN B 928 31.01 -19.15 -8.94
C GLN B 928 29.91 -18.84 -9.95
N ASN B 929 30.17 -19.05 -11.24
CA ASN B 929 29.16 -18.83 -12.26
C ASN B 929 27.95 -19.74 -12.06
N ALA B 930 28.17 -21.03 -11.77
CA ALA B 930 27.07 -21.94 -11.52
C ALA B 930 26.25 -21.53 -10.30
N GLN B 931 26.88 -21.16 -9.19
CA GLN B 931 26.18 -20.66 -8.01
C GLN B 931 25.40 -19.39 -8.30
N ALA B 932 25.97 -18.49 -9.09
CA ALA B 932 25.29 -17.27 -9.51
C ALA B 932 24.02 -17.62 -10.31
N LEU B 933 24.10 -18.47 -11.33
CA LEU B 933 22.92 -18.90 -12.06
C LEU B 933 21.90 -19.62 -11.16
N ASN B 934 22.35 -20.52 -10.29
CA ASN B 934 21.46 -21.22 -9.34
C ASN B 934 20.75 -20.22 -8.42
N THR B 935 21.42 -19.14 -8.04
CA THR B 935 20.80 -18.07 -7.25
C THR B 935 19.77 -17.32 -8.08
N LEU B 936 20.14 -16.93 -9.29
CA LEU B 936 19.24 -16.24 -10.21
C LEU B 936 17.98 -17.06 -10.49
N VAL B 937 18.08 -18.38 -10.57
CA VAL B 937 16.92 -19.28 -10.69
C VAL B 937 16.13 -19.33 -9.39
N LYS B 938 16.76 -19.59 -8.23
CA LYS B 938 16.03 -19.64 -6.95
C LYS B 938 15.30 -18.34 -6.66
N GLN B 939 15.85 -17.21 -7.08
CA GLN B 939 15.19 -15.93 -6.93
C GLN B 939 13.88 -15.82 -7.72
N LEU B 940 13.63 -16.63 -8.75
CA LEU B 940 12.28 -16.71 -9.33
C LEU B 940 11.26 -17.24 -8.33
N SER B 941 11.63 -18.25 -7.54
CA SER B 941 10.77 -18.82 -6.51
C SER B 941 10.52 -17.88 -5.33
N SER B 942 11.30 -16.80 -5.20
CA SER B 942 11.17 -15.84 -4.09
C SER B 942 9.89 -15.03 -4.17
N ASN B 943 9.27 -14.77 -3.04
CA ASN B 943 7.96 -14.15 -2.99
C ASN B 943 7.98 -12.61 -3.18
N PHE B 944 9.01 -11.90 -2.72
CA PHE B 944 9.12 -10.43 -2.81
C PHE B 944 7.89 -9.63 -2.34
N GLY B 945 7.15 -10.13 -1.36
CA GLY B 945 5.95 -9.49 -0.82
C GLY B 945 4.69 -9.63 -1.69
N ALA B 946 4.70 -10.44 -2.75
CA ALA B 946 3.49 -10.75 -3.52
C ALA B 946 2.67 -11.88 -2.83
N ILE B 947 1.55 -12.33 -3.42
CA ILE B 947 0.76 -13.45 -2.86
C ILE B 947 1.24 -14.84 -3.30
N SER B 948 2.16 -14.90 -4.26
CA SER B 948 2.81 -16.11 -4.79
C SER B 948 4.05 -15.71 -5.57
N SER B 949 4.98 -16.64 -5.79
CA SER B 949 6.07 -16.48 -6.75
C SER B 949 5.73 -16.95 -8.17
N VAL B 950 4.48 -17.34 -8.44
CA VAL B 950 4.02 -17.75 -9.76
C VAL B 950 2.99 -16.76 -10.28
N LEU B 951 3.24 -16.17 -11.45
CA LEU B 951 2.36 -15.15 -12.03
C LEU B 951 0.97 -15.71 -12.36
N ASN B 952 0.89 -16.96 -12.81
CA ASN B 952 -0.38 -17.60 -13.12
C ASN B 952 -1.26 -17.81 -11.89
N ASP B 953 -0.67 -18.05 -10.70
CA ASP B 953 -1.42 -18.05 -9.44
C ASP B 953 -2.08 -16.69 -9.23
N ILE B 954 -1.28 -15.63 -9.29
CA ILE B 954 -1.73 -14.26 -9.03
C ILE B 954 -2.88 -13.90 -9.97
N LEU B 955 -2.71 -14.14 -11.26
CA LEU B 955 -3.69 -13.79 -12.29
C LEU B 955 -4.97 -14.63 -12.25
N SER B 956 -4.93 -15.84 -11.70
CA SER B 956 -6.14 -16.64 -11.48
C SER B 956 -6.83 -16.30 -10.16
N ARG B 957 -6.08 -15.85 -9.15
CA ARG B 957 -6.59 -15.53 -7.81
C ARG B 957 -7.12 -14.11 -7.65
N LEU B 958 -6.70 -13.19 -8.51
CA LEU B 958 -7.01 -11.76 -8.38
C LEU B 958 -7.55 -11.15 -9.68
N ASP B 959 -8.24 -10.01 -9.57
CA ASP B 959 -8.59 -9.18 -10.72
C ASP B 959 -7.43 -8.22 -11.09
N PRO B 960 -7.34 -7.73 -12.34
CA PRO B 960 -6.19 -6.96 -12.81
C PRO B 960 -5.79 -5.77 -11.92
N PRO B 961 -6.70 -4.93 -11.39
CA PRO B 961 -6.32 -3.79 -10.56
C PRO B 961 -5.68 -4.18 -9.22
N GLU B 962 -5.87 -5.44 -8.80
CA GLU B 962 -5.32 -6.03 -7.59
C GLU B 962 -4.01 -6.77 -7.93
N ALA B 963 -4.06 -7.62 -8.95
CA ALA B 963 -2.93 -8.40 -9.43
C ALA B 963 -1.76 -7.53 -9.88
N GLU B 964 -2.03 -6.41 -10.57
CA GLU B 964 -0.99 -5.54 -11.11
C GLU B 964 -0.11 -4.92 -10.04
N VAL B 965 -0.60 -4.80 -8.81
CA VAL B 965 0.21 -4.42 -7.65
C VAL B 965 1.14 -5.57 -7.24
N GLN B 966 0.60 -6.77 -7.12
CA GLN B 966 1.38 -7.95 -6.73
C GLN B 966 2.44 -8.29 -7.78
N ILE B 967 2.09 -8.19 -9.06
CA ILE B 967 3.02 -8.42 -10.17
C ILE B 967 4.09 -7.33 -10.20
N ASP B 968 3.74 -6.07 -9.92
CA ASP B 968 4.73 -5.01 -9.79
C ASP B 968 5.76 -5.36 -8.71
N ARG B 969 5.35 -5.95 -7.58
CA ARG B 969 6.30 -6.49 -6.60
C ARG B 969 7.20 -7.57 -7.20
N LEU B 970 6.65 -8.59 -7.87
CA LEU B 970 7.50 -9.62 -8.47
C LEU B 970 8.45 -9.06 -9.52
N ILE B 971 7.98 -8.17 -10.39
CA ILE B 971 8.81 -7.49 -11.38
C ILE B 971 9.94 -6.79 -10.66
N THR B 972 9.63 -5.96 -9.68
CA THR B 972 10.64 -5.13 -9.03
C THR B 972 11.68 -5.97 -8.34
N GLY B 973 11.27 -7.02 -7.62
CA GLY B 973 12.21 -7.94 -6.97
C GLY B 973 13.06 -8.72 -7.98
N ARG B 974 12.42 -9.30 -8.99
CA ARG B 974 13.11 -10.07 -10.03
C ARG B 974 14.08 -9.20 -10.80
N LEU B 975 13.64 -8.03 -11.25
CA LEU B 975 14.48 -7.07 -11.94
C LEU B 975 15.66 -6.64 -11.07
N GLN B 976 15.43 -6.37 -9.79
CA GLN B 976 16.52 -6.02 -8.89
C GLN B 976 17.49 -7.18 -8.67
N SER B 977 17.01 -8.43 -8.69
CA SER B 977 17.90 -9.59 -8.69
C SER B 977 18.67 -9.72 -10.00
N LEU B 978 18.05 -9.39 -11.12
CA LEU B 978 18.66 -9.44 -12.43
C LEU B 978 19.79 -8.40 -12.50
N GLN B 979 19.53 -7.17 -12.09
CA GLN B 979 20.53 -6.10 -12.01
C GLN B 979 21.69 -6.49 -11.11
N THR B 980 21.38 -7.13 -9.98
CA THR B 980 22.42 -7.62 -9.06
C THR B 980 23.24 -8.69 -9.74
N TYR B 981 22.62 -9.66 -10.40
CA TYR B 981 23.32 -10.69 -11.13
C TYR B 981 24.20 -10.11 -12.23
N VAL B 982 23.68 -9.23 -13.09
CA VAL B 982 24.49 -8.59 -14.12
C VAL B 982 25.65 -7.82 -13.53
N THR B 983 25.44 -7.11 -12.44
CA THR B 983 26.49 -6.41 -11.70
C THR B 983 27.57 -7.37 -11.21
N GLN B 984 27.20 -8.49 -10.58
CA GLN B 984 28.14 -9.50 -10.13
C GLN B 984 28.97 -10.00 -11.30
N GLN B 985 28.30 -10.32 -12.40
CA GLN B 985 28.98 -10.83 -13.57
C GLN B 985 29.89 -9.80 -14.22
N LEU B 986 29.53 -8.52 -14.26
CA LEU B 986 30.42 -7.48 -14.77
C LEU B 986 31.69 -7.42 -13.95
N ILE B 987 31.56 -7.36 -12.64
CA ILE B 987 32.71 -7.22 -11.74
C ILE B 987 33.60 -8.45 -11.86
N ARG B 988 33.01 -9.65 -11.90
CA ARG B 988 33.74 -10.89 -12.12
C ARG B 988 34.39 -10.92 -13.50
N ALA B 989 33.69 -10.50 -14.53
CA ALA B 989 34.24 -10.46 -15.89
C ALA B 989 35.44 -9.52 -15.97
N ALA B 990 35.45 -8.42 -15.22
CA ALA B 990 36.63 -7.57 -15.13
C ALA B 990 37.82 -8.27 -14.46
N GLU B 991 37.59 -9.11 -13.44
CA GLU B 991 38.65 -9.93 -12.87
C GLU B 991 39.16 -10.97 -13.90
N ILE B 992 38.26 -11.63 -14.62
CA ILE B 992 38.67 -12.57 -15.67
C ILE B 992 39.43 -11.85 -16.77
N ARG B 993 39.05 -10.63 -17.16
CA ARG B 993 39.80 -9.81 -18.13
C ARG B 993 41.19 -9.50 -17.62
N ALA B 994 41.33 -9.07 -16.37
CA ALA B 994 42.64 -8.80 -15.79
C ALA B 994 43.52 -10.05 -15.81
N SER B 995 42.94 -11.19 -15.44
CA SER B 995 43.62 -12.49 -15.51
C SER B 995 43.95 -12.91 -16.94
N ALA B 996 43.08 -12.68 -17.92
CA ALA B 996 43.32 -12.97 -19.32
C ALA B 996 44.42 -12.10 -19.90
N ASN B 997 44.48 -10.80 -19.59
CA ASN B 997 45.58 -9.95 -20.06
C ASN B 997 46.91 -10.41 -19.48
N LEU B 998 46.93 -10.81 -18.21
CA LEU B 998 48.10 -11.43 -17.61
C LEU B 998 48.46 -12.73 -18.33
N ALA B 999 47.50 -13.61 -18.60
CA ALA B 999 47.77 -14.83 -19.35
C ALA B 999 48.34 -14.50 -20.72
N ALA B 1000 47.74 -13.57 -21.45
CA ALA B 1000 48.24 -13.13 -22.73
C ALA B 1000 49.66 -12.59 -22.62
N THR B 1001 49.98 -11.89 -21.54
CA THR B 1001 51.33 -11.38 -21.32
C THR B 1001 52.29 -12.51 -21.03
N LYS B 1002 51.90 -13.51 -20.24
CA LYS B 1002 52.75 -14.69 -20.01
C LYS B 1002 52.90 -15.49 -21.30
N MET B 1003 51.90 -15.52 -22.17
CA MET B 1003 52.05 -16.11 -23.49
C MET B 1003 53.09 -15.34 -24.31
N SER B 1004 52.99 -14.02 -24.36
CA SER B 1004 53.90 -13.19 -25.13
C SER B 1004 55.32 -13.19 -24.59
N GLU B 1005 55.53 -13.21 -23.28
CA GLU B 1005 56.87 -13.21 -22.71
C GLU B 1005 57.40 -14.59 -22.34
N CYS B 1006 56.65 -15.42 -21.63
CA CYS B 1006 57.16 -16.72 -21.17
C CYS B 1006 57.17 -17.77 -22.27
N VAL B 1007 56.24 -17.73 -23.22
CA VAL B 1007 56.18 -18.72 -24.30
C VAL B 1007 56.92 -18.23 -25.52
N LEU B 1008 56.48 -17.09 -26.05
CA LEU B 1008 57.05 -16.50 -27.26
C LEU B 1008 58.43 -15.86 -27.04
N GLY B 1009 58.98 -15.91 -25.83
CA GLY B 1009 60.26 -15.33 -25.47
C GLY B 1009 60.83 -15.91 -24.18
N GLN B 1010 61.70 -15.15 -23.52
CA GLN B 1010 62.30 -15.48 -22.23
C GLN B 1010 62.25 -14.25 -21.34
N SER B 1011 61.28 -14.16 -20.44
CA SER B 1011 61.18 -12.97 -19.58
C SER B 1011 62.33 -12.92 -18.59
N LYS B 1012 63.00 -11.78 -18.47
CA LYS B 1012 64.04 -11.52 -17.46
C LYS B 1012 63.49 -10.91 -16.18
N ARG B 1013 62.16 -10.88 -16.04
CA ARG B 1013 61.45 -10.36 -14.88
C ARG B 1013 61.42 -11.42 -13.80
N VAL B 1014 62.24 -11.27 -12.77
CA VAL B 1014 62.44 -12.30 -11.74
C VAL B 1014 61.11 -12.74 -11.12
N ASP B 1015 60.82 -14.03 -11.17
CA ASP B 1015 59.58 -14.64 -10.72
C ASP B 1015 58.31 -14.10 -11.38
N PHE B 1016 58.38 -13.68 -12.66
CA PHE B 1016 57.20 -13.61 -13.51
C PHE B 1016 56.85 -14.97 -14.11
N CYS B 1017 57.80 -15.64 -14.76
CA CYS B 1017 57.61 -16.97 -15.35
C CYS B 1017 58.07 -18.07 -14.39
N GLY B 1018 57.33 -18.29 -13.31
CA GLY B 1018 57.61 -19.32 -12.30
C GLY B 1018 58.78 -18.98 -11.37
N LYS B 1019 58.84 -19.63 -10.21
CA LYS B 1019 59.87 -19.35 -9.20
C LYS B 1019 61.24 -19.91 -9.58
N GLY B 1020 62.14 -19.06 -10.08
CA GLY B 1020 63.50 -19.41 -10.48
C GLY B 1020 64.02 -18.49 -11.59
N TYR B 1021 65.25 -18.65 -12.04
CA TYR B 1021 65.66 -18.08 -13.33
C TYR B 1021 64.86 -18.78 -14.43
N HIS B 1022 64.47 -18.09 -15.49
CA HIS B 1022 63.47 -18.64 -16.41
C HIS B 1022 64.07 -19.09 -17.72
N LEU B 1023 63.77 -20.31 -18.16
CA LEU B 1023 64.23 -20.79 -19.47
C LEU B 1023 63.16 -20.60 -20.52
N MET B 1024 62.02 -21.26 -20.42
CA MET B 1024 60.93 -21.25 -21.40
C MET B 1024 59.65 -21.72 -20.76
N SER B 1025 58.51 -21.49 -21.39
CA SER B 1025 57.24 -21.98 -20.88
C SER B 1025 56.43 -22.58 -21.98
N PHE B 1026 55.66 -23.62 -21.69
CA PHE B 1026 54.74 -24.20 -22.64
C PHE B 1026 53.32 -23.98 -22.19
N PRO B 1027 52.41 -23.49 -23.03
CA PRO B 1027 51.00 -23.45 -22.71
C PRO B 1027 50.43 -24.86 -22.76
N GLN B 1028 49.32 -25.07 -22.08
CA GLN B 1028 48.41 -26.17 -22.28
C GLN B 1028 46.99 -25.65 -22.12
N SER B 1029 46.09 -26.10 -22.96
CA SER B 1029 44.68 -25.75 -22.85
C SER B 1029 44.08 -26.36 -21.59
N ALA B 1030 43.09 -25.69 -21.03
CA ALA B 1030 42.26 -26.19 -19.94
C ALA B 1030 40.85 -25.63 -20.14
N PRO B 1031 39.80 -26.30 -19.64
CA PRO B 1031 38.44 -25.79 -19.79
C PRO B 1031 38.36 -24.40 -19.22
N HIS B 1032 37.85 -23.43 -19.98
CA HIS B 1032 37.69 -22.03 -19.58
C HIS B 1032 38.96 -21.31 -19.12
N GLY B 1033 40.15 -21.81 -19.44
CA GLY B 1033 41.38 -21.24 -18.91
C GLY B 1033 42.62 -21.63 -19.69
N VAL B 1034 43.78 -21.50 -19.06
CA VAL B 1034 45.04 -21.96 -19.62
C VAL B 1034 45.97 -22.39 -18.51
N VAL B 1035 46.90 -23.29 -18.80
CA VAL B 1035 47.93 -23.77 -17.89
C VAL B 1035 49.27 -23.53 -18.54
N PHE B 1036 50.27 -23.09 -17.78
CA PHE B 1036 51.62 -22.93 -18.27
C PHE B 1036 52.54 -23.89 -17.54
N LEU B 1037 53.55 -24.41 -18.22
CA LEU B 1037 54.62 -25.20 -17.63
C LEU B 1037 55.91 -24.42 -17.66
N HIS B 1038 56.17 -23.55 -16.68
CA HIS B 1038 57.37 -22.74 -16.70
C HIS B 1038 58.58 -23.59 -16.39
N VAL B 1039 59.43 -23.81 -17.37
CA VAL B 1039 60.72 -24.47 -17.19
C VAL B 1039 61.70 -23.51 -16.56
N THR B 1040 61.65 -23.38 -15.25
CA THR B 1040 62.65 -22.62 -14.51
C THR B 1040 63.95 -23.40 -14.40
N TYR B 1041 65.06 -22.69 -14.24
CA TYR B 1041 66.36 -23.16 -13.81
C TYR B 1041 66.53 -22.70 -12.37
N VAL B 1042 66.96 -23.57 -11.46
CA VAL B 1042 67.14 -23.23 -10.04
C VAL B 1042 68.51 -23.74 -9.58
N PRO B 1043 69.47 -22.89 -9.19
CA PRO B 1043 70.73 -23.38 -8.64
C PRO B 1043 70.47 -24.11 -7.32
N ALA B 1044 71.25 -25.14 -7.00
CA ALA B 1044 70.80 -26.14 -6.02
C ALA B 1044 71.88 -26.80 -5.15
N GLN B 1045 73.16 -26.74 -5.50
CA GLN B 1045 74.25 -27.12 -4.60
C GLN B 1045 75.33 -26.06 -4.69
N GLU B 1046 75.96 -25.69 -3.57
CA GLU B 1046 76.94 -24.61 -3.49
C GLU B 1046 78.02 -24.87 -2.44
N LYS B 1047 79.16 -24.22 -2.61
CA LYS B 1047 80.21 -24.13 -1.61
C LYS B 1047 80.40 -22.67 -1.23
N ASN B 1048 80.82 -22.43 0.00
CA ASN B 1048 81.48 -21.20 0.38
C ASN B 1048 82.79 -21.01 -0.39
N PHE B 1049 83.20 -19.77 -0.62
CA PHE B 1049 84.53 -19.40 -1.05
C PHE B 1049 84.92 -18.05 -0.48
N THR B 1050 86.21 -17.83 -0.28
CA THR B 1050 86.73 -16.49 -0.04
C THR B 1050 86.62 -15.71 -1.35
N THR B 1051 86.28 -14.43 -1.31
CA THR B 1051 86.14 -13.57 -2.49
C THR B 1051 86.78 -12.21 -2.28
N ALA B 1052 86.98 -11.46 -3.35
CA ALA B 1052 87.52 -10.11 -3.27
C ALA B 1052 86.90 -9.26 -4.39
N PRO B 1053 86.40 -8.05 -4.14
CA PRO B 1053 85.79 -7.21 -5.17
C PRO B 1053 86.64 -7.00 -6.42
N ALA B 1054 87.95 -6.98 -6.27
CA ALA B 1054 88.91 -6.89 -7.34
C ALA B 1054 90.22 -7.54 -6.92
N ILE B 1055 91.18 -7.64 -7.82
CA ILE B 1055 92.53 -8.12 -7.46
C ILE B 1055 93.58 -7.13 -7.96
N CYS B 1056 94.71 -7.03 -7.28
CA CYS B 1056 95.80 -6.15 -7.69
C CYS B 1056 96.95 -6.97 -8.26
N HIS B 1057 97.40 -6.65 -9.48
CA HIS B 1057 98.52 -7.34 -10.13
C HIS B 1057 99.78 -6.47 -10.08
N ASP B 1058 100.26 -5.95 -11.20
CA ASP B 1058 101.36 -4.98 -11.24
C ASP B 1058 100.85 -3.59 -10.87
N GLY B 1059 100.58 -3.35 -9.59
CA GLY B 1059 100.21 -2.03 -9.08
C GLY B 1059 98.88 -1.47 -9.59
N LYS B 1060 98.04 -2.32 -10.20
CA LYS B 1060 96.78 -1.93 -10.85
C LYS B 1060 95.69 -2.96 -10.60
N ALA B 1061 94.45 -2.49 -10.56
CA ALA B 1061 93.32 -3.31 -10.20
C ALA B 1061 92.73 -4.01 -11.43
N HIS B 1062 92.59 -5.33 -11.37
CA HIS B 1062 91.90 -6.15 -12.36
C HIS B 1062 90.53 -6.54 -11.82
N PHE B 1063 89.52 -6.47 -12.66
CA PHE B 1063 88.14 -6.76 -12.36
C PHE B 1063 87.65 -7.87 -13.31
N PRO B 1064 86.71 -8.74 -12.93
CA PRO B 1064 86.20 -9.77 -13.83
C PRO B 1064 85.34 -9.17 -14.94
N ARG B 1065 85.56 -9.53 -16.22
CA ARG B 1065 84.70 -9.02 -17.32
C ARG B 1065 83.25 -9.46 -17.16
N GLU B 1066 83.06 -10.71 -16.78
CA GLU B 1066 81.81 -11.22 -16.20
C GLU B 1066 82.14 -12.30 -15.17
N GLY B 1067 81.25 -12.53 -14.21
CA GLY B 1067 81.52 -13.41 -13.09
C GLY B 1067 82.09 -12.69 -11.85
N VAL B 1068 82.84 -13.43 -11.05
CA VAL B 1068 83.32 -13.05 -9.70
C VAL B 1068 84.69 -13.63 -9.49
N PHE B 1069 85.54 -13.00 -8.68
CA PHE B 1069 86.71 -13.68 -8.17
C PHE B 1069 86.37 -14.54 -6.97
N VAL B 1070 87.06 -15.67 -6.83
CA VAL B 1070 86.93 -16.61 -5.72
C VAL B 1070 88.26 -17.31 -5.45
N SER B 1071 88.38 -17.84 -4.26
CA SER B 1071 89.44 -18.79 -3.94
C SER B 1071 88.98 -19.85 -2.97
N ASN B 1072 89.52 -21.06 -3.13
CA ASN B 1072 89.48 -22.13 -2.13
C ASN B 1072 90.44 -21.86 -0.94
N GLY B 1073 91.34 -20.89 -1.05
CA GLY B 1073 92.38 -20.53 -0.07
C GLY B 1073 93.81 -20.78 -0.56
N THR B 1074 94.00 -21.50 -1.66
CA THR B 1074 95.31 -21.87 -2.22
C THR B 1074 95.48 -21.45 -3.68
N HIS B 1075 94.39 -21.27 -4.41
CA HIS B 1075 94.37 -20.85 -5.81
C HIS B 1075 93.32 -19.74 -5.97
N TRP B 1076 93.61 -18.64 -6.66
CA TRP B 1076 92.58 -17.65 -7.03
C TRP B 1076 92.05 -17.90 -8.43
N PHE B 1077 90.73 -17.84 -8.60
CA PHE B 1077 90.03 -18.10 -9.84
C PHE B 1077 88.98 -17.04 -10.11
N VAL B 1078 88.71 -16.73 -11.37
CA VAL B 1078 87.46 -16.10 -11.78
C VAL B 1078 86.45 -17.21 -12.10
N THR B 1079 85.16 -16.98 -11.88
CA THR B 1079 84.11 -17.91 -12.28
C THR B 1079 82.86 -17.17 -12.70
N GLN B 1080 82.10 -17.69 -13.65
CA GLN B 1080 80.74 -17.22 -13.94
C GLN B 1080 79.91 -17.26 -12.66
N ARG B 1081 78.98 -16.33 -12.48
CA ARG B 1081 78.37 -16.11 -11.16
C ARG B 1081 77.21 -17.02 -10.79
N ASN B 1082 76.77 -17.89 -11.70
CA ASN B 1082 75.67 -18.83 -11.45
C ASN B 1082 76.07 -20.31 -11.46
N PHE B 1083 77.33 -20.64 -11.72
CA PHE B 1083 77.77 -22.02 -11.80
C PHE B 1083 79.29 -22.09 -11.65
N TYR B 1084 79.81 -22.80 -10.68
CA TYR B 1084 81.23 -22.79 -10.38
C TYR B 1084 82.03 -23.39 -11.53
N GLU B 1085 82.68 -22.53 -12.28
CA GLU B 1085 83.54 -22.83 -13.43
C GLU B 1085 84.84 -22.03 -13.25
N PRO B 1086 85.69 -22.44 -12.31
CA PRO B 1086 86.92 -21.73 -12.00
C PRO B 1086 87.87 -21.72 -13.18
N GLN B 1087 88.31 -20.53 -13.56
CA GLN B 1087 89.27 -20.31 -14.63
C GLN B 1087 90.46 -19.55 -14.07
N ILE B 1088 91.64 -19.83 -14.63
CA ILE B 1088 92.86 -19.10 -14.33
C ILE B 1088 92.68 -17.64 -14.69
N ILE B 1089 93.11 -16.74 -13.83
CA ILE B 1089 92.85 -15.32 -14.02
C ILE B 1089 93.89 -14.75 -14.98
N THR B 1090 93.43 -14.00 -15.97
CA THR B 1090 94.24 -13.47 -17.06
C THR B 1090 93.81 -12.09 -17.51
N THR B 1091 94.66 -11.44 -18.28
CA THR B 1091 94.34 -10.24 -19.08
C THR B 1091 93.08 -10.37 -19.94
N ASP B 1092 92.63 -11.59 -20.21
CA ASP B 1092 91.57 -11.84 -21.17
C ASP B 1092 90.23 -11.89 -20.47
N ASN B 1093 90.13 -12.63 -19.37
CA ASN B 1093 88.92 -12.70 -18.56
C ASN B 1093 88.79 -11.55 -17.54
N THR B 1094 89.82 -10.70 -17.41
CA THR B 1094 89.77 -9.49 -16.59
C THR B 1094 90.04 -8.21 -17.37
N PHE B 1095 89.45 -7.11 -16.93
CA PHE B 1095 89.79 -5.78 -17.42
C PHE B 1095 90.47 -4.98 -16.33
N VAL B 1096 91.44 -4.15 -16.70
CA VAL B 1096 92.16 -3.26 -15.80
C VAL B 1096 91.32 -2.03 -15.49
N SER B 1097 91.42 -1.49 -14.29
CA SER B 1097 90.99 -0.13 -13.98
C SER B 1097 91.92 0.54 -12.96
N GLY B 1098 92.13 1.85 -13.07
CA GLY B 1098 92.80 2.67 -12.07
C GLY B 1098 94.13 2.12 -11.53
N ASN B 1099 94.32 2.20 -10.22
CA ASN B 1099 95.53 1.80 -9.51
C ASN B 1099 95.19 1.02 -8.22
N CYS B 1100 96.17 0.36 -7.65
CA CYS B 1100 95.98 -0.64 -6.60
C CYS B 1100 95.40 -0.12 -5.28
N ASP B 1101 95.39 1.20 -5.05
CA ASP B 1101 95.27 1.76 -3.70
C ASP B 1101 93.83 2.05 -3.26
N VAL B 1102 92.91 2.30 -4.18
CA VAL B 1102 91.61 2.94 -3.86
C VAL B 1102 90.50 1.95 -3.49
N VAL B 1103 90.59 0.71 -3.95
CA VAL B 1103 89.55 -0.31 -3.79
C VAL B 1103 89.56 -0.95 -2.40
N ILE B 1104 88.49 -0.74 -1.64
CA ILE B 1104 88.38 -1.37 -0.30
C ILE B 1104 88.01 -2.85 -0.46
N GLY B 1105 88.99 -3.74 -0.56
CA GLY B 1105 88.72 -5.18 -0.64
C GLY B 1105 89.66 -5.88 -1.59
N ILE B 1106 90.61 -5.13 -2.13
CA ILE B 1106 91.53 -5.72 -3.14
C ILE B 1106 92.39 -6.80 -2.49
N VAL B 1107 92.77 -7.83 -3.25
CA VAL B 1107 93.71 -8.83 -2.69
C VAL B 1107 94.94 -8.86 -3.58
N ASN B 1108 95.96 -9.61 -3.21
CA ASN B 1108 97.14 -9.77 -4.08
C ASN B 1108 96.80 -10.89 -5.07
N ASN B 1109 97.67 -11.13 -6.05
CA ASN B 1109 97.45 -12.25 -7.01
C ASN B 1109 98.59 -12.26 -8.01
N THR B 1110 98.51 -13.11 -9.03
CA THR B 1110 99.52 -13.12 -10.11
C THR B 1110 98.75 -13.32 -11.39
N VAL B 1111 98.37 -12.25 -12.08
CA VAL B 1111 97.50 -12.42 -13.25
C VAL B 1111 98.33 -12.88 -14.44
N TYR B 1112 97.89 -13.97 -15.07
CA TYR B 1112 98.62 -14.60 -16.15
C TYR B 1112 98.42 -13.85 -17.48
N ASP B 1113 99.50 -13.74 -18.25
CA ASP B 1113 99.55 -13.12 -19.57
C ASP B 1113 99.63 -14.19 -20.67
N PRO B 1114 98.56 -14.41 -21.46
CA PRO B 1114 98.54 -15.43 -22.50
C PRO B 1114 99.49 -15.16 -23.67
N LEU B 1115 100.10 -13.98 -23.78
CA LEU B 1115 101.16 -13.71 -24.76
C LEU B 1115 102.55 -14.10 -24.23
N GLN B 1116 102.74 -14.22 -22.92
CA GLN B 1116 104.05 -14.50 -22.33
C GLN B 1116 104.72 -15.80 -22.81
N PRO B 1117 104.01 -16.93 -22.98
CA PRO B 1117 104.61 -18.13 -23.55
C PRO B 1117 104.99 -17.98 -25.03
N GLU B 1118 104.36 -17.04 -25.73
CA GLU B 1118 104.59 -16.76 -27.14
C GLU B 1118 105.77 -15.82 -27.32
N LEU B 1119 105.95 -14.86 -26.40
CA LEU B 1119 107.13 -14.01 -26.27
C LEU B 1119 108.41 -14.80 -26.00
N ASP B 1120 108.29 -15.98 -25.41
CA ASP B 1120 109.40 -16.92 -25.21
C ASP B 1120 109.98 -17.52 -26.49
N SER B 1121 109.28 -17.40 -27.63
CA SER B 1121 109.73 -17.89 -28.95
C SER B 1121 111.03 -17.22 -29.42
N ALA C 1 21.09 52.53 18.62
CA ALA C 1 22.41 52.29 17.99
C ALA C 1 22.52 50.88 17.40
N TYR C 2 23.60 50.57 16.68
CA TYR C 2 23.89 49.25 16.10
C TYR C 2 25.28 48.76 16.51
N THR C 3 25.51 47.45 16.55
CA THR C 3 26.82 46.84 16.88
C THR C 3 27.01 45.49 16.17
N ASN C 4 28.24 45.14 15.80
CA ASN C 4 28.57 43.85 15.21
C ASN C 4 28.73 42.76 16.29
N SER C 5 27.90 41.72 16.27
CA SER C 5 28.01 40.57 17.19
C SER C 5 29.04 39.53 16.71
N PHE C 6 30.31 39.83 16.87
CA PHE C 6 31.40 38.97 16.45
C PHE C 6 31.29 37.57 17.09
N THR C 7 31.17 36.49 16.31
CA THR C 7 31.30 35.09 16.75
C THR C 7 30.57 34.68 18.05
N ARG C 8 29.39 35.20 18.35
CA ARG C 8 28.77 35.08 19.69
C ARG C 8 27.31 34.66 19.63
N GLY C 9 26.80 34.10 20.73
CA GLY C 9 25.40 33.67 20.86
C GLY C 9 25.10 32.24 20.43
N VAL C 10 26.11 31.40 20.22
CA VAL C 10 25.95 29.94 20.09
C VAL C 10 25.58 29.32 21.44
N TYR C 11 24.86 28.20 21.46
CA TYR C 11 24.39 27.54 22.67
C TYR C 11 24.24 26.04 22.44
N TYR C 12 24.18 25.24 23.51
CA TYR C 12 24.06 23.79 23.40
C TYR C 12 22.69 23.39 22.82
N PRO C 13 22.61 22.89 21.58
CA PRO C 13 21.35 22.70 20.87
C PRO C 13 20.54 21.51 21.40
N ASP C 14 21.17 20.60 22.12
CA ASP C 14 20.59 19.43 22.75
C ASP C 14 21.35 19.06 24.03
N LYS C 15 20.74 18.28 24.92
CA LYS C 15 21.38 17.81 26.16
C LYS C 15 22.31 16.62 25.96
N VAL C 16 22.77 16.40 24.74
CA VAL C 16 23.73 15.36 24.39
C VAL C 16 25.13 15.79 24.78
N PHE C 17 25.96 14.84 25.15
CA PHE C 17 27.39 15.00 25.30
C PHE C 17 28.06 14.44 24.06
N ARG C 18 28.97 15.19 23.45
CA ARG C 18 29.79 14.75 22.32
C ARG C 18 31.23 15.05 22.64
N SER C 19 32.14 14.12 22.42
CA SER C 19 33.50 14.20 22.95
C SER C 19 34.50 14.51 21.85
N SER C 20 35.19 15.65 21.96
CA SER C 20 36.29 16.01 21.05
C SER C 20 35.96 15.81 19.56
N VAL C 21 34.78 16.23 19.12
CA VAL C 21 34.23 15.89 17.80
C VAL C 21 33.52 17.08 17.15
N LEU C 22 33.69 17.23 15.84
CA LEU C 22 33.17 18.35 15.07
C LEU C 22 31.74 18.07 14.60
N HIS C 23 30.80 18.09 15.54
CA HIS C 23 29.39 17.83 15.24
C HIS C 23 28.78 18.97 14.43
N SER C 24 27.74 18.68 13.67
CA SER C 24 27.03 19.70 12.89
C SER C 24 25.53 19.61 13.05
N THR C 25 24.85 20.74 13.10
CA THR C 25 23.43 20.82 13.44
C THR C 25 22.71 21.92 12.68
N GLN C 26 21.42 21.76 12.46
CA GLN C 26 20.50 22.78 11.98
C GLN C 26 19.66 23.27 13.17
N ASP C 27 19.68 24.56 13.47
CA ASP C 27 18.90 25.11 14.58
C ASP C 27 18.71 26.62 14.45
N LEU C 28 17.85 27.19 15.27
CA LEU C 28 17.74 28.64 15.37
C LEU C 28 18.98 29.17 16.09
N PHE C 29 19.78 30.00 15.42
CA PHE C 29 21.00 30.61 15.97
C PHE C 29 21.11 32.07 15.56
N LEU C 30 21.76 32.90 16.39
CA LEU C 30 22.16 34.25 15.99
C LEU C 30 23.18 34.16 14.85
N PRO C 31 22.92 34.72 13.67
CA PRO C 31 23.86 34.60 12.57
C PRO C 31 25.20 35.19 12.93
N PHE C 32 26.29 34.55 12.54
CA PHE C 32 27.61 35.07 12.87
C PHE C 32 27.82 36.44 12.24
N PHE C 33 28.45 37.35 12.99
CA PHE C 33 28.69 38.73 12.55
C PHE C 33 27.42 39.49 12.14
N SER C 34 26.25 39.08 12.64
CA SER C 34 25.07 39.95 12.67
C SER C 34 25.11 41.32 13.37
N ASN C 35 24.02 42.06 13.28
CA ASN C 35 23.97 43.49 13.54
C ASN C 35 22.96 43.76 14.67
N VAL C 36 23.43 43.70 15.91
CA VAL C 36 22.57 43.77 17.10
C VAL C 36 22.15 45.20 17.39
N THR C 37 20.93 45.32 17.85
CA THR C 37 20.34 46.57 18.30
C THR C 37 20.89 46.92 19.67
N TRP C 38 21.71 47.97 19.76
CA TRP C 38 22.30 48.41 21.02
C TRP C 38 21.50 49.59 21.59
N PHE C 39 20.99 49.41 22.81
CA PHE C 39 20.23 50.41 23.55
C PHE C 39 21.07 51.05 24.65
N HIS C 40 21.06 52.38 24.72
CA HIS C 40 21.72 53.18 25.74
C HIS C 40 20.94 53.23 27.06
N ASN C 55 14.50 50.03 26.77
CA ASN C 55 13.24 49.88 27.48
C ASN C 55 11.92 49.67 26.67
N PRO C 56 11.85 49.76 25.32
CA PRO C 56 10.56 49.68 24.60
C PRO C 56 10.10 48.24 24.30
N VAL C 57 8.86 48.10 23.79
CA VAL C 57 8.36 46.84 23.21
C VAL C 57 9.11 46.48 21.94
N LEU C 58 9.51 45.21 21.81
CA LEU C 58 10.23 44.65 20.67
C LEU C 58 9.54 43.38 20.15
N PRO C 59 9.61 43.07 18.85
CA PRO C 59 9.22 41.77 18.31
C PRO C 59 9.94 40.60 18.97
N PHE C 60 9.40 39.40 18.87
CA PHE C 60 10.06 38.15 19.30
C PHE C 60 10.74 37.37 18.17
N ASN C 61 10.21 37.46 16.94
CA ASN C 61 10.80 36.88 15.71
C ASN C 61 11.27 35.41 15.85
N ASP C 62 10.42 34.53 16.35
CA ASP C 62 10.69 33.12 16.69
C ASP C 62 11.72 32.88 17.81
N GLY C 63 12.58 33.84 18.14
CA GLY C 63 13.40 33.80 19.32
C GLY C 63 14.42 34.94 19.36
N VAL C 64 14.91 35.22 20.56
CA VAL C 64 15.69 36.42 20.87
C VAL C 64 17.06 36.01 21.36
N TYR C 65 18.09 36.75 21.00
CA TYR C 65 19.33 36.77 21.77
C TYR C 65 19.38 38.09 22.53
N PHE C 66 19.77 38.06 23.79
CA PHE C 66 19.79 39.23 24.65
C PHE C 66 21.10 39.30 25.41
N ALA C 67 21.62 40.49 25.67
CA ALA C 67 22.76 40.65 26.56
C ALA C 67 22.77 42.01 27.24
N SER C 68 23.47 42.14 28.36
CA SER C 68 23.69 43.44 29.01
C SER C 68 24.96 43.45 29.87
N THR C 69 25.40 44.64 30.27
CA THR C 69 26.70 44.86 30.91
C THR C 69 26.56 45.87 32.05
N GLU C 70 26.09 45.45 33.23
CA GLU C 70 25.82 46.36 34.35
C GLU C 70 25.77 45.62 35.69
N LYS C 71 26.87 45.64 36.46
CA LYS C 71 26.93 44.99 37.79
C LYS C 71 25.92 45.54 38.79
N SER C 72 25.50 46.79 38.57
CA SER C 72 24.44 47.51 39.27
C SER C 72 23.06 46.82 39.24
N ASN C 73 22.84 45.83 38.35
CA ASN C 73 21.60 45.06 38.24
C ASN C 73 20.34 45.96 38.09
N ILE C 74 20.45 47.06 37.33
CA ILE C 74 19.31 47.94 37.04
C ILE C 74 18.28 47.22 36.16
N ILE C 75 18.76 46.45 35.18
CA ILE C 75 17.95 45.44 34.48
C ILE C 75 17.68 44.28 35.44
N ARG C 76 16.41 43.87 35.51
CA ARG C 76 15.93 42.87 36.47
C ARG C 76 15.10 41.75 35.86
N GLY C 77 14.78 41.80 34.58
CA GLY C 77 13.99 40.74 33.96
C GLY C 77 13.36 41.16 32.65
N TRP C 78 12.24 40.52 32.33
CA TRP C 78 11.58 40.63 31.03
C TRP C 78 10.10 40.32 31.13
N ILE C 79 9.34 40.77 30.14
CA ILE C 79 7.94 40.42 29.92
C ILE C 79 7.78 39.95 28.47
N PHE C 80 6.99 38.92 28.20
CA PHE C 80 6.72 38.39 26.86
C PHE C 80 5.23 38.06 26.70
N GLY C 81 4.71 38.09 25.48
CA GLY C 81 3.32 37.75 25.17
C GLY C 81 2.87 38.28 23.82
N THR C 82 1.64 38.80 23.74
CA THR C 82 1.13 39.58 22.58
C THR C 82 0.62 40.96 23.01
N THR C 83 -0.34 41.05 23.95
CA THR C 83 -0.80 42.33 24.53
C THR C 83 0.18 42.91 25.54
N LEU C 84 0.96 42.05 26.20
CA LEU C 84 1.86 42.36 27.31
C LEU C 84 1.13 42.99 28.53
N ASP C 85 -0.16 42.70 28.67
CA ASP C 85 -0.99 43.07 29.82
C ASP C 85 -2.13 42.02 29.94
N SER C 86 -3.37 42.44 29.78
CA SER C 86 -4.59 41.66 29.98
C SER C 86 -5.13 41.06 28.67
N LYS C 87 -6.35 40.50 28.71
CA LYS C 87 -7.05 39.85 27.59
C LYS C 87 -6.46 38.54 27.06
N THR C 88 -5.19 38.24 27.38
CA THR C 88 -4.50 36.98 27.06
C THR C 88 -3.34 36.78 28.05
N GLN C 89 -2.79 35.57 28.17
CA GLN C 89 -1.66 35.32 29.05
C GLN C 89 -0.40 36.07 28.58
N SER C 90 0.41 36.50 29.55
CA SER C 90 1.75 37.02 29.36
C SER C 90 2.72 36.38 30.36
N LEU C 91 3.94 36.09 29.91
CA LEU C 91 5.04 35.57 30.72
C LEU C 91 5.80 36.74 31.34
N LEU C 92 6.00 36.69 32.65
CA LEU C 92 6.88 37.58 33.41
C LEU C 92 8.07 36.77 33.93
N ILE C 93 9.29 37.28 33.76
CA ILE C 93 10.51 36.72 34.32
C ILE C 93 11.21 37.80 35.14
N VAL C 94 11.68 37.48 36.34
CA VAL C 94 12.33 38.45 37.23
C VAL C 94 13.45 37.80 38.01
N ASN C 95 14.50 38.57 38.28
CA ASN C 95 15.53 38.27 39.27
C ASN C 95 15.39 39.24 40.46
N ASN C 96 15.41 38.74 41.69
CA ASN C 96 15.28 39.57 42.90
C ASN C 96 16.39 39.36 43.94
N ALA C 97 17.52 38.76 43.54
CA ALA C 97 18.65 38.37 44.39
C ALA C 97 18.38 37.31 45.48
N THR C 98 17.14 37.05 45.89
CA THR C 98 16.80 35.85 46.65
C THR C 98 16.66 34.63 45.74
N ASN C 99 16.09 34.84 44.55
CA ASN C 99 15.73 33.81 43.60
C ASN C 99 15.57 34.37 42.18
N VAL C 100 15.57 33.48 41.20
CA VAL C 100 14.95 33.72 39.90
C VAL C 100 13.50 33.27 40.01
N VAL C 101 12.56 34.12 39.60
CA VAL C 101 11.12 33.91 39.83
C VAL C 101 10.38 34.15 38.52
N ILE C 102 9.39 33.29 38.24
CA ILE C 102 8.74 33.20 36.93
C ILE C 102 7.24 33.00 37.12
N LYS C 103 6.43 33.68 36.32
CA LYS C 103 4.97 33.57 36.33
C LYS C 103 4.42 33.71 34.92
N VAL C 104 3.27 33.09 34.63
CA VAL C 104 2.48 33.52 33.47
C VAL C 104 1.03 33.82 33.89
N CYS C 105 0.59 35.03 33.55
CA CYS C 105 -0.67 35.64 33.98
C CYS C 105 -1.21 36.60 32.91
N GLU C 106 -2.52 36.85 32.90
CA GLU C 106 -3.12 37.92 32.11
C GLU C 106 -2.98 39.29 32.81
N PHE C 107 -1.73 39.67 33.10
CA PHE C 107 -1.36 40.74 34.02
C PHE C 107 -2.11 42.06 33.79
N GLN C 108 -3.00 42.39 34.71
CA GLN C 108 -3.48 43.75 34.94
C GLN C 108 -2.44 44.50 35.81
N PHE C 109 -1.25 44.73 35.27
CA PHE C 109 -0.08 45.25 36.01
C PHE C 109 0.75 46.23 35.17
N CYS C 110 1.58 47.04 35.83
CA CYS C 110 2.30 48.19 35.25
C CYS C 110 3.09 47.91 33.98
N ASN C 111 3.06 48.85 33.02
CA ASN C 111 3.86 48.81 31.80
C ASN C 111 5.34 49.21 31.97
N ASP C 112 5.72 49.79 33.11
CA ASP C 112 7.09 50.23 33.42
C ASP C 112 7.29 50.41 34.95
N PRO C 113 7.30 49.32 35.72
CA PRO C 113 7.42 49.36 37.19
C PRO C 113 8.83 49.74 37.67
N PHE C 114 8.98 49.97 38.97
CA PHE C 114 10.26 50.26 39.63
C PHE C 114 11.31 49.15 39.41
N ASN C 138 -2.58 39.80 37.39
CA ASN C 138 -3.83 39.07 37.62
C ASN C 138 -4.07 37.89 36.65
N ASN C 139 -4.98 36.99 37.01
CA ASN C 139 -5.38 35.82 36.20
C ASN C 139 -4.21 34.90 35.79
N CYS C 140 -3.51 34.34 36.77
CA CYS C 140 -2.37 33.43 36.58
C CYS C 140 -2.75 32.05 36.01
N THR C 141 -1.79 31.36 35.41
CA THR C 141 -1.90 29.97 34.90
C THR C 141 -0.65 29.11 35.09
N PHE C 142 0.52 29.68 35.40
CA PHE C 142 1.74 28.95 35.77
C PHE C 142 2.65 29.79 36.68
N GLU C 143 3.51 29.14 37.46
CA GLU C 143 4.56 29.75 38.27
C GLU C 143 5.77 28.82 38.40
N TYR C 144 6.96 29.37 38.59
CA TYR C 144 8.21 28.65 38.89
C TYR C 144 9.14 29.54 39.72
N VAL C 145 10.02 28.96 40.52
CA VAL C 145 11.08 29.67 41.28
C VAL C 145 12.39 28.85 41.29
N SER C 146 13.55 29.50 41.34
CA SER C 146 14.87 28.87 41.41
C SER C 146 15.82 29.61 42.35
N PHE C 160 29.46 47.13 35.52
CA PHE C 160 29.74 46.86 34.11
C PHE C 160 30.63 45.65 33.89
N LYS C 161 31.53 45.36 34.85
CA LYS C 161 32.61 44.39 34.72
C LYS C 161 32.16 42.98 34.36
N ASN C 162 30.89 42.61 34.60
CA ASN C 162 30.29 41.37 34.10
C ASN C 162 29.37 41.63 32.89
N LEU C 163 29.50 40.77 31.89
CA LEU C 163 28.58 40.60 30.77
C LEU C 163 27.70 39.40 31.07
N ARG C 164 26.38 39.54 30.91
CA ARG C 164 25.42 38.44 30.96
C ARG C 164 24.67 38.35 29.64
N GLU C 165 24.49 37.13 29.16
CA GLU C 165 23.89 36.81 27.86
C GLU C 165 22.80 35.76 28.00
N PHE C 166 21.79 35.81 27.14
CA PHE C 166 20.63 34.94 27.19
C PHE C 166 20.09 34.64 25.80
N VAL C 167 19.43 33.50 25.63
CA VAL C 167 18.65 33.18 24.43
C VAL C 167 17.28 32.68 24.86
N PHE C 168 16.24 33.04 24.13
CA PHE C 168 14.86 32.68 24.42
C PHE C 168 14.17 32.13 23.18
N LYS C 169 13.38 31.07 23.30
CA LYS C 169 12.72 30.38 22.18
C LYS C 169 11.38 29.79 22.60
N ASN C 170 10.53 29.42 21.65
CA ASN C 170 9.50 28.40 21.82
C ASN C 170 9.87 27.08 21.13
N TYR C 174 6.15 25.26 24.91
CA TYR C 174 7.45 24.66 25.13
C TYR C 174 8.57 25.70 25.10
N PHE C 175 8.39 26.79 25.84
CA PHE C 175 9.32 27.92 25.92
C PHE C 175 10.63 27.54 26.60
N LYS C 176 11.78 28.01 26.11
CA LYS C 176 13.13 27.61 26.58
C LYS C 176 14.04 28.80 26.84
N ILE C 177 15.06 28.62 27.68
CA ILE C 177 16.07 29.61 28.05
C ILE C 177 17.47 29.01 27.99
N TYR C 178 18.46 29.79 27.59
CA TYR C 178 19.88 29.48 27.75
C TYR C 178 20.60 30.71 28.30
N SER C 179 21.77 30.58 28.91
CA SER C 179 22.47 31.73 29.51
C SER C 179 23.96 31.54 29.64
N LYS C 180 24.71 32.64 29.78
CA LYS C 180 26.11 32.65 30.23
C LYS C 180 26.49 33.98 30.90
N HIS C 181 27.48 33.94 31.79
CA HIS C 181 27.98 35.07 32.57
C HIS C 181 29.51 35.09 32.50
N THR C 182 30.13 36.22 32.16
CA THR C 182 31.58 36.35 31.99
C THR C 182 32.05 37.74 32.45
N PRO C 183 33.33 37.94 32.77
CA PRO C 183 33.91 39.28 32.79
C PRO C 183 33.84 39.95 31.41
N ILE C 184 34.02 41.27 31.39
CA ILE C 184 34.17 42.13 30.21
C ILE C 184 35.05 43.35 30.56
N ASN C 185 35.77 43.89 29.58
CA ASN C 185 36.59 45.10 29.70
C ASN C 185 36.17 46.18 28.69
N ASP C 189 29.78 47.34 22.13
CA ASP C 189 30.91 46.87 22.93
C ASP C 189 31.01 45.34 23.07
N LEU C 190 30.03 44.60 22.55
CA LEU C 190 29.88 43.16 22.73
C LEU C 190 31.10 42.38 22.17
N PRO C 191 31.92 41.68 22.99
CA PRO C 191 33.26 41.27 22.57
C PRO C 191 33.35 40.15 21.53
N GLN C 192 34.51 40.10 20.86
CA GLN C 192 34.97 38.91 20.15
C GLN C 192 35.15 37.69 21.06
N GLY C 193 35.21 36.49 20.50
CA GLY C 193 35.41 35.24 21.25
C GLY C 193 34.13 34.55 21.71
N PHE C 194 34.29 33.42 22.40
CA PHE C 194 33.25 32.42 22.64
C PHE C 194 32.73 32.36 24.07
N SER C 195 31.44 32.09 24.17
CA SER C 195 30.67 32.06 25.42
C SER C 195 29.43 31.15 25.27
N ALA C 196 29.60 29.93 24.80
CA ALA C 196 28.50 29.03 24.46
C ALA C 196 27.48 28.84 25.61
N LEU C 197 26.22 29.20 25.41
CA LEU C 197 25.24 29.31 26.50
C LEU C 197 24.72 27.94 26.98
N GLU C 198 24.80 27.64 28.29
CA GLU C 198 24.17 26.47 28.91
C GLU C 198 22.64 26.64 29.05
N PRO C 199 21.81 25.58 29.04
CA PRO C 199 20.36 25.70 29.18
C PRO C 199 19.90 26.06 30.60
N LEU C 200 18.63 26.45 30.78
CA LEU C 200 18.05 26.67 32.12
C LEU C 200 16.59 26.21 32.32
N VAL C 201 15.67 26.33 31.36
CA VAL C 201 14.21 26.19 31.59
C VAL C 201 13.50 25.49 30.43
N ASP C 202 12.37 24.86 30.71
CA ASP C 202 11.28 24.55 29.77
C ASP C 202 9.96 24.95 30.44
N LEU C 203 9.03 25.59 29.74
CA LEU C 203 7.63 25.74 30.15
C LEU C 203 6.78 24.71 29.38
N PRO C 204 6.44 23.55 29.97
CA PRO C 204 6.07 22.34 29.22
C PRO C 204 4.93 22.39 28.17
N ILE C 205 3.92 23.26 28.28
CA ILE C 205 2.93 23.49 27.21
C ILE C 205 2.75 25.00 26.85
N GLY C 206 3.76 25.82 27.16
CA GLY C 206 4.01 27.09 26.47
C GLY C 206 2.98 28.21 26.59
N ILE C 207 3.21 29.23 25.75
CA ILE C 207 2.50 30.50 25.63
C ILE C 207 2.86 31.08 24.24
N ASN C 208 1.87 31.56 23.49
CA ASN C 208 2.01 32.00 22.11
C ASN C 208 2.65 33.40 21.96
N ILE C 209 3.91 33.55 22.37
CA ILE C 209 4.64 34.83 22.33
C ILE C 209 4.81 35.32 20.89
N THR C 210 4.51 36.60 20.65
CA THR C 210 4.90 37.33 19.43
C THR C 210 5.79 38.53 19.75
N ARG C 211 5.74 39.08 20.97
CA ARG C 211 6.44 40.30 21.39
C ARG C 211 6.96 40.23 22.83
N PHE C 212 7.93 41.07 23.15
CA PHE C 212 8.53 41.14 24.47
C PHE C 212 9.00 42.55 24.83
N GLN C 213 9.37 42.79 26.09
CA GLN C 213 10.06 44.00 26.52
C GLN C 213 10.98 43.74 27.72
N THR C 214 12.01 44.55 27.89
CA THR C 214 12.91 44.53 29.06
C THR C 214 12.24 45.14 30.29
N LEU C 215 12.63 44.68 31.49
CA LEU C 215 12.11 45.12 32.79
C LEU C 215 13.27 45.48 33.75
N LEU C 216 13.12 46.56 34.50
CA LEU C 216 14.23 47.27 35.14
C LEU C 216 13.96 47.63 36.60
N ALA C 237 22.39 52.72 32.05
CA ALA C 237 22.65 51.33 31.68
C ALA C 237 22.59 51.12 30.17
N ALA C 238 23.01 49.94 29.69
CA ALA C 238 23.02 49.59 28.27
C ALA C 238 22.83 48.09 28.04
N TYR C 239 22.15 47.74 26.95
CA TYR C 239 21.85 46.35 26.63
C TYR C 239 21.68 46.13 25.12
N TYR C 240 21.75 44.88 24.68
CA TYR C 240 21.81 44.51 23.28
C TYR C 240 20.75 43.46 22.98
N VAL C 241 20.12 43.54 21.82
CA VAL C 241 19.17 42.53 21.33
C VAL C 241 19.56 42.12 19.93
N GLY C 242 19.53 40.84 19.64
CA GLY C 242 19.61 40.31 18.29
C GLY C 242 18.42 39.40 18.03
N TYR C 243 18.33 38.85 16.82
CA TYR C 243 17.34 37.83 16.48
C TYR C 243 18.02 36.65 15.80
N LEU C 244 17.62 35.46 16.19
CA LEU C 244 18.12 34.22 15.63
C LEU C 244 17.36 33.81 14.36
N GLN C 245 17.90 32.88 13.59
CA GLN C 245 17.37 32.43 12.30
C GLN C 245 17.67 30.93 12.12
N PRO C 246 16.87 30.19 11.34
CA PRO C 246 17.11 28.77 11.05
C PRO C 246 18.37 28.62 10.21
N ARG C 247 19.47 28.14 10.81
CA ARG C 247 20.79 28.09 10.19
C ARG C 247 21.56 26.83 10.58
N THR C 248 22.51 26.46 9.74
CA THR C 248 23.35 25.28 9.94
C THR C 248 24.68 25.71 10.54
N PHE C 249 25.14 24.99 11.54
CA PHE C 249 26.39 25.25 12.23
C PHE C 249 27.26 24.01 12.29
N LEU C 250 28.57 24.22 12.33
CA LEU C 250 29.56 23.25 12.78
C LEU C 250 29.98 23.64 14.19
N LEU C 251 30.07 22.70 15.12
CA LEU C 251 30.37 22.91 16.52
C LEU C 251 31.61 22.10 16.94
N LYS C 252 32.62 22.73 17.51
CA LYS C 252 33.81 22.06 18.04
C LYS C 252 33.61 21.74 19.52
N TYR C 253 32.97 20.61 19.80
CA TYR C 253 32.97 20.03 21.13
C TYR C 253 34.37 19.56 21.49
N ASN C 254 34.90 19.89 22.66
CA ASN C 254 36.22 19.44 23.10
C ASN C 254 36.16 18.18 23.98
N GLU C 255 37.30 17.77 24.54
CA GLU C 255 37.40 16.60 25.43
C GLU C 255 36.50 16.69 26.67
N ASN C 256 36.45 17.86 27.32
CA ASN C 256 35.57 18.11 28.46
C ASN C 256 34.09 18.23 28.07
N GLY C 257 33.70 18.05 26.80
CA GLY C 257 32.31 18.01 26.38
C GLY C 257 31.66 19.37 26.16
N THR C 258 32.44 20.43 26.02
CA THR C 258 31.98 21.82 25.91
C THR C 258 32.21 22.37 24.51
N ILE C 259 31.26 23.16 24.01
CA ILE C 259 31.38 23.81 22.70
C ILE C 259 32.41 24.92 22.80
N THR C 260 33.61 24.69 22.31
CA THR C 260 34.72 25.66 22.37
C THR C 260 34.72 26.64 21.20
N ASP C 261 34.14 26.28 20.06
CA ASP C 261 34.27 27.02 18.80
C ASP C 261 33.14 26.61 17.84
N ALA C 262 32.87 27.40 16.81
CA ALA C 262 31.81 27.13 15.86
C ALA C 262 32.04 27.80 14.51
N VAL C 263 31.37 27.30 13.47
CA VAL C 263 31.27 27.96 12.15
C VAL C 263 29.81 28.01 11.73
N ASP C 264 29.35 29.18 11.31
CA ASP C 264 28.02 29.38 10.72
C ASP C 264 28.11 29.14 9.22
N CYS C 265 27.51 28.07 8.72
CA CYS C 265 27.80 27.59 7.37
C CYS C 265 27.50 28.59 6.27
N ALA C 266 26.40 29.31 6.39
CA ALA C 266 25.96 30.27 5.39
C ALA C 266 26.76 31.58 5.40
N LEU C 267 27.66 31.81 6.35
CA LEU C 267 28.34 33.10 6.52
C LEU C 267 29.12 33.54 5.28
N ASP C 268 30.03 32.71 4.77
CA ASP C 268 30.84 33.02 3.59
C ASP C 268 31.35 31.72 2.92
N PRO C 269 31.85 31.76 1.67
CA PRO C 269 32.23 30.54 0.96
C PRO C 269 33.27 29.71 1.72
N LEU C 270 34.17 30.35 2.46
CA LEU C 270 35.10 29.64 3.32
C LEU C 270 34.37 28.86 4.41
N SER C 271 33.50 29.50 5.17
CA SER C 271 32.68 28.85 6.17
C SER C 271 31.90 27.70 5.57
N GLU C 272 31.33 27.91 4.40
CA GLU C 272 30.59 26.88 3.70
C GLU C 272 31.48 25.68 3.36
N THR C 273 32.74 25.92 3.05
CA THR C 273 33.72 24.85 2.82
C THR C 273 34.03 24.10 4.09
N LYS C 274 34.19 24.78 5.23
CA LYS C 274 34.36 24.12 6.53
C LYS C 274 33.17 23.25 6.87
N CYS C 275 31.95 23.75 6.73
CA CYS C 275 30.76 22.92 6.94
C CYS C 275 30.69 21.75 5.96
N THR C 276 31.11 21.96 4.71
CA THR C 276 31.10 20.89 3.71
C THR C 276 32.04 19.75 4.09
N LEU C 277 33.25 20.07 4.56
CA LEU C 277 34.23 19.05 4.92
C LEU C 277 34.12 18.54 6.35
N LYS C 278 33.37 19.20 7.23
CA LYS C 278 33.38 19.07 8.70
C LYS C 278 34.73 19.43 9.35
N SER C 279 35.83 19.33 8.63
CA SER C 279 37.14 19.67 9.16
C SER C 279 37.22 21.16 9.48
N PHE C 280 37.71 21.50 10.67
CA PHE C 280 37.74 22.89 11.12
C PHE C 280 38.88 23.70 10.47
N THR C 281 39.96 23.02 10.10
CA THR C 281 41.03 23.52 9.23
C THR C 281 40.89 22.88 7.85
N VAL C 282 41.04 23.66 6.78
CA VAL C 282 40.95 23.16 5.40
C VAL C 282 42.31 23.31 4.73
N GLU C 283 42.88 22.19 4.26
CA GLU C 283 44.14 22.20 3.53
C GLU C 283 44.01 22.84 2.16
N LYS C 284 45.12 23.30 1.57
CA LYS C 284 45.11 23.94 0.24
C LYS C 284 44.40 23.08 -0.80
N GLY C 285 43.48 23.65 -1.55
CA GLY C 285 42.77 22.91 -2.58
C GLY C 285 41.59 23.64 -3.20
N ILE C 286 40.77 22.90 -3.93
CA ILE C 286 39.49 23.32 -4.48
C ILE C 286 38.40 22.34 -4.03
N TYR C 287 37.27 22.85 -3.56
CA TYR C 287 36.22 22.02 -2.97
C TYR C 287 34.86 22.43 -3.48
N GLN C 288 34.07 21.52 -4.02
CA GLN C 288 32.68 21.81 -4.34
C GLN C 288 31.89 21.95 -3.04
N THR C 289 31.10 23.02 -2.89
CA THR C 289 30.32 23.26 -1.68
C THR C 289 28.81 23.37 -1.91
N SER C 290 28.37 23.71 -3.12
CA SER C 290 26.94 23.82 -3.42
C SER C 290 26.67 23.71 -4.91
N ASN C 291 25.40 23.60 -5.32
CA ASN C 291 25.00 23.71 -6.71
C ASN C 291 24.16 24.97 -6.88
N PHE C 292 24.69 25.91 -7.66
CA PHE C 292 24.00 27.14 -8.05
C PHE C 292 23.00 26.83 -9.15
N ARG C 293 21.81 27.42 -9.11
CA ARG C 293 20.76 27.22 -10.10
C ARG C 293 19.87 28.43 -10.18
N VAL C 294 19.85 29.14 -11.31
CA VAL C 294 19.00 30.31 -11.50
C VAL C 294 17.53 29.92 -11.36
N GLN C 295 16.83 30.51 -10.40
CA GLN C 295 15.40 30.27 -10.19
C GLN C 295 14.57 30.97 -11.28
N PRO C 296 13.46 30.40 -11.77
CA PRO C 296 12.64 31.06 -12.77
C PRO C 296 12.02 32.33 -12.22
N THR C 297 12.06 33.41 -12.99
CA THR C 297 11.66 34.74 -12.52
C THR C 297 10.16 35.01 -12.62
N GLU C 298 9.44 34.38 -13.55
CA GLU C 298 7.97 34.38 -13.65
C GLU C 298 7.45 33.20 -14.48
N SER C 299 6.14 32.97 -14.42
CA SER C 299 5.47 31.86 -15.11
C SER C 299 4.67 32.35 -16.31
N ILE C 300 5.08 31.94 -17.51
CA ILE C 300 4.35 32.19 -18.76
C ILE C 300 3.24 31.17 -18.94
N VAL C 301 2.11 31.59 -19.51
CA VAL C 301 1.09 30.68 -20.03
C VAL C 301 0.73 31.11 -21.45
N ARG C 302 0.76 30.20 -22.42
CA ARG C 302 0.37 30.48 -23.80
C ARG C 302 -0.49 29.37 -24.36
N PHE C 303 -1.58 29.75 -25.00
CA PHE C 303 -2.50 28.91 -25.72
C PHE C 303 -2.85 29.59 -27.05
N PRO C 304 -3.45 28.89 -28.01
CA PRO C 304 -3.91 29.49 -29.26
C PRO C 304 -4.86 30.66 -29.02
N ASN C 305 -4.99 31.54 -30.01
CA ASN C 305 -5.87 32.69 -29.93
C ASN C 305 -7.28 32.27 -29.47
N ILE C 306 -7.84 33.05 -28.56
CA ILE C 306 -9.21 32.89 -28.07
C ILE C 306 -10.21 33.22 -29.19
N THR C 307 -10.74 32.18 -29.84
CA THR C 307 -11.59 32.29 -31.01
C THR C 307 -12.50 31.07 -31.19
N ASN C 308 -13.52 31.20 -32.03
CA ASN C 308 -14.59 30.21 -32.17
C ASN C 308 -15.33 29.94 -30.86
N LEU C 309 -15.68 31.01 -30.13
CA LEU C 309 -16.46 30.90 -28.90
C LEU C 309 -17.88 30.37 -29.20
N CYS C 310 -18.49 29.69 -28.23
CA CYS C 310 -19.92 29.38 -28.29
C CYS C 310 -20.75 30.67 -28.22
N PRO C 311 -21.97 30.67 -28.75
CA PRO C 311 -22.68 31.90 -29.04
C PRO C 311 -23.15 32.66 -27.80
N PHE C 312 -23.87 31.99 -26.90
CA PHE C 312 -24.53 32.47 -25.67
C PHE C 312 -25.48 33.65 -25.79
N GLY C 313 -25.14 34.70 -26.53
CA GLY C 313 -26.05 35.78 -26.88
C GLY C 313 -27.21 35.28 -27.74
N GLU C 314 -27.01 34.28 -28.58
CA GLU C 314 -28.09 33.57 -29.26
C GLU C 314 -29.06 32.83 -28.31
N VAL C 315 -28.69 32.68 -27.03
CA VAL C 315 -29.56 32.19 -25.93
C VAL C 315 -30.11 33.35 -25.11
N PHE C 316 -29.24 34.15 -24.49
CA PHE C 316 -29.61 35.21 -23.56
C PHE C 316 -30.34 36.38 -24.23
N ASN C 317 -30.02 36.67 -25.49
CA ASN C 317 -30.45 37.88 -26.20
C ASN C 317 -31.29 37.56 -27.46
N ALA C 318 -31.95 36.39 -27.49
CA ALA C 318 -32.96 36.02 -28.50
C ALA C 318 -34.19 36.95 -28.44
N THR C 319 -34.99 37.02 -29.51
CA THR C 319 -36.18 37.87 -29.55
C THR C 319 -37.21 37.55 -28.46
N ARG C 320 -37.51 36.26 -28.25
CA ARG C 320 -38.25 35.76 -27.09
C ARG C 320 -37.84 34.33 -26.71
N PHE C 321 -37.86 34.02 -25.42
CA PHE C 321 -37.75 32.64 -24.94
C PHE C 321 -39.05 31.86 -25.18
N ALA C 322 -39.01 30.54 -25.02
CA ALA C 322 -40.18 29.68 -25.04
C ALA C 322 -41.05 29.82 -23.77
N SER C 323 -42.34 29.50 -23.86
CA SER C 323 -43.20 29.34 -22.68
C SER C 323 -42.71 28.22 -21.74
N VAL C 324 -43.16 28.23 -20.49
CA VAL C 324 -42.70 27.26 -19.48
C VAL C 324 -43.19 25.84 -19.74
N TYR C 325 -44.44 25.68 -20.16
CA TYR C 325 -45.05 24.40 -20.53
C TYR C 325 -44.43 23.83 -21.81
N ALA C 326 -44.27 24.65 -22.84
CA ALA C 326 -43.69 24.30 -24.13
C ALA C 326 -42.15 24.44 -24.15
N TRP C 327 -41.47 23.64 -23.33
CA TRP C 327 -40.02 23.68 -23.12
C TRP C 327 -39.17 23.69 -24.40
N ASN C 328 -37.99 24.29 -24.31
CA ASN C 328 -37.00 24.43 -25.38
C ASN C 328 -35.57 24.05 -24.93
N ARG C 329 -34.70 23.77 -25.90
CA ARG C 329 -33.42 23.06 -25.76
C ARG C 329 -32.53 23.35 -26.98
N LYS C 330 -31.26 23.70 -26.77
CA LYS C 330 -30.24 23.67 -27.83
C LYS C 330 -28.86 23.24 -27.34
N ARG C 331 -28.01 22.76 -28.25
CA ARG C 331 -26.61 22.39 -27.99
C ARG C 331 -25.73 23.61 -27.68
N ILE C 332 -24.72 23.34 -26.86
CA ILE C 332 -23.46 24.05 -26.73
C ILE C 332 -22.36 23.01 -27.01
N SER C 333 -21.53 23.25 -28.02
CA SER C 333 -20.55 22.29 -28.54
C SER C 333 -19.52 22.94 -29.45
N ASN C 334 -18.42 22.25 -29.69
CA ASN C 334 -17.49 22.50 -30.78
C ASN C 334 -16.92 23.94 -30.76
N CYS C 335 -16.55 24.45 -29.59
CA CYS C 335 -16.26 25.87 -29.36
C CYS C 335 -15.37 26.12 -28.13
N VAL C 336 -15.15 27.40 -27.81
CA VAL C 336 -14.72 27.84 -26.47
C VAL C 336 -15.90 28.46 -25.72
N ALA C 337 -16.11 28.08 -24.47
CA ALA C 337 -17.08 28.73 -23.60
C ALA C 337 -16.43 29.83 -22.75
N ASP C 338 -17.24 30.70 -22.14
CA ASP C 338 -16.79 31.86 -21.38
C ASP C 338 -17.61 32.08 -20.10
N TYR C 339 -17.95 30.99 -19.41
CA TYR C 339 -18.91 30.96 -18.30
C TYR C 339 -18.71 32.04 -17.23
N SER C 340 -17.47 32.29 -16.80
CA SER C 340 -17.16 33.30 -15.79
C SER C 340 -17.49 34.71 -16.27
N VAL C 341 -17.22 35.03 -17.53
CA VAL C 341 -17.56 36.31 -18.12
C VAL C 341 -19.08 36.52 -18.29
N LEU C 342 -19.88 35.45 -18.32
CA LEU C 342 -21.32 35.55 -18.10
C LEU C 342 -21.63 35.79 -16.63
N TYR C 343 -21.19 34.86 -15.78
CA TYR C 343 -21.44 34.82 -14.35
C TYR C 343 -21.17 36.12 -13.59
N ASN C 344 -20.05 36.79 -13.86
CA ASN C 344 -19.69 38.00 -13.15
C ASN C 344 -20.65 39.18 -13.38
N SER C 345 -21.53 39.11 -14.38
CA SER C 345 -22.41 40.22 -14.71
C SER C 345 -23.41 40.52 -13.59
N ALA C 346 -23.49 41.78 -13.18
CA ALA C 346 -24.52 42.28 -12.28
C ALA C 346 -25.95 42.07 -12.80
N SER C 347 -26.15 41.90 -14.10
CA SER C 347 -27.49 41.82 -14.71
C SER C 347 -28.29 40.58 -14.33
N PHE C 348 -27.64 39.47 -13.95
CA PHE C 348 -28.34 38.26 -13.53
C PHE C 348 -29.07 38.46 -12.20
N SER C 349 -30.39 38.56 -12.27
CA SER C 349 -31.27 38.59 -11.10
C SER C 349 -31.26 37.28 -10.31
N THR C 350 -30.73 36.19 -10.85
CA THR C 350 -30.47 34.94 -10.12
C THR C 350 -29.44 34.12 -10.87
N PHE C 351 -28.61 33.39 -10.16
CA PHE C 351 -27.63 32.47 -10.76
C PHE C 351 -27.27 31.40 -9.73
N LYS C 352 -27.28 30.11 -10.05
CA LYS C 352 -26.72 29.10 -9.15
C LYS C 352 -26.28 27.83 -9.87
N CYS C 353 -25.20 27.20 -9.44
CA CYS C 353 -24.76 25.90 -9.92
C CYS C 353 -25.03 24.81 -8.89
N TYR C 354 -25.82 23.81 -9.28
CA TYR C 354 -26.03 22.58 -8.52
C TYR C 354 -24.84 21.61 -8.67
N GLY C 355 -24.17 21.62 -9.83
CA GLY C 355 -22.90 20.92 -10.05
C GLY C 355 -21.69 21.71 -9.54
N VAL C 356 -20.61 21.72 -10.31
CA VAL C 356 -19.38 22.44 -9.97
C VAL C 356 -19.62 23.95 -9.82
N SER C 357 -18.90 24.58 -8.90
CA SER C 357 -19.14 25.96 -8.48
C SER C 357 -18.84 26.99 -9.57
N PRO C 358 -19.56 28.12 -9.64
CA PRO C 358 -19.46 29.04 -10.77
C PRO C 358 -18.09 29.75 -10.88
N THR C 359 -17.39 29.98 -9.77
CA THR C 359 -16.01 30.48 -9.78
C THR C 359 -15.01 29.49 -10.38
N LYS C 360 -15.35 28.19 -10.40
CA LYS C 360 -14.58 27.15 -11.07
C LYS C 360 -14.99 26.94 -12.54
N LEU C 361 -16.11 27.50 -12.99
CA LEU C 361 -16.72 27.16 -14.27
C LEU C 361 -15.82 27.39 -15.49
N ASN C 362 -15.21 28.58 -15.61
CA ASN C 362 -14.28 28.90 -16.70
C ASN C 362 -13.03 28.00 -16.73
N ASP C 363 -12.66 27.41 -15.60
CA ASP C 363 -11.59 26.42 -15.47
C ASP C 363 -12.04 24.98 -15.74
N LEU C 364 -13.34 24.68 -15.60
CA LEU C 364 -13.93 23.38 -15.91
C LEU C 364 -14.02 23.11 -17.42
N CYS C 365 -14.38 21.88 -17.78
CA CYS C 365 -14.71 21.50 -19.15
C CYS C 365 -15.69 20.32 -19.21
N PHE C 366 -16.38 20.17 -20.32
CA PHE C 366 -17.26 19.06 -20.62
C PHE C 366 -17.21 18.74 -22.12
N THR C 367 -17.50 17.50 -22.48
CA THR C 367 -17.51 17.08 -23.87
C THR C 367 -18.64 17.70 -24.68
N ASN C 368 -19.81 17.90 -24.05
CA ASN C 368 -20.96 18.53 -24.66
C ASN C 368 -21.88 19.15 -23.61
N VAL C 369 -22.63 20.19 -23.99
CA VAL C 369 -23.56 20.88 -23.13
C VAL C 369 -24.88 21.22 -23.82
N TYR C 370 -25.90 21.56 -23.03
CA TYR C 370 -27.17 22.07 -23.50
C TYR C 370 -27.58 23.34 -22.76
N ALA C 371 -28.22 24.27 -23.46
CA ALA C 371 -28.94 25.41 -22.90
C ALA C 371 -30.44 25.27 -23.11
N ASP C 372 -31.22 25.37 -22.03
CA ASP C 372 -32.68 25.38 -22.05
C ASP C 372 -33.18 26.76 -21.61
N SER C 373 -34.08 27.39 -22.38
CA SER C 373 -34.55 28.75 -22.15
C SER C 373 -36.06 28.85 -21.91
N PHE C 374 -36.49 29.79 -21.07
CA PHE C 374 -37.89 29.90 -20.62
C PHE C 374 -38.30 31.34 -20.32
N VAL C 375 -39.60 31.58 -20.22
CA VAL C 375 -40.19 32.75 -19.55
C VAL C 375 -40.98 32.26 -18.32
N ILE C 376 -40.60 32.68 -17.10
CA ILE C 376 -41.16 32.15 -15.83
C ILE C 376 -41.35 33.28 -14.79
N ARG C 377 -42.52 33.41 -14.15
CA ARG C 377 -42.77 34.40 -13.08
C ARG C 377 -42.12 34.03 -11.75
N GLY C 378 -41.67 35.05 -11.00
CA GLY C 378 -40.73 34.92 -9.88
C GLY C 378 -41.04 33.85 -8.82
N ASP C 379 -42.30 33.69 -8.40
CA ASP C 379 -42.68 32.67 -7.40
C ASP C 379 -42.62 31.24 -7.96
N GLU C 380 -42.66 31.11 -9.28
CA GLU C 380 -42.41 29.87 -10.00
C GLU C 380 -40.93 29.61 -10.34
N VAL C 381 -40.09 30.65 -10.39
CA VAL C 381 -38.67 30.53 -10.82
C VAL C 381 -37.89 29.49 -10.03
N ARG C 382 -38.19 29.34 -8.73
CA ARG C 382 -37.48 28.39 -7.86
C ARG C 382 -37.53 26.93 -8.34
N GLN C 383 -38.54 26.54 -9.12
CA GLN C 383 -38.60 25.23 -9.78
C GLN C 383 -37.61 25.15 -10.95
N ILE C 384 -36.36 24.79 -10.64
CA ILE C 384 -35.30 24.55 -11.62
C ILE C 384 -34.10 23.75 -11.05
N ALA C 385 -34.23 23.18 -9.86
CA ALA C 385 -33.15 22.57 -9.10
C ALA C 385 -33.38 21.07 -8.90
N PRO C 386 -32.31 20.26 -8.80
CA PRO C 386 -32.43 18.80 -8.71
C PRO C 386 -33.25 18.37 -7.50
N GLY C 387 -34.05 17.32 -7.66
CA GLY C 387 -34.87 16.74 -6.59
C GLY C 387 -36.16 17.51 -6.26
N GLN C 388 -36.52 18.53 -7.04
CA GLN C 388 -37.75 19.29 -6.85
C GLN C 388 -38.97 18.67 -7.55
N THR C 389 -40.15 19.08 -7.09
CA THR C 389 -41.46 18.78 -7.68
C THR C 389 -42.39 19.98 -7.46
N GLY C 390 -43.42 20.13 -8.29
CA GLY C 390 -44.30 21.31 -8.33
C GLY C 390 -44.94 21.51 -9.70
N LYS C 391 -45.78 22.53 -9.87
CA LYS C 391 -46.63 22.68 -11.06
C LYS C 391 -45.91 22.77 -12.41
N ILE C 392 -44.70 23.32 -12.45
CA ILE C 392 -43.82 23.29 -13.62
C ILE C 392 -43.00 22.01 -13.66
N ALA C 393 -42.39 21.59 -12.55
CA ALA C 393 -41.55 20.39 -12.48
C ALA C 393 -42.29 19.05 -12.75
N ASP C 394 -43.58 18.96 -12.45
CA ASP C 394 -44.43 17.80 -12.71
C ASP C 394 -45.10 17.78 -14.09
N TYR C 395 -45.09 18.88 -14.85
CA TYR C 395 -45.90 18.98 -16.07
C TYR C 395 -45.29 19.82 -17.21
N ASN C 396 -44.03 20.26 -17.09
CA ASN C 396 -43.36 21.09 -18.09
C ASN C 396 -41.84 20.85 -18.21
N TYR C 397 -41.06 20.99 -17.14
CA TYR C 397 -39.62 20.73 -17.21
C TYR C 397 -38.99 20.55 -15.83
N LYS C 398 -38.16 19.52 -15.68
CA LYS C 398 -37.36 19.29 -14.48
C LYS C 398 -36.08 18.51 -14.81
N LEU C 399 -34.95 18.92 -14.24
CA LEU C 399 -33.66 18.28 -14.44
C LEU C 399 -33.50 16.99 -13.60
N PRO C 400 -32.53 16.13 -13.92
CA PRO C 400 -32.25 14.90 -13.16
C PRO C 400 -31.86 15.19 -11.71
N ASP C 401 -32.16 14.27 -10.81
CA ASP C 401 -31.92 14.41 -9.38
C ASP C 401 -30.44 14.53 -8.95
N ASP C 402 -29.49 14.27 -9.85
CA ASP C 402 -28.06 14.54 -9.64
C ASP C 402 -27.47 15.52 -10.68
N PHE C 403 -28.30 16.34 -11.33
CA PHE C 403 -27.87 17.21 -12.43
C PHE C 403 -26.69 18.11 -12.06
N THR C 404 -25.57 17.98 -12.77
CA THR C 404 -24.39 18.82 -12.60
C THR C 404 -24.52 20.23 -13.20
N GLY C 405 -25.75 20.68 -13.49
CA GLY C 405 -26.05 21.91 -14.21
C GLY C 405 -25.97 23.20 -13.39
N CYS C 406 -26.40 24.30 -14.02
CA CYS C 406 -26.55 25.63 -13.43
C CYS C 406 -27.76 26.35 -14.02
N VAL C 407 -28.41 27.22 -13.25
CA VAL C 407 -29.51 28.07 -13.67
C VAL C 407 -29.12 29.55 -13.63
N ILE C 408 -29.54 30.36 -14.58
CA ILE C 408 -29.31 31.80 -14.60
C ILE C 408 -30.54 32.55 -15.13
N ALA C 409 -30.83 33.76 -14.67
CA ALA C 409 -32.01 34.52 -15.12
C ALA C 409 -31.81 36.04 -15.16
N TRP C 410 -31.92 36.64 -16.33
CA TRP C 410 -32.23 38.06 -16.44
C TRP C 410 -33.66 38.31 -15.97
N ASN C 411 -33.94 39.41 -15.28
CA ASN C 411 -35.34 39.77 -15.02
C ASN C 411 -35.98 40.37 -16.29
N SER C 412 -37.26 40.10 -16.53
CA SER C 412 -37.95 40.40 -17.77
C SER C 412 -39.12 41.39 -17.62
N ASN C 413 -39.32 41.99 -16.45
CA ASN C 413 -40.46 42.88 -16.20
C ASN C 413 -40.49 44.12 -17.11
N ASN C 414 -39.34 44.61 -17.56
CA ASN C 414 -39.21 45.71 -18.50
C ASN C 414 -39.28 45.32 -19.99
N LEU C 415 -39.40 44.03 -20.33
CA LEU C 415 -39.20 43.55 -21.70
C LEU C 415 -40.22 42.51 -22.14
N ASP C 416 -40.15 41.28 -21.62
CA ASP C 416 -41.11 40.24 -21.95
C ASP C 416 -42.47 40.44 -21.29
N SER C 417 -42.53 41.02 -20.08
CA SER C 417 -43.80 41.38 -19.46
C SER C 417 -44.52 42.49 -20.23
N LYS C 418 -45.86 42.52 -20.19
CA LYS C 418 -46.65 43.51 -20.92
C LYS C 418 -48.09 43.63 -20.39
N VAL C 419 -48.81 44.66 -20.82
CA VAL C 419 -50.25 44.76 -20.59
C VAL C 419 -50.98 43.56 -21.23
N GLY C 420 -51.62 42.72 -20.41
CA GLY C 420 -52.20 41.43 -20.82
C GLY C 420 -51.19 40.32 -21.13
N GLY C 421 -49.90 40.55 -20.90
CA GLY C 421 -48.79 39.73 -21.40
C GLY C 421 -48.74 38.28 -20.92
N ASN C 422 -49.45 37.93 -19.86
CA ASN C 422 -49.62 36.55 -19.41
C ASN C 422 -50.24 35.63 -20.48
N TYR C 423 -51.10 36.18 -21.34
CA TYR C 423 -51.68 35.49 -22.50
C TYR C 423 -50.72 35.29 -23.69
N ASN C 424 -49.53 35.90 -23.66
CA ASN C 424 -48.47 35.76 -24.66
C ASN C 424 -47.42 34.69 -24.31
N TYR C 425 -47.75 33.82 -23.36
CA TYR C 425 -46.94 32.70 -22.88
C TYR C 425 -47.84 31.62 -22.29
N LEU C 426 -47.29 30.47 -21.94
CA LEU C 426 -48.05 29.34 -21.42
C LEU C 426 -47.30 28.60 -20.31
N TYR C 427 -48.04 27.90 -19.46
CA TYR C 427 -47.56 27.23 -18.27
C TYR C 427 -48.28 25.90 -18.04
N ARG C 428 -47.62 24.94 -17.40
CA ARG C 428 -48.17 23.64 -17.05
C ARG C 428 -49.20 23.73 -15.90
N LYS C 436 -40.84 14.81 -18.62
CA LYS C 436 -39.89 13.77 -18.23
C LYS C 436 -38.50 14.33 -17.87
N PRO C 437 -37.63 13.56 -17.19
CA PRO C 437 -36.32 14.03 -16.75
C PRO C 437 -35.46 14.56 -17.90
N PHE C 438 -35.04 15.83 -17.78
CA PHE C 438 -34.32 16.59 -18.80
C PHE C 438 -34.98 16.63 -20.20
N GLU C 439 -36.30 16.43 -20.29
CA GLU C 439 -37.02 16.29 -21.56
C GLU C 439 -38.41 16.93 -21.54
N ARG C 440 -38.97 17.15 -22.72
CA ARG C 440 -40.38 17.46 -22.91
C ARG C 440 -41.30 16.38 -22.36
N PRO C 465 -52.63 19.61 -18.64
CA PRO C 465 -52.62 20.61 -17.59
C PRO C 465 -52.09 21.99 -18.06
N LEU C 466 -51.81 22.15 -19.36
CA LEU C 466 -51.35 23.41 -19.96
C LEU C 466 -52.42 24.51 -19.95
N GLN C 467 -52.00 25.76 -19.77
CA GLN C 467 -52.82 26.97 -19.69
C GLN C 467 -52.00 28.22 -20.02
N SER C 468 -52.63 29.40 -20.11
CA SER C 468 -51.92 30.67 -20.27
C SER C 468 -50.97 30.96 -19.09
N TYR C 469 -49.85 31.62 -19.39
CA TYR C 469 -48.83 31.99 -18.40
C TYR C 469 -49.29 33.12 -17.47
N GLY C 470 -48.35 33.64 -16.67
CA GLY C 470 -48.59 34.65 -15.63
C GLY C 470 -47.95 36.03 -15.86
N PHE C 471 -47.18 36.23 -16.93
CA PHE C 471 -46.35 37.42 -17.18
C PHE C 471 -47.10 38.72 -17.56
N GLN C 472 -48.22 38.97 -16.92
CA GLN C 472 -49.00 40.22 -16.99
C GLN C 472 -48.24 41.45 -16.43
N PRO C 473 -48.82 42.67 -16.44
CA PRO C 473 -48.12 43.93 -16.12
C PRO C 473 -47.89 44.15 -14.62
N THR C 474 -47.89 43.07 -13.84
CA THR C 474 -47.89 43.06 -12.38
C THR C 474 -46.67 43.77 -11.81
N ASN C 475 -46.88 44.76 -10.96
CA ASN C 475 -45.81 45.56 -10.35
C ASN C 475 -45.25 44.88 -9.08
N GLY C 476 -44.75 43.65 -9.23
CA GLY C 476 -44.25 42.82 -8.12
C GLY C 476 -43.38 41.67 -8.61
N VAL C 477 -42.23 41.45 -7.96
CA VAL C 477 -41.17 40.56 -8.48
C VAL C 477 -41.56 39.08 -8.50
N GLY C 478 -42.52 38.65 -7.68
CA GLY C 478 -43.07 37.28 -7.72
C GLY C 478 -43.84 36.95 -9.00
N TYR C 479 -44.17 37.96 -9.78
CA TYR C 479 -45.22 37.94 -10.79
C TYR C 479 -44.74 38.53 -12.11
N GLN C 480 -43.79 39.47 -12.06
CA GLN C 480 -42.96 39.80 -13.20
C GLN C 480 -42.19 38.57 -13.71
N PRO C 481 -42.08 38.34 -15.03
CA PRO C 481 -41.32 37.23 -15.60
C PRO C 481 -39.80 37.42 -15.46
N TYR C 482 -39.06 36.32 -15.47
CA TYR C 482 -37.62 36.27 -15.69
C TYR C 482 -37.32 35.38 -16.90
N ARG C 483 -36.38 35.77 -17.76
CA ARG C 483 -35.91 34.91 -18.86
C ARG C 483 -34.86 33.94 -18.33
N VAL C 484 -35.33 32.83 -17.78
CA VAL C 484 -34.48 31.78 -17.22
C VAL C 484 -33.73 31.08 -18.35
N VAL C 485 -32.47 30.73 -18.11
CA VAL C 485 -31.65 29.84 -18.92
C VAL C 485 -31.05 28.78 -18.00
N VAL C 486 -30.99 27.52 -18.42
CA VAL C 486 -30.42 26.43 -17.62
C VAL C 486 -29.40 25.62 -18.43
N LEU C 487 -28.18 25.54 -17.92
CA LEU C 487 -27.08 24.80 -18.52
C LEU C 487 -26.92 23.42 -17.90
N SER C 488 -26.49 22.46 -18.69
CA SER C 488 -26.04 21.13 -18.24
C SER C 488 -24.97 20.57 -19.19
N PHE C 489 -24.14 19.63 -18.72
CA PHE C 489 -22.82 19.37 -19.29
C PHE C 489 -22.59 17.88 -19.63
N ALA C 496 -14.53 16.59 -25.71
CA ALA C 496 -13.92 17.73 -25.05
C ALA C 496 -14.21 19.06 -25.78
N THR C 497 -15.38 19.17 -26.39
CA THR C 497 -15.69 20.23 -27.35
C THR C 497 -16.19 21.56 -26.75
N VAL C 498 -16.20 21.76 -25.43
CA VAL C 498 -16.77 22.96 -24.80
C VAL C 498 -16.05 23.38 -23.50
N CYS C 499 -14.71 23.43 -23.54
CA CYS C 499 -13.92 23.97 -22.43
C CYS C 499 -14.01 25.51 -22.33
N GLY C 500 -13.79 26.06 -21.13
CA GLY C 500 -13.69 27.50 -20.90
C GLY C 500 -12.42 28.16 -21.47
N PRO C 501 -12.16 29.44 -21.18
CA PRO C 501 -11.15 30.24 -21.89
C PRO C 501 -9.71 29.78 -21.67
N LYS C 502 -8.91 29.73 -22.73
CA LYS C 502 -7.48 29.43 -22.66
C LYS C 502 -6.64 30.67 -22.27
N LYS C 503 -6.89 31.24 -21.09
CA LYS C 503 -6.27 32.50 -20.67
C LYS C 503 -4.74 32.45 -20.69
N SER C 504 -4.11 33.46 -21.29
CA SER C 504 -2.69 33.47 -21.64
C SER C 504 -2.00 34.79 -21.24
N THR C 505 -0.74 34.69 -20.81
CA THR C 505 0.14 35.83 -20.53
C THR C 505 0.79 36.35 -21.80
N ASN C 506 1.49 37.47 -21.67
CA ASN C 506 2.54 37.85 -22.60
C ASN C 506 3.72 36.85 -22.57
N LEU C 507 4.46 36.77 -23.67
CA LEU C 507 5.74 36.09 -23.84
C LEU C 507 6.87 36.88 -23.15
N VAL C 508 7.81 36.20 -22.48
CA VAL C 508 8.96 36.83 -21.81
C VAL C 508 10.27 36.18 -22.24
N LYS C 509 10.90 36.72 -23.27
CA LYS C 509 12.18 36.23 -23.82
C LYS C 509 13.37 36.48 -22.88
N ASN C 510 14.44 35.71 -23.09
CA ASN C 510 15.80 35.83 -22.53
C ASN C 510 15.98 35.77 -21.00
N LYS C 511 14.92 35.91 -20.19
CA LYS C 511 14.95 35.54 -18.76
C LYS C 511 14.77 34.03 -18.60
N CYS C 512 15.28 33.47 -17.51
CA CYS C 512 14.92 32.12 -17.08
C CYS C 512 13.49 32.12 -16.56
N VAL C 513 12.58 31.40 -17.20
CA VAL C 513 11.15 31.47 -16.90
C VAL C 513 10.56 30.10 -16.81
N ASN C 514 9.57 29.96 -15.94
CA ASN C 514 8.69 28.83 -15.96
C ASN C 514 7.66 29.03 -17.10
N PHE C 515 7.20 27.98 -17.77
CA PHE C 515 6.27 28.13 -18.88
C PHE C 515 5.29 26.98 -19.04
N ASN C 516 4.12 27.33 -19.56
CA ASN C 516 3.17 26.43 -20.20
C ASN C 516 2.93 26.93 -21.63
N PHE C 517 3.20 26.10 -22.62
CA PHE C 517 2.72 26.30 -23.99
C PHE C 517 1.78 25.15 -24.32
N ASN C 518 0.49 25.40 -24.51
CA ASN C 518 -0.48 24.36 -24.88
C ASN C 518 -0.63 23.17 -23.91
N GLY C 519 -0.04 23.21 -22.72
CA GLY C 519 0.07 22.08 -21.80
C GLY C 519 1.41 21.34 -21.83
N LEU C 520 2.28 21.57 -22.82
CA LEU C 520 3.70 21.32 -22.64
C LEU C 520 4.18 22.28 -21.56
N THR C 521 4.85 21.77 -20.53
CA THR C 521 5.39 22.57 -19.42
C THR C 521 6.87 22.30 -19.19
N GLY C 522 7.57 23.27 -18.66
CA GLY C 522 9.00 23.20 -18.40
C GLY C 522 9.52 24.48 -17.78
N THR C 523 10.84 24.66 -17.78
CA THR C 523 11.47 25.87 -17.26
C THR C 523 12.80 26.08 -17.95
N GLY C 524 13.00 27.26 -18.52
CA GLY C 524 14.17 27.56 -19.33
C GLY C 524 14.21 28.99 -19.81
N VAL C 525 15.26 29.35 -20.51
CA VAL C 525 15.45 30.64 -21.16
C VAL C 525 14.87 30.56 -22.56
N LEU C 526 13.78 31.27 -22.82
CA LEU C 526 13.15 31.31 -24.13
C LEU C 526 13.90 32.28 -25.04
N THR C 527 14.42 31.81 -26.15
CA THR C 527 15.21 32.64 -27.07
C THR C 527 14.58 32.67 -28.44
N GLU C 528 14.66 33.78 -29.17
CA GLU C 528 14.32 33.78 -30.60
C GLU C 528 15.29 32.87 -31.35
N SER C 529 14.80 32.12 -32.34
CA SER C 529 15.60 31.06 -32.98
C SER C 529 15.28 30.89 -34.46
N ASN C 530 16.23 30.32 -35.19
CA ASN C 530 16.24 30.23 -36.65
C ASN C 530 15.70 28.91 -37.21
N LYS C 531 15.16 28.00 -36.37
CA LYS C 531 14.60 26.71 -36.84
C LYS C 531 13.43 26.93 -37.80
N LYS C 532 13.16 25.92 -38.62
CA LYS C 532 12.17 25.95 -39.70
C LYS C 532 11.15 24.83 -39.51
N PHE C 533 10.33 24.90 -38.47
CA PHE C 533 9.28 23.91 -38.25
C PHE C 533 8.38 23.81 -39.47
N LEU C 534 7.89 22.61 -39.79
CA LEU C 534 6.85 22.47 -40.80
C LEU C 534 5.55 23.12 -40.31
N PRO C 535 4.67 23.59 -41.21
CA PRO C 535 3.51 24.39 -40.86
C PRO C 535 2.64 23.82 -39.74
N PHE C 536 2.46 22.50 -39.68
CA PHE C 536 1.67 21.82 -38.64
C PHE C 536 2.41 21.57 -37.32
N GLN C 537 3.74 21.58 -37.27
CA GLN C 537 4.50 21.13 -36.09
C GLN C 537 4.48 22.13 -34.94
N GLN C 538 4.45 21.65 -33.70
CA GLN C 538 4.27 22.48 -32.51
C GLN C 538 5.44 22.49 -31.53
N PHE C 539 6.17 21.40 -31.34
CA PHE C 539 7.31 21.31 -30.43
C PHE C 539 8.55 20.86 -31.19
N GLY C 540 9.74 21.15 -30.69
CA GLY C 540 10.99 20.63 -31.19
C GLY C 540 11.60 19.60 -30.24
N ARG C 541 12.53 18.79 -30.74
CA ARG C 541 13.18 17.73 -29.97
C ARG C 541 14.70 17.71 -30.16
N ASP C 542 15.41 17.43 -29.07
CA ASP C 542 16.81 17.02 -29.10
C ASP C 542 16.94 15.52 -29.34
N ILE C 543 18.14 15.05 -29.70
CA ILE C 543 18.46 13.65 -30.04
C ILE C 543 18.15 12.72 -28.87
N ALA C 544 18.42 13.16 -27.64
CA ALA C 544 18.07 12.48 -26.39
C ALA C 544 16.56 12.60 -26.02
N ASP C 545 15.70 12.81 -27.02
CA ASP C 545 14.24 12.87 -26.92
C ASP C 545 13.76 13.76 -25.77
N THR C 546 14.18 15.03 -25.81
CA THR C 546 13.86 16.07 -24.83
C THR C 546 13.44 17.35 -25.56
N THR C 547 12.45 18.07 -25.05
CA THR C 547 11.98 19.31 -25.69
C THR C 547 13.08 20.36 -25.75
N ASP C 548 13.28 21.01 -26.90
CA ASP C 548 14.25 22.10 -27.04
C ASP C 548 13.77 23.31 -27.86
N ALA C 549 12.57 23.27 -28.43
CA ALA C 549 12.01 24.43 -29.11
C ALA C 549 10.49 24.38 -29.14
N VAL C 550 9.82 25.50 -29.40
CA VAL C 550 8.36 25.56 -29.48
C VAL C 550 7.86 26.57 -30.50
N ARG C 551 6.70 26.29 -31.06
CA ARG C 551 5.83 27.29 -31.68
C ARG C 551 5.24 28.13 -30.56
N ASP C 552 5.36 29.45 -30.60
CA ASP C 552 4.45 30.24 -29.81
C ASP C 552 3.05 30.19 -30.43
N PRO C 553 2.00 29.77 -29.71
CA PRO C 553 0.72 29.45 -30.31
C PRO C 553 -0.09 30.66 -30.78
N GLN C 554 0.35 31.90 -30.52
CA GLN C 554 -0.33 33.13 -30.96
C GLN C 554 0.45 33.92 -31.99
N THR C 555 1.76 33.73 -32.08
CA THR C 555 2.63 34.36 -33.07
C THR C 555 3.68 33.34 -33.45
N LEU C 556 3.48 32.70 -34.59
CA LEU C 556 3.99 31.37 -34.91
C LEU C 556 5.51 31.27 -35.15
N GLU C 557 6.27 32.27 -34.73
CA GLU C 557 7.72 32.24 -34.68
C GLU C 557 8.24 31.18 -33.70
N ILE C 558 9.46 30.71 -33.92
CA ILE C 558 10.02 29.56 -33.21
C ILE C 558 10.93 30.02 -32.09
N LEU C 559 10.70 29.50 -30.88
CA LEU C 559 11.48 29.81 -29.71
C LEU C 559 12.34 28.62 -29.34
N ASP C 560 13.64 28.79 -29.23
CA ASP C 560 14.51 27.76 -28.64
C ASP C 560 14.41 27.88 -27.12
N ILE C 561 14.15 26.76 -26.46
CA ILE C 561 14.21 26.60 -25.01
C ILE C 561 15.60 26.09 -24.67
N THR C 562 16.38 26.91 -24.00
CA THR C 562 17.67 26.54 -23.40
C THR C 562 17.51 26.42 -21.88
N PRO C 563 17.99 25.38 -21.21
CA PRO C 563 17.83 25.22 -19.76
C PRO C 563 18.50 26.35 -18.97
N CYS C 564 17.87 26.77 -17.87
CA CYS C 564 18.37 27.83 -17.00
C CYS C 564 19.76 27.53 -16.49
N SER C 565 20.62 28.54 -16.40
CA SER C 565 22.00 28.35 -15.99
C SER C 565 22.10 27.77 -14.58
N PHE C 566 22.88 26.72 -14.44
CA PHE C 566 23.16 26.06 -13.18
C PHE C 566 24.52 25.37 -13.23
N GLY C 567 25.09 25.03 -12.08
CA GLY C 567 26.31 24.25 -11.99
C GLY C 567 26.89 24.18 -10.59
N GLY C 568 27.94 23.38 -10.43
CA GLY C 568 28.68 23.31 -9.19
C GLY C 568 29.31 24.65 -8.80
N VAL C 569 29.34 24.92 -7.51
CA VAL C 569 30.03 26.04 -6.89
C VAL C 569 31.22 25.47 -6.17
N SER C 570 32.41 25.92 -6.51
CA SER C 570 33.65 25.35 -5.98
C SER C 570 34.51 26.43 -5.39
N VAL C 571 35.04 26.21 -4.20
CA VAL C 571 35.81 27.22 -3.47
C VAL C 571 37.28 26.89 -3.60
N ILE C 572 38.03 27.74 -4.28
CA ILE C 572 39.49 27.70 -4.31
C ILE C 572 40.00 28.28 -3.00
N THR C 573 40.98 27.66 -2.37
CA THR C 573 41.55 28.16 -1.12
C THR C 573 42.99 27.69 -0.92
N PRO C 574 43.95 28.58 -0.58
CA PRO C 574 45.15 28.15 0.11
C PRO C 574 44.78 27.52 1.45
N GLY C 575 45.72 26.85 2.10
CA GLY C 575 45.44 26.24 3.40
C GLY C 575 44.99 27.28 4.42
N THR C 576 43.99 26.99 5.26
CA THR C 576 43.51 27.96 6.25
C THR C 576 44.51 28.26 7.34
N ASN C 577 45.58 27.47 7.46
CA ASN C 577 46.75 27.83 8.24
C ASN C 577 47.57 28.96 7.57
N THR C 578 47.61 29.00 6.24
CA THR C 578 48.40 29.95 5.43
C THR C 578 47.67 31.27 5.23
N SER C 579 46.38 31.25 4.91
CA SER C 579 45.56 32.45 4.72
C SER C 579 44.08 32.14 4.91
N ASN C 580 43.32 33.16 5.29
CA ASN C 580 41.88 33.08 5.43
C ASN C 580 41.12 33.54 4.16
N GLU C 581 41.83 33.86 3.08
CA GLU C 581 41.22 34.30 1.81
C GLU C 581 40.74 33.13 0.93
N VAL C 582 39.69 33.34 0.13
CA VAL C 582 39.15 32.35 -0.84
C VAL C 582 38.76 33.01 -2.16
N ALA C 583 38.63 32.22 -3.22
CA ALA C 583 38.03 32.61 -4.49
C ALA C 583 37.02 31.55 -4.92
N VAL C 584 35.98 31.93 -5.65
CA VAL C 584 34.85 31.04 -5.94
C VAL C 584 34.70 30.83 -7.43
N LEU C 585 34.61 29.59 -7.88
CA LEU C 585 34.31 29.21 -9.25
C LEU C 585 32.87 28.71 -9.35
N TYR C 586 32.03 29.44 -10.06
CA TYR C 586 30.77 28.92 -10.55
C TYR C 586 31.05 28.15 -11.84
N GLN C 587 31.06 26.83 -11.78
CA GLN C 587 31.37 26.02 -12.95
C GLN C 587 30.31 26.23 -14.04
N ASP C 588 30.73 26.18 -15.30
CA ASP C 588 29.87 26.20 -16.49
C ASP C 588 29.10 27.51 -16.79
N VAL C 589 28.80 28.36 -15.81
CA VAL C 589 28.03 29.60 -16.03
C VAL C 589 28.83 30.66 -16.77
N ASN C 590 28.11 31.68 -17.24
CA ASN C 590 28.62 32.95 -17.70
C ASN C 590 28.47 33.96 -16.57
N CYS C 591 29.49 34.76 -16.28
CA CYS C 591 29.50 35.68 -15.15
C CYS C 591 28.32 36.66 -15.12
N THR C 592 27.69 36.97 -16.25
CA THR C 592 26.46 37.79 -16.30
C THR C 592 25.33 37.21 -15.43
N GLU C 593 25.26 35.89 -15.33
CA GLU C 593 24.14 35.16 -14.74
C GLU C 593 24.17 35.13 -13.21
N VAL C 594 25.33 35.33 -12.60
CA VAL C 594 25.54 35.40 -11.15
C VAL C 594 24.80 36.60 -10.58
N ASN C 615 37.07 40.91 -7.54
CA ASN C 615 37.26 40.92 -8.98
C ASN C 615 36.66 39.66 -9.65
N VAL C 616 36.50 39.67 -10.96
CA VAL C 616 35.82 38.61 -11.73
C VAL C 616 36.56 38.34 -13.03
N PHE C 617 36.57 37.10 -13.49
CA PHE C 617 37.28 36.64 -14.68
C PHE C 617 36.50 35.46 -15.25
N GLN C 618 35.84 35.63 -16.39
CA GLN C 618 35.21 34.52 -17.08
C GLN C 618 36.30 33.58 -17.63
N THR C 619 36.18 32.28 -17.37
CA THR C 619 37.13 31.26 -17.86
C THR C 619 36.43 30.20 -18.70
N ARG C 620 37.20 29.33 -19.35
CA ARG C 620 36.68 28.14 -20.02
C ARG C 620 36.01 27.14 -19.05
N ALA C 621 36.39 27.13 -17.77
CA ALA C 621 35.79 26.23 -16.76
C ALA C 621 34.49 26.77 -16.14
N GLY C 622 34.28 28.08 -16.17
CA GLY C 622 33.17 28.77 -15.53
C GLY C 622 33.54 30.17 -15.04
N CYS C 623 32.58 30.87 -14.46
CA CYS C 623 32.80 32.19 -13.89
C CYS C 623 33.63 32.12 -12.61
N LEU C 624 34.81 32.73 -12.57
CA LEU C 624 35.66 32.77 -11.40
C LEU C 624 35.60 34.15 -10.75
N ILE C 625 35.38 34.19 -9.44
CA ILE C 625 35.21 35.38 -8.62
C ILE C 625 36.28 35.40 -7.53
N GLY C 626 36.83 36.56 -7.23
CA GLY C 626 37.79 36.76 -6.15
C GLY C 626 39.24 36.49 -6.52
N ALA C 627 39.51 35.96 -7.71
CA ALA C 627 40.86 35.69 -8.19
C ALA C 627 41.30 36.71 -9.23
N GLU C 628 42.54 37.18 -9.14
CA GLU C 628 43.13 38.08 -10.13
C GLU C 628 43.73 37.29 -11.30
N HIS C 629 43.31 37.58 -12.54
CA HIS C 629 43.91 37.01 -13.73
C HIS C 629 45.37 37.45 -13.88
N VAL C 630 46.24 36.56 -14.37
CA VAL C 630 47.67 36.81 -14.60
C VAL C 630 48.10 36.30 -15.97
N ASN C 631 49.00 37.02 -16.64
CA ASN C 631 49.53 36.68 -17.98
C ASN C 631 50.88 35.94 -17.94
N ASN C 632 51.59 35.94 -16.82
CA ASN C 632 52.68 35.00 -16.57
C ASN C 632 52.13 33.57 -16.46
N SER C 633 52.99 32.56 -16.37
CA SER C 633 52.54 31.18 -16.19
C SER C 633 53.49 30.36 -15.32
N TYR C 634 52.96 29.32 -14.69
CA TYR C 634 53.62 28.55 -13.64
C TYR C 634 53.13 27.10 -13.62
N GLU C 635 53.80 26.23 -12.87
CA GLU C 635 53.24 24.92 -12.50
C GLU C 635 51.87 25.07 -11.85
N CYS C 636 50.99 24.09 -12.03
CA CYS C 636 49.65 24.16 -11.48
C CYS C 636 49.65 23.97 -9.95
N ASP C 637 49.31 25.01 -9.20
CA ASP C 637 49.24 24.93 -7.75
C ASP C 637 47.89 24.33 -7.30
N ILE C 638 46.78 25.04 -7.54
CA ILE C 638 45.42 24.50 -7.43
C ILE C 638 44.85 24.38 -8.85
N PRO C 639 44.37 23.22 -9.30
CA PRO C 639 43.74 23.07 -10.61
C PRO C 639 42.32 23.62 -10.64
N ILE C 640 41.91 24.21 -11.76
CA ILE C 640 40.54 24.71 -11.96
C ILE C 640 39.83 23.99 -13.12
N GLY C 641 40.45 23.91 -14.29
CA GLY C 641 39.90 23.25 -15.47
C GLY C 641 40.32 23.94 -16.76
N ALA C 642 40.26 23.26 -17.89
CA ALA C 642 40.54 23.83 -19.21
C ALA C 642 41.86 24.64 -19.27
N GLY C 643 42.89 24.16 -18.59
CA GLY C 643 44.21 24.77 -18.53
C GLY C 643 44.40 25.83 -17.44
N ILE C 644 43.35 26.22 -16.73
CA ILE C 644 43.43 27.24 -15.69
C ILE C 644 43.88 26.64 -14.36
N CYS C 645 44.77 27.32 -13.66
CA CYS C 645 45.20 27.02 -12.30
C CYS C 645 45.31 28.29 -11.47
N ALA C 646 45.20 28.16 -10.16
CA ALA C 646 45.25 29.28 -9.23
C ALA C 646 46.28 29.05 -8.12
N SER C 647 46.85 30.13 -7.60
CA SER C 647 47.81 30.10 -6.50
C SER C 647 47.62 31.32 -5.61
N TYR C 648 48.10 31.25 -4.36
CA TYR C 648 48.12 32.37 -3.43
C TYR C 648 49.48 33.07 -3.55
N GLN C 649 49.49 34.34 -3.97
CA GLN C 649 50.67 34.97 -4.58
C GLN C 649 50.67 36.49 -4.46
N THR C 650 51.80 37.14 -4.73
CA THR C 650 51.91 38.61 -4.82
C THR C 650 51.13 39.16 -6.01
N SER C 663 48.72 42.76 -0.15
CA SER C 663 49.99 42.57 -0.85
C SER C 663 50.15 41.18 -1.47
N GLN C 664 49.43 40.19 -0.95
CA GLN C 664 49.23 38.88 -1.58
C GLN C 664 47.74 38.55 -1.66
N SER C 665 47.34 37.85 -2.71
CA SER C 665 45.96 37.52 -3.07
C SER C 665 45.93 36.25 -3.90
N ILE C 666 44.77 35.63 -4.07
CA ILE C 666 44.63 34.49 -4.99
C ILE C 666 44.71 34.98 -6.44
N ILE C 667 45.70 34.52 -7.20
CA ILE C 667 45.80 34.72 -8.64
C ILE C 667 45.29 33.50 -9.41
N ALA C 668 44.95 33.66 -10.67
CA ALA C 668 44.66 32.57 -11.60
C ALA C 668 45.33 32.78 -12.96
N TYR C 669 45.90 31.73 -13.53
CA TYR C 669 46.76 31.76 -14.71
C TYR C 669 46.57 30.51 -15.56
N THR C 670 46.98 30.59 -16.81
CA THR C 670 47.09 29.41 -17.69
C THR C 670 48.34 28.61 -17.32
N MET C 671 48.17 27.34 -17.00
CA MET C 671 49.24 26.45 -16.57
C MET C 671 50.44 26.43 -17.55
N SER C 672 51.66 26.38 -17.03
CA SER C 672 52.85 26.00 -17.79
C SER C 672 53.23 24.57 -17.44
N LEU C 673 53.53 23.76 -18.43
CA LEU C 673 53.81 22.34 -18.27
C LEU C 673 55.24 22.07 -17.78
N GLY C 674 55.73 22.86 -16.82
CA GLY C 674 57.15 23.07 -16.55
C GLY C 674 57.75 24.12 -17.48
N ALA C 675 59.04 24.39 -17.32
CA ALA C 675 59.78 25.25 -18.24
C ALA C 675 60.05 24.53 -19.56
N GLU C 676 60.15 25.26 -20.67
CA GLU C 676 60.64 24.68 -21.92
C GLU C 676 62.15 24.45 -21.89
N ASN C 677 62.65 23.64 -22.82
CA ASN C 677 64.08 23.45 -23.05
C ASN C 677 64.35 23.09 -24.51
N SER C 678 65.07 23.92 -25.23
CA SER C 678 65.64 23.56 -26.53
C SER C 678 66.86 22.65 -26.35
N VAL C 679 66.71 21.34 -26.52
CA VAL C 679 67.85 20.40 -26.41
C VAL C 679 68.86 20.68 -27.51
N ALA C 680 70.15 20.82 -27.17
CA ALA C 680 71.20 21.23 -28.09
C ALA C 680 71.65 20.13 -29.08
N TYR C 681 70.70 19.43 -29.70
CA TYR C 681 70.94 18.38 -30.67
C TYR C 681 71.80 18.85 -31.84
N SER C 682 72.67 18.00 -32.33
CA SER C 682 73.35 18.19 -33.61
C SER C 682 73.80 16.83 -34.15
N ASN C 683 74.10 16.72 -35.44
CA ASN C 683 74.45 15.43 -36.05
C ASN C 683 75.78 14.82 -35.55
N ASN C 684 76.52 15.49 -34.68
CA ASN C 684 77.79 15.00 -34.13
C ASN C 684 78.06 15.38 -32.67
N SER C 685 77.06 15.76 -31.87
CA SER C 685 77.29 16.20 -30.48
C SER C 685 76.65 15.29 -29.46
N ILE C 686 77.38 14.87 -28.43
CA ILE C 686 76.84 13.99 -27.38
C ILE C 686 77.16 14.50 -25.98
N ALA C 687 76.18 14.48 -25.09
CA ALA C 687 76.41 14.79 -23.69
C ALA C 687 76.61 13.49 -22.90
N ILE C 688 77.76 13.31 -22.27
CA ILE C 688 78.07 12.10 -21.49
C ILE C 688 78.25 12.51 -20.04
N PRO C 689 77.51 11.92 -19.09
CA PRO C 689 77.60 12.29 -17.70
C PRO C 689 79.00 12.08 -17.15
N THR C 690 79.58 13.07 -16.49
CA THR C 690 80.84 12.95 -15.77
C THR C 690 80.61 12.44 -14.35
N ASN C 691 79.38 12.56 -13.83
CA ASN C 691 79.05 12.21 -12.45
C ASN C 691 77.57 11.88 -12.26
N PHE C 692 77.21 11.32 -11.12
CA PHE C 692 75.88 10.80 -10.80
C PHE C 692 75.43 11.18 -9.40
N THR C 693 74.15 11.03 -9.14
CA THR C 693 73.59 10.97 -7.80
C THR C 693 72.89 9.65 -7.66
N ILE C 694 73.11 8.92 -6.59
CA ILE C 694 72.14 7.92 -6.14
C ILE C 694 70.96 8.65 -5.54
N SER C 695 69.77 8.25 -5.88
CA SER C 695 68.53 8.74 -5.29
C SER C 695 67.83 7.60 -4.61
N VAL C 696 66.89 7.89 -3.72
CA VAL C 696 66.10 6.87 -3.02
C VAL C 696 64.64 7.30 -3.07
N THR C 697 64.04 7.25 -4.25
CA THR C 697 62.65 7.65 -4.43
C THR C 697 61.74 6.68 -3.70
N THR C 698 60.97 7.16 -2.73
CA THR C 698 59.90 6.40 -2.08
C THR C 698 58.82 6.07 -3.11
N GLU C 699 58.13 4.96 -2.92
CA GLU C 699 56.83 4.66 -3.52
C GLU C 699 55.93 3.98 -2.50
N ILE C 700 54.63 4.22 -2.57
CA ILE C 700 53.68 3.74 -1.58
C ILE C 700 52.54 3.04 -2.30
N LEU C 701 52.13 1.87 -1.86
CA LEU C 701 51.07 1.09 -2.50
C LEU C 701 50.12 0.52 -1.46
N PRO C 702 48.79 0.67 -1.59
CA PRO C 702 47.88 -0.03 -0.74
C PRO C 702 47.88 -1.51 -1.11
N VAL C 703 47.57 -2.40 -0.17
CA VAL C 703 47.63 -3.86 -0.38
C VAL C 703 46.39 -4.54 0.16
N SER C 704 45.86 -4.10 1.27
CA SER C 704 44.73 -4.75 1.90
C SER C 704 43.73 -3.71 2.34
N MET C 705 42.45 -4.01 2.11
CA MET C 705 41.34 -3.23 2.61
C MET C 705 41.04 -3.62 4.06
N THR C 706 40.32 -2.80 4.80
CA THR C 706 39.73 -3.20 6.08
C THR C 706 38.78 -4.37 5.88
N LYS C 707 39.08 -5.56 6.41
CA LYS C 707 38.21 -6.74 6.31
C LYS C 707 36.90 -6.53 7.05
N THR C 708 35.85 -6.21 6.32
CA THR C 708 34.50 -6.09 6.89
C THR C 708 33.77 -7.41 6.78
N SER C 709 32.83 -7.65 7.67
CA SER C 709 31.73 -8.58 7.45
C SER C 709 30.48 -7.98 8.09
N VAL C 710 29.30 -8.22 7.50
CA VAL C 710 28.04 -7.70 8.02
C VAL C 710 27.09 -8.86 8.29
N ASP C 711 26.57 -8.93 9.51
CA ASP C 711 25.38 -9.73 9.78
C ASP C 711 24.18 -9.06 9.11
N CYS C 712 23.90 -9.45 7.86
CA CYS C 712 22.88 -8.81 7.05
C CYS C 712 21.51 -8.79 7.74
N THR C 713 21.09 -9.85 8.44
CA THR C 713 19.79 -9.84 9.11
C THR C 713 19.79 -8.91 10.31
N MET C 714 20.90 -8.83 11.05
CA MET C 714 20.99 -7.89 12.17
C MET C 714 21.12 -6.43 11.73
N TYR C 715 21.74 -6.16 10.58
CA TYR C 715 21.79 -4.82 9.99
C TYR C 715 20.42 -4.42 9.40
N ILE C 716 19.83 -5.27 8.57
CA ILE C 716 18.57 -4.97 7.90
C ILE C 716 17.42 -4.91 8.92
N CYS C 717 17.34 -5.92 9.78
CA CYS C 717 16.42 -5.97 10.90
C CYS C 717 17.10 -5.67 12.23
N GLY C 718 17.70 -6.68 12.85
CA GLY C 718 18.06 -6.68 14.27
C GLY C 718 16.84 -6.82 15.18
N ASP C 719 17.00 -7.58 16.27
CA ASP C 719 16.07 -7.60 17.41
C ASP C 719 14.59 -7.94 17.08
N SER C 720 14.27 -8.56 15.95
CA SER C 720 12.88 -8.70 15.51
C SER C 720 12.64 -9.92 14.63
N THR C 721 11.88 -10.84 15.18
CA THR C 721 11.31 -11.98 14.45
C THR C 721 10.39 -11.50 13.34
N GLU C 722 9.57 -10.49 13.60
CA GLU C 722 8.68 -9.90 12.59
C GLU C 722 9.45 -9.45 11.34
N CYS C 723 10.50 -8.64 11.53
CA CYS C 723 11.30 -8.18 10.40
C CYS C 723 12.07 -9.34 9.75
N SER C 724 12.70 -10.23 10.53
CA SER C 724 13.41 -11.38 9.97
C SER C 724 12.50 -12.27 9.11
N ASN C 725 11.30 -12.57 9.56
CA ASN C 725 10.30 -13.29 8.79
C ASN C 725 9.99 -12.60 7.45
N LEU C 726 9.75 -11.28 7.45
CA LEU C 726 9.53 -10.56 6.18
C LEU C 726 10.77 -10.55 5.30
N LEU C 727 11.98 -10.52 5.86
CA LEU C 727 13.22 -10.62 5.10
C LEU C 727 13.37 -11.97 4.41
N LEU C 728 12.75 -13.05 4.91
CA LEU C 728 12.74 -14.31 4.19
C LEU C 728 11.97 -14.23 2.87
N GLN C 729 10.96 -13.36 2.76
CA GLN C 729 10.26 -13.18 1.49
C GLN C 729 11.20 -12.64 0.41
N TYR C 730 12.22 -11.89 0.79
CA TYR C 730 13.28 -11.42 -0.11
C TYR C 730 14.34 -12.47 -0.44
N GLY C 731 14.19 -13.72 0.02
CA GLY C 731 14.95 -14.84 -0.51
C GLY C 731 16.46 -14.76 -0.35
N SER C 732 17.20 -15.01 -1.43
CA SER C 732 18.63 -15.30 -1.40
C SER C 732 19.53 -14.11 -1.07
N PHE C 733 19.00 -12.89 -1.02
CA PHE C 733 19.82 -11.69 -0.99
C PHE C 733 20.76 -11.65 0.22
N CYS C 734 20.27 -11.90 1.43
CA CYS C 734 21.11 -11.87 2.64
C CYS C 734 22.34 -12.76 2.49
N THR C 735 22.16 -14.02 2.11
CA THR C 735 23.27 -14.95 1.93
C THR C 735 24.19 -14.53 0.79
N GLN C 736 23.65 -14.01 -0.31
CA GLN C 736 24.46 -13.54 -1.43
C GLN C 736 25.36 -12.37 -1.04
N LEU C 737 24.87 -11.45 -0.21
CA LEU C 737 25.67 -10.34 0.32
C LEU C 737 26.73 -10.86 1.31
N ASN C 738 26.38 -11.76 2.23
CA ASN C 738 27.35 -12.36 3.15
C ASN C 738 28.48 -13.09 2.40
N ARG C 739 28.17 -13.83 1.32
CA ARG C 739 29.17 -14.49 0.49
C ARG C 739 30.05 -13.49 -0.24
N ALA C 740 29.48 -12.43 -0.82
CA ALA C 740 30.24 -11.42 -1.53
C ALA C 740 31.25 -10.73 -0.60
N LEU C 741 30.84 -10.35 0.59
CA LEU C 741 31.75 -9.80 1.60
C LEU C 741 32.76 -10.83 2.07
N THR C 742 32.38 -12.08 2.28
CA THR C 742 33.35 -13.12 2.67
C THR C 742 34.41 -13.32 1.61
N GLY C 743 34.04 -13.32 0.32
CA GLY C 743 34.99 -13.38 -0.79
C GLY C 743 35.98 -12.22 -0.75
N ILE C 744 35.50 -11.00 -0.51
CA ILE C 744 36.38 -9.84 -0.33
C ILE C 744 37.30 -10.01 0.87
N ALA C 745 36.73 -10.40 2.02
CA ALA C 745 37.47 -10.48 3.28
C ALA C 745 38.64 -11.45 3.15
N VAL C 746 38.39 -12.65 2.61
CA VAL C 746 39.44 -13.65 2.38
C VAL C 746 40.48 -13.12 1.41
N GLU C 747 40.04 -12.45 0.36
CA GLU C 747 40.97 -11.92 -0.59
C GLU C 747 41.95 -10.91 0.03
N GLN C 748 41.59 -10.16 1.07
CA GLN C 748 42.57 -9.27 1.71
C GLN C 748 43.72 -10.05 2.35
N ASP C 749 43.43 -11.18 2.98
CA ASP C 749 44.50 -12.05 3.46
C ASP C 749 45.32 -12.55 2.28
N LYS C 750 44.68 -12.97 1.20
CA LYS C 750 45.38 -13.42 -0.01
C LYS C 750 46.28 -12.34 -0.60
N ASN C 751 45.81 -11.10 -0.70
CA ASN C 751 46.60 -9.98 -1.20
C ASN C 751 47.86 -9.82 -0.37
N THR C 752 47.71 -9.82 0.94
CA THR C 752 48.81 -9.65 1.87
C THR C 752 49.79 -10.83 1.79
N GLN C 753 49.27 -12.03 1.59
CA GLN C 753 50.07 -13.24 1.38
C GLN C 753 50.89 -13.12 0.09
N GLU C 754 50.27 -12.77 -1.04
CA GLU C 754 50.94 -12.70 -2.34
C GLU C 754 52.00 -11.59 -2.36
N VAL C 755 51.78 -10.49 -1.64
CA VAL C 755 52.72 -9.37 -1.59
C VAL C 755 53.93 -9.67 -0.75
N PHE C 756 53.77 -10.14 0.48
CA PHE C 756 54.90 -10.28 1.41
C PHE C 756 55.46 -11.70 1.47
N ALA C 757 54.62 -12.74 1.41
CA ALA C 757 55.03 -14.14 1.65
C ALA C 757 55.76 -14.78 0.45
N GLN C 758 56.52 -13.99 -0.31
CA GLN C 758 57.26 -14.41 -1.49
C GLN C 758 58.53 -15.21 -1.17
N VAL C 759 58.97 -15.19 0.08
CA VAL C 759 60.17 -15.88 0.57
C VAL C 759 59.83 -17.12 1.38
N LYS C 760 60.53 -18.23 1.12
CA LYS C 760 60.30 -19.51 1.80
C LYS C 760 60.80 -19.60 3.26
N GLN C 761 61.70 -18.70 3.66
CA GLN C 761 62.37 -18.71 4.95
C GLN C 761 62.47 -17.30 5.54
N ILE C 762 62.35 -17.15 6.85
CA ILE C 762 62.69 -15.88 7.49
C ILE C 762 64.20 -15.76 7.52
N TYR C 763 64.76 -15.06 6.55
CA TYR C 763 66.17 -14.71 6.62
C TYR C 763 66.43 -13.75 7.76
N LYS C 764 67.59 -13.88 8.40
CA LYS C 764 67.99 -13.06 9.53
C LYS C 764 69.40 -12.53 9.28
N THR C 765 69.64 -11.26 9.54
CA THR C 765 70.96 -10.62 9.34
C THR C 765 72.02 -11.15 10.32
N PRO C 766 73.31 -11.05 9.98
CA PRO C 766 74.40 -11.23 10.94
C PRO C 766 74.33 -10.15 12.04
N PRO C 767 75.04 -10.31 13.17
CA PRO C 767 75.07 -9.27 14.19
C PRO C 767 75.78 -8.01 13.69
N ILE C 768 76.94 -8.17 13.05
CA ILE C 768 77.76 -7.10 12.53
C ILE C 768 77.23 -6.54 11.20
N LYS C 769 76.83 -5.27 11.16
CA LYS C 769 76.31 -4.55 9.99
C LYS C 769 77.43 -4.08 9.05
N ASP C 770 78.29 -5.01 8.64
CA ASP C 770 79.51 -4.77 7.88
C ASP C 770 79.24 -4.58 6.37
N PHE C 771 78.28 -3.73 6.01
CA PHE C 771 77.78 -3.58 4.64
C PHE C 771 78.56 -2.54 3.83
N GLY C 772 79.88 -2.65 3.77
CA GLY C 772 80.74 -1.80 2.95
C GLY C 772 80.64 -0.28 3.17
N GLY C 773 80.01 0.18 4.24
CA GLY C 773 79.76 1.60 4.57
C GLY C 773 78.30 2.05 4.45
N PHE C 774 77.41 1.22 3.92
CA PHE C 774 75.99 1.51 3.78
C PHE C 774 75.30 1.35 5.14
N ASN C 775 74.80 2.41 5.76
CA ASN C 775 74.21 2.37 7.10
C ASN C 775 72.72 1.97 7.02
N PHE C 776 72.45 0.69 7.11
CA PHE C 776 71.10 0.13 7.02
C PHE C 776 70.26 0.28 8.31
N SER C 777 70.81 0.80 9.40
CA SER C 777 70.16 0.75 10.72
C SER C 777 68.80 1.44 10.80
N GLN C 778 68.50 2.37 9.88
CA GLN C 778 67.20 3.05 9.84
C GLN C 778 66.08 2.13 9.33
N ILE C 779 66.44 1.11 8.55
CA ILE C 779 65.52 0.30 7.75
C ILE C 779 65.48 -1.18 8.16
N LEU C 780 66.50 -1.67 8.86
CA LEU C 780 66.43 -2.94 9.58
C LEU C 780 65.64 -2.79 10.89
N PRO C 781 65.22 -3.90 11.53
CA PRO C 781 64.57 -3.90 12.84
C PRO C 781 65.35 -3.21 13.94
N ASP C 782 64.62 -2.78 14.97
CA ASP C 782 65.17 -2.44 16.28
C ASP C 782 64.70 -3.49 17.30
N PRO C 783 65.62 -4.27 17.91
CA PRO C 783 65.27 -5.33 18.85
C PRO C 783 64.64 -4.82 20.16
N SER C 784 64.70 -3.52 20.44
CA SER C 784 64.07 -2.90 21.61
C SER C 784 62.59 -2.54 21.39
N LYS C 785 62.10 -2.51 20.14
CA LYS C 785 60.69 -2.22 19.82
C LYS C 785 59.79 -3.45 19.98
N SER C 787 56.63 -4.26 18.85
CA SER C 787 57.16 -5.23 17.90
C SER C 787 58.44 -4.76 17.22
N LYS C 788 59.27 -5.69 16.73
CA LYS C 788 60.55 -5.48 16.07
C LYS C 788 60.46 -4.85 14.68
N ARG C 789 59.71 -3.75 14.53
CA ARG C 789 59.68 -2.91 13.33
C ARG C 789 61.01 -2.18 13.15
N SER C 790 61.31 -1.72 11.94
CA SER C 790 62.37 -0.75 11.72
C SER C 790 61.94 0.66 12.10
N PHE C 791 62.90 1.57 12.20
CA PHE C 791 62.57 2.94 12.54
C PHE C 791 61.76 3.65 11.44
N ILE C 792 62.11 3.47 10.17
CA ILE C 792 61.30 4.03 9.08
C ILE C 792 59.90 3.42 9.05
N GLU C 793 59.73 2.13 9.36
CA GLU C 793 58.38 1.60 9.52
C GLU C 793 57.63 2.25 10.67
N ASP C 794 58.30 2.61 11.76
CA ASP C 794 57.63 3.29 12.85
C ASP C 794 57.14 4.69 12.45
N LEU C 795 57.87 5.42 11.61
CA LEU C 795 57.32 6.68 11.07
C LEU C 795 56.03 6.40 10.30
N LEU C 796 56.02 5.35 9.50
CA LEU C 796 54.86 4.99 8.70
C LEU C 796 53.68 4.55 9.58
N PHE C 797 53.89 3.72 10.60
CA PHE C 797 52.82 3.37 11.55
C PHE C 797 52.35 4.56 12.40
N ASN C 798 53.17 5.57 12.64
CA ASN C 798 52.74 6.77 13.37
C ASN C 798 51.90 7.73 12.51
N LYS C 799 52.20 7.89 11.22
CA LYS C 799 51.59 8.96 10.40
C LYS C 799 50.15 8.70 9.96
N VAL C 800 49.74 7.45 9.84
CA VAL C 800 48.36 7.05 9.46
C VAL C 800 47.42 7.10 10.66
N THR C 801 46.11 7.18 10.45
CA THR C 801 45.08 6.99 11.49
C THR C 801 45.23 5.64 12.20
N LYS C 828 29.42 1.30 13.75
CA LYS C 828 30.50 0.32 13.55
C LYS C 828 30.20 -1.02 14.25
N PHE C 829 29.14 -1.11 15.05
CA PHE C 829 28.75 -2.29 15.82
C PHE C 829 27.29 -2.74 15.59
N ASN C 830 26.50 -2.03 14.81
CA ASN C 830 25.10 -2.38 14.52
C ASN C 830 24.96 -3.49 13.46
N GLY C 831 25.43 -4.71 13.75
CA GLY C 831 25.51 -5.82 12.79
C GLY C 831 26.78 -5.81 11.94
N LEU C 832 27.45 -4.67 11.83
CA LEU C 832 28.76 -4.53 11.21
C LEU C 832 29.85 -5.13 12.09
N THR C 833 30.87 -5.73 11.48
CA THR C 833 32.02 -6.32 12.19
C THR C 833 33.29 -6.09 11.39
N VAL C 834 34.41 -5.84 12.05
CA VAL C 834 35.73 -5.82 11.41
C VAL C 834 36.49 -7.04 11.88
N LEU C 835 36.89 -7.89 10.95
CA LEU C 835 37.65 -9.09 11.24
C LEU C 835 39.15 -8.78 11.19
N PRO C 836 39.99 -9.47 11.97
CA PRO C 836 41.44 -9.24 11.95
C PRO C 836 42.07 -9.70 10.64
N PRO C 837 43.23 -9.17 10.25
CA PRO C 837 44.07 -9.77 9.22
C PRO C 837 44.59 -11.14 9.67
N LEU C 838 44.88 -12.05 8.75
CA LEU C 838 45.49 -13.33 9.10
C LEU C 838 46.91 -13.14 9.65
N LEU C 839 47.72 -12.33 9.00
CA LEU C 839 49.04 -11.99 9.50
C LEU C 839 48.94 -10.74 10.37
N THR C 840 49.53 -10.74 11.56
CA THR C 840 49.60 -9.54 12.41
C THR C 840 50.67 -8.60 11.90
N ASP C 841 50.64 -7.33 12.31
CA ASP C 841 51.63 -6.34 11.88
C ASP C 841 53.06 -6.76 12.20
N GLU C 842 53.28 -7.45 13.32
CA GLU C 842 54.57 -8.07 13.62
C GLU C 842 55.02 -9.05 12.55
N MET C 843 54.13 -9.92 12.06
CA MET C 843 54.50 -10.89 11.05
C MET C 843 54.83 -10.21 9.73
N ILE C 844 54.10 -9.16 9.36
CA ILE C 844 54.45 -8.38 8.19
C ILE C 844 55.81 -7.71 8.40
N ALA C 845 56.08 -7.17 9.58
CA ALA C 845 57.39 -6.62 9.90
C ALA C 845 58.51 -7.67 9.88
N GLN C 846 58.23 -8.91 10.24
CA GLN C 846 59.18 -10.01 10.08
C GLN C 846 59.37 -10.38 8.61
N TYR C 847 58.32 -10.57 7.82
CA TYR C 847 58.46 -10.86 6.40
C TYR C 847 59.22 -9.75 5.67
N THR C 848 58.88 -8.49 5.87
CA THR C 848 59.66 -7.40 5.26
C THR C 848 61.09 -7.39 5.75
N SER C 849 61.36 -7.74 7.00
CA SER C 849 62.74 -7.95 7.46
C SER C 849 63.39 -9.13 6.79
N ALA C 850 62.70 -10.23 6.52
CA ALA C 850 63.26 -11.35 5.79
C ALA C 850 63.63 -10.93 4.38
N LEU C 851 62.68 -10.34 3.66
CA LEU C 851 62.87 -9.80 2.31
C LEU C 851 64.06 -8.87 2.28
N LEU C 852 64.16 -8.01 3.28
CA LEU C 852 65.27 -7.08 3.37
C LEU C 852 66.59 -7.79 3.71
N ALA C 853 66.63 -8.70 4.67
CA ALA C 853 67.84 -9.40 5.08
C ALA C 853 68.40 -10.27 3.96
N GLY C 854 67.53 -10.91 3.18
CA GLY C 854 67.90 -11.58 1.95
C GLY C 854 68.46 -10.59 0.93
N THR C 855 67.73 -9.50 0.65
CA THR C 855 68.16 -8.46 -0.30
C THR C 855 69.51 -7.88 0.06
N ILE C 856 69.79 -7.66 1.35
CA ILE C 856 71.09 -7.18 1.81
C ILE C 856 72.17 -8.23 1.63
N THR C 857 71.98 -9.43 2.17
CA THR C 857 73.07 -10.40 2.27
C THR C 857 73.33 -11.21 1.02
N SER C 858 72.36 -11.33 0.11
CA SER C 858 72.37 -12.40 -0.89
C SER C 858 71.95 -11.98 -2.29
N GLY C 859 71.75 -10.69 -2.54
CA GLY C 859 71.35 -10.20 -3.85
C GLY C 859 69.95 -10.61 -4.23
N TRP C 860 69.75 -10.86 -5.51
CA TRP C 860 68.54 -11.46 -6.04
C TRP C 860 68.46 -12.96 -5.78
N THR C 861 69.55 -13.62 -5.37
CA THR C 861 69.61 -15.09 -5.39
C THR C 861 68.53 -15.72 -4.54
N PHE C 862 68.15 -15.13 -3.41
CA PHE C 862 67.12 -15.70 -2.56
C PHE C 862 65.74 -15.75 -3.21
N GLY C 863 65.50 -14.99 -4.28
CA GLY C 863 64.33 -15.16 -5.13
C GLY C 863 64.51 -16.36 -6.06
N ALA C 864 65.59 -16.36 -6.82
CA ALA C 864 65.91 -17.37 -7.83
C ALA C 864 66.18 -18.78 -7.30
N GLY C 865 66.57 -18.95 -6.04
CA GLY C 865 66.94 -20.23 -5.48
C GLY C 865 67.20 -20.17 -3.98
N ALA C 866 68.06 -21.04 -3.46
CA ALA C 866 68.54 -20.91 -2.09
C ALA C 866 69.39 -19.65 -1.94
N ALA C 867 69.22 -18.87 -0.86
CA ALA C 867 69.99 -17.63 -0.66
C ALA C 867 71.49 -17.90 -0.59
N LEU C 868 72.26 -17.19 -1.41
CA LEU C 868 73.71 -17.33 -1.46
C LEU C 868 74.32 -16.06 -0.89
N GLN C 869 75.13 -16.11 0.17
CA GLN C 869 75.69 -14.85 0.68
C GLN C 869 76.65 -14.25 -0.32
N ILE C 870 76.75 -12.92 -0.33
CA ILE C 870 77.70 -12.13 -1.12
C ILE C 870 78.02 -10.81 -0.40
N PRO C 871 79.25 -10.28 -0.42
CA PRO C 871 79.57 -9.03 0.26
C PRO C 871 78.80 -7.87 -0.38
N PHE C 872 78.25 -6.93 0.39
CA PHE C 872 77.33 -5.94 -0.19
C PHE C 872 77.96 -5.04 -1.26
N ALA C 873 79.22 -4.65 -1.13
CA ALA C 873 79.91 -3.89 -2.16
C ALA C 873 79.92 -4.62 -3.51
N MET C 874 80.03 -5.94 -3.50
CA MET C 874 80.02 -6.75 -4.71
C MET C 874 78.62 -6.94 -5.29
N GLN C 875 77.60 -7.03 -4.45
CA GLN C 875 76.23 -6.97 -4.94
C GLN C 875 75.97 -5.63 -5.62
N MET C 876 76.47 -4.54 -5.07
CA MET C 876 76.35 -3.27 -5.77
C MET C 876 77.11 -3.26 -7.08
N ALA C 877 78.30 -3.81 -7.15
CA ALA C 877 79.03 -3.85 -8.40
C ALA C 877 78.28 -4.67 -9.46
N TYR C 878 77.55 -5.70 -9.07
CA TYR C 878 76.64 -6.38 -9.99
C TYR C 878 75.51 -5.46 -10.45
N ARG C 879 74.80 -4.78 -9.54
CA ARG C 879 73.66 -3.93 -9.91
C ARG C 879 74.11 -2.69 -10.71
N PHE C 880 75.35 -2.24 -10.59
CA PHE C 880 75.95 -1.28 -11.52
C PHE C 880 76.16 -1.89 -12.90
N ASN C 881 76.74 -3.09 -12.99
CA ASN C 881 76.84 -3.81 -14.25
C ASN C 881 75.45 -4.02 -14.88
N GLY C 882 74.41 -4.15 -14.07
CA GLY C 882 73.03 -4.32 -14.50
C GLY C 882 72.39 -3.11 -15.15
N ILE C 883 72.99 -1.91 -15.04
CA ILE C 883 72.55 -0.66 -15.68
C ILE C 883 73.59 -0.15 -16.69
N GLY C 884 74.50 -0.99 -17.16
CA GLY C 884 75.52 -0.57 -18.13
C GLY C 884 76.56 0.38 -17.58
N VAL C 885 76.73 0.46 -16.25
CA VAL C 885 77.86 1.14 -15.61
C VAL C 885 78.88 0.09 -15.20
N THR C 886 80.10 0.18 -15.71
CA THR C 886 81.12 -0.84 -15.50
C THR C 886 81.51 -0.94 -14.04
N GLN C 887 81.81 -2.13 -13.50
CA GLN C 887 81.96 -2.37 -12.06
C GLN C 887 82.97 -1.42 -11.38
N ASN C 888 84.02 -1.03 -12.08
CA ASN C 888 85.05 -0.13 -11.59
C ASN C 888 84.52 1.21 -11.12
N VAL C 889 83.42 1.68 -11.68
CA VAL C 889 82.81 2.93 -11.22
C VAL C 889 82.35 2.80 -9.78
N LEU C 890 81.93 1.62 -9.30
CA LEU C 890 81.50 1.49 -7.91
C LEU C 890 82.66 1.56 -6.91
N TYR C 891 83.60 0.62 -6.92
CA TYR C 891 84.60 0.59 -5.85
C TYR C 891 85.42 1.86 -5.80
N GLU C 892 85.75 2.43 -6.96
CA GLU C 892 86.51 3.66 -7.05
C GLU C 892 85.73 4.88 -6.53
N ASN C 893 84.41 4.77 -6.32
CA ASN C 893 83.58 5.79 -5.68
C ASN C 893 82.89 5.26 -4.41
N GLN C 894 83.36 4.17 -3.79
CA GLN C 894 82.56 3.44 -2.79
C GLN C 894 82.18 4.30 -1.60
N LYS C 895 83.13 5.03 -1.02
CA LYS C 895 82.89 5.88 0.15
C LYS C 895 81.87 6.99 -0.18
N LEU C 896 82.01 7.62 -1.34
CA LEU C 896 81.05 8.61 -1.82
C LEU C 896 79.65 7.99 -1.99
N ILE C 897 79.52 6.85 -2.65
CA ILE C 897 78.23 6.21 -2.91
C ILE C 897 77.56 5.83 -1.60
N ALA C 898 78.32 5.28 -0.67
CA ALA C 898 77.82 4.98 0.65
C ALA C 898 77.27 6.25 1.30
N ASN C 899 78.04 7.35 1.29
CA ASN C 899 77.57 8.61 1.86
C ASN C 899 76.28 9.11 1.21
N GLN C 900 76.18 9.03 -0.12
CA GLN C 900 74.96 9.43 -0.81
C GLN C 900 73.78 8.54 -0.42
N PHE C 901 73.97 7.23 -0.32
CA PHE C 901 72.90 6.35 0.09
C PHE C 901 72.49 6.63 1.54
N ASN C 902 73.44 6.76 2.46
CA ASN C 902 73.16 7.06 3.87
C ASN C 902 72.42 8.39 4.01
N SER C 903 72.91 9.44 3.34
CA SER C 903 72.30 10.77 3.28
C SER C 903 70.89 10.72 2.71
N ALA C 904 70.66 9.98 1.63
CA ALA C 904 69.35 9.81 1.04
C ALA C 904 68.38 9.13 2.02
N ILE C 905 68.79 8.02 2.64
CA ILE C 905 68.02 7.35 3.68
C ILE C 905 67.68 8.32 4.81
N GLY C 906 68.64 9.14 5.24
CA GLY C 906 68.42 10.22 6.20
C GLY C 906 67.28 11.16 5.75
N LYS C 907 67.34 11.68 4.53
CA LYS C 907 66.29 12.54 3.98
C LYS C 907 64.92 11.86 3.98
N ILE C 908 64.83 10.55 3.80
CA ILE C 908 63.53 9.87 3.80
C ILE C 908 62.87 9.99 5.17
N GLN C 909 63.62 9.86 6.26
CA GLN C 909 63.07 10.01 7.61
C GLN C 909 62.45 11.39 7.79
N ASP C 910 63.15 12.43 7.35
CA ASP C 910 62.64 13.79 7.45
C ASP C 910 61.46 14.01 6.52
N SER C 911 61.47 13.47 5.30
CA SER C 911 60.38 13.62 4.35
C SER C 911 59.08 13.00 4.88
N LEU C 912 59.18 11.81 5.47
CA LEU C 912 58.06 11.14 6.15
C LEU C 912 57.67 11.86 7.46
N SER C 913 58.66 12.25 8.27
CA SER C 913 58.43 12.83 9.59
C SER C 913 57.81 14.24 9.52
N SER C 914 58.18 15.02 8.51
CA SER C 914 57.69 16.36 8.25
C SER C 914 56.19 16.42 7.98
N THR C 915 55.67 15.56 7.09
CA THR C 915 54.26 15.66 6.64
C THR C 915 53.56 14.31 6.53
N ALA C 916 52.31 14.24 7.02
CA ALA C 916 51.43 13.09 6.82
C ALA C 916 50.92 13.01 5.37
N SER C 917 50.92 14.10 4.61
CA SER C 917 50.51 14.11 3.19
C SER C 917 51.37 13.22 2.28
N ALA C 918 52.55 12.81 2.73
CA ALA C 918 53.37 11.83 2.04
C ALA C 918 52.68 10.46 1.92
N LEU C 919 51.99 10.00 2.97
CA LEU C 919 51.24 8.73 3.03
C LEU C 919 49.80 8.85 2.52
N GLY C 920 49.41 9.98 1.93
CA GLY C 920 48.02 10.25 1.55
C GLY C 920 47.39 9.13 0.74
N LYS C 921 48.17 8.48 -0.12
CA LYS C 921 47.72 7.35 -0.93
C LYS C 921 47.17 6.17 -0.13
N LEU C 922 47.74 5.85 1.04
CA LEU C 922 47.18 4.85 1.96
C LEU C 922 46.00 5.43 2.74
N GLN C 923 46.15 6.65 3.25
CA GLN C 923 45.12 7.30 4.07
C GLN C 923 43.79 7.41 3.33
N ASP C 924 43.83 7.60 2.02
CA ASP C 924 42.67 7.56 1.13
C ASP C 924 41.85 6.26 1.28
N VAL C 925 42.50 5.11 1.33
CA VAL C 925 41.82 3.81 1.47
C VAL C 925 41.07 3.75 2.79
N VAL C 926 41.72 4.16 3.88
CA VAL C 926 41.14 4.16 5.22
C VAL C 926 40.00 5.16 5.32
N ASN C 927 40.17 6.37 4.77
CA ASN C 927 39.12 7.37 4.72
C ASN C 927 37.91 6.89 3.91
N GLN C 928 38.12 6.31 2.74
CA GLN C 928 37.02 5.79 1.92
C GLN C 928 36.24 4.71 2.66
N ASN C 929 36.93 3.79 3.33
CA ASN C 929 36.25 2.75 4.07
C ASN C 929 35.49 3.31 5.27
N ALA C 930 36.07 4.24 6.03
CA ALA C 930 35.37 4.87 7.14
C ALA C 930 34.11 5.62 6.67
N GLN C 931 34.21 6.40 5.60
CA GLN C 931 33.06 7.11 5.02
C GLN C 931 31.97 6.12 4.59
N ALA C 932 32.33 5.03 3.93
CA ALA C 932 31.36 4.04 3.47
C ALA C 932 30.69 3.31 4.65
N LEU C 933 31.45 2.89 5.66
CA LEU C 933 30.90 2.30 6.88
C LEU C 933 29.99 3.29 7.62
N ASN C 934 30.45 4.50 7.92
CA ASN C 934 29.62 5.51 8.58
C ASN C 934 28.37 5.84 7.74
N THR C 935 28.47 5.87 6.41
CA THR C 935 27.29 6.04 5.56
C THR C 935 26.31 4.89 5.73
N LEU C 936 26.80 3.67 5.69
CA LEU C 936 25.99 2.47 5.87
C LEU C 936 25.29 2.49 7.24
N VAL C 937 25.95 2.96 8.29
CA VAL C 937 25.35 3.12 9.61
C VAL C 937 24.33 4.25 9.60
N LYS C 938 24.67 5.45 9.12
CA LYS C 938 23.73 6.58 9.05
C LYS C 938 22.47 6.22 8.28
N GLN C 939 22.58 5.44 7.21
CA GLN C 939 21.42 4.98 6.47
C GLN C 939 20.45 4.12 7.29
N LEU C 940 20.81 3.60 8.47
CA LEU C 940 19.82 2.95 9.35
C LEU C 940 18.76 3.95 9.83
N SER C 941 19.17 5.19 10.06
CA SER C 941 18.31 6.24 10.60
C SER C 941 17.42 6.91 9.56
N SER C 942 17.66 6.69 8.27
CA SER C 942 16.83 7.19 7.17
C SER C 942 15.48 6.46 7.13
N ASN C 943 14.40 7.16 6.78
CA ASN C 943 13.05 6.61 6.85
C ASN C 943 12.61 5.81 5.63
N PHE C 944 13.19 6.06 4.45
CA PHE C 944 12.77 5.43 3.18
C PHE C 944 11.25 5.49 2.92
N GLY C 945 10.59 6.55 3.39
CA GLY C 945 9.14 6.73 3.26
C GLY C 945 8.28 5.93 4.25
N ALA C 946 8.89 5.23 5.20
CA ALA C 946 8.19 4.65 6.34
C ALA C 946 7.87 5.71 7.40
N ILE C 947 6.90 5.44 8.26
CA ILE C 947 6.53 6.32 9.39
C ILE C 947 7.62 6.53 10.48
N SER C 948 8.68 5.71 10.48
CA SER C 948 9.87 5.88 11.32
C SER C 948 11.05 5.12 10.70
N SER C 949 12.27 5.39 11.13
CA SER C 949 13.42 4.52 10.89
C SER C 949 13.71 3.57 12.06
N VAL C 950 13.00 3.71 13.17
CA VAL C 950 13.17 2.87 14.35
C VAL C 950 12.14 1.76 14.31
N LEU C 951 12.59 0.53 14.18
CA LEU C 951 11.71 -0.61 13.91
C LEU C 951 10.69 -0.84 15.03
N ASN C 952 11.07 -0.58 16.28
CA ASN C 952 10.14 -0.65 17.41
C ASN C 952 8.99 0.35 17.32
N ASP C 953 9.19 1.53 16.74
CA ASP C 953 8.10 2.48 16.51
C ASP C 953 7.08 1.89 15.55
N ILE C 954 7.54 1.27 14.47
CA ILE C 954 6.64 0.64 13.51
C ILE C 954 5.89 -0.55 14.14
N LEU C 955 6.58 -1.32 14.98
CA LEU C 955 6.00 -2.42 15.75
C LEU C 955 5.17 -1.96 16.96
N SER C 956 4.78 -0.68 17.06
CA SER C 956 3.96 -0.18 18.18
C SER C 956 3.02 0.98 17.83
N ARG C 957 3.28 1.74 16.77
CA ARG C 957 2.39 2.78 16.19
C ARG C 957 1.39 2.23 15.16
N LEU C 958 1.44 0.95 14.86
CA LEU C 958 0.53 0.27 13.92
C LEU C 958 0.22 -1.15 14.40
N ASP C 959 -0.89 -1.69 13.91
CA ASP C 959 -1.12 -3.13 13.90
C ASP C 959 -0.22 -3.82 12.86
N PRO C 960 0.26 -5.04 13.12
CA PRO C 960 1.14 -5.76 12.21
C PRO C 960 0.73 -5.78 10.73
N PRO C 961 -0.55 -5.91 10.34
CA PRO C 961 -0.92 -5.99 8.93
C PRO C 961 -0.67 -4.71 8.14
N GLU C 962 -0.63 -3.55 8.81
CA GLU C 962 -0.19 -2.29 8.21
C GLU C 962 1.31 -2.12 8.35
N ALA C 963 1.86 -2.48 9.52
CA ALA C 963 3.29 -2.43 9.78
C ALA C 963 4.10 -3.24 8.76
N GLU C 964 3.55 -4.30 8.17
CA GLU C 964 4.18 -5.02 7.06
C GLU C 964 4.65 -4.09 5.94
N VAL C 965 3.83 -3.12 5.53
CA VAL C 965 4.24 -2.18 4.48
C VAL C 965 5.38 -1.29 4.97
N GLN C 966 5.27 -0.78 6.19
CA GLN C 966 6.29 0.11 6.72
C GLN C 966 7.64 -0.61 6.86
N ILE C 967 7.61 -1.84 7.36
CA ILE C 967 8.78 -2.71 7.42
C ILE C 967 9.27 -3.04 6.02
N ASP C 968 8.40 -3.31 5.06
CA ASP C 968 8.79 -3.55 3.68
C ASP C 968 9.54 -2.36 3.09
N ARG C 969 9.09 -1.12 3.35
CA ARG C 969 9.83 0.08 2.93
C ARG C 969 11.20 0.14 3.57
N LEU C 970 11.30 -0.07 4.88
CA LEU C 970 12.59 -0.09 5.58
C LEU C 970 13.50 -1.21 5.09
N ILE C 971 12.99 -2.42 4.92
CA ILE C 971 13.74 -3.55 4.37
C ILE C 971 14.25 -3.17 3.00
N THR C 972 13.38 -2.64 2.12
CA THR C 972 13.76 -2.27 0.77
C THR C 972 14.85 -1.21 0.78
N GLY C 973 14.72 -0.19 1.62
CA GLY C 973 15.71 0.88 1.75
C GLY C 973 17.05 0.39 2.27
N ARG C 974 17.02 -0.33 3.39
CA ARG C 974 18.23 -0.89 3.99
C ARG C 974 18.90 -1.89 3.06
N LEU C 975 18.13 -2.75 2.41
CA LEU C 975 18.64 -3.75 1.48
C LEU C 975 19.25 -3.10 0.25
N GLN C 976 18.59 -2.11 -0.35
CA GLN C 976 19.17 -1.33 -1.42
C GLN C 976 20.46 -0.65 -0.96
N SER C 977 20.50 -0.10 0.25
CA SER C 977 21.71 0.50 0.78
C SER C 977 22.82 -0.51 1.00
N LEU C 978 22.48 -1.71 1.44
CA LEU C 978 23.46 -2.76 1.65
C LEU C 978 24.01 -3.24 0.31
N GLN C 979 23.15 -3.52 -0.67
CA GLN C 979 23.57 -3.83 -2.04
C GLN C 979 24.48 -2.74 -2.59
N THR C 980 24.12 -1.48 -2.36
CA THR C 980 24.94 -0.33 -2.76
C THR C 980 26.30 -0.42 -2.12
N TYR C 981 26.38 -0.54 -0.80
CA TYR C 981 27.65 -0.68 -0.09
C TYR C 981 28.50 -1.82 -0.61
N VAL C 982 27.93 -3.02 -0.72
CA VAL C 982 28.68 -4.20 -1.18
C VAL C 982 29.20 -3.98 -2.59
N THR C 983 28.43 -3.35 -3.46
CA THR C 983 28.88 -3.09 -4.82
C THR C 983 30.06 -2.13 -4.85
N GLN C 984 30.03 -1.07 -4.04
CA GLN C 984 31.17 -0.17 -3.88
C GLN C 984 32.37 -0.96 -3.39
N GLN C 985 32.21 -1.78 -2.34
CA GLN C 985 33.30 -2.58 -1.79
C GLN C 985 33.86 -3.59 -2.79
N LEU C 986 33.03 -4.21 -3.62
CA LEU C 986 33.51 -5.12 -4.65
C LEU C 986 34.40 -4.41 -5.65
N ILE C 987 33.98 -3.25 -6.14
CA ILE C 987 34.77 -2.48 -7.12
C ILE C 987 36.04 -1.97 -6.47
N ARG C 988 35.94 -1.47 -5.24
CA ARG C 988 37.10 -1.04 -4.46
C ARG C 988 38.06 -2.19 -4.19
N ALA C 989 37.57 -3.39 -3.91
CA ALA C 989 38.40 -4.58 -3.80
C ALA C 989 39.11 -4.92 -5.12
N ALA C 990 38.53 -4.68 -6.29
CA ALA C 990 39.25 -4.81 -7.55
C ALA C 990 40.37 -3.78 -7.67
N GLU C 991 40.14 -2.53 -7.27
CA GLU C 991 41.20 -1.51 -7.29
C GLU C 991 42.37 -1.89 -6.38
N ILE C 992 42.08 -2.42 -5.18
CA ILE C 992 43.13 -2.93 -4.30
C ILE C 992 43.78 -4.18 -4.87
N ARG C 993 43.03 -5.14 -5.43
CA ARG C 993 43.61 -6.35 -6.05
C ARG C 993 44.59 -5.97 -7.15
N ALA C 994 44.24 -5.01 -7.99
CA ALA C 994 45.16 -4.48 -8.99
C ALA C 994 46.42 -3.87 -8.35
N SER C 995 46.26 -3.07 -7.30
CA SER C 995 47.42 -2.55 -6.55
C SER C 995 48.24 -3.64 -5.89
N ALA C 996 47.63 -4.69 -5.37
CA ALA C 996 48.32 -5.80 -4.74
C ALA C 996 49.09 -6.64 -5.76
N ASN C 997 48.51 -6.96 -6.91
CA ASN C 997 49.22 -7.61 -8.00
C ASN C 997 50.41 -6.75 -8.43
N LEU C 998 50.23 -5.45 -8.57
CA LEU C 998 51.31 -4.54 -8.87
C LEU C 998 52.39 -4.57 -7.79
N ALA C 999 52.04 -4.41 -6.52
CA ALA C 999 52.96 -4.46 -5.40
C ALA C 999 53.71 -5.79 -5.32
N ALA C 1000 53.03 -6.90 -5.50
CA ALA C 1000 53.63 -8.22 -5.57
C ALA C 1000 54.63 -8.29 -6.72
N THR C 1001 54.30 -7.68 -7.86
CA THR C 1001 55.20 -7.67 -9.01
C THR C 1001 56.42 -6.80 -8.72
N LYS C 1002 56.25 -5.68 -8.04
CA LYS C 1002 57.38 -4.83 -7.61
C LYS C 1002 58.20 -5.51 -6.56
N MET C 1003 57.60 -6.34 -5.73
CA MET C 1003 58.32 -7.16 -4.77
C MET C 1003 59.17 -8.19 -5.50
N SER C 1004 58.59 -8.87 -6.48
CA SER C 1004 59.30 -9.89 -7.24
C SER C 1004 60.39 -9.29 -8.12
N GLU C 1005 60.17 -8.14 -8.75
CA GLU C 1005 61.15 -7.52 -9.63
C GLU C 1005 62.08 -6.52 -8.94
N CYS C 1006 61.55 -5.51 -8.24
CA CYS C 1006 62.38 -4.42 -7.72
C CYS C 1006 63.14 -4.79 -6.45
N VAL C 1007 62.65 -5.73 -5.64
CA VAL C 1007 63.31 -6.17 -4.40
C VAL C 1007 64.11 -7.42 -4.67
N LEU C 1008 63.42 -8.51 -5.01
CA LEU C 1008 64.00 -9.81 -5.31
C LEU C 1008 64.87 -9.83 -6.58
N GLY C 1009 64.95 -8.74 -7.33
CA GLY C 1009 65.69 -8.65 -8.58
C GLY C 1009 66.20 -7.24 -8.85
N GLN C 1010 66.41 -6.93 -10.13
CA GLN C 1010 66.67 -5.59 -10.62
C GLN C 1010 65.97 -5.41 -11.95
N SER C 1011 64.78 -4.81 -11.96
CA SER C 1011 64.01 -4.64 -13.19
C SER C 1011 64.69 -3.71 -14.18
N LYS C 1012 64.65 -4.03 -15.47
CA LYS C 1012 65.12 -3.13 -16.54
C LYS C 1012 63.97 -2.34 -17.19
N ARG C 1013 62.82 -2.31 -16.53
CA ARG C 1013 61.62 -1.64 -17.00
C ARG C 1013 61.64 -0.19 -16.56
N VAL C 1014 62.00 0.70 -17.47
CA VAL C 1014 62.22 2.12 -17.18
C VAL C 1014 60.99 2.74 -16.49
N ASP C 1015 61.23 3.46 -15.40
CA ASP C 1015 60.24 4.00 -14.48
C ASP C 1015 59.25 3.00 -13.83
N PHE C 1016 59.49 1.68 -13.87
CA PHE C 1016 58.74 0.77 -12.99
C PHE C 1016 59.18 0.88 -11.54
N CYS C 1017 60.47 0.76 -11.25
CA CYS C 1017 61.06 0.91 -9.92
C CYS C 1017 61.56 2.35 -9.66
N GLY C 1018 60.65 3.33 -9.63
CA GLY C 1018 60.99 4.75 -9.40
C GLY C 1018 61.75 5.43 -10.56
N LYS C 1019 61.86 6.75 -10.55
CA LYS C 1019 62.60 7.49 -11.57
C LYS C 1019 64.10 7.21 -11.53
N GLY C 1020 64.76 7.19 -12.68
CA GLY C 1020 66.18 6.85 -12.82
C GLY C 1020 66.41 5.40 -13.25
N TYR C 1021 67.67 5.01 -13.48
CA TYR C 1021 68.03 3.62 -13.69
C TYR C 1021 67.97 2.89 -12.36
N HIS C 1022 67.32 1.75 -12.28
CA HIS C 1022 67.04 1.09 -11.01
C HIS C 1022 68.25 0.32 -10.45
N LEU C 1023 68.50 0.40 -9.14
CA LEU C 1023 69.54 -0.36 -8.48
C LEU C 1023 68.96 -1.49 -7.65
N MET C 1024 68.13 -1.20 -6.66
CA MET C 1024 67.45 -2.16 -5.80
C MET C 1024 66.36 -1.45 -5.04
N SER C 1025 65.50 -2.15 -4.35
CA SER C 1025 64.55 -1.47 -3.49
C SER C 1025 64.38 -2.23 -2.21
N PHE C 1026 64.03 -1.54 -1.15
CA PHE C 1026 63.75 -2.16 0.13
C PHE C 1026 62.28 -2.00 0.43
N PRO C 1027 61.53 -3.04 0.75
CA PRO C 1027 60.18 -2.88 1.23
C PRO C 1027 60.21 -2.38 2.66
N GLN C 1028 59.15 -1.73 3.08
CA GLN C 1028 58.82 -1.45 4.46
C GLN C 1028 57.34 -1.66 4.62
N SER C 1029 56.93 -2.28 5.70
CA SER C 1029 55.51 -2.50 5.96
C SER C 1029 54.83 -1.17 6.26
N ALA C 1030 53.53 -1.10 6.08
CA ALA C 1030 52.72 0.04 6.50
C ALA C 1030 51.32 -0.47 6.83
N PRO C 1031 50.54 0.22 7.66
CA PRO C 1031 49.17 -0.17 7.91
C PRO C 1031 48.41 -0.24 6.59
N HIS C 1032 47.77 -1.37 6.29
CA HIS C 1032 46.99 -1.59 5.07
C HIS C 1032 47.76 -1.41 3.77
N GLY C 1033 49.09 -1.51 3.77
CA GLY C 1033 49.87 -1.23 2.56
C GLY C 1033 51.32 -1.63 2.64
N VAL C 1034 52.11 -1.18 1.67
CA VAL C 1034 53.56 -1.40 1.62
C VAL C 1034 54.23 -0.16 1.06
N VAL C 1035 55.49 0.06 1.43
CA VAL C 1035 56.30 1.17 0.96
C VAL C 1035 57.59 0.63 0.38
N PHE C 1036 57.96 1.05 -0.80
CA PHE C 1036 59.22 0.65 -1.41
C PHE C 1036 60.17 1.84 -1.36
N LEU C 1037 61.41 1.62 -0.97
CA LEU C 1037 62.46 2.62 -1.05
C LEU C 1037 63.33 2.34 -2.27
N HIS C 1038 62.89 2.71 -3.46
CA HIS C 1038 63.61 2.38 -4.69
C HIS C 1038 64.90 3.17 -4.78
N VAL C 1039 66.03 2.52 -4.63
CA VAL C 1039 67.33 3.11 -4.85
C VAL C 1039 67.59 3.18 -6.35
N THR C 1040 67.91 4.34 -6.89
CA THR C 1040 68.11 4.51 -8.32
C THR C 1040 69.35 5.34 -8.63
N TYR C 1041 70.08 4.96 -9.66
CA TYR C 1041 71.19 5.73 -10.22
C TYR C 1041 70.60 6.81 -11.10
N VAL C 1042 71.03 8.06 -10.97
CA VAL C 1042 70.60 9.16 -11.82
C VAL C 1042 71.82 9.98 -12.22
N PRO C 1043 72.24 10.02 -13.48
CA PRO C 1043 73.38 10.83 -13.90
C PRO C 1043 73.07 12.30 -13.70
N ALA C 1044 74.08 13.12 -13.35
CA ALA C 1044 73.82 14.37 -12.65
C ALA C 1044 74.75 15.54 -13.00
N GLN C 1045 75.90 15.30 -13.61
CA GLN C 1045 76.74 16.34 -14.22
C GLN C 1045 77.15 15.82 -15.59
N GLU C 1046 77.20 16.64 -16.64
CA GLU C 1046 77.58 16.19 -17.97
C GLU C 1046 78.46 17.18 -18.70
N LYS C 1047 79.38 16.64 -19.49
CA LYS C 1047 80.11 17.38 -20.50
C LYS C 1047 79.56 17.00 -21.87
N ASN C 1048 79.57 17.95 -22.80
CA ASN C 1048 79.13 17.75 -24.18
C ASN C 1048 80.35 17.70 -25.10
N PHE C 1049 80.47 16.63 -25.87
CA PHE C 1049 81.66 16.25 -26.62
C PHE C 1049 81.35 16.11 -28.11
N THR C 1050 82.37 16.35 -28.94
CA THR C 1050 82.30 15.97 -30.35
C THR C 1050 82.33 14.45 -30.44
N THR C 1051 81.47 13.85 -31.27
CA THR C 1051 81.34 12.39 -31.40
C THR C 1051 81.24 11.95 -32.85
N ALA C 1052 81.48 10.68 -33.14
CA ALA C 1052 81.30 10.11 -34.48
C ALA C 1052 80.78 8.67 -34.40
N PRO C 1053 79.86 8.23 -35.26
CA PRO C 1053 79.29 6.88 -35.23
C PRO C 1053 80.33 5.77 -35.31
N ALA C 1054 81.46 6.00 -35.95
CA ALA C 1054 82.54 5.04 -36.11
C ALA C 1054 83.84 5.79 -36.31
N ILE C 1055 84.97 5.10 -36.40
CA ILE C 1055 86.24 5.72 -36.78
C ILE C 1055 86.96 4.89 -37.84
N CYS C 1056 87.90 5.46 -38.56
CA CYS C 1056 88.55 4.83 -39.71
C CYS C 1056 90.07 4.83 -39.55
N HIS C 1057 90.71 3.66 -39.69
CA HIS C 1057 92.13 3.46 -39.38
C HIS C 1057 92.94 3.14 -40.63
N ASP C 1058 93.24 1.87 -40.90
CA ASP C 1058 93.85 1.43 -42.16
C ASP C 1058 92.81 1.37 -43.30
N GLY C 1059 91.87 2.31 -43.38
CA GLY C 1059 90.73 2.27 -44.30
C GLY C 1059 89.64 1.25 -43.93
N LYS C 1060 89.92 0.35 -42.99
CA LYS C 1060 88.92 -0.41 -42.24
C LYS C 1060 88.18 0.53 -41.28
N ALA C 1061 86.87 0.37 -41.12
CA ALA C 1061 86.15 1.05 -40.05
C ALA C 1061 86.29 0.28 -38.74
N HIS C 1062 86.33 0.98 -37.61
CA HIS C 1062 86.27 0.44 -36.26
C HIS C 1062 85.06 0.99 -35.54
N PHE C 1063 84.44 0.19 -34.69
CA PHE C 1063 83.26 0.53 -33.92
C PHE C 1063 83.52 0.32 -32.44
N PRO C 1064 82.85 1.05 -31.55
CA PRO C 1064 83.04 0.91 -30.11
C PRO C 1064 82.37 -0.38 -29.65
N ARG C 1065 83.13 -1.33 -29.11
CA ARG C 1065 82.59 -2.66 -28.76
C ARG C 1065 81.49 -2.56 -27.71
N GLU C 1066 81.65 -1.64 -26.78
CA GLU C 1066 80.61 -1.20 -25.86
C GLU C 1066 80.77 0.28 -25.56
N GLY C 1067 79.68 1.01 -25.36
CA GLY C 1067 79.72 2.45 -25.23
C GLY C 1067 79.97 3.19 -26.54
N VAL C 1068 80.59 4.37 -26.48
CA VAL C 1068 80.47 5.41 -27.51
C VAL C 1068 81.83 6.08 -27.72
N PHE C 1069 82.12 6.54 -28.95
CA PHE C 1069 83.30 7.35 -29.24
C PHE C 1069 83.10 8.83 -28.90
N VAL C 1070 84.13 9.50 -28.40
CA VAL C 1070 84.10 10.93 -28.09
C VAL C 1070 85.47 11.57 -28.21
N SER C 1071 85.49 12.88 -28.33
CA SER C 1071 86.70 13.68 -28.15
C SER C 1071 86.39 14.98 -27.44
N ASN C 1072 87.35 15.47 -26.67
CA ASN C 1072 87.43 16.84 -26.17
C ASN C 1072 87.70 17.86 -27.30
N GLY C 1073 88.20 17.39 -28.43
CA GLY C 1073 88.54 18.14 -29.64
C GLY C 1073 89.81 17.57 -30.27
N THR C 1074 90.83 17.32 -29.46
CA THR C 1074 92.19 17.01 -29.93
C THR C 1074 92.64 15.59 -29.60
N HIS C 1075 92.04 14.93 -28.62
CA HIS C 1075 92.30 13.53 -28.25
C HIS C 1075 91.03 12.72 -28.52
N TRP C 1076 91.07 11.63 -29.30
CA TRP C 1076 89.91 10.74 -29.46
C TRP C 1076 89.93 9.58 -28.46
N PHE C 1077 88.75 9.22 -27.95
CA PHE C 1077 88.53 8.23 -26.91
C PHE C 1077 87.27 7.40 -27.18
N VAL C 1078 87.17 6.24 -26.53
CA VAL C 1078 85.93 5.49 -26.36
C VAL C 1078 85.57 5.46 -24.88
N THR C 1079 84.29 5.48 -24.53
CA THR C 1079 83.86 5.47 -23.13
C THR C 1079 82.61 4.65 -22.98
N GLN C 1080 82.41 4.02 -21.82
CA GLN C 1080 81.08 3.59 -21.39
C GLN C 1080 80.11 4.78 -21.44
N ARG C 1081 78.82 4.52 -21.67
CA ARG C 1081 77.87 5.56 -22.09
C ARG C 1081 76.94 6.10 -21.01
N ASN C 1082 77.15 5.73 -19.74
CA ASN C 1082 76.44 6.31 -18.60
C ASN C 1082 77.34 6.98 -17.56
N PHE C 1083 78.65 7.05 -17.80
CA PHE C 1083 79.62 7.70 -16.95
C PHE C 1083 80.93 7.87 -17.72
N TYR C 1084 81.41 9.09 -17.89
CA TYR C 1084 82.57 9.38 -18.70
C TYR C 1084 83.84 8.73 -18.14
N GLU C 1085 84.44 7.84 -18.92
CA GLU C 1085 85.69 7.17 -18.59
C GLU C 1085 86.48 6.96 -19.89
N PRO C 1086 87.29 7.93 -20.31
CA PRO C 1086 87.96 7.90 -21.60
C PRO C 1086 89.03 6.83 -21.66
N GLN C 1087 88.80 5.81 -22.45
CA GLN C 1087 89.82 4.85 -22.84
C GLN C 1087 90.57 5.39 -24.04
N ILE C 1088 91.86 5.10 -24.15
CA ILE C 1088 92.53 5.18 -25.44
C ILE C 1088 91.97 4.05 -26.31
N ILE C 1089 91.74 4.33 -27.59
CA ILE C 1089 91.02 3.41 -28.46
C ILE C 1089 91.96 2.32 -28.96
N THR C 1090 91.55 1.07 -28.89
CA THR C 1090 92.38 -0.08 -29.25
C THR C 1090 91.60 -1.11 -30.03
N THR C 1091 92.35 -2.00 -30.68
CA THR C 1091 91.84 -3.22 -31.27
C THR C 1091 91.04 -4.09 -30.30
N ASP C 1092 91.15 -3.87 -28.98
CA ASP C 1092 90.57 -4.73 -27.96
C ASP C 1092 89.26 -4.15 -27.40
N ASN C 1093 89.12 -2.83 -27.36
CA ASN C 1093 87.85 -2.15 -27.04
C ASN C 1093 87.04 -1.78 -28.29
N THR C 1094 87.46 -2.20 -29.49
CA THR C 1094 86.73 -2.02 -30.76
C THR C 1094 86.64 -3.29 -31.61
N PHE C 1095 85.66 -3.35 -32.49
CA PHE C 1095 85.55 -4.36 -33.54
C PHE C 1095 85.49 -3.72 -34.93
N VAL C 1096 86.10 -4.35 -35.91
CA VAL C 1096 86.12 -3.88 -37.30
C VAL C 1096 84.81 -4.18 -38.02
N SER C 1097 84.50 -3.42 -39.05
CA SER C 1097 83.53 -3.80 -40.08
C SER C 1097 83.84 -3.09 -41.40
N GLY C 1098 83.36 -3.64 -42.51
CA GLY C 1098 83.29 -2.98 -43.83
C GLY C 1098 84.56 -2.26 -44.28
N ASN C 1099 84.38 -1.01 -44.72
CA ASN C 1099 85.47 -0.08 -45.03
C ASN C 1099 84.99 1.37 -44.82
N CYS C 1100 85.94 2.30 -44.84
CA CYS C 1100 85.78 3.70 -44.45
C CYS C 1100 84.68 4.46 -45.24
N ASP C 1101 84.31 4.01 -46.44
CA ASP C 1101 83.37 4.71 -47.33
C ASP C 1101 81.90 4.59 -46.93
N VAL C 1102 81.49 3.49 -46.29
CA VAL C 1102 80.06 3.13 -46.22
C VAL C 1102 79.30 3.91 -45.15
N VAL C 1103 79.93 4.14 -44.00
CA VAL C 1103 79.32 4.82 -42.85
C VAL C 1103 79.30 6.32 -43.06
N ILE C 1104 78.11 6.93 -42.99
CA ILE C 1104 77.94 8.38 -42.89
C ILE C 1104 78.50 8.87 -41.55
N GLY C 1105 79.29 9.94 -41.54
CA GLY C 1105 79.73 10.60 -40.32
C GLY C 1105 80.97 10.01 -39.66
N ILE C 1106 81.60 8.99 -40.24
CA ILE C 1106 82.88 8.44 -39.76
C ILE C 1106 84.00 9.48 -39.72
N VAL C 1107 85.01 9.31 -38.85
CA VAL C 1107 86.18 10.21 -38.76
C VAL C 1107 87.51 9.47 -38.68
N ASN C 1108 88.58 10.08 -39.15
CA ASN C 1108 89.93 9.49 -39.12
C ASN C 1108 90.46 9.32 -37.69
N ASN C 1109 91.32 8.32 -37.45
CA ASN C 1109 92.08 8.21 -36.21
C ASN C 1109 93.26 7.24 -36.29
N THR C 1110 94.16 7.27 -35.33
CA THR C 1110 94.94 6.07 -34.97
C THR C 1110 94.03 5.08 -34.25
N VAL C 1111 94.23 3.78 -34.38
CA VAL C 1111 93.80 2.81 -33.34
C VAL C 1111 95.04 2.12 -32.81
N TYR C 1112 95.27 2.18 -31.51
CA TYR C 1112 96.44 1.55 -30.94
C TYR C 1112 96.30 0.02 -31.00
N ASP C 1113 97.37 -0.66 -31.40
CA ASP C 1113 97.51 -2.12 -31.32
C ASP C 1113 98.30 -2.50 -30.07
N PRO C 1114 97.68 -3.12 -29.05
CA PRO C 1114 98.37 -3.55 -27.84
C PRO C 1114 99.46 -4.60 -28.03
N LEU C 1115 99.48 -5.36 -29.13
CA LEU C 1115 100.59 -6.24 -29.46
C LEU C 1115 101.78 -5.49 -30.09
N GLN C 1116 101.56 -4.30 -30.66
CA GLN C 1116 102.51 -3.62 -31.55
C GLN C 1116 103.91 -3.35 -30.97
N PRO C 1117 104.06 -2.89 -29.72
CA PRO C 1117 105.38 -2.74 -29.12
C PRO C 1117 105.95 -4.09 -28.67
N GLU C 1118 105.08 -5.02 -28.32
CA GLU C 1118 105.44 -6.33 -27.74
C GLU C 1118 106.07 -7.22 -28.82
N LEU C 1119 105.46 -7.26 -30.01
CA LEU C 1119 105.99 -7.91 -31.19
C LEU C 1119 107.31 -7.30 -31.70
N ASP C 1120 107.57 -6.05 -31.34
CA ASP C 1120 108.82 -5.34 -31.64
C ASP C 1120 109.99 -5.69 -30.72
N SER C 1121 109.80 -6.53 -29.70
CA SER C 1121 110.85 -6.96 -28.77
C SER C 1121 111.92 -7.81 -29.43
N GLN D 1 -22.75 43.67 17.88
CA GLN D 1 -22.00 42.45 17.56
C GLN D 1 -22.05 42.12 16.09
N VAL D 2 -23.23 41.83 15.51
CA VAL D 2 -23.34 41.49 14.08
C VAL D 2 -22.95 42.69 13.21
N GLN D 3 -21.83 42.61 12.50
CA GLN D 3 -21.37 43.71 11.66
C GLN D 3 -22.32 43.98 10.48
N LEU D 4 -23.05 42.96 10.01
CA LEU D 4 -24.12 43.13 9.03
C LEU D 4 -25.31 43.98 9.52
N VAL D 5 -25.48 44.18 10.83
CA VAL D 5 -26.45 45.11 11.38
C VAL D 5 -26.13 46.57 11.05
N GLN D 6 -27.17 47.39 10.84
CA GLN D 6 -27.11 48.72 10.24
C GLN D 6 -26.39 49.79 11.06
N SER D 7 -26.09 50.91 10.39
CA SER D 7 -25.29 52.01 10.90
C SER D 7 -25.63 53.34 10.21
N GLY D 8 -25.21 54.44 10.83
CA GLY D 8 -25.34 55.81 10.29
C GLY D 8 -26.75 56.40 10.36
N ALA D 9 -26.83 57.71 10.16
CA ALA D 9 -28.08 58.49 10.16
C ALA D 9 -27.97 59.74 9.26
N GLU D 10 -29.10 60.29 8.80
CA GLU D 10 -29.14 61.47 7.93
C GLU D 10 -30.42 62.28 8.05
N VAL D 11 -30.40 63.51 7.55
CA VAL D 11 -31.60 64.29 7.27
C VAL D 11 -31.51 64.97 5.89
N LYS D 12 -32.58 64.94 5.12
CA LYS D 12 -32.59 65.43 3.74
C LYS D 12 -33.99 65.84 3.26
N LYS D 13 -34.06 66.92 2.48
CA LYS D 13 -35.31 67.51 1.99
C LYS D 13 -35.87 66.80 0.75
N PRO D 14 -37.10 67.11 0.32
CA PRO D 14 -37.69 66.56 -0.90
C PRO D 14 -36.78 66.76 -2.14
N GLY D 15 -36.67 65.71 -2.95
CA GLY D 15 -35.77 65.64 -4.10
C GLY D 15 -34.29 65.33 -3.78
N ALA D 16 -33.91 65.17 -2.51
CA ALA D 16 -32.53 64.79 -2.13
C ALA D 16 -32.23 63.28 -2.29
N SER D 17 -30.99 62.91 -1.96
CA SER D 17 -30.47 61.54 -1.91
C SER D 17 -30.02 61.13 -0.48
N VAL D 18 -29.73 59.84 -0.28
CA VAL D 18 -29.42 59.24 1.01
C VAL D 18 -28.41 58.08 0.92
N GLN D 19 -27.83 57.66 2.05
CA GLN D 19 -26.79 56.63 2.11
C GLN D 19 -26.85 55.74 3.38
N VAL D 20 -26.16 54.61 3.35
CA VAL D 20 -26.15 53.57 4.39
C VAL D 20 -24.83 52.79 4.42
N SER D 21 -24.59 52.01 5.46
CA SER D 21 -23.41 51.15 5.58
C SER D 21 -23.65 49.94 6.49
N CYS D 22 -22.74 48.99 6.42
CA CYS D 22 -22.70 47.77 7.22
C CYS D 22 -21.24 47.30 7.39
N GLN D 23 -21.01 46.07 7.84
CA GLN D 23 -19.67 45.50 8.03
C GLN D 23 -19.63 43.98 7.84
N ALA D 24 -18.50 43.45 7.37
CA ALA D 24 -18.30 42.07 6.94
C ALA D 24 -18.05 41.07 8.11
N SER D 25 -18.96 41.06 9.09
CA SER D 25 -18.97 40.11 10.21
C SER D 25 -20.39 39.68 10.58
N ALA D 26 -20.50 38.51 11.24
CA ALA D 26 -21.73 37.71 11.36
C ALA D 26 -22.29 37.34 9.97
N ASN D 27 -23.46 37.85 9.57
CA ASN D 27 -23.97 37.78 8.21
C ASN D 27 -23.15 38.68 7.24
N THR D 28 -21.84 38.43 7.13
CA THR D 28 -20.90 39.12 6.26
C THR D 28 -21.18 38.92 4.76
N PHE D 29 -20.36 39.54 3.90
CA PHE D 29 -20.40 39.32 2.46
C PHE D 29 -20.28 37.84 2.05
N THR D 30 -19.58 37.03 2.86
CA THR D 30 -19.48 35.58 2.69
C THR D 30 -20.59 34.75 3.36
N ASN D 31 -21.64 35.36 3.92
CA ASN D 31 -22.56 34.68 4.83
C ASN D 31 -24.05 35.00 4.67
N HIS D 32 -24.45 36.01 3.91
CA HIS D 32 -25.84 36.28 3.58
C HIS D 32 -26.05 37.25 2.41
N TYR D 33 -27.28 37.31 1.89
CA TYR D 33 -27.78 38.44 1.12
C TYR D 33 -28.07 39.64 2.03
N ILE D 34 -27.62 40.84 1.66
CA ILE D 34 -27.75 42.06 2.47
C ILE D 34 -29.11 42.74 2.26
N HIS D 35 -30.18 42.01 2.54
CA HIS D 35 -31.58 42.33 2.20
C HIS D 35 -32.16 43.55 2.93
N TRP D 36 -31.70 44.76 2.60
CA TRP D 36 -32.15 46.02 3.19
C TRP D 36 -33.67 46.22 3.20
N VAL D 37 -34.18 46.90 4.23
CA VAL D 37 -35.59 47.20 4.39
C VAL D 37 -35.81 48.50 5.18
N ARG D 38 -36.99 49.06 5.09
CA ARG D 38 -37.36 50.30 5.76
C ARG D 38 -38.73 50.18 6.42
N GLN D 39 -38.96 50.96 7.47
CA GLN D 39 -40.27 51.10 8.08
C GLN D 39 -40.55 52.54 8.50
N ALA D 40 -41.75 53.02 8.21
CA ALA D 40 -42.21 54.29 8.71
C ALA D 40 -42.51 54.22 10.23
N PRO D 41 -42.53 55.34 10.95
CA PRO D 41 -43.02 55.40 12.32
C PRO D 41 -44.47 54.91 12.52
N GLY D 42 -45.32 55.04 11.50
CA GLY D 42 -46.73 54.65 11.55
C GLY D 42 -47.05 53.24 11.05
N GLN D 43 -46.06 52.37 10.80
CA GLN D 43 -46.23 51.18 9.97
C GLN D 43 -45.27 50.02 10.24
N GLY D 44 -45.60 48.85 9.71
CA GLY D 44 -44.68 47.72 9.58
C GLY D 44 -43.66 47.91 8.46
N LEU D 45 -42.64 47.06 8.42
CA LEU D 45 -41.54 47.12 7.45
C LEU D 45 -41.93 46.73 6.01
N GLU D 46 -41.18 47.24 5.05
CA GLU D 46 -41.26 46.92 3.63
C GLU D 46 -39.86 46.67 3.06
N TRP D 47 -39.76 45.79 2.08
CA TRP D 47 -38.50 45.45 1.42
C TRP D 47 -37.97 46.60 0.57
N MET D 48 -36.65 46.79 0.58
CA MET D 48 -35.91 47.58 -0.40
C MET D 48 -35.16 46.66 -1.37
N GLY D 49 -35.75 45.50 -1.64
CA GLY D 49 -35.12 44.47 -2.44
C GLY D 49 -33.96 43.79 -1.75
N ILE D 50 -33.06 43.22 -2.55
CA ILE D 50 -32.03 42.28 -2.13
C ILE D 50 -30.72 42.59 -2.86
N ILE D 51 -29.59 42.34 -2.19
CA ILE D 51 -28.25 42.50 -2.77
C ILE D 51 -27.43 41.26 -2.43
N TYR D 52 -26.63 40.78 -3.38
CA TYR D 52 -25.56 39.84 -3.11
C TYR D 52 -24.22 40.57 -3.06
N PRO D 53 -23.56 40.71 -1.90
CA PRO D 53 -22.48 41.67 -1.72
C PRO D 53 -21.27 41.47 -2.63
N THR D 54 -20.72 40.25 -2.74
CA THR D 54 -19.61 39.99 -3.68
C THR D 54 -20.14 39.99 -5.10
N GLY D 55 -19.58 40.80 -5.99
CA GLY D 55 -20.06 40.96 -7.37
C GLY D 55 -21.23 41.93 -7.48
N GLY D 56 -22.09 42.04 -6.46
CA GLY D 56 -23.07 43.12 -6.35
C GLY D 56 -24.35 42.95 -7.18
N ASN D 57 -24.75 41.71 -7.49
CA ASN D 57 -26.03 41.45 -8.16
C ASN D 57 -27.21 41.88 -7.28
N THR D 58 -28.34 42.28 -7.89
CA THR D 58 -29.47 42.86 -7.15
C THR D 58 -30.85 42.48 -7.67
N ILE D 59 -31.85 42.67 -6.81
CA ILE D 59 -33.26 42.81 -7.17
C ILE D 59 -33.82 43.99 -6.39
N TYR D 60 -34.69 44.80 -6.99
CA TYR D 60 -35.40 45.88 -6.30
C TYR D 60 -36.89 45.56 -6.15
N ALA D 61 -37.48 45.91 -5.01
CA ALA D 61 -38.94 46.00 -4.90
C ALA D 61 -39.48 47.06 -5.87
N GLN D 62 -40.52 46.72 -6.62
CA GLN D 62 -40.93 47.55 -7.76
C GLN D 62 -41.52 48.90 -7.33
N GLY D 63 -42.09 48.98 -6.13
CA GLY D 63 -42.51 50.23 -5.49
C GLY D 63 -41.41 51.29 -5.32
N PHE D 64 -40.13 50.92 -5.47
CA PHE D 64 -38.98 51.82 -5.34
C PHE D 64 -38.04 51.77 -6.55
N GLN D 65 -38.46 51.24 -7.71
CA GLN D 65 -37.56 50.89 -8.80
C GLN D 65 -36.72 52.07 -9.34
N GLY D 66 -37.27 53.28 -9.36
CA GLY D 66 -36.57 54.50 -9.79
C GLY D 66 -35.95 55.34 -8.66
N ARG D 67 -35.88 54.82 -7.43
CA ARG D 67 -35.56 55.58 -6.22
C ARG D 67 -34.36 55.05 -5.44
N VAL D 68 -33.60 54.12 -6.01
CA VAL D 68 -32.69 53.24 -5.25
C VAL D 68 -31.36 53.01 -5.98
N THR D 69 -30.28 52.87 -5.20
CA THR D 69 -28.92 52.60 -5.64
C THR D 69 -28.22 51.63 -4.69
N MET D 70 -27.27 50.83 -5.17
CA MET D 70 -26.62 49.77 -4.37
C MET D 70 -25.10 49.78 -4.56
N THR D 71 -24.36 49.10 -3.68
CA THR D 71 -22.89 49.11 -3.71
C THR D 71 -22.26 47.83 -3.14
N ARG D 72 -21.41 47.18 -3.92
CA ARG D 72 -20.57 46.05 -3.55
C ARG D 72 -19.22 46.48 -2.92
N ASP D 73 -19.23 47.43 -1.98
CA ASP D 73 -18.04 47.95 -1.30
C ASP D 73 -17.44 46.99 -0.26
N THR D 74 -17.35 45.70 -0.58
CA THR D 74 -16.89 44.64 0.31
C THR D 74 -15.41 44.72 0.69
N SER D 75 -14.59 45.46 -0.05
CA SER D 75 -13.25 45.85 0.39
C SER D 75 -13.27 46.77 1.62
N LEU D 76 -14.29 47.64 1.70
CA LEU D 76 -14.67 48.42 2.88
C LEU D 76 -15.64 47.69 3.82
N ASN D 77 -15.90 46.39 3.58
CA ASN D 77 -16.88 45.56 4.27
C ASN D 77 -18.34 46.05 4.20
N THR D 78 -18.67 47.04 3.38
CA THR D 78 -19.97 47.73 3.41
C THR D 78 -20.83 47.43 2.18
N ILE D 79 -22.02 46.87 2.41
CA ILE D 79 -23.13 46.86 1.47
C ILE D 79 -23.78 48.24 1.41
N TYR D 80 -23.06 49.23 0.91
CA TYR D 80 -23.33 50.67 1.01
C TYR D 80 -24.52 51.16 0.19
N LEU D 81 -25.73 50.71 0.52
CA LEU D 81 -26.96 51.09 -0.16
C LEU D 81 -27.21 52.60 -0.16
N GLU D 82 -28.02 53.07 -1.10
CA GLU D 82 -28.38 54.47 -1.24
C GLU D 82 -29.76 54.66 -1.88
N LEU D 83 -30.29 55.88 -1.79
CA LEU D 83 -31.62 56.22 -2.30
C LEU D 83 -31.62 57.60 -2.97
N SER D 84 -32.61 57.85 -3.83
CA SER D 84 -32.73 59.04 -4.66
C SER D 84 -34.20 59.45 -4.85
N SER D 85 -34.44 60.70 -5.21
CA SER D 85 -35.79 61.27 -5.32
C SER D 85 -36.62 61.11 -4.04
N LEU D 86 -35.99 61.32 -2.88
CA LEU D 86 -36.65 61.28 -1.57
C LEU D 86 -37.78 62.29 -1.46
N ARG D 87 -38.69 62.10 -0.52
CA ARG D 87 -39.82 62.97 -0.21
C ARG D 87 -40.02 63.08 1.30
N SER D 88 -40.82 64.05 1.75
CA SER D 88 -41.25 64.09 3.15
C SER D 88 -41.95 62.79 3.58
N GLU D 89 -42.78 62.23 2.70
CA GLU D 89 -43.41 60.93 2.84
C GLU D 89 -42.46 59.72 2.77
N ASP D 90 -41.23 59.91 2.27
CA ASP D 90 -40.16 58.91 2.29
C ASP D 90 -39.41 58.82 3.62
N THR D 91 -39.59 59.78 4.53
CA THR D 91 -38.90 59.78 5.83
C THR D 91 -39.29 58.55 6.68
N ALA D 92 -38.29 57.76 7.05
CA ALA D 92 -38.45 56.41 7.57
C ALA D 92 -37.21 55.92 8.33
N VAL D 93 -37.38 54.90 9.16
CA VAL D 93 -36.28 54.07 9.62
C VAL D 93 -35.73 53.20 8.50
N TYR D 94 -34.46 52.81 8.58
CA TYR D 94 -33.86 51.87 7.64
C TYR D 94 -32.99 50.85 8.37
N TYR D 95 -32.86 49.64 7.82
CA TYR D 95 -32.12 48.56 8.46
C TYR D 95 -31.53 47.60 7.42
N CYS D 96 -30.50 46.87 7.82
CA CYS D 96 -29.72 45.97 6.96
C CYS D 96 -29.90 44.49 7.33
N ALA D 97 -31.03 44.11 7.93
CA ALA D 97 -31.26 42.77 8.45
C ALA D 97 -31.00 41.68 7.40
N ARG D 98 -30.01 40.82 7.66
CA ARG D 98 -29.53 39.84 6.69
C ARG D 98 -30.55 38.74 6.35
N ASP D 99 -30.39 38.14 5.18
CA ASP D 99 -31.08 36.91 4.82
C ASP D 99 -30.66 35.73 5.70
N VAL D 100 -31.48 34.68 5.76
CA VAL D 100 -31.23 33.46 6.54
C VAL D 100 -30.16 32.51 5.99
N ARG D 101 -29.20 33.00 5.19
CA ARG D 101 -28.14 32.23 4.51
C ARG D 101 -28.64 31.21 3.47
N VAL D 102 -27.73 30.61 2.70
CA VAL D 102 -28.07 29.60 1.68
C VAL D 102 -28.49 28.26 2.31
N ASP D 103 -29.56 27.66 1.78
CA ASP D 103 -30.20 26.46 2.34
C ASP D 103 -29.93 25.15 1.56
N ASP D 104 -28.91 25.10 0.71
CA ASP D 104 -28.61 23.97 -0.17
C ASP D 104 -27.10 23.88 -0.46
N SER D 105 -26.70 22.71 -0.94
CA SER D 105 -25.40 22.33 -1.50
C SER D 105 -24.87 23.19 -2.65
N TRP D 106 -25.74 23.91 -3.36
CA TRP D 106 -25.39 24.70 -4.55
C TRP D 106 -24.50 25.91 -4.23
N SER D 107 -24.10 26.66 -5.24
CA SER D 107 -23.34 27.92 -5.07
C SER D 107 -23.71 28.98 -6.11
N GLY D 108 -23.72 30.25 -5.70
CA GLY D 108 -24.08 31.39 -6.57
C GLY D 108 -24.94 32.48 -5.94
N TYR D 109 -25.56 33.29 -6.80
CA TYR D 109 -26.49 34.37 -6.47
C TYR D 109 -27.90 33.81 -6.20
N ASP D 110 -28.11 33.30 -4.99
CA ASP D 110 -29.34 32.62 -4.58
C ASP D 110 -30.50 33.59 -4.29
N LEU D 111 -30.79 34.53 -5.19
CA LEU D 111 -31.87 35.53 -5.03
C LEU D 111 -33.25 34.93 -5.34
N LEU D 112 -33.56 33.87 -4.59
CA LEU D 112 -34.80 33.08 -4.54
C LEU D 112 -34.95 32.39 -3.16
N SER D 113 -34.24 32.90 -2.16
CA SER D 113 -34.07 32.34 -0.81
C SER D 113 -34.37 33.37 0.30
N GLY D 114 -35.24 34.35 0.03
CA GLY D 114 -35.67 35.39 0.98
C GLY D 114 -36.98 36.10 0.59
N GLY D 115 -37.36 37.11 1.37
CA GLY D 115 -38.59 37.88 1.19
C GLY D 115 -38.69 39.02 2.20
N THR D 116 -39.74 39.02 3.02
CA THR D 116 -39.86 39.86 4.22
C THR D 116 -39.07 39.35 5.43
N TYR D 117 -39.01 38.04 5.60
CA TYR D 117 -38.52 37.37 6.81
C TYR D 117 -36.99 37.33 6.96
N PHE D 118 -36.35 38.50 7.04
CA PHE D 118 -34.94 38.62 7.42
C PHE D 118 -34.67 38.00 8.79
N ASP D 119 -33.52 37.35 8.94
CA ASP D 119 -33.20 36.40 10.00
C ASP D 119 -31.87 36.68 10.71
N TYR D 120 -31.42 37.94 10.70
CA TYR D 120 -30.20 38.41 11.33
C TYR D 120 -30.31 39.88 11.72
N TRP D 121 -29.37 40.34 12.54
CA TRP D 121 -29.43 41.63 13.23
C TRP D 121 -29.73 42.82 12.33
N GLY D 122 -30.79 43.58 12.65
CA GLY D 122 -31.14 44.81 11.93
C GLY D 122 -30.32 46.04 12.33
N GLN D 123 -30.02 46.22 13.61
CA GLN D 123 -29.35 47.38 14.25
C GLN D 123 -29.98 48.77 14.06
N GLY D 124 -30.72 49.02 13.00
CA GLY D 124 -31.46 50.25 12.75
C GLY D 124 -30.61 51.42 12.26
N THR D 125 -31.33 52.40 11.73
CA THR D 125 -30.85 53.64 11.12
C THR D 125 -32.07 54.51 10.81
N LEU D 126 -31.88 55.75 10.37
CA LEU D 126 -32.97 56.68 10.09
C LEU D 126 -32.60 57.80 9.12
N VAL D 127 -33.56 58.21 8.28
CA VAL D 127 -33.47 59.37 7.42
C VAL D 127 -34.64 60.31 7.69
N THR D 128 -34.35 61.46 8.31
CA THR D 128 -35.34 62.48 8.65
C THR D 128 -35.70 63.37 7.45
N VAL D 129 -36.99 63.70 7.30
CA VAL D 129 -37.46 64.59 6.23
C VAL D 129 -37.12 66.06 6.53
N SER D 130 -36.10 66.60 5.85
CA SER D 130 -35.65 68.00 5.99
C SER D 130 -36.57 69.04 5.32
N SER D 131 -37.74 68.64 4.82
CA SER D 131 -38.82 69.55 4.45
C SER D 131 -39.43 70.28 5.66
N ALA D 132 -39.30 69.70 6.85
CA ALA D 132 -39.79 70.22 8.12
C ALA D 132 -39.06 71.50 8.59
N SER D 133 -39.66 72.17 9.58
CA SER D 133 -39.19 73.43 10.16
C SER D 133 -37.91 73.29 11.00
N THR D 134 -36.76 73.19 10.35
CA THR D 134 -35.45 73.11 10.97
C THR D 134 -35.16 74.32 11.90
N LYS D 135 -34.81 74.03 13.16
CA LYS D 135 -34.62 75.06 14.18
C LYS D 135 -33.85 74.55 15.40
N GLY D 136 -33.37 75.48 16.23
CA GLY D 136 -32.64 75.18 17.46
C GLY D 136 -33.52 74.73 18.64
N PRO D 137 -32.88 74.46 19.80
CA PRO D 137 -33.53 73.99 21.02
C PRO D 137 -34.59 74.97 21.56
N SER D 138 -35.71 74.44 22.04
CA SER D 138 -36.70 75.20 22.81
C SER D 138 -37.44 74.31 23.82
N VAL D 139 -37.77 74.84 24.99
CA VAL D 139 -38.45 74.13 26.07
C VAL D 139 -39.71 74.90 26.51
N PHE D 140 -40.86 74.61 25.89
CA PHE D 140 -42.11 75.33 26.15
C PHE D 140 -42.69 75.02 27.53
N PRO D 141 -43.07 76.02 28.35
CA PRO D 141 -43.65 75.82 29.67
C PRO D 141 -44.98 75.05 29.71
N LEU D 142 -44.92 73.73 29.80
CA LEU D 142 -46.08 72.84 29.96
C LEU D 142 -46.77 73.00 31.32
N ALA D 143 -46.12 73.65 32.29
CA ALA D 143 -46.70 74.05 33.56
C ALA D 143 -47.98 74.90 33.39
N PRO D 144 -48.93 74.82 34.33
CA PRO D 144 -50.32 75.11 34.00
C PRO D 144 -50.71 76.58 34.12
N SER D 145 -51.83 76.92 33.49
CA SER D 145 -52.58 78.15 33.71
C SER D 145 -53.12 78.28 35.14
N SER D 146 -53.60 79.46 35.51
CA SER D 146 -54.08 79.76 36.87
C SER D 146 -55.19 78.83 37.38
N LYS D 147 -56.02 78.29 36.49
CA LYS D 147 -57.10 77.35 36.84
C LYS D 147 -56.58 75.95 37.22
N SER D 148 -55.41 75.54 36.75
CA SER D 148 -54.87 74.18 36.92
C SER D 148 -53.65 74.07 37.87
N THR D 149 -52.88 75.14 38.05
CA THR D 149 -51.72 75.16 38.95
C THR D 149 -52.09 75.20 40.45
N SER D 150 -51.10 74.99 41.33
CA SER D 150 -51.21 75.00 42.79
C SER D 150 -52.28 74.03 43.35
N GLY D 151 -52.33 72.81 42.81
CA GLY D 151 -53.15 71.71 43.30
C GLY D 151 -52.43 70.37 43.15
N GLY D 152 -52.76 69.38 43.99
CA GLY D 152 -52.03 68.10 44.08
C GLY D 152 -52.03 67.25 42.80
N THR D 153 -52.97 67.47 41.88
CA THR D 153 -53.03 66.83 40.56
C THR D 153 -52.11 67.43 39.49
N ALA D 154 -51.50 68.60 39.76
CA ALA D 154 -50.68 69.35 38.80
C ALA D 154 -49.31 68.72 38.52
N ALA D 155 -48.67 69.23 37.47
CA ALA D 155 -47.27 68.96 37.11
C ALA D 155 -46.64 70.21 36.49
N LEU D 156 -45.31 70.32 36.56
CA LEU D 156 -44.56 71.54 36.24
C LEU D 156 -43.47 71.35 35.17
N GLY D 157 -42.71 72.42 34.90
CA GLY D 157 -41.64 72.42 33.91
C GLY D 157 -42.10 72.49 32.46
N CYS D 158 -41.33 71.92 31.55
CA CYS D 158 -41.42 72.19 30.12
C CYS D 158 -41.04 71.00 29.24
N LEU D 159 -41.37 71.09 27.95
CA LEU D 159 -41.04 70.08 26.95
C LEU D 159 -40.64 70.65 25.58
N VAL D 160 -39.96 69.84 24.77
CA VAL D 160 -39.36 70.23 23.51
C VAL D 160 -40.35 70.88 22.52
N LYS D 161 -39.96 71.98 21.88
CA LYS D 161 -40.88 72.79 21.07
C LYS D 161 -40.23 73.52 19.89
N ASP D 162 -41.05 73.88 18.90
CA ASP D 162 -40.75 74.80 17.79
C ASP D 162 -39.65 74.40 16.78
N TYR D 163 -39.06 73.21 16.85
CA TYR D 163 -38.00 72.76 15.95
C TYR D 163 -38.27 71.37 15.39
N PHE D 164 -38.02 71.17 14.09
CA PHE D 164 -38.00 69.86 13.42
C PHE D 164 -36.99 68.89 14.03
N PRO D 165 -35.87 69.39 14.58
CA PRO D 165 -35.10 68.78 15.67
C PRO D 165 -35.92 68.60 16.97
N GLU D 166 -37.11 68.02 16.85
CA GLU D 166 -38.12 67.90 17.89
C GLU D 166 -37.72 67.02 19.10
N PRO D 167 -36.99 65.90 18.93
CA PRO D 167 -36.48 65.14 20.06
C PRO D 167 -35.56 66.01 20.95
N VAL D 168 -35.79 65.99 22.26
CA VAL D 168 -34.91 66.62 23.26
C VAL D 168 -35.10 65.97 24.64
N THR D 169 -34.10 66.06 25.52
CA THR D 169 -34.17 65.57 26.91
C THR D 169 -35.00 66.48 27.85
N VAL D 170 -36.12 67.01 27.37
CA VAL D 170 -36.91 68.05 28.02
C VAL D 170 -37.57 67.62 29.34
N SER D 171 -38.74 66.95 29.28
CA SER D 171 -39.42 66.22 30.36
C SER D 171 -39.60 66.92 31.74
N TRP D 172 -39.43 68.24 31.85
CA TRP D 172 -39.27 68.92 33.14
C TRP D 172 -38.18 68.32 34.04
N ASN D 173 -37.09 67.81 33.44
CA ASN D 173 -36.06 67.01 34.11
C ASN D 173 -34.63 67.59 33.98
N SER D 174 -34.49 68.91 33.84
CA SER D 174 -33.23 69.64 33.70
C SER D 174 -32.40 69.76 35.01
N GLY D 175 -32.52 68.79 35.92
CA GLY D 175 -31.87 68.76 37.23
C GLY D 175 -32.62 69.54 38.32
N ALA D 176 -33.36 70.60 37.97
CA ALA D 176 -34.33 71.23 38.88
C ALA D 176 -35.46 70.27 39.31
N LEU D 177 -35.70 69.24 38.49
CA LEU D 177 -36.35 67.99 38.83
C LEU D 177 -35.58 66.84 38.19
N THR D 178 -35.67 65.63 38.74
CA THR D 178 -34.89 64.46 38.32
C THR D 178 -35.66 63.12 38.44
N SER D 179 -36.97 63.21 38.64
CA SER D 179 -37.92 62.10 38.74
C SER D 179 -39.35 62.58 38.53
N GLY D 180 -40.30 61.66 38.30
CA GLY D 180 -41.73 61.99 38.19
C GLY D 180 -42.13 62.67 36.87
N VAL D 181 -41.25 62.70 35.87
CA VAL D 181 -41.57 63.18 34.54
C VAL D 181 -42.65 62.33 33.86
N HIS D 182 -43.84 62.91 33.65
CA HIS D 182 -44.88 62.35 32.81
C HIS D 182 -44.43 62.38 31.35
N THR D 183 -44.38 61.19 30.74
CA THR D 183 -43.83 60.93 29.41
C THR D 183 -44.70 61.40 28.23
N PHE D 184 -45.43 62.51 28.38
CA PHE D 184 -46.25 63.12 27.35
C PHE D 184 -45.41 63.42 26.10
N PRO D 185 -45.65 62.80 24.92
CA PRO D 185 -44.67 62.78 23.84
C PRO D 185 -44.40 64.13 23.17
N ALA D 186 -43.20 64.29 22.62
CA ALA D 186 -42.80 65.34 21.71
C ALA D 186 -43.27 65.04 20.26
N VAL D 187 -44.59 64.95 20.07
CA VAL D 187 -45.20 64.82 18.74
C VAL D 187 -45.00 66.06 17.86
N LEU D 188 -44.91 65.89 16.55
CA LEU D 188 -44.79 67.01 15.62
C LEU D 188 -46.10 67.79 15.49
N GLN D 189 -46.01 69.11 15.44
CA GLN D 189 -47.04 69.96 14.85
C GLN D 189 -47.03 69.87 13.32
N SER D 190 -47.91 70.60 12.64
CA SER D 190 -48.10 70.47 11.18
C SER D 190 -46.86 70.78 10.34
N SER D 191 -45.96 71.66 10.79
CA SER D 191 -44.69 71.98 10.13
C SER D 191 -43.55 70.98 10.40
N GLY D 192 -43.85 69.86 11.08
CA GLY D 192 -42.89 68.85 11.51
C GLY D 192 -42.12 69.19 12.80
N LEU D 193 -42.15 70.45 13.25
CA LEU D 193 -41.53 70.89 14.48
C LEU D 193 -42.23 70.39 15.75
N TYR D 194 -41.48 70.16 16.83
CA TYR D 194 -41.99 69.65 18.10
C TYR D 194 -43.09 70.51 18.73
N SER D 195 -43.98 69.86 19.46
CA SER D 195 -45.08 70.45 20.22
C SER D 195 -45.30 69.73 21.56
N LEU D 196 -44.24 69.31 22.24
CA LEU D 196 -44.29 68.45 23.43
C LEU D 196 -45.05 69.04 24.62
N SER D 197 -45.70 68.18 25.39
CA SER D 197 -46.49 68.53 26.57
C SER D 197 -46.09 67.79 27.87
N SER D 198 -44.91 67.17 27.89
CA SER D 198 -44.35 66.52 29.09
C SER D 198 -44.21 67.46 30.30
N VAL D 199 -44.36 66.93 31.52
CA VAL D 199 -44.29 67.70 32.77
C VAL D 199 -43.89 66.84 33.97
N VAL D 200 -43.29 67.41 35.01
CA VAL D 200 -42.80 66.68 36.17
C VAL D 200 -43.74 66.80 37.38
N THR D 201 -44.12 65.67 37.98
CA THR D 201 -44.96 65.62 39.17
C THR D 201 -44.31 66.26 40.41
N VAL D 202 -45.11 66.87 41.27
CA VAL D 202 -44.65 67.61 42.45
C VAL D 202 -45.70 67.72 43.57
N PRO D 203 -45.27 67.98 44.82
CA PRO D 203 -46.14 68.44 45.91
C PRO D 203 -46.95 69.68 45.48
N SER D 204 -48.17 69.83 45.99
CA SER D 204 -49.11 70.89 45.58
C SER D 204 -48.61 72.34 45.77
N SER D 205 -47.63 72.56 46.66
CA SER D 205 -46.93 73.84 46.81
C SER D 205 -45.92 74.12 45.68
N SER D 206 -45.07 73.14 45.33
CA SER D 206 -44.17 73.22 44.18
C SER D 206 -44.94 73.32 42.85
N LEU D 207 -46.04 72.58 42.71
CA LEU D 207 -47.02 72.65 41.62
C LEU D 207 -47.69 74.03 41.42
N GLY D 208 -47.42 75.01 42.29
CA GLY D 208 -47.85 76.42 42.19
C GLY D 208 -46.72 77.47 42.17
N THR D 209 -45.43 77.07 42.21
CA THR D 209 -44.30 78.02 42.26
C THR D 209 -42.89 77.48 41.90
N GLN D 210 -42.68 76.17 41.80
CA GLN D 210 -41.35 75.55 41.73
C GLN D 210 -40.56 75.88 40.46
N THR D 211 -39.24 75.99 40.61
CA THR D 211 -38.28 76.37 39.55
C THR D 211 -37.96 75.25 38.54
N TYR D 212 -38.93 74.41 38.21
CA TYR D 212 -38.80 73.30 37.28
C TYR D 212 -38.31 73.75 35.90
N ILE D 213 -37.47 72.93 35.27
CA ILE D 213 -36.85 73.24 33.98
C ILE D 213 -36.71 71.98 33.13
N CYS D 214 -36.71 72.14 31.82
CA CYS D 214 -36.54 71.05 30.85
C CYS D 214 -35.14 71.07 30.24
N ASN D 215 -34.48 69.91 30.16
CA ASN D 215 -33.19 69.78 29.46
C ASN D 215 -33.36 69.68 27.92
N VAL D 216 -34.13 70.60 27.34
CA VAL D 216 -34.72 70.51 25.99
C VAL D 216 -33.77 70.69 24.79
N ASN D 217 -32.54 70.19 24.88
CA ASN D 217 -31.54 70.20 23.82
C ASN D 217 -32.04 69.49 22.55
N HIS D 218 -32.35 70.23 21.49
CA HIS D 218 -32.87 69.69 20.23
C HIS D 218 -31.85 68.74 19.59
N LYS D 219 -32.08 67.43 19.67
CA LYS D 219 -31.06 66.42 19.39
C LYS D 219 -30.56 66.43 17.95
N PRO D 220 -31.42 66.49 16.90
CA PRO D 220 -30.96 66.64 15.52
C PRO D 220 -30.29 68.00 15.21
N SER D 221 -30.42 68.99 16.10
CA SER D 221 -29.75 70.31 16.03
C SER D 221 -28.48 70.40 16.90
N ASN D 222 -28.14 69.33 17.65
CA ASN D 222 -27.00 69.16 18.56
C ASN D 222 -26.89 70.11 19.77
N THR D 223 -27.47 71.31 19.72
CA THR D 223 -27.35 72.33 20.77
C THR D 223 -28.03 71.93 22.09
N LYS D 224 -27.46 72.35 23.21
CA LYS D 224 -27.99 72.12 24.56
C LYS D 224 -29.12 73.09 24.96
N VAL D 225 -29.92 72.71 25.96
CA VAL D 225 -30.94 73.56 26.60
C VAL D 225 -31.18 73.19 28.07
N ASP D 226 -31.73 74.12 28.85
CA ASP D 226 -32.09 73.95 30.26
C ASP D 226 -33.25 74.86 30.74
N LYS D 227 -34.12 75.31 29.82
CA LYS D 227 -35.09 76.38 30.04
C LYS D 227 -36.07 76.12 31.20
N LYS D 228 -36.23 77.12 32.07
CA LYS D 228 -37.21 77.10 33.16
C LYS D 228 -38.67 77.21 32.68
N VAL D 229 -39.60 76.72 33.50
CA VAL D 229 -41.04 76.78 33.26
C VAL D 229 -41.85 76.62 34.56
N GLU D 230 -41.77 77.60 35.45
CA GLU D 230 -42.42 77.57 36.75
C GLU D 230 -43.96 77.74 36.71
N PRO D 231 -44.75 76.95 37.47
CA PRO D 231 -46.19 77.16 37.60
C PRO D 231 -46.56 78.54 38.17
N LYS D 232 -47.68 79.11 37.71
CA LYS D 232 -48.31 80.33 38.23
C LYS D 232 -47.34 81.49 38.47
N ASP E 1 -50.09 38.92 -4.84
CA ASP E 1 -48.92 39.02 -3.93
C ASP E 1 -49.15 38.16 -2.67
N ILE E 2 -48.14 37.93 -1.83
CA ILE E 2 -48.22 36.98 -0.71
C ILE E 2 -49.20 37.42 0.41
N VAL E 3 -49.19 38.71 0.76
CA VAL E 3 -50.15 39.37 1.67
C VAL E 3 -50.31 38.64 3.02
N MET E 4 -49.26 38.65 3.83
CA MET E 4 -49.33 38.21 5.23
C MET E 4 -50.10 39.23 6.06
N THR E 5 -51.22 38.82 6.66
CA THR E 5 -52.10 39.68 7.47
C THR E 5 -52.33 39.08 8.85
N GLN E 6 -52.26 39.90 9.88
CA GLN E 6 -52.48 39.49 11.26
C GLN E 6 -53.96 39.55 11.67
N SER E 7 -54.33 38.73 12.65
CA SER E 7 -55.70 38.60 13.15
C SER E 7 -56.05 39.52 14.35
N PRO E 8 -55.21 39.70 15.39
CA PRO E 8 -55.64 40.41 16.61
C PRO E 8 -55.41 41.93 16.61
N ASP E 9 -54.42 42.44 15.86
CA ASP E 9 -53.89 43.83 15.86
C ASP E 9 -53.34 44.39 17.20
N SER E 10 -53.78 43.88 18.35
CA SER E 10 -53.17 44.11 19.66
C SER E 10 -53.62 43.03 20.65
N LEU E 11 -52.91 42.90 21.77
CA LEU E 11 -53.35 42.08 22.90
C LEU E 11 -53.36 42.95 24.16
N ALA E 12 -54.37 42.77 25.01
CA ALA E 12 -54.64 43.62 26.17
C ALA E 12 -55.00 42.82 27.44
N VAL E 13 -54.53 41.57 27.57
CA VAL E 13 -54.72 40.76 28.78
C VAL E 13 -53.80 41.21 29.92
N SER E 14 -54.13 40.86 31.17
CA SER E 14 -53.24 41.08 32.31
C SER E 14 -51.96 40.22 32.18
N LEU E 15 -50.86 40.65 32.81
CA LEU E 15 -49.61 39.89 32.81
C LEU E 15 -49.81 38.51 33.48
N GLY E 16 -49.22 37.49 32.88
CA GLY E 16 -49.43 36.09 33.24
C GLY E 16 -50.71 35.45 32.68
N GLU E 17 -51.60 36.21 32.03
CA GLU E 17 -52.72 35.65 31.28
C GLU E 17 -52.26 34.83 30.06
N ARG E 18 -53.17 34.07 29.43
CA ARG E 18 -52.87 33.24 28.26
C ARG E 18 -53.52 33.78 26.98
N ALA E 19 -52.75 33.88 25.89
CA ALA E 19 -53.13 34.50 24.62
C ALA E 19 -52.45 33.82 23.41
N THR E 20 -52.79 34.27 22.20
CA THR E 20 -52.06 33.96 20.95
C THR E 20 -52.06 35.18 20.02
N ILE E 21 -51.02 35.33 19.20
CA ILE E 21 -51.07 36.18 18.00
C ILE E 21 -51.20 35.26 16.79
N ASN E 22 -52.16 35.54 15.91
CA ASN E 22 -52.46 34.71 14.76
C ASN E 22 -52.32 35.51 13.46
N CYS E 23 -51.99 34.84 12.38
CA CYS E 23 -51.93 35.41 11.02
C CYS E 23 -52.56 34.46 10.01
N ARG E 24 -52.98 35.03 8.89
CA ARG E 24 -53.17 34.33 7.63
C ARG E 24 -52.50 35.07 6.47
N SER E 25 -51.78 34.35 5.63
CA SER E 25 -51.39 34.80 4.30
C SER E 25 -52.57 34.73 3.31
N SER E 26 -52.44 35.36 2.14
CA SER E 26 -53.46 35.21 1.10
C SER E 26 -53.53 33.76 0.58
N GLN E 27 -52.37 33.14 0.33
CA GLN E 27 -52.20 31.82 -0.28
C GLN E 27 -50.72 31.35 -0.18
N SER E 28 -50.39 30.20 -0.76
CA SER E 28 -49.05 29.85 -1.27
C SER E 28 -47.84 29.78 -0.31
N VAL E 29 -48.05 29.60 1.01
CA VAL E 29 -46.95 29.55 1.99
C VAL E 29 -46.13 28.23 1.94
N LEU E 30 -46.72 27.12 1.50
CA LEU E 30 -45.98 25.87 1.24
C LEU E 30 -45.11 25.95 -0.01
N TYR E 31 -43.92 25.33 0.00
CA TYR E 31 -43.18 25.01 -1.23
C TYR E 31 -43.08 23.48 -1.43
N SER E 32 -43.58 23.02 -2.58
CA SER E 32 -44.08 21.66 -2.79
C SER E 32 -43.07 20.52 -2.65
N ASN E 34 -40.43 20.53 -0.30
CA ASN E 34 -39.86 20.52 1.06
C ASN E 34 -40.90 20.70 2.16
N ASN E 35 -41.97 21.44 1.88
CA ASN E 35 -43.14 21.60 2.75
C ASN E 35 -42.79 22.12 4.16
N GLU E 36 -41.77 22.97 4.23
CA GLU E 36 -41.29 23.59 5.46
C GLU E 36 -42.11 24.80 5.92
N ASN E 37 -42.95 25.38 5.06
CA ASN E 37 -43.64 26.66 5.26
C ASN E 37 -42.67 27.83 5.52
N TYR E 38 -42.28 28.55 4.47
CA TYR E 38 -41.30 29.64 4.55
C TYR E 38 -41.93 30.93 5.11
N LEU E 39 -42.20 30.93 6.41
CA LEU E 39 -42.62 32.09 7.18
C LEU E 39 -41.99 32.10 8.58
N ALA E 40 -42.02 33.26 9.21
CA ALA E 40 -41.40 33.54 10.49
C ALA E 40 -42.32 34.37 11.38
N TRP E 41 -41.91 34.60 12.63
CA TRP E 41 -42.56 35.52 13.58
C TRP E 41 -41.53 36.45 14.21
N TYR E 42 -41.88 37.72 14.37
CA TYR E 42 -40.96 38.76 14.83
C TYR E 42 -41.55 39.60 15.97
N GLN E 43 -40.67 40.23 16.74
CA GLN E 43 -41.02 41.35 17.61
C GLN E 43 -40.02 42.50 17.50
N GLN E 44 -40.46 43.70 17.87
CA GLN E 44 -39.64 44.82 18.31
C GLN E 44 -40.38 45.64 19.37
N LYS E 45 -39.78 45.78 20.55
CA LYS E 45 -40.22 46.73 21.58
C LYS E 45 -39.94 48.18 21.16
N PRO E 46 -40.48 49.20 21.86
CA PRO E 46 -40.30 50.60 21.49
C PRO E 46 -38.83 50.98 21.25
N GLY E 47 -38.54 51.53 20.07
CA GLY E 47 -37.19 51.95 19.64
C GLY E 47 -36.19 50.82 19.33
N GLN E 48 -36.58 49.56 19.38
CA GLN E 48 -35.73 48.45 18.95
C GLN E 48 -35.78 48.25 17.43
N PRO E 49 -34.65 47.95 16.76
CA PRO E 49 -34.71 47.19 15.52
C PRO E 49 -35.32 45.81 15.81
N PRO E 50 -36.23 45.29 15.00
CA PRO E 50 -36.88 44.01 15.27
C PRO E 50 -35.91 42.81 15.23
N LYS E 51 -36.35 41.70 15.82
CA LYS E 51 -35.73 40.37 15.76
C LYS E 51 -36.80 39.29 15.56
N LEU E 52 -36.40 38.15 15.03
CA LEU E 52 -37.26 36.97 14.99
C LEU E 52 -37.42 36.36 16.39
N LEU E 53 -38.56 35.70 16.60
CA LEU E 53 -38.85 34.81 17.73
C LEU E 53 -39.15 33.38 17.27
N ILE E 54 -39.54 33.19 16.01
CA ILE E 54 -39.61 31.89 15.34
C ILE E 54 -39.29 31.99 13.86
N TYR E 55 -38.77 30.92 13.26
CA TYR E 55 -38.40 30.82 11.85
C TYR E 55 -38.67 29.41 11.30
N TRP E 56 -38.69 29.23 9.97
CA TRP E 56 -39.08 27.96 9.35
C TRP E 56 -40.40 27.40 9.93
N ALA E 57 -41.43 28.27 9.95
CA ALA E 57 -42.72 28.15 10.62
C ALA E 57 -42.71 28.03 12.15
N SER E 58 -41.90 27.16 12.74
CA SER E 58 -42.03 26.78 14.14
C SER E 58 -40.71 26.52 14.89
N THR E 59 -39.54 26.68 14.26
CA THR E 59 -38.26 26.62 14.95
C THR E 59 -38.03 27.88 15.80
N ARG E 60 -37.97 27.76 17.12
CA ARG E 60 -37.81 28.88 18.04
C ARG E 60 -36.44 29.56 17.97
N GLU E 61 -36.39 30.87 18.22
CA GLU E 61 -35.15 31.64 18.35
C GLU E 61 -34.36 31.33 19.63
N SER E 62 -33.08 31.68 19.68
CA SER E 62 -32.20 31.44 20.83
C SER E 62 -32.72 32.12 22.12
N GLY E 63 -32.99 31.33 23.15
CA GLY E 63 -33.51 31.80 24.44
C GLY E 63 -34.98 32.23 24.42
N ILE E 64 -35.75 31.82 23.40
CA ILE E 64 -37.17 32.14 23.30
C ILE E 64 -37.99 31.59 24.50
N PRO E 65 -39.04 32.28 25.00
CA PRO E 65 -39.70 31.94 26.26
C PRO E 65 -40.53 30.65 26.26
N ASP E 66 -40.72 30.03 25.09
CA ASP E 66 -41.60 28.88 24.83
C ASP E 66 -43.10 29.13 25.03
N ARG E 67 -43.51 29.79 26.12
CA ARG E 67 -44.87 30.30 26.30
C ARG E 67 -45.22 31.41 25.29
N PHE E 68 -44.25 32.27 24.98
CA PHE E 68 -44.28 33.28 23.91
C PHE E 68 -43.72 32.76 22.57
N SER E 69 -44.07 31.54 22.16
CA SER E 69 -43.64 30.91 20.92
C SER E 69 -44.65 29.87 20.42
N GLY E 70 -44.96 29.87 19.12
CA GLY E 70 -45.94 28.94 18.51
C GLY E 70 -45.47 28.38 17.16
N SER E 71 -46.38 28.31 16.17
CA SER E 71 -46.08 27.72 14.86
C SER E 71 -46.89 28.30 13.69
N GLY E 72 -46.32 28.20 12.49
CA GLY E 72 -47.02 28.33 11.21
C GLY E 72 -47.50 27.00 10.66
N SER E 73 -48.57 27.02 9.85
CA SER E 73 -49.28 25.82 9.40
C SER E 73 -49.99 26.09 8.07
N GLY E 74 -49.28 25.90 6.96
CA GLY E 74 -49.75 26.35 5.65
C GLY E 74 -49.96 27.87 5.62
N THR E 75 -51.06 28.32 5.04
CA THR E 75 -51.39 29.76 4.96
C THR E 75 -51.62 30.44 6.31
N ASP E 76 -51.97 29.68 7.36
CA ASP E 76 -52.45 30.22 8.63
C ASP E 76 -51.51 29.84 9.77
N PHE E 77 -51.40 30.68 10.78
CA PHE E 77 -50.41 30.52 11.85
C PHE E 77 -50.88 31.05 13.20
N THR E 78 -50.33 30.50 14.28
CA THR E 78 -50.61 30.88 15.66
C THR E 78 -49.32 30.89 16.49
N LEU E 79 -48.81 32.09 16.77
CA LEU E 79 -47.79 32.34 17.77
C LEU E 79 -48.40 32.26 19.17
N THR E 80 -47.87 31.41 20.05
CA THR E 80 -48.35 31.31 21.42
C THR E 80 -47.98 32.55 22.24
N ILE E 81 -48.80 32.87 23.24
CA ILE E 81 -48.59 33.96 24.18
C ILE E 81 -49.09 33.56 25.58
N SER E 82 -48.79 32.34 26.00
CA SER E 82 -49.05 31.85 27.34
C SER E 82 -48.24 32.62 28.38
N ARG E 83 -48.78 32.72 29.60
CA ARG E 83 -48.07 33.25 30.78
C ARG E 83 -47.50 34.67 30.54
N LEU E 84 -48.31 35.54 29.91
CA LEU E 84 -47.92 36.84 29.31
C LEU E 84 -46.80 37.53 30.08
N GLN E 85 -45.58 37.40 29.56
CA GLN E 85 -44.35 37.75 30.26
C GLN E 85 -44.22 39.26 30.43
N ALA E 86 -43.70 39.71 31.57
CA ALA E 86 -43.40 41.12 31.78
C ALA E 86 -42.29 41.60 30.82
N GLU E 87 -42.38 42.84 30.35
CA GLU E 87 -41.54 43.42 29.30
C GLU E 87 -41.54 42.69 27.96
N ASP E 88 -42.45 41.73 27.75
CA ASP E 88 -42.76 41.15 26.45
C ASP E 88 -43.73 42.00 25.62
N VAL E 89 -44.34 43.04 26.20
CA VAL E 89 -45.28 43.94 25.53
C VAL E 89 -44.57 44.79 24.46
N ALA E 90 -44.73 44.40 23.20
CA ALA E 90 -43.96 44.86 22.04
C ALA E 90 -44.80 44.75 20.76
N VAL E 91 -44.39 45.45 19.70
CA VAL E 91 -44.97 45.23 18.37
C VAL E 91 -44.58 43.84 17.86
N TYR E 92 -45.56 43.03 17.45
CA TYR E 92 -45.34 41.64 17.02
C TYR E 92 -46.15 41.26 15.79
N TYR E 93 -45.57 40.49 14.86
CA TYR E 93 -46.28 40.03 13.67
C TYR E 93 -45.56 38.87 12.97
N CYS E 94 -46.24 38.26 11.99
CA CYS E 94 -45.67 37.33 11.03
C CYS E 94 -44.79 38.01 9.97
N GLN E 95 -43.97 37.22 9.25
CA GLN E 95 -43.26 37.69 8.06
C GLN E 95 -43.10 36.57 7.02
N GLN E 96 -43.35 36.88 5.75
CA GLN E 96 -43.23 35.92 4.65
C GLN E 96 -41.79 35.76 4.20
N TYR E 97 -41.17 34.61 4.46
CA TYR E 97 -39.86 34.26 3.92
C TYR E 97 -39.93 33.68 2.48
N TYR E 98 -41.11 33.70 1.85
CA TYR E 98 -41.41 32.85 0.70
C TYR E 98 -40.77 33.31 -0.62
N SER E 99 -40.89 34.59 -0.94
CA SER E 99 -40.37 35.17 -2.19
C SER E 99 -40.13 36.67 -2.08
N LEU E 100 -39.37 37.19 -3.05
CA LEU E 100 -38.64 38.45 -2.95
C LEU E 100 -39.45 39.72 -2.59
N PRO E 101 -40.72 39.92 -3.00
CA PRO E 101 -41.46 41.12 -2.63
C PRO E 101 -42.07 41.08 -1.22
N ARG E 102 -41.94 39.96 -0.49
CA ARG E 102 -42.79 39.66 0.66
C ARG E 102 -42.72 40.70 1.78
N THR E 103 -43.81 40.76 2.55
CA THR E 103 -44.01 41.78 3.57
C THR E 103 -44.15 41.17 4.98
N PHE E 104 -43.69 41.91 5.98
CA PHE E 104 -44.07 41.70 7.37
C PHE E 104 -45.55 42.02 7.58
N GLY E 105 -46.19 41.34 8.52
CA GLY E 105 -47.52 41.72 9.03
C GLY E 105 -47.49 43.02 9.84
N GLN E 106 -48.66 43.62 10.04
CA GLN E 106 -48.88 44.96 10.60
C GLN E 106 -48.49 45.23 12.08
N GLY E 107 -47.53 44.49 12.65
CA GLY E 107 -46.85 44.82 13.91
C GLY E 107 -47.73 44.83 15.17
N THR E 108 -48.78 44.00 15.22
CA THR E 108 -49.75 43.92 16.30
C THR E 108 -49.18 44.07 17.73
N LYS E 109 -49.70 45.04 18.49
CA LYS E 109 -49.09 45.47 19.76
C LYS E 109 -49.48 44.59 20.95
N VAL E 110 -48.54 43.81 21.50
CA VAL E 110 -48.72 43.20 22.81
C VAL E 110 -48.67 44.26 23.92
N GLU E 111 -49.60 44.21 24.88
CA GLU E 111 -49.68 45.16 25.98
C GLU E 111 -50.31 44.58 27.27
N ILE E 112 -50.03 45.22 28.40
CA ILE E 112 -50.73 44.96 29.66
C ILE E 112 -52.17 45.48 29.64
N LYS E 113 -53.05 44.86 30.43
CA LYS E 113 -54.46 45.23 30.49
C LYS E 113 -54.66 46.60 31.17
N ARG E 114 -55.25 47.56 30.46
CA ARG E 114 -55.60 48.87 31.00
C ARG E 114 -56.63 48.76 32.12
N THR E 115 -56.25 49.21 33.31
CA THR E 115 -57.14 49.32 34.47
C THR E 115 -58.26 50.36 34.26
N VAL E 116 -59.07 50.60 35.29
CA VAL E 116 -60.13 51.62 35.25
C VAL E 116 -59.63 53.08 35.40
N ALA E 117 -58.32 53.29 35.56
CA ALA E 117 -57.72 54.56 35.95
C ALA E 117 -57.88 55.69 34.92
N ALA E 118 -58.57 56.76 35.30
CA ALA E 118 -58.58 58.04 34.57
C ALA E 118 -57.26 58.82 34.82
N PRO E 119 -56.76 59.60 33.84
CA PRO E 119 -55.57 60.41 34.05
C PRO E 119 -55.77 61.59 35.01
N SER E 120 -54.66 62.09 35.56
CA SER E 120 -54.62 63.30 36.39
C SER E 120 -54.94 64.59 35.62
N VAL E 121 -55.70 65.51 36.24
CA VAL E 121 -56.18 66.79 35.67
C VAL E 121 -55.13 67.92 35.60
N PHE E 122 -53.84 67.60 35.50
CA PHE E 122 -52.74 68.58 35.55
C PHE E 122 -52.68 69.57 34.38
N ILE E 123 -53.27 69.23 33.24
CA ILE E 123 -53.17 69.99 32.01
C ILE E 123 -53.81 71.38 32.08
N PHE E 124 -53.22 72.32 31.35
CA PHE E 124 -53.79 73.62 31.03
C PHE E 124 -53.03 74.23 29.85
N PRO E 125 -53.51 75.37 29.31
CA PRO E 125 -52.69 76.25 28.51
C PRO E 125 -51.33 76.54 29.17
N PRO E 126 -50.26 76.71 28.38
CA PRO E 126 -48.89 76.83 28.89
C PRO E 126 -48.66 78.10 29.70
N SER E 127 -47.55 78.14 30.45
CA SER E 127 -47.05 79.34 31.12
C SER E 127 -46.55 80.43 30.14
N ASP E 128 -46.27 81.63 30.65
CA ASP E 128 -46.12 82.88 29.89
C ASP E 128 -45.12 82.87 28.72
N GLU E 129 -44.03 82.10 28.82
CA GLU E 129 -43.02 81.99 27.76
C GLU E 129 -43.50 81.26 26.49
N GLN E 130 -44.66 80.60 26.54
CA GLN E 130 -45.32 79.98 25.39
C GLN E 130 -46.79 80.42 25.19
N LEU E 131 -47.52 80.76 26.25
CA LEU E 131 -48.89 81.27 26.17
C LEU E 131 -48.94 82.73 25.69
N LYS E 132 -48.44 83.66 26.51
CA LYS E 132 -48.41 85.09 26.20
C LYS E 132 -47.35 85.44 25.13
N SER E 133 -46.19 84.79 25.18
CA SER E 133 -45.13 84.87 24.18
C SER E 133 -45.32 83.95 22.95
N GLY E 134 -46.55 83.53 22.64
CA GLY E 134 -46.84 82.55 21.59
C GLY E 134 -48.35 82.42 21.32
N THR E 135 -49.01 81.47 21.98
CA THR E 135 -50.47 81.34 21.95
C THR E 135 -51.04 80.68 23.20
N ALA E 136 -52.06 81.30 23.82
CA ALA E 136 -52.81 80.78 24.97
C ALA E 136 -53.83 79.67 24.62
N SER E 137 -53.50 78.80 23.65
CA SER E 137 -54.36 77.75 23.12
C SER E 137 -54.73 76.68 24.16
N VAL E 138 -55.74 75.85 23.83
CA VAL E 138 -56.21 74.71 24.62
C VAL E 138 -55.22 73.53 24.68
N VAL E 139 -54.02 73.77 25.22
CA VAL E 139 -53.02 72.74 25.50
C VAL E 139 -53.54 71.72 26.53
N CYS E 140 -53.30 70.44 26.29
CA CYS E 140 -53.89 69.31 27.01
C CYS E 140 -52.83 68.31 27.49
N LEU E 141 -53.14 67.56 28.56
CA LEU E 141 -52.21 66.65 29.21
C LEU E 141 -52.94 65.58 30.02
N LEU E 142 -52.21 64.51 30.32
CA LEU E 142 -52.67 63.41 31.15
C LEU E 142 -51.48 62.72 31.82
N ASN E 143 -51.72 62.10 32.98
CA ASN E 143 -50.75 61.24 33.66
C ASN E 143 -51.44 59.98 34.17
N ASN E 144 -50.80 58.82 33.99
CA ASN E 144 -51.29 57.51 34.41
C ASN E 144 -52.69 57.10 33.89
N PHE E 145 -53.04 57.50 32.66
CA PHE E 145 -54.27 57.11 31.99
C PHE E 145 -54.27 55.65 31.50
N TYR E 146 -55.37 54.93 31.69
CA TYR E 146 -55.64 53.63 31.09
C TYR E 146 -55.82 53.73 29.56
N PRO E 147 -54.91 53.17 28.74
CA PRO E 147 -54.84 53.44 27.29
C PRO E 147 -56.01 52.96 26.44
N ARG E 148 -56.81 52.01 26.94
CA ARG E 148 -57.78 51.25 26.15
C ARG E 148 -58.97 52.05 25.60
N GLU E 149 -59.34 53.16 26.23
CA GLU E 149 -60.39 54.07 25.75
C GLU E 149 -60.01 55.53 26.02
N ALA E 150 -58.80 55.91 25.62
CA ALA E 150 -58.27 57.26 25.82
C ALA E 150 -59.10 58.35 25.12
N LYS E 151 -59.18 59.53 25.75
CA LYS E 151 -59.86 60.73 25.26
C LYS E 151 -59.12 62.00 25.72
N VAL E 152 -59.37 63.12 25.05
CA VAL E 152 -58.79 64.42 25.41
C VAL E 152 -59.59 65.64 24.91
N GLN E 153 -59.40 66.80 25.55
CA GLN E 153 -60.04 68.07 25.25
C GLN E 153 -59.05 69.15 24.79
N TRP E 154 -59.48 69.95 23.82
CA TRP E 154 -58.70 70.99 23.15
C TRP E 154 -59.59 71.92 22.32
N LYS E 155 -60.45 72.70 22.98
CA LYS E 155 -61.35 73.66 22.34
C LYS E 155 -61.63 74.91 23.19
N VAL E 156 -61.97 76.01 22.52
CA VAL E 156 -62.30 77.30 23.12
C VAL E 156 -63.72 77.35 23.69
N ASP E 157 -64.09 78.51 24.26
CA ASP E 157 -65.41 78.75 24.87
C ASP E 157 -65.80 77.73 25.95
N ASN E 158 -64.82 77.14 26.64
CA ASN E 158 -64.97 76.13 27.70
C ASN E 158 -65.67 74.82 27.27
N ALA E 159 -65.49 74.38 26.02
CA ALA E 159 -66.30 73.31 25.42
C ALA E 159 -66.18 71.92 26.08
N LEU E 160 -65.10 71.64 26.81
CA LEU E 160 -64.78 70.30 27.35
C LEU E 160 -64.68 69.18 26.29
N GLN E 161 -64.34 69.54 25.05
CA GLN E 161 -64.10 68.63 23.92
C GLN E 161 -62.98 69.15 23.01
N SER E 162 -62.79 68.57 21.84
CA SER E 162 -61.75 68.93 20.87
C SER E 162 -62.14 68.55 19.43
N GLY E 163 -61.47 69.11 18.43
CA GLY E 163 -61.68 68.75 17.02
C GLY E 163 -60.57 69.27 16.12
N ASN E 164 -60.35 70.58 16.14
CA ASN E 164 -59.11 71.20 15.67
C ASN E 164 -57.97 71.01 16.68
N SER E 165 -57.54 69.77 16.87
CA SER E 165 -56.58 69.37 17.90
C SER E 165 -55.76 68.13 17.51
N GLN E 166 -54.63 67.92 18.18
CA GLN E 166 -53.74 66.77 17.96
C GLN E 166 -53.08 66.30 19.26
N GLU E 167 -52.75 65.01 19.34
CA GLU E 167 -52.32 64.36 20.58
C GLU E 167 -51.42 63.12 20.38
N SER E 168 -50.75 62.72 21.45
CA SER E 168 -49.88 61.54 21.54
C SER E 168 -49.89 60.93 22.96
N VAL E 169 -49.58 59.63 23.09
CA VAL E 169 -49.56 58.89 24.34
C VAL E 169 -48.22 58.19 24.64
N THR E 170 -47.83 58.10 25.90
CA THR E 170 -46.67 57.37 26.39
C THR E 170 -46.86 55.84 26.38
N GLU E 171 -45.78 55.11 26.62
CA GLU E 171 -45.80 53.68 26.88
C GLU E 171 -46.64 53.31 28.12
N GLN E 172 -47.25 52.13 28.13
CA GLN E 172 -48.14 51.64 29.20
C GLN E 172 -47.40 51.16 30.47
N ASP E 173 -46.37 51.89 30.91
CA ASP E 173 -45.43 51.46 31.95
C ASP E 173 -45.96 51.46 33.39
N SER E 174 -47.01 52.23 33.69
CA SER E 174 -47.58 52.29 35.04
C SER E 174 -48.45 51.07 35.38
N LYS E 175 -48.70 50.82 36.67
CA LYS E 175 -49.42 49.64 37.16
C LYS E 175 -50.84 49.45 36.60
N ASP E 176 -51.55 50.54 36.29
CA ASP E 176 -52.85 50.51 35.60
C ASP E 176 -52.76 50.14 34.10
N SER E 177 -51.66 49.53 33.65
CA SER E 177 -51.16 49.62 32.27
C SER E 177 -51.05 51.07 31.79
N THR E 178 -50.81 52.00 32.72
CA THR E 178 -51.10 53.41 32.54
C THR E 178 -50.02 54.14 31.74
N TYR E 179 -50.43 55.18 31.01
CA TYR E 179 -49.55 56.03 30.21
C TYR E 179 -49.76 57.52 30.51
N SER E 180 -48.70 58.31 30.40
CA SER E 180 -48.80 59.76 30.25
C SER E 180 -49.33 60.16 28.86
N LEU E 181 -49.78 61.39 28.69
CA LEU E 181 -50.35 61.88 27.44
C LEU E 181 -50.15 63.37 27.24
N SER E 182 -50.19 63.82 25.98
CA SER E 182 -50.01 65.21 25.60
C SER E 182 -50.91 65.59 24.40
N SER E 183 -51.37 66.83 24.34
CA SER E 183 -52.15 67.33 23.21
C SER E 183 -52.17 68.87 23.10
N THR E 184 -52.62 69.38 21.96
CA THR E 184 -52.74 70.81 21.64
C THR E 184 -53.95 71.12 20.76
N LEU E 185 -54.35 72.40 20.69
CA LEU E 185 -55.57 72.83 20.01
C LEU E 185 -55.42 74.16 19.25
N THR E 186 -56.19 74.31 18.18
CA THR E 186 -56.29 75.54 17.40
C THR E 186 -57.15 76.60 18.10
N LEU E 187 -56.56 77.78 18.35
CA LEU E 187 -57.27 78.99 18.79
C LEU E 187 -56.43 80.24 18.55
N SER E 188 -57.03 81.43 18.54
CA SER E 188 -56.29 82.68 18.48
C SER E 188 -55.42 82.89 19.72
N LYS E 189 -54.22 83.45 19.54
CA LYS E 189 -53.19 83.52 20.57
C LYS E 189 -53.61 84.28 21.84
N ALA E 190 -54.54 85.24 21.71
CA ALA E 190 -55.26 85.86 22.82
C ALA E 190 -56.68 85.30 23.02
N ASP E 191 -57.41 84.97 21.95
CA ASP E 191 -58.81 84.53 21.99
C ASP E 191 -59.07 83.23 22.76
N TYR E 192 -58.12 82.29 22.78
CA TYR E 192 -58.27 81.06 23.55
C TYR E 192 -58.27 81.29 25.07
N GLU E 193 -57.54 82.31 25.55
CA GLU E 193 -57.59 82.77 26.94
C GLU E 193 -58.73 83.76 27.23
N LYS E 194 -59.10 84.60 26.26
CA LYS E 194 -60.22 85.55 26.36
C LYS E 194 -61.60 84.88 26.35
N HIS E 195 -61.73 83.74 25.68
CA HIS E 195 -62.92 82.88 25.72
C HIS E 195 -63.18 82.31 27.12
N LYS E 196 -64.40 81.84 27.36
CA LYS E 196 -64.88 81.46 28.71
C LYS E 196 -64.01 80.45 29.46
N VAL E 197 -63.40 79.54 28.70
CA VAL E 197 -62.24 78.77 29.11
C VAL E 197 -61.53 78.19 27.87
N TYR E 198 -60.30 77.72 28.04
CA TYR E 198 -59.68 76.78 27.10
C TYR E 198 -59.65 75.39 27.74
N ALA E 199 -60.16 74.37 27.05
CA ALA E 199 -60.17 73.00 27.56
C ALA E 199 -58.77 72.35 27.52
N CYS E 200 -58.49 71.51 28.50
CA CYS E 200 -57.25 70.73 28.58
C CYS E 200 -57.46 69.28 29.05
N GLU E 201 -58.72 68.83 29.12
CA GLU E 201 -59.18 67.62 29.80
C GLU E 201 -58.60 66.32 29.22
N VAL E 202 -58.65 65.23 29.98
CA VAL E 202 -58.20 63.90 29.53
C VAL E 202 -59.02 62.75 30.13
N THR E 203 -59.19 61.66 29.41
CA THR E 203 -60.01 60.50 29.81
C THR E 203 -59.34 59.17 29.43
N HIS E 204 -59.77 58.08 30.06
CA HIS E 204 -59.17 56.75 29.95
C HIS E 204 -60.21 55.62 30.01
N GLN E 205 -59.74 54.38 29.90
CA GLN E 205 -60.57 53.18 29.74
C GLN E 205 -61.67 52.96 30.79
N GLY E 206 -61.53 53.49 32.01
CA GLY E 206 -62.57 53.51 33.04
C GLY E 206 -62.99 54.90 33.55
N LEU E 207 -62.59 55.99 32.89
CA LEU E 207 -63.06 57.34 33.22
C LEU E 207 -64.55 57.55 32.87
N SER E 208 -65.35 57.98 33.85
CA SER E 208 -66.77 58.32 33.66
C SER E 208 -66.99 59.65 32.91
N SER E 209 -66.02 60.55 32.97
CA SER E 209 -65.85 61.74 32.14
C SER E 209 -64.39 62.21 32.19
N PRO E 210 -63.95 63.08 31.26
CA PRO E 210 -62.58 63.59 31.28
C PRO E 210 -62.25 64.38 32.55
N VAL E 211 -61.02 64.25 33.05
CA VAL E 211 -60.48 65.00 34.16
C VAL E 211 -60.47 66.52 33.89
N THR E 212 -60.75 67.34 34.89
CA THR E 212 -61.09 68.77 34.75
C THR E 212 -59.93 69.73 34.40
N LYS E 213 -58.90 69.25 33.71
CA LYS E 213 -57.82 70.08 33.18
C LYS E 213 -58.34 71.15 32.20
N SER E 214 -58.01 72.42 32.45
CA SER E 214 -58.40 73.58 31.64
C SER E 214 -57.77 74.89 32.17
N PHE E 215 -58.00 75.99 31.46
CA PHE E 215 -57.81 77.37 31.97
C PHE E 215 -59.11 78.19 31.92
N ASN E 216 -59.47 78.82 33.04
CA ASN E 216 -60.59 79.77 33.09
C ASN E 216 -60.35 81.02 32.24
N ARG E 217 -61.40 81.77 31.93
CA ARG E 217 -61.34 83.04 31.21
C ARG E 217 -60.38 84.05 31.90
N GLY E 218 -59.28 84.39 31.22
CA GLY E 218 -58.19 85.22 31.74
C GLY E 218 -57.14 84.49 32.60
N GLU E 219 -57.37 83.25 33.03
CA GLU E 219 -56.42 82.43 33.76
C GLU E 219 -55.39 81.70 32.85
N CYS E 220 -55.67 81.59 31.55
CA CYS E 220 -54.78 80.97 30.54
C CYS E 220 -53.48 81.75 30.31
N GLN F 1 -44.36 -10.16 -26.87
CA GLN F 1 -43.46 -10.34 -25.72
C GLN F 1 -42.52 -11.51 -25.95
N VAL F 2 -42.97 -12.76 -25.75
CA VAL F 2 -42.25 -13.97 -26.16
C VAL F 2 -42.42 -14.24 -27.66
N GLN F 3 -41.54 -15.08 -28.23
CA GLN F 3 -41.60 -15.53 -29.63
C GLN F 3 -42.68 -16.59 -29.91
N LEU F 4 -43.84 -16.47 -29.25
CA LEU F 4 -44.88 -17.49 -29.25
C LEU F 4 -45.57 -17.62 -30.60
N VAL F 5 -45.71 -18.86 -31.08
CA VAL F 5 -46.38 -19.22 -32.34
C VAL F 5 -46.81 -20.69 -32.33
N GLN F 6 -47.64 -21.09 -33.29
CA GLN F 6 -48.11 -22.46 -33.48
C GLN F 6 -48.15 -22.85 -34.96
N SER F 7 -48.01 -24.15 -35.26
CA SER F 7 -47.78 -24.69 -36.60
C SER F 7 -48.23 -26.15 -36.74
N GLY F 8 -48.26 -26.64 -37.99
CA GLY F 8 -48.53 -28.06 -38.32
C GLY F 8 -50.01 -28.46 -38.28
N ALA F 9 -50.93 -27.48 -38.33
CA ALA F 9 -52.37 -27.67 -38.25
C ALA F 9 -52.92 -28.71 -39.24
N GLU F 10 -53.68 -29.70 -38.73
CA GLU F 10 -54.14 -30.84 -39.52
C GLU F 10 -55.32 -31.59 -38.89
N VAL F 11 -55.94 -32.51 -39.63
CA VAL F 11 -56.87 -33.49 -39.08
C VAL F 11 -56.15 -34.55 -38.24
N LYS F 12 -56.67 -34.83 -37.05
CA LYS F 12 -56.22 -35.94 -36.20
C LYS F 12 -57.43 -36.65 -35.58
N LYS F 13 -57.39 -37.98 -35.51
CA LYS F 13 -58.57 -38.79 -35.15
C LYS F 13 -58.55 -39.26 -33.69
N PRO F 14 -59.69 -39.26 -32.97
CA PRO F 14 -59.79 -39.88 -31.65
C PRO F 14 -59.35 -41.34 -31.67
N GLY F 15 -58.60 -41.79 -30.65
CA GLY F 15 -58.00 -43.12 -30.61
C GLY F 15 -56.82 -43.35 -31.57
N ALA F 16 -56.57 -42.43 -32.50
CA ALA F 16 -55.48 -42.43 -33.46
C ALA F 16 -54.43 -41.33 -33.14
N SER F 17 -53.50 -41.09 -34.05
CA SER F 17 -52.38 -40.15 -33.89
C SER F 17 -52.72 -38.69 -34.22
N VAL F 18 -51.82 -37.78 -33.84
CA VAL F 18 -51.82 -36.36 -34.19
C VAL F 18 -50.39 -35.77 -34.24
N GLN F 19 -50.21 -34.62 -34.88
CA GLN F 19 -48.93 -33.92 -34.94
C GLN F 19 -49.09 -32.39 -34.95
N VAL F 20 -48.08 -31.66 -34.47
CA VAL F 20 -48.13 -30.21 -34.26
C VAL F 20 -46.73 -29.61 -34.08
N SER F 21 -46.64 -28.28 -33.95
CA SER F 21 -45.41 -27.58 -33.57
C SER F 21 -45.70 -26.23 -32.92
N CYS F 22 -44.73 -25.70 -32.16
CA CYS F 22 -44.82 -24.38 -31.52
C CYS F 22 -43.46 -23.65 -31.49
N GLN F 23 -43.51 -22.33 -31.34
CA GLN F 23 -42.35 -21.44 -31.33
C GLN F 23 -42.06 -20.87 -29.94
N ALA F 24 -40.77 -20.76 -29.60
CA ALA F 24 -40.32 -20.39 -28.27
C ALA F 24 -39.05 -19.52 -28.29
N SER F 25 -38.85 -18.69 -27.26
CA SER F 25 -37.65 -17.90 -27.08
C SER F 25 -37.51 -17.38 -25.64
N ALA F 26 -36.31 -16.88 -25.28
CA ALA F 26 -36.03 -16.21 -24.02
C ALA F 26 -36.44 -17.03 -22.77
N ASN F 27 -36.93 -16.40 -21.70
CA ASN F 27 -37.27 -17.05 -20.44
C ASN F 27 -38.30 -18.19 -20.58
N THR F 28 -39.26 -18.10 -21.50
CA THR F 28 -40.23 -19.17 -21.75
C THR F 28 -39.60 -20.47 -22.30
N PHE F 29 -38.41 -20.38 -22.93
CA PHE F 29 -37.62 -21.50 -23.42
C PHE F 29 -36.66 -22.11 -22.38
N THR F 30 -35.99 -21.29 -21.58
CA THR F 30 -34.86 -21.72 -20.75
C THR F 30 -34.89 -21.28 -19.28
N ASN F 31 -35.92 -20.53 -18.85
CA ASN F 31 -36.04 -19.93 -17.52
C ASN F 31 -37.43 -20.11 -16.88
N HIS F 32 -38.31 -20.91 -17.48
CA HIS F 32 -39.67 -21.18 -17.00
C HIS F 32 -40.19 -22.53 -17.52
N TYR F 33 -41.15 -23.10 -16.80
CA TYR F 33 -41.93 -24.27 -17.21
C TYR F 33 -43.14 -23.85 -18.08
N ILE F 34 -42.94 -23.76 -19.40
CA ILE F 34 -43.99 -23.43 -20.38
C ILE F 34 -45.18 -24.39 -20.33
N HIS F 35 -46.36 -23.94 -20.75
CA HIS F 35 -47.53 -24.81 -20.88
C HIS F 35 -47.81 -25.16 -22.35
N TRP F 36 -48.11 -26.42 -22.66
CA TRP F 36 -48.77 -26.76 -23.92
C TRP F 36 -50.26 -26.44 -23.78
N VAL F 37 -50.77 -25.43 -24.47
CA VAL F 37 -52.13 -24.94 -24.27
C VAL F 37 -53.02 -25.32 -25.44
N ARG F 38 -54.13 -26.04 -25.18
CA ARG F 38 -55.03 -26.54 -26.22
C ARG F 38 -56.50 -26.67 -25.76
N GLN F 39 -57.45 -26.66 -26.70
CA GLN F 39 -58.87 -26.94 -26.42
C GLN F 39 -59.71 -27.18 -27.68
N ALA F 40 -60.86 -27.84 -27.52
CA ALA F 40 -61.92 -27.82 -28.52
C ALA F 40 -62.34 -26.36 -28.82
N PRO F 41 -62.65 -26.00 -30.07
CA PRO F 41 -62.91 -24.61 -30.48
C PRO F 41 -64.09 -23.94 -29.77
N GLY F 42 -64.94 -24.68 -29.05
CA GLY F 42 -65.99 -24.14 -28.18
C GLY F 42 -65.53 -23.42 -26.90
N GLN F 43 -64.22 -23.42 -26.57
CA GLN F 43 -63.70 -22.73 -25.39
C GLN F 43 -62.24 -22.25 -25.52
N GLY F 44 -61.86 -21.27 -24.69
CA GLY F 44 -60.46 -20.89 -24.49
C GLY F 44 -59.59 -22.07 -24.01
N LEU F 45 -58.33 -22.12 -24.44
CA LEU F 45 -57.47 -23.29 -24.24
C LEU F 45 -56.92 -23.45 -22.82
N GLU F 46 -56.45 -24.65 -22.49
CA GLU F 46 -55.93 -25.04 -21.17
C GLU F 46 -54.75 -26.02 -21.27
N TRP F 47 -54.04 -26.24 -20.16
CA TRP F 47 -52.77 -26.98 -20.15
C TRP F 47 -52.96 -28.49 -20.39
N MET F 48 -52.50 -28.97 -21.55
CA MET F 48 -52.28 -30.40 -21.83
C MET F 48 -51.11 -30.93 -20.99
N GLY F 49 -50.09 -30.11 -20.76
CA GLY F 49 -48.94 -30.39 -19.90
C GLY F 49 -48.03 -29.18 -19.71
N ILE F 50 -47.08 -29.34 -18.80
CA ILE F 50 -46.06 -28.35 -18.44
C ILE F 50 -44.67 -28.91 -18.80
N ILE F 51 -43.86 -28.10 -19.49
CA ILE F 51 -42.60 -28.51 -20.12
C ILE F 51 -41.54 -27.47 -19.77
N TYR F 52 -40.34 -27.88 -19.36
CA TYR F 52 -39.19 -26.99 -19.22
C TYR F 52 -38.31 -27.06 -20.51
N PRO F 53 -38.46 -26.18 -21.51
CA PRO F 53 -38.12 -26.55 -22.90
C PRO F 53 -36.63 -26.76 -23.26
N THR F 54 -35.68 -26.34 -22.43
CA THR F 54 -34.28 -26.80 -22.47
C THR F 54 -34.14 -28.14 -21.77
N GLY F 55 -33.82 -29.21 -22.49
CA GLY F 55 -33.82 -30.58 -21.95
C GLY F 55 -35.22 -31.19 -21.79
N GLY F 56 -36.27 -30.37 -21.65
CA GLY F 56 -37.66 -30.77 -21.83
C GLY F 56 -38.42 -31.21 -20.58
N ASN F 57 -37.85 -31.09 -19.36
CA ASN F 57 -38.36 -31.74 -18.15
C ASN F 57 -39.87 -31.53 -17.97
N THR F 58 -40.63 -32.63 -17.90
CA THR F 58 -42.04 -32.65 -18.33
C THR F 58 -43.00 -33.21 -17.27
N ILE F 59 -44.21 -32.68 -17.24
CA ILE F 59 -45.37 -33.11 -16.42
C ILE F 59 -46.63 -32.93 -17.28
N TYR F 60 -47.68 -33.75 -17.15
CA TYR F 60 -48.88 -33.67 -17.99
C TYR F 60 -50.18 -33.59 -17.17
N ALA F 61 -51.21 -32.91 -17.70
CA ALA F 61 -52.55 -32.93 -17.12
C ALA F 61 -53.18 -34.29 -17.38
N GLN F 62 -53.86 -34.87 -16.39
CA GLN F 62 -54.18 -36.30 -16.40
C GLN F 62 -55.25 -36.71 -17.42
N GLY F 63 -56.03 -35.76 -17.96
CA GLY F 63 -56.89 -35.99 -19.14
C GLY F 63 -56.12 -36.17 -20.46
N PHE F 64 -54.85 -35.74 -20.50
CA PHE F 64 -53.99 -35.70 -21.70
C PHE F 64 -52.62 -36.37 -21.48
N GLN F 65 -52.43 -37.09 -20.36
CA GLN F 65 -51.22 -37.85 -19.98
C GLN F 65 -50.82 -38.87 -21.05
N GLY F 66 -51.81 -39.54 -21.64
CA GLY F 66 -51.62 -40.47 -22.77
C GLY F 66 -51.89 -39.82 -24.12
N ARG F 67 -53.02 -39.10 -24.26
CA ARG F 67 -53.52 -38.59 -25.53
C ARG F 67 -52.60 -37.62 -26.29
N VAL F 68 -51.76 -36.84 -25.58
CA VAL F 68 -50.91 -35.78 -26.16
C VAL F 68 -49.47 -35.94 -25.66
N THR F 69 -48.49 -35.56 -26.49
CA THR F 69 -47.08 -35.53 -26.16
C THR F 69 -46.39 -34.25 -26.61
N MET F 70 -45.42 -33.76 -25.83
CA MET F 70 -44.63 -32.58 -26.13
C MET F 70 -43.13 -32.86 -25.93
N THR F 71 -42.26 -32.12 -26.61
CA THR F 71 -40.81 -32.37 -26.60
C THR F 71 -39.98 -31.09 -26.55
N ARG F 72 -38.79 -31.20 -25.95
CA ARG F 72 -37.81 -30.12 -25.83
C ARG F 72 -37.24 -29.66 -27.18
N ASP F 73 -37.05 -28.35 -27.35
CA ASP F 73 -36.48 -27.72 -28.54
C ASP F 73 -36.09 -26.24 -28.34
N THR F 74 -35.92 -25.78 -27.10
CA THR F 74 -35.82 -24.34 -26.80
C THR F 74 -34.64 -23.61 -27.47
N SER F 75 -33.49 -24.26 -27.62
CA SER F 75 -32.37 -23.72 -28.40
C SER F 75 -32.63 -23.67 -29.92
N LEU F 76 -33.50 -24.55 -30.43
CA LEU F 76 -34.07 -24.50 -31.78
C LEU F 76 -35.21 -23.46 -31.94
N ASN F 77 -35.31 -22.51 -31.01
CA ASN F 77 -36.40 -21.55 -30.87
C ASN F 77 -37.81 -22.18 -30.96
N THR F 78 -38.01 -23.35 -30.33
CA THR F 78 -39.16 -24.20 -30.62
C THR F 78 -39.60 -25.10 -29.45
N ILE F 79 -40.76 -25.73 -29.63
CA ILE F 79 -41.19 -26.90 -28.89
C ILE F 79 -41.88 -27.89 -29.84
N TYR F 80 -41.56 -29.17 -29.73
CA TYR F 80 -42.13 -30.22 -30.58
C TYR F 80 -43.46 -30.74 -30.02
N LEU F 81 -44.39 -31.13 -30.88
CA LEU F 81 -45.73 -31.55 -30.48
C LEU F 81 -46.27 -32.75 -31.28
N GLU F 82 -47.00 -33.63 -30.59
CA GLU F 82 -47.51 -34.90 -31.11
C GLU F 82 -48.73 -35.39 -30.31
N LEU F 83 -49.43 -36.40 -30.82
CA LEU F 83 -50.48 -37.11 -30.07
C LEU F 83 -50.58 -38.58 -30.49
N SER F 84 -51.10 -39.41 -29.60
CA SER F 84 -51.39 -40.82 -29.82
C SER F 84 -52.52 -41.27 -28.90
N SER F 85 -53.45 -42.09 -29.40
CA SER F 85 -54.71 -42.37 -28.71
C SER F 85 -55.53 -41.11 -28.38
N LEU F 86 -55.67 -40.20 -29.34
CA LEU F 86 -56.18 -38.84 -29.12
C LEU F 86 -57.56 -38.78 -28.46
N ARG F 87 -57.84 -37.70 -27.73
CA ARG F 87 -59.11 -37.49 -27.06
C ARG F 87 -60.29 -37.38 -28.03
N SER F 88 -61.51 -37.46 -27.48
CA SER F 88 -62.75 -37.20 -28.22
C SER F 88 -62.81 -35.79 -28.83
N GLU F 89 -62.27 -34.80 -28.13
CA GLU F 89 -61.99 -33.45 -28.63
C GLU F 89 -60.73 -33.40 -29.52
N ASP F 90 -60.54 -34.37 -30.43
CA ASP F 90 -59.34 -34.49 -31.27
C ASP F 90 -59.13 -33.33 -32.26
N THR F 91 -60.20 -32.59 -32.57
CA THR F 91 -60.18 -31.35 -33.34
C THR F 91 -59.63 -30.13 -32.58
N ALA F 92 -59.17 -30.30 -31.34
CA ALA F 92 -58.63 -29.23 -30.51
C ALA F 92 -57.40 -28.55 -31.13
N VAL F 93 -57.52 -27.24 -31.38
CA VAL F 93 -56.39 -26.38 -31.70
C VAL F 93 -55.44 -26.25 -30.50
N TYR F 94 -54.17 -25.95 -30.75
CA TYR F 94 -53.16 -25.83 -29.69
C TYR F 94 -51.98 -24.93 -30.03
N TYR F 95 -51.29 -24.42 -29.01
CA TYR F 95 -50.06 -23.64 -29.13
C TYR F 95 -49.26 -23.60 -27.81
N CYS F 96 -47.99 -23.19 -27.87
CA CYS F 96 -47.21 -22.89 -26.67
C CYS F 96 -47.81 -21.70 -25.89
N ALA F 97 -47.83 -21.79 -24.55
CA ALA F 97 -48.07 -20.68 -23.64
C ALA F 97 -46.77 -20.31 -22.90
N ARG F 98 -46.33 -19.06 -23.05
CA ARG F 98 -45.03 -18.59 -22.60
C ARG F 98 -44.98 -18.33 -21.09
N ASP F 99 -44.66 -19.35 -20.29
CA ASP F 99 -44.66 -19.28 -18.83
C ASP F 99 -43.79 -18.14 -18.26
N VAL F 100 -44.25 -17.51 -17.19
CA VAL F 100 -43.47 -16.52 -16.45
C VAL F 100 -42.23 -17.16 -15.79
N ARG F 101 -41.11 -16.44 -15.82
CA ARG F 101 -39.81 -16.94 -15.40
C ARG F 101 -39.72 -17.23 -13.90
N VAL F 102 -38.69 -18.01 -13.51
CA VAL F 102 -38.35 -18.31 -12.13
C VAL F 102 -38.18 -17.06 -11.25
N ASP F 103 -38.99 -16.94 -10.20
CA ASP F 103 -39.09 -15.76 -9.35
C ASP F 103 -38.04 -15.64 -8.24
N ASP F 104 -37.16 -16.63 -8.08
CA ASP F 104 -36.08 -16.64 -7.08
C ASP F 104 -34.83 -17.40 -7.52
N SER F 105 -33.72 -17.18 -6.81
CA SER F 105 -32.38 -17.65 -7.15
C SER F 105 -32.11 -19.16 -6.94
N TRP F 106 -33.11 -20.02 -7.10
CA TRP F 106 -32.88 -21.46 -7.28
C TRP F 106 -32.31 -21.73 -8.67
N SER F 107 -31.66 -22.88 -8.85
CA SER F 107 -30.99 -23.26 -10.09
C SER F 107 -31.31 -24.70 -10.47
N GLY F 108 -31.44 -24.96 -11.77
CA GLY F 108 -32.00 -26.20 -12.31
C GLY F 108 -33.49 -26.07 -12.68
N TYR F 109 -34.11 -27.19 -13.05
CA TYR F 109 -35.43 -27.24 -13.66
C TYR F 109 -36.53 -26.70 -12.73
N ASP F 110 -37.14 -25.57 -13.09
CA ASP F 110 -38.04 -24.79 -12.23
C ASP F 110 -39.46 -25.35 -12.04
N LEU F 111 -39.75 -26.58 -12.47
CA LEU F 111 -41.08 -27.17 -12.42
C LEU F 111 -41.72 -27.25 -11.01
N LEU F 112 -40.92 -27.09 -9.96
CA LEU F 112 -41.33 -26.83 -8.57
C LEU F 112 -42.12 -25.51 -8.34
N SER F 113 -42.46 -24.78 -9.39
CA SER F 113 -43.08 -23.45 -9.31
C SER F 113 -43.98 -23.17 -10.51
N GLY F 114 -44.87 -22.19 -10.37
CA GLY F 114 -45.77 -21.73 -11.42
C GLY F 114 -46.88 -22.73 -11.79
N GLY F 115 -47.59 -22.40 -12.88
CA GLY F 115 -48.55 -23.27 -13.56
C GLY F 115 -48.69 -22.88 -15.03
N THR F 116 -49.79 -23.23 -15.68
CA THR F 116 -50.05 -22.90 -17.09
C THR F 116 -50.29 -21.41 -17.40
N TYR F 117 -50.35 -20.55 -16.38
CA TYR F 117 -50.43 -19.09 -16.52
C TYR F 117 -49.15 -18.50 -17.14
N PHE F 118 -49.27 -17.71 -18.20
CA PHE F 118 -48.15 -17.30 -19.06
C PHE F 118 -48.30 -15.88 -19.64
N ASP F 119 -47.18 -15.20 -19.88
CA ASP F 119 -47.12 -13.82 -20.39
C ASP F 119 -47.35 -13.66 -21.90
N TYR F 120 -47.46 -14.77 -22.65
CA TYR F 120 -47.74 -14.82 -24.09
C TYR F 120 -48.38 -16.16 -24.50
N TRP F 121 -49.01 -16.23 -25.68
CA TRP F 121 -49.53 -17.47 -26.24
C TRP F 121 -49.39 -17.52 -27.77
N GLY F 122 -49.14 -18.71 -28.32
CA GLY F 122 -48.88 -18.93 -29.75
C GLY F 122 -50.08 -18.83 -30.69
N GLN F 123 -51.15 -18.12 -30.30
CA GLN F 123 -52.39 -17.88 -31.05
C GLN F 123 -53.24 -19.11 -31.43
N GLY F 124 -52.70 -20.33 -31.34
CA GLY F 124 -53.41 -21.59 -31.58
C GLY F 124 -53.36 -22.03 -33.05
N THR F 125 -52.63 -23.11 -33.33
CA THR F 125 -52.68 -23.82 -34.61
C THR F 125 -53.91 -24.72 -34.65
N LEU F 126 -54.68 -24.65 -35.73
CA LEU F 126 -55.96 -25.34 -35.87
C LEU F 126 -55.88 -26.88 -35.86
N VAL F 127 -57.03 -27.52 -35.70
CA VAL F 127 -57.18 -28.96 -35.84
C VAL F 127 -58.60 -29.35 -36.31
N THR F 128 -58.76 -30.59 -36.74
CA THR F 128 -60.04 -31.18 -37.14
C THR F 128 -60.11 -32.64 -36.73
N VAL F 129 -61.31 -33.16 -36.49
CA VAL F 129 -61.51 -34.55 -36.08
C VAL F 129 -61.39 -35.50 -37.28
N SER F 130 -60.24 -36.16 -37.45
CA SER F 130 -59.99 -37.06 -38.58
C SER F 130 -60.83 -38.35 -38.62
N SER F 131 -61.60 -38.65 -37.57
CA SER F 131 -62.64 -39.68 -37.59
C SER F 131 -63.91 -39.25 -38.38
N ALA F 132 -64.15 -37.96 -38.55
CA ALA F 132 -65.23 -37.41 -39.38
C ALA F 132 -64.89 -37.43 -40.87
N SER F 133 -65.88 -37.19 -41.73
CA SER F 133 -65.69 -37.06 -43.18
C SER F 133 -64.58 -36.04 -43.53
N THR F 134 -63.70 -36.40 -44.45
CA THR F 134 -62.55 -35.59 -44.87
C THR F 134 -62.83 -34.70 -46.09
N LYS F 135 -63.92 -34.93 -46.81
CA LYS F 135 -64.40 -34.15 -47.94
C LYS F 135 -65.10 -32.83 -47.55
N GLY F 136 -65.86 -32.27 -48.50
CA GLY F 136 -66.89 -31.25 -48.29
C GLY F 136 -67.64 -30.77 -49.55
N PRO F 137 -67.71 -31.50 -50.68
CA PRO F 137 -68.36 -30.99 -51.91
C PRO F 137 -69.89 -30.83 -51.81
N SER F 138 -70.52 -31.43 -50.79
CA SER F 138 -71.96 -31.52 -50.64
C SER F 138 -72.63 -30.15 -50.45
N VAL F 139 -73.76 -29.98 -51.12
CA VAL F 139 -74.53 -28.73 -51.19
C VAL F 139 -76.04 -28.99 -51.33
N PHE F 140 -76.86 -28.06 -50.83
CA PHE F 140 -78.33 -28.17 -50.73
C PHE F 140 -79.04 -26.80 -50.92
N PRO F 141 -79.42 -26.42 -52.14
CA PRO F 141 -79.96 -25.09 -52.47
C PRO F 141 -81.28 -24.72 -51.77
N LEU F 142 -81.29 -23.70 -50.91
CA LEU F 142 -82.51 -23.09 -50.36
C LEU F 142 -82.26 -21.82 -49.55
N ALA F 143 -83.17 -20.85 -49.69
CA ALA F 143 -83.21 -19.59 -48.93
C ALA F 143 -84.63 -18.97 -49.04
N PRO F 144 -84.97 -17.97 -48.21
CA PRO F 144 -86.31 -17.38 -48.15
C PRO F 144 -86.87 -16.91 -49.50
N SER F 145 -88.05 -17.41 -49.85
CA SER F 145 -88.83 -17.04 -51.04
C SER F 145 -89.50 -15.66 -50.91
N SER F 146 -90.41 -15.32 -51.81
CA SER F 146 -91.08 -14.02 -51.95
C SER F 146 -91.93 -13.51 -50.75
N LYS F 147 -92.02 -14.25 -49.66
CA LYS F 147 -92.46 -13.74 -48.35
C LYS F 147 -91.42 -12.84 -47.64
N SER F 148 -90.15 -12.94 -48.00
CA SER F 148 -89.04 -12.12 -47.49
C SER F 148 -88.08 -11.64 -48.60
N THR F 149 -87.75 -12.50 -49.57
CA THR F 149 -86.95 -12.16 -50.74
C THR F 149 -87.56 -11.05 -51.59
N SER F 150 -86.72 -10.19 -52.19
CA SER F 150 -87.16 -8.95 -52.81
C SER F 150 -88.00 -8.04 -51.89
N GLY F 151 -87.63 -7.97 -50.60
CA GLY F 151 -88.41 -7.34 -49.54
C GLY F 151 -87.70 -7.26 -48.20
N GLY F 152 -88.46 -7.06 -47.11
CA GLY F 152 -87.97 -6.69 -45.77
C GLY F 152 -87.30 -7.79 -44.93
N THR F 153 -86.98 -8.95 -45.51
CA THR F 153 -86.28 -10.07 -44.86
C THR F 153 -85.41 -10.90 -45.82
N ALA F 154 -84.97 -10.33 -46.94
CA ALA F 154 -84.22 -11.05 -47.98
C ALA F 154 -82.84 -11.57 -47.50
N ALA F 155 -82.55 -12.83 -47.82
CA ALA F 155 -81.28 -13.50 -47.49
C ALA F 155 -80.76 -14.37 -48.65
N LEU F 156 -79.44 -14.42 -48.82
CA LEU F 156 -78.74 -15.29 -49.77
C LEU F 156 -78.09 -16.43 -49.02
N GLY F 157 -78.33 -17.69 -49.42
CA GLY F 157 -77.98 -18.84 -48.59
C GLY F 157 -78.20 -20.21 -49.24
N CYS F 158 -77.64 -21.23 -48.60
CA CYS F 158 -77.86 -22.64 -48.94
C CYS F 158 -77.39 -23.56 -47.79
N LEU F 159 -77.86 -24.80 -47.79
CA LEU F 159 -77.35 -25.85 -46.91
C LEU F 159 -76.09 -26.54 -47.44
N VAL F 160 -75.29 -27.10 -46.55
CA VAL F 160 -73.98 -27.71 -46.84
C VAL F 160 -73.78 -28.99 -46.01
N LYS F 161 -73.00 -29.96 -46.51
CA LYS F 161 -72.85 -31.29 -45.90
C LYS F 161 -71.45 -31.92 -46.06
N ASP F 162 -71.16 -32.89 -45.19
CA ASP F 162 -69.98 -33.76 -45.24
C ASP F 162 -68.60 -33.07 -45.10
N TYR F 163 -68.53 -31.85 -44.55
CA TYR F 163 -67.31 -31.05 -44.46
C TYR F 163 -66.33 -31.47 -43.34
N PHE F 164 -65.05 -31.64 -43.65
CA PHE F 164 -63.98 -31.73 -42.64
C PHE F 164 -63.74 -30.42 -41.84
N PRO F 165 -63.46 -29.27 -42.50
CA PRO F 165 -63.44 -27.96 -41.85
C PRO F 165 -64.87 -27.41 -41.62
N GLU F 166 -65.01 -26.49 -40.67
CA GLU F 166 -66.24 -25.71 -40.47
C GLU F 166 -66.46 -24.62 -41.53
N PRO F 167 -65.45 -23.83 -41.95
CA PRO F 167 -65.60 -22.88 -43.05
C PRO F 167 -65.95 -23.56 -44.38
N VAL F 168 -66.75 -22.89 -45.21
CA VAL F 168 -67.16 -23.34 -46.54
C VAL F 168 -66.88 -22.28 -47.62
N THR F 169 -66.24 -22.65 -48.72
CA THR F 169 -65.87 -21.71 -49.80
C THR F 169 -67.07 -21.17 -50.59
N VAL F 170 -68.24 -21.80 -50.49
CA VAL F 170 -69.50 -21.29 -51.01
C VAL F 170 -70.02 -20.06 -50.26
N SER F 171 -69.60 -19.82 -49.02
CA SER F 171 -69.91 -18.66 -48.20
C SER F 171 -71.41 -18.35 -47.96
N TRP F 172 -72.30 -19.32 -48.19
CA TRP F 172 -73.77 -19.21 -48.22
C TRP F 172 -74.35 -18.24 -49.25
N ASN F 173 -73.99 -16.96 -49.23
CA ASN F 173 -74.31 -15.98 -50.25
C ASN F 173 -73.33 -16.05 -51.44
N SER F 174 -73.77 -15.73 -52.66
CA SER F 174 -72.99 -15.89 -53.89
C SER F 174 -71.99 -14.76 -54.21
N GLY F 175 -71.79 -13.82 -53.28
CA GLY F 175 -70.82 -12.72 -53.34
C GLY F 175 -71.41 -11.33 -53.61
N ALA F 176 -72.66 -11.22 -54.07
CA ALA F 176 -73.33 -9.94 -54.28
C ALA F 176 -73.58 -9.17 -52.96
N LEU F 177 -74.01 -9.86 -51.90
CA LEU F 177 -74.02 -9.34 -50.53
C LEU F 177 -74.05 -10.47 -49.48
N THR F 178 -73.59 -10.18 -48.27
CA THR F 178 -73.58 -11.13 -47.15
C THR F 178 -73.64 -10.42 -45.79
N SER F 179 -74.69 -9.64 -45.55
CA SER F 179 -74.83 -8.81 -44.35
C SER F 179 -75.05 -9.62 -43.07
N GLY F 180 -74.29 -9.29 -42.02
CA GLY F 180 -74.21 -10.06 -40.77
C GLY F 180 -73.53 -11.42 -40.94
N VAL F 181 -73.07 -12.03 -39.85
CA VAL F 181 -72.45 -13.35 -39.84
C VAL F 181 -73.41 -14.54 -40.08
N HIS F 182 -74.68 -14.31 -40.44
CA HIS F 182 -75.68 -15.35 -40.69
C HIS F 182 -75.39 -16.22 -41.93
N THR F 183 -74.46 -15.82 -42.78
CA THR F 183 -73.75 -16.70 -43.72
C THR F 183 -72.71 -17.53 -42.96
N PHE F 184 -73.14 -18.24 -41.92
CA PHE F 184 -72.29 -18.84 -40.90
C PHE F 184 -71.51 -20.08 -41.39
N PRO F 185 -70.36 -20.41 -40.76
CA PRO F 185 -69.69 -21.70 -40.94
C PRO F 185 -70.58 -22.90 -40.62
N ALA F 186 -70.24 -24.06 -41.19
CA ALA F 186 -70.82 -25.34 -40.83
C ALA F 186 -70.39 -25.79 -39.42
N VAL F 187 -71.15 -26.68 -38.80
CA VAL F 187 -70.90 -27.20 -37.45
C VAL F 187 -71.26 -28.69 -37.38
N LEU F 188 -70.74 -29.41 -36.38
CA LEU F 188 -70.90 -30.86 -36.26
C LEU F 188 -72.37 -31.30 -36.29
N GLN F 189 -72.74 -32.16 -37.23
CA GLN F 189 -74.13 -32.48 -37.55
C GLN F 189 -74.31 -33.86 -38.19
N SER F 190 -75.56 -34.23 -38.50
CA SER F 190 -75.99 -35.52 -39.05
C SER F 190 -75.40 -35.94 -40.40
N SER F 191 -74.61 -35.07 -41.08
CA SER F 191 -73.87 -35.36 -42.31
C SER F 191 -72.59 -36.20 -42.15
N GLY F 192 -72.28 -36.72 -40.96
CA GLY F 192 -71.02 -37.44 -40.68
C GLY F 192 -69.78 -36.53 -40.58
N LEU F 193 -70.00 -35.22 -40.50
CA LEU F 193 -69.00 -34.16 -40.55
C LEU F 193 -69.65 -32.80 -40.18
N TYR F 194 -68.98 -31.69 -40.47
CA TYR F 194 -69.61 -30.38 -40.41
C TYR F 194 -70.74 -30.24 -41.45
N SER F 195 -71.86 -29.66 -41.02
CA SER F 195 -73.04 -29.36 -41.82
C SER F 195 -73.61 -27.97 -41.51
N LEU F 196 -74.30 -27.37 -42.48
CA LEU F 196 -74.74 -25.98 -42.43
C LEU F 196 -76.11 -25.76 -43.07
N SER F 197 -76.75 -24.63 -42.74
CA SER F 197 -78.01 -24.15 -43.32
C SER F 197 -78.03 -22.61 -43.49
N SER F 198 -76.85 -22.00 -43.67
CA SER F 198 -76.60 -20.56 -43.57
C SER F 198 -77.30 -19.68 -44.61
N VAL F 199 -77.62 -18.44 -44.22
CA VAL F 199 -78.16 -17.39 -45.08
C VAL F 199 -77.98 -15.99 -44.49
N VAL F 200 -77.04 -15.21 -45.03
CA VAL F 200 -76.82 -13.81 -44.66
C VAL F 200 -77.74 -12.85 -45.42
N THR F 201 -77.86 -11.61 -44.96
CA THR F 201 -78.69 -10.61 -45.64
C THR F 201 -78.18 -10.33 -47.06
N VAL F 202 -79.09 -10.18 -48.02
CA VAL F 202 -78.81 -10.11 -49.45
C VAL F 202 -79.57 -8.96 -50.16
N PRO F 203 -79.27 -8.68 -51.44
CA PRO F 203 -79.94 -7.62 -52.20
C PRO F 203 -81.47 -7.80 -52.26
N SER F 204 -82.19 -6.70 -52.09
CA SER F 204 -83.66 -6.64 -52.02
C SER F 204 -84.38 -6.55 -53.39
N SER F 205 -83.70 -6.84 -54.50
CA SER F 205 -84.28 -6.78 -55.84
C SER F 205 -85.03 -8.05 -56.28
N SER F 206 -84.45 -9.22 -56.02
CA SER F 206 -84.97 -10.54 -56.40
C SER F 206 -84.25 -11.70 -55.71
N LEU F 207 -84.78 -12.91 -55.82
CA LEU F 207 -84.12 -14.15 -55.41
C LEU F 207 -82.79 -14.41 -56.17
N GLY F 208 -82.68 -13.98 -57.42
CA GLY F 208 -81.42 -14.04 -58.20
C GLY F 208 -80.39 -12.97 -57.82
N THR F 209 -80.84 -11.82 -57.32
CA THR F 209 -79.99 -10.83 -56.65
C THR F 209 -79.45 -11.39 -55.31
N GLN F 210 -80.34 -11.97 -54.51
CA GLN F 210 -80.06 -12.79 -53.32
C GLN F 210 -79.50 -14.19 -53.66
N THR F 211 -78.66 -14.27 -54.69
CA THR F 211 -78.01 -15.49 -55.17
C THR F 211 -77.12 -16.15 -54.11
N TYR F 212 -76.87 -17.45 -54.25
CA TYR F 212 -76.33 -18.28 -53.17
C TYR F 212 -75.30 -19.31 -53.63
N ILE F 213 -74.57 -19.90 -52.68
CA ILE F 213 -73.72 -21.07 -52.88
C ILE F 213 -73.77 -22.03 -51.67
N CYS F 214 -73.60 -23.33 -51.90
CA CYS F 214 -73.92 -24.37 -50.92
C CYS F 214 -72.78 -25.34 -50.56
N ASN F 215 -71.66 -25.36 -51.29
CA ASN F 215 -70.56 -26.28 -51.03
C ASN F 215 -69.93 -26.10 -49.63
N VAL F 216 -70.02 -27.13 -48.80
CA VAL F 216 -69.60 -27.11 -47.40
C VAL F 216 -68.09 -27.04 -47.15
N ASN F 217 -67.28 -27.45 -48.11
CA ASN F 217 -65.83 -27.55 -47.99
C ASN F 217 -65.12 -26.21 -48.06
N HIS F 218 -64.09 -26.07 -47.25
CA HIS F 218 -62.97 -25.15 -47.46
C HIS F 218 -61.78 -25.88 -48.07
N LYS F 219 -60.64 -25.21 -48.18
CA LYS F 219 -59.39 -25.81 -48.63
C LYS F 219 -58.98 -27.08 -47.85
N PRO F 220 -59.11 -27.16 -46.50
CA PRO F 220 -58.80 -28.39 -45.76
C PRO F 220 -59.68 -29.62 -46.09
N SER F 221 -60.82 -29.42 -46.73
CA SER F 221 -61.70 -30.48 -47.22
C SER F 221 -61.38 -30.96 -48.67
N ASN F 222 -60.37 -30.37 -49.32
CA ASN F 222 -59.98 -30.64 -50.71
C ASN F 222 -61.08 -30.44 -51.79
N THR F 223 -62.17 -29.73 -51.46
CA THR F 223 -63.33 -29.52 -52.33
C THR F 223 -63.89 -28.08 -52.33
N LYS F 224 -63.12 -27.09 -51.86
CA LYS F 224 -63.60 -25.72 -51.70
C LYS F 224 -63.92 -25.04 -53.05
N VAL F 225 -65.19 -24.73 -53.28
CA VAL F 225 -65.67 -24.06 -54.50
C VAL F 225 -66.97 -23.31 -54.28
N ASP F 226 -67.27 -22.34 -55.15
CA ASP F 226 -68.51 -21.57 -55.16
C ASP F 226 -69.71 -22.30 -55.81
N LYS F 227 -69.93 -23.58 -55.50
CA LYS F 227 -70.99 -24.41 -56.07
C LYS F 227 -72.39 -23.84 -55.80
N LYS F 228 -73.20 -23.67 -56.85
CA LYS F 228 -74.36 -22.78 -56.82
C LYS F 228 -75.55 -23.23 -55.98
N VAL F 229 -76.34 -22.25 -55.54
CA VAL F 229 -77.63 -22.40 -54.88
C VAL F 229 -78.54 -21.19 -55.14
N GLU F 230 -79.84 -21.30 -54.82
CA GLU F 230 -80.81 -20.22 -55.01
C GLU F 230 -81.94 -20.23 -53.98
N PRO F 231 -82.60 -19.08 -53.70
CA PRO F 231 -83.79 -19.04 -52.86
C PRO F 231 -85.02 -19.66 -53.52
N LYS F 232 -86.06 -19.94 -52.73
CA LYS F 232 -87.34 -20.50 -53.15
C LYS F 232 -87.23 -21.81 -53.94
N ASP G 1 -57.04 -30.87 -5.00
CA ASP G 1 -56.43 -30.19 -6.17
C ASP G 1 -56.89 -28.72 -6.26
N ILE G 2 -56.27 -27.89 -7.11
CA ILE G 2 -56.52 -26.44 -7.23
C ILE G 2 -57.87 -26.06 -7.89
N VAL G 3 -58.32 -26.80 -8.91
CA VAL G 3 -59.65 -26.61 -9.56
C VAL G 3 -59.88 -25.19 -10.13
N MET G 4 -58.88 -24.59 -10.80
CA MET G 4 -59.04 -23.30 -11.50
C MET G 4 -60.10 -23.38 -12.61
N THR G 5 -61.26 -22.75 -12.38
CA THR G 5 -62.47 -22.85 -13.20
C THR G 5 -63.27 -21.54 -13.18
N GLN G 6 -63.95 -21.21 -14.28
CA GLN G 6 -64.73 -19.98 -14.44
C GLN G 6 -66.21 -20.15 -14.05
N SER G 7 -66.90 -19.04 -13.79
CA SER G 7 -68.26 -19.05 -13.20
C SER G 7 -69.44 -18.76 -14.15
N PRO G 8 -69.43 -17.71 -15.01
CA PRO G 8 -70.64 -17.28 -15.72
C PRO G 8 -70.80 -17.85 -17.15
N ASP G 9 -69.68 -18.28 -17.77
CA ASP G 9 -69.49 -18.58 -19.20
C ASP G 9 -69.82 -17.44 -20.19
N SER G 10 -70.80 -16.58 -19.91
CA SER G 10 -71.07 -15.33 -20.65
C SER G 10 -71.72 -14.25 -19.78
N LEU G 11 -71.47 -12.98 -20.11
CA LEU G 11 -72.17 -11.81 -19.55
C LEU G 11 -73.28 -11.27 -20.47
N ALA G 12 -74.08 -10.35 -19.93
CA ALA G 12 -75.09 -9.57 -20.62
C ALA G 12 -75.17 -8.13 -20.07
N VAL G 13 -74.03 -7.42 -20.06
CA VAL G 13 -73.93 -6.08 -19.48
C VAL G 13 -74.74 -5.01 -20.22
N SER G 14 -75.27 -4.03 -19.49
CA SER G 14 -75.87 -2.84 -20.08
C SER G 14 -74.81 -1.89 -20.65
N LEU G 15 -75.15 -1.15 -21.71
CA LEU G 15 -74.25 -0.15 -22.31
C LEU G 15 -73.98 1.01 -21.34
N GLY G 16 -72.72 1.44 -21.22
CA GLY G 16 -72.29 2.43 -20.22
C GLY G 16 -72.37 1.98 -18.75
N GLU G 17 -72.87 0.77 -18.46
CA GLU G 17 -72.85 0.16 -17.13
C GLU G 17 -71.59 -0.69 -16.90
N ARG G 18 -71.58 -1.50 -15.83
CA ARG G 18 -70.53 -2.47 -15.53
C ARG G 18 -71.09 -3.80 -14.99
N ALA G 19 -70.27 -4.84 -15.10
CA ALA G 19 -70.49 -6.20 -14.62
C ALA G 19 -69.12 -6.87 -14.41
N THR G 20 -69.04 -8.07 -13.81
CA THR G 20 -67.78 -8.83 -13.78
C THR G 20 -67.93 -10.22 -14.40
N ILE G 21 -66.93 -10.62 -15.19
CA ILE G 21 -66.62 -12.03 -15.43
C ILE G 21 -66.04 -12.57 -14.12
N ASN G 22 -66.41 -13.77 -13.68
CA ASN G 22 -65.95 -14.36 -12.41
C ASN G 22 -65.28 -15.72 -12.61
N CYS G 23 -64.38 -16.07 -11.70
CA CYS G 23 -63.60 -17.31 -11.71
C CYS G 23 -63.09 -17.64 -10.30
N ARG G 24 -62.65 -18.88 -10.07
CA ARG G 24 -62.06 -19.26 -8.80
C ARG G 24 -61.21 -20.54 -8.86
N SER G 25 -60.37 -20.72 -7.82
CA SER G 25 -59.90 -22.03 -7.40
C SER G 25 -60.74 -22.57 -6.23
N SER G 26 -60.60 -23.84 -5.86
CA SER G 26 -61.31 -24.43 -4.73
C SER G 26 -60.81 -23.93 -3.37
N GLN G 27 -59.51 -23.65 -3.22
CA GLN G 27 -58.86 -23.38 -1.92
C GLN G 27 -57.50 -22.64 -2.03
N SER G 28 -57.08 -22.01 -0.92
CA SER G 28 -55.72 -21.52 -0.54
C SER G 28 -54.89 -20.63 -1.49
N VAL G 29 -55.44 -20.03 -2.55
CA VAL G 29 -54.67 -19.35 -3.62
C VAL G 29 -53.79 -18.18 -3.14
N LEU G 30 -54.21 -17.46 -2.11
CA LEU G 30 -53.40 -16.53 -1.31
C LEU G 30 -52.43 -17.28 -0.37
N TYR G 31 -51.52 -18.02 -1.00
CA TYR G 31 -50.71 -19.08 -0.42
C TYR G 31 -49.89 -18.67 0.81
N SER G 32 -49.83 -19.59 1.78
CA SER G 32 -49.47 -19.34 3.18
C SER G 32 -48.11 -18.67 3.42
N SER G 33 -47.12 -18.79 2.52
CA SER G 33 -45.79 -18.22 2.76
C SER G 33 -45.76 -16.68 2.79
N ASN G 34 -46.64 -16.02 2.03
CA ASN G 34 -46.65 -14.56 1.82
C ASN G 34 -48.06 -13.96 1.59
N ASN G 35 -49.09 -14.81 1.50
CA ASN G 35 -50.38 -14.51 0.87
C ASN G 35 -50.24 -13.96 -0.57
N GLU G 36 -49.20 -14.36 -1.31
CA GLU G 36 -48.79 -13.80 -2.62
C GLU G 36 -49.66 -14.19 -3.82
N ASN G 37 -50.95 -14.48 -3.60
CA ASN G 37 -52.04 -14.59 -4.58
C ASN G 37 -51.63 -15.24 -5.92
N TYR G 38 -51.38 -16.55 -5.93
CA TYR G 38 -50.87 -17.31 -7.09
C TYR G 38 -51.89 -17.51 -8.24
N LEU G 39 -52.57 -16.46 -8.68
CA LEU G 39 -53.49 -16.47 -9.82
C LEU G 39 -53.42 -15.17 -10.62
N ALA G 40 -53.91 -15.20 -11.86
CA ALA G 40 -54.00 -14.03 -12.74
C ALA G 40 -55.06 -14.26 -13.83
N TRP G 41 -55.60 -13.21 -14.44
CA TRP G 41 -56.60 -13.34 -15.51
C TRP G 41 -55.95 -13.38 -16.89
N TYR G 42 -56.18 -14.46 -17.61
CA TYR G 42 -56.02 -14.48 -19.05
C TYR G 42 -57.18 -13.76 -19.71
N GLN G 43 -56.90 -12.94 -20.72
CA GLN G 43 -57.88 -12.49 -21.69
C GLN G 43 -57.31 -12.57 -23.11
N GLN G 44 -58.11 -12.99 -24.08
CA GLN G 44 -57.70 -13.06 -25.49
C GLN G 44 -58.90 -13.19 -26.43
N LYS G 45 -58.66 -13.50 -27.70
CA LYS G 45 -59.72 -13.92 -28.62
C LYS G 45 -60.31 -15.28 -28.24
N PRO G 46 -61.60 -15.54 -28.54
CA PRO G 46 -62.23 -16.85 -28.36
C PRO G 46 -61.44 -18.01 -28.98
N GLY G 47 -61.35 -19.13 -28.27
CA GLY G 47 -60.65 -20.35 -28.70
C GLY G 47 -59.12 -20.34 -28.59
N GLN G 48 -58.48 -19.22 -28.21
CA GLN G 48 -57.02 -19.11 -28.19
C GLN G 48 -56.36 -19.84 -26.99
N PRO G 49 -55.09 -20.25 -27.10
CA PRO G 49 -54.22 -20.48 -25.94
C PRO G 49 -54.16 -19.24 -25.02
N PRO G 50 -54.05 -19.43 -23.69
CA PRO G 50 -54.19 -18.35 -22.75
C PRO G 50 -52.92 -17.48 -22.64
N LYS G 51 -53.11 -16.16 -22.53
CA LYS G 51 -52.12 -15.14 -22.16
C LYS G 51 -52.67 -14.22 -21.07
N LEU G 52 -51.90 -13.97 -20.02
CA LEU G 52 -52.29 -13.12 -18.89
C LEU G 52 -52.33 -11.64 -19.25
N LEU G 53 -53.38 -10.91 -18.84
CA LEU G 53 -53.49 -9.45 -19.03
C LEU G 53 -53.95 -8.70 -17.76
N ILE G 54 -54.70 -9.31 -16.85
CA ILE G 54 -54.83 -8.85 -15.46
C ILE G 54 -53.85 -9.62 -14.55
N TYR G 55 -52.58 -9.19 -14.54
CA TYR G 55 -51.44 -9.88 -13.92
C TYR G 55 -51.47 -9.93 -12.38
N TRP G 56 -50.93 -11.03 -11.84
CA TRP G 56 -50.67 -11.24 -10.40
C TRP G 56 -51.82 -10.85 -9.45
N ALA G 57 -53.07 -11.07 -9.89
CA ALA G 57 -54.32 -10.82 -9.15
C ALA G 57 -54.53 -9.38 -8.61
N SER G 58 -53.70 -8.40 -8.97
CA SER G 58 -53.78 -7.03 -8.43
C SER G 58 -53.15 -5.96 -9.34
N THR G 59 -52.89 -6.31 -10.61
CA THR G 59 -52.10 -5.53 -11.56
C THR G 59 -52.54 -5.78 -13.01
N ARG G 60 -51.92 -5.13 -13.99
CA ARG G 60 -52.25 -5.27 -15.41
C ARG G 60 -51.06 -5.10 -16.35
N GLU G 61 -51.15 -5.76 -17.51
CA GLU G 61 -50.14 -5.72 -18.58
C GLU G 61 -50.03 -4.36 -19.29
N SER G 62 -48.98 -4.20 -20.09
CA SER G 62 -48.81 -3.05 -20.98
C SER G 62 -49.89 -3.00 -22.06
N GLY G 63 -50.70 -1.94 -22.06
CA GLY G 63 -51.90 -1.86 -22.91
C GLY G 63 -52.98 -2.89 -22.58
N ILE G 64 -53.09 -3.35 -21.32
CA ILE G 64 -54.06 -4.36 -20.92
C ILE G 64 -55.52 -3.83 -20.95
N PRO G 65 -56.55 -4.71 -20.89
CA PRO G 65 -57.95 -4.35 -21.08
C PRO G 65 -58.56 -3.34 -20.07
N ASP G 66 -57.87 -3.02 -18.98
CA ASP G 66 -58.16 -1.95 -18.01
C ASP G 66 -59.59 -1.98 -17.45
N ARG G 67 -60.55 -1.30 -18.09
CA ARG G 67 -61.98 -1.38 -17.77
C ARG G 67 -62.57 -2.80 -17.88
N PHE G 68 -61.99 -3.68 -18.69
CA PHE G 68 -62.32 -5.11 -18.75
C PHE G 68 -61.43 -6.01 -17.86
N SER G 69 -60.34 -5.48 -17.32
CA SER G 69 -59.37 -6.17 -16.45
C SER G 69 -59.87 -6.31 -15.00
N GLY G 70 -59.12 -7.00 -14.14
CA GLY G 70 -59.53 -7.16 -12.73
C GLY G 70 -58.52 -7.79 -11.78
N SER G 71 -59.02 -8.33 -10.68
CA SER G 71 -58.27 -8.70 -9.48
C SER G 71 -58.83 -9.96 -8.76
N GLY G 72 -58.01 -10.58 -7.91
CA GLY G 72 -58.40 -11.70 -7.04
C GLY G 72 -59.15 -11.27 -5.77
N SER G 73 -59.80 -12.22 -5.10
CA SER G 73 -60.54 -12.05 -3.84
C SER G 73 -60.68 -13.39 -3.11
N GLY G 74 -59.72 -13.71 -2.24
CA GLY G 74 -59.68 -15.00 -1.53
C GLY G 74 -59.50 -16.18 -2.49
N THR G 75 -60.41 -17.15 -2.46
CA THR G 75 -60.44 -18.27 -3.43
C THR G 75 -60.94 -17.86 -4.81
N ASP G 76 -61.58 -16.71 -4.92
CA ASP G 76 -62.27 -16.24 -6.12
C ASP G 76 -61.51 -15.09 -6.80
N PHE G 77 -62.00 -14.66 -7.96
CA PHE G 77 -61.52 -13.51 -8.69
C PHE G 77 -62.56 -13.02 -9.69
N THR G 78 -62.35 -11.81 -10.22
CA THR G 78 -63.17 -11.27 -11.29
C THR G 78 -62.37 -10.39 -12.26
N LEU G 79 -62.80 -10.36 -13.52
CA LEU G 79 -62.47 -9.32 -14.49
C LEU G 79 -63.68 -8.41 -14.70
N THR G 80 -63.47 -7.10 -14.75
CA THR G 80 -64.51 -6.07 -14.89
C THR G 80 -65.13 -5.98 -16.30
N ILE G 81 -65.98 -4.97 -16.50
CA ILE G 81 -66.67 -4.71 -17.77
C ILE G 81 -67.19 -3.26 -17.92
N SER G 82 -66.62 -2.29 -17.21
CA SER G 82 -67.05 -0.88 -17.20
C SER G 82 -67.00 -0.24 -18.60
N ARG G 83 -68.16 -0.03 -19.22
CA ARG G 83 -68.29 0.39 -20.63
C ARG G 83 -67.60 -0.54 -21.65
N LEU G 84 -67.26 -1.77 -21.24
CA LEU G 84 -66.46 -2.75 -22.00
C LEU G 84 -67.30 -3.82 -22.73
N GLN G 85 -68.61 -3.60 -22.92
CA GLN G 85 -69.53 -4.60 -23.47
C GLN G 85 -69.29 -4.95 -24.95
N ALA G 86 -68.52 -4.14 -25.67
CA ALA G 86 -68.05 -4.34 -27.03
C ALA G 86 -66.60 -3.83 -27.18
N GLU G 87 -65.88 -4.33 -28.19
CA GLU G 87 -64.44 -4.16 -28.44
C GLU G 87 -63.48 -4.70 -27.37
N ASP G 88 -63.70 -4.37 -26.09
CA ASP G 88 -63.03 -4.97 -24.92
C ASP G 88 -63.74 -6.23 -24.36
N VAL G 89 -64.77 -6.71 -25.05
CA VAL G 89 -65.55 -7.91 -24.75
C VAL G 89 -64.81 -9.23 -25.07
N ALA G 90 -63.64 -9.44 -24.44
CA ALA G 90 -62.77 -10.60 -24.66
C ALA G 90 -63.31 -11.93 -24.08
N VAL G 91 -62.77 -13.06 -24.56
CA VAL G 91 -62.81 -14.33 -23.83
C VAL G 91 -61.79 -14.30 -22.69
N TYR G 92 -62.22 -14.64 -21.47
CA TYR G 92 -61.44 -14.43 -20.26
C TYR G 92 -61.62 -15.56 -19.25
N TYR G 93 -60.55 -15.93 -18.57
CA TYR G 93 -60.62 -16.78 -17.39
C TYR G 93 -59.42 -16.59 -16.47
N CYS G 94 -59.60 -16.80 -15.17
CA CYS G 94 -58.47 -16.87 -14.26
C CYS G 94 -57.65 -18.15 -14.51
N GLN G 95 -56.37 -18.09 -14.19
CA GLN G 95 -55.43 -19.20 -14.26
C GLN G 95 -54.44 -19.11 -13.11
N GLN G 96 -53.81 -20.22 -12.74
CA GLN G 96 -52.96 -20.30 -11.56
C GLN G 96 -51.47 -20.32 -11.87
N TYR G 97 -50.72 -19.50 -11.12
CA TYR G 97 -49.30 -19.72 -10.86
C TYR G 97 -49.08 -20.72 -9.71
N TYR G 98 -50.16 -21.38 -9.24
CA TYR G 98 -50.18 -22.18 -8.02
C TYR G 98 -49.52 -23.55 -8.18
N SER G 99 -49.78 -24.26 -9.29
CA SER G 99 -49.30 -25.64 -9.48
C SER G 99 -49.20 -26.11 -10.94
N LEU G 100 -48.49 -27.21 -11.15
CA LEU G 100 -48.38 -27.97 -12.40
C LEU G 100 -49.73 -28.31 -13.07
N PRO G 101 -50.73 -28.91 -12.38
CA PRO G 101 -52.08 -29.10 -12.94
C PRO G 101 -52.91 -27.82 -13.08
N ARG G 102 -52.50 -26.69 -12.50
CA ARG G 102 -53.20 -25.42 -12.62
C ARG G 102 -53.16 -24.86 -14.05
N THR G 103 -54.30 -24.41 -14.56
CA THR G 103 -54.48 -23.87 -15.92
C THR G 103 -55.70 -22.96 -16.01
N PHE G 104 -55.83 -22.22 -17.12
CA PHE G 104 -56.95 -21.30 -17.35
C PHE G 104 -58.30 -22.02 -17.49
N GLY G 105 -59.37 -21.33 -17.09
CA GLY G 105 -60.74 -21.70 -17.43
C GLY G 105 -61.03 -21.55 -18.93
N GLN G 106 -62.21 -22.00 -19.35
CA GLN G 106 -62.61 -22.12 -20.75
C GLN G 106 -62.92 -20.80 -21.50
N GLY G 107 -62.35 -19.66 -21.11
CA GLY G 107 -62.50 -18.38 -21.81
C GLY G 107 -63.92 -17.82 -21.82
N THR G 108 -64.55 -17.68 -20.66
CA THR G 108 -65.88 -17.06 -20.51
C THR G 108 -65.93 -15.62 -21.03
N LYS G 109 -67.04 -15.23 -21.65
CA LYS G 109 -67.07 -14.02 -22.48
C LYS G 109 -67.65 -12.79 -21.78
N VAL G 110 -66.92 -11.66 -21.79
CA VAL G 110 -67.53 -10.35 -21.56
C VAL G 110 -68.36 -9.92 -22.79
N GLU G 111 -69.58 -9.44 -22.61
CA GLU G 111 -70.46 -9.05 -23.73
C GLU G 111 -71.64 -8.16 -23.33
N ILE G 112 -72.23 -7.47 -24.31
CA ILE G 112 -73.41 -6.64 -24.14
C ILE G 112 -74.71 -7.45 -24.09
N LYS G 113 -75.71 -6.99 -23.33
CA LYS G 113 -77.03 -7.61 -23.29
C LYS G 113 -77.81 -7.43 -24.60
N ARG G 114 -78.47 -8.50 -25.04
CA ARG G 114 -79.27 -8.55 -26.27
C ARG G 114 -80.67 -9.13 -26.01
N THR G 115 -81.67 -8.61 -26.70
CA THR G 115 -83.06 -9.05 -26.65
C THR G 115 -83.35 -10.19 -27.64
N VAL G 116 -84.38 -10.98 -27.38
CA VAL G 116 -84.82 -12.09 -28.25
C VAL G 116 -85.78 -11.65 -29.37
N ALA G 117 -85.45 -10.54 -30.05
CA ALA G 117 -86.25 -9.97 -31.15
C ALA G 117 -86.42 -10.90 -32.35
N ALA G 118 -87.47 -10.68 -33.14
CA ALA G 118 -87.94 -11.61 -34.16
C ALA G 118 -86.95 -11.82 -35.35
N PRO G 119 -86.75 -13.07 -35.82
CA PRO G 119 -85.92 -13.38 -37.00
C PRO G 119 -86.63 -13.05 -38.34
N SER G 120 -85.89 -13.09 -39.44
CA SER G 120 -86.36 -12.90 -40.82
C SER G 120 -87.17 -14.09 -41.38
N VAL G 121 -88.17 -14.56 -40.63
CA VAL G 121 -88.99 -15.72 -40.95
C VAL G 121 -89.84 -15.54 -42.22
N PHE G 122 -89.81 -16.53 -43.11
CA PHE G 122 -90.55 -16.55 -44.38
C PHE G 122 -90.67 -17.98 -44.95
N ILE G 123 -91.53 -18.17 -45.96
CA ILE G 123 -91.61 -19.39 -46.75
C ILE G 123 -90.32 -19.65 -47.54
N PHE G 124 -89.90 -20.90 -47.71
CA PHE G 124 -88.69 -21.24 -48.50
C PHE G 124 -88.54 -22.74 -48.83
N PRO G 125 -89.27 -23.25 -49.83
CA PRO G 125 -88.91 -24.53 -50.48
C PRO G 125 -87.49 -24.47 -51.07
N PRO G 126 -86.80 -25.61 -51.24
CA PRO G 126 -85.51 -25.63 -51.91
C PRO G 126 -85.57 -25.09 -53.35
N SER G 127 -84.43 -24.72 -53.92
CA SER G 127 -84.30 -24.48 -55.36
C SER G 127 -84.49 -25.79 -56.17
N ASP G 128 -84.24 -25.74 -57.49
CA ASP G 128 -84.46 -26.86 -58.42
C ASP G 128 -83.75 -28.17 -58.05
N GLU G 129 -82.63 -28.09 -57.32
CA GLU G 129 -81.92 -29.23 -56.72
C GLU G 129 -82.66 -29.91 -55.53
N GLN G 130 -83.96 -29.66 -55.34
CA GLN G 130 -84.81 -30.18 -54.26
C GLN G 130 -84.86 -31.71 -54.17
N LEU G 131 -84.63 -32.40 -55.29
CA LEU G 131 -84.40 -33.84 -55.36
C LEU G 131 -83.10 -34.34 -54.67
N LYS G 132 -82.31 -33.46 -54.06
CA LYS G 132 -81.16 -33.77 -53.22
C LYS G 132 -80.89 -32.71 -52.14
N SER G 133 -81.92 -31.94 -51.74
CA SER G 133 -81.78 -30.78 -50.86
C SER G 133 -81.73 -31.11 -49.35
N GLY G 134 -82.26 -32.25 -48.90
CA GLY G 134 -82.12 -32.73 -47.52
C GLY G 134 -82.63 -31.76 -46.45
N THR G 135 -81.73 -31.32 -45.57
CA THR G 135 -81.98 -30.34 -44.52
C THR G 135 -82.26 -28.91 -44.98
N ALA G 136 -82.15 -28.59 -46.28
CA ALA G 136 -82.32 -27.22 -46.79
C ALA G 136 -83.78 -26.73 -46.85
N SER G 137 -84.77 -27.62 -46.88
CA SER G 137 -86.18 -27.26 -47.01
C SER G 137 -86.70 -26.40 -45.85
N VAL G 138 -87.60 -25.46 -46.14
CA VAL G 138 -88.09 -24.45 -45.18
C VAL G 138 -86.98 -23.52 -44.62
N VAL G 139 -86.13 -22.98 -45.49
CA VAL G 139 -84.95 -22.19 -45.09
C VAL G 139 -85.28 -20.79 -44.55
N CYS G 140 -84.77 -20.45 -43.36
CA CYS G 140 -84.96 -19.16 -42.68
C CYS G 140 -83.69 -18.75 -41.90
N LEU G 141 -83.55 -17.45 -41.61
CA LEU G 141 -82.34 -16.85 -41.03
C LEU G 141 -82.64 -15.72 -40.02
N LEU G 142 -81.66 -15.38 -39.17
CA LEU G 142 -81.81 -14.42 -38.07
C LEU G 142 -80.62 -13.47 -37.90
N ASN G 143 -80.91 -12.28 -37.37
CA ASN G 143 -79.97 -11.21 -37.04
C ASN G 143 -80.61 -10.22 -36.06
N ASN G 144 -79.82 -9.31 -35.47
CA ASN G 144 -80.28 -8.29 -34.51
C ASN G 144 -80.99 -8.80 -33.24
N PHE G 145 -80.57 -9.95 -32.72
CA PHE G 145 -81.09 -10.59 -31.51
C PHE G 145 -80.00 -11.41 -30.79
N TYR G 146 -80.25 -11.84 -29.55
CA TYR G 146 -79.30 -12.64 -28.76
C TYR G 146 -78.86 -13.93 -29.47
N PRO G 147 -77.62 -14.43 -29.28
CA PRO G 147 -76.99 -15.40 -30.18
C PRO G 147 -77.70 -16.76 -30.36
N ARG G 148 -78.41 -17.23 -29.34
CA ARG G 148 -79.28 -18.42 -29.40
C ARG G 148 -80.77 -18.10 -29.18
N GLU G 149 -81.16 -16.82 -29.15
CA GLU G 149 -82.52 -16.37 -28.82
C GLU G 149 -83.48 -16.27 -30.02
N ALA G 150 -82.99 -16.38 -31.25
CA ALA G 150 -83.77 -16.34 -32.49
C ALA G 150 -83.31 -17.41 -33.50
N LYS G 151 -84.23 -18.13 -34.15
CA LYS G 151 -83.87 -19.21 -35.09
C LYS G 151 -84.99 -19.58 -36.09
N VAL G 152 -84.62 -20.31 -37.14
CA VAL G 152 -85.56 -20.93 -38.07
C VAL G 152 -86.32 -22.14 -37.47
N GLN G 153 -87.43 -22.52 -38.11
CA GLN G 153 -88.35 -23.56 -37.65
C GLN G 153 -88.56 -24.69 -38.67
N TRP G 154 -88.84 -25.90 -38.19
CA TRP G 154 -89.18 -27.04 -39.04
C TRP G 154 -90.65 -27.00 -39.51
N LYS G 155 -90.98 -26.03 -40.36
CA LYS G 155 -92.33 -25.83 -40.94
C LYS G 155 -92.65 -26.73 -42.14
N VAL G 156 -91.63 -27.35 -42.77
CA VAL G 156 -91.82 -28.27 -43.88
C VAL G 156 -92.57 -29.54 -43.45
N ASP G 157 -93.20 -30.25 -44.39
CA ASP G 157 -94.14 -31.34 -44.14
C ASP G 157 -95.30 -30.97 -43.18
N ASN G 158 -95.64 -29.67 -43.08
CA ASN G 158 -96.54 -29.12 -42.07
C ASN G 158 -96.18 -29.44 -40.61
N ALA G 159 -94.91 -29.76 -40.32
CA ALA G 159 -94.45 -30.18 -38.99
C ALA G 159 -94.40 -29.04 -37.95
N LEU G 160 -94.45 -27.76 -38.39
CA LEU G 160 -94.61 -26.56 -37.56
C LEU G 160 -93.67 -26.41 -36.34
N GLN G 161 -92.45 -26.96 -36.39
CA GLN G 161 -91.49 -27.00 -35.29
C GLN G 161 -90.86 -25.62 -34.99
N SER G 162 -91.61 -24.75 -34.31
CA SER G 162 -91.28 -23.36 -34.04
C SER G 162 -89.91 -23.16 -33.37
N GLY G 163 -88.99 -22.49 -34.07
CA GLY G 163 -87.62 -22.22 -33.62
C GLY G 163 -86.71 -23.45 -33.46
N ASN G 164 -87.17 -24.65 -33.89
CA ASN G 164 -86.55 -25.94 -33.62
C ASN G 164 -85.82 -26.59 -34.81
N SER G 165 -85.49 -25.83 -35.85
CA SER G 165 -84.88 -26.33 -37.08
C SER G 165 -83.38 -26.69 -36.96
N GLN G 166 -82.85 -27.45 -37.93
CA GLN G 166 -81.41 -27.75 -38.06
C GLN G 166 -80.64 -26.58 -38.70
N GLU G 167 -79.49 -26.19 -38.15
CA GLU G 167 -78.90 -24.87 -38.40
C GLU G 167 -77.37 -24.76 -38.35
N SER G 168 -76.86 -23.68 -38.95
CA SER G 168 -75.51 -23.14 -38.74
C SER G 168 -75.61 -21.77 -38.06
N VAL G 169 -74.76 -21.50 -37.07
CA VAL G 169 -74.71 -20.24 -36.32
C VAL G 169 -73.27 -19.74 -36.12
N THR G 170 -73.09 -18.42 -36.07
CA THR G 170 -71.78 -17.76 -36.10
C THR G 170 -71.71 -16.43 -35.30
N GLU G 171 -70.86 -15.51 -35.76
CA GLU G 171 -70.53 -14.23 -35.15
C GLU G 171 -71.65 -13.15 -35.14
N GLN G 172 -71.27 -11.92 -34.81
CA GLN G 172 -72.15 -10.78 -34.62
C GLN G 172 -73.02 -10.39 -35.82
N ASP G 173 -74.16 -9.77 -35.52
CA ASP G 173 -75.15 -9.25 -36.46
C ASP G 173 -75.84 -7.95 -36.03
N SER G 174 -75.55 -7.40 -34.83
CA SER G 174 -75.97 -6.05 -34.42
C SER G 174 -75.18 -5.56 -33.19
N LYS G 175 -75.22 -4.24 -32.92
CA LYS G 175 -74.45 -3.59 -31.84
C LYS G 175 -74.84 -3.96 -30.40
N ASP G 176 -76.01 -4.55 -30.16
CA ASP G 176 -76.43 -5.05 -28.83
C ASP G 176 -75.68 -6.32 -28.38
N SER G 177 -74.48 -6.59 -28.88
CA SER G 177 -73.83 -7.90 -28.88
C SER G 177 -74.71 -9.02 -29.50
N THR G 178 -75.66 -8.64 -30.37
CA THR G 178 -76.51 -9.56 -31.11
C THR G 178 -75.70 -10.35 -32.16
N TYR G 179 -76.14 -11.57 -32.45
CA TYR G 179 -75.44 -12.54 -33.31
C TYR G 179 -76.40 -13.32 -34.22
N SER G 180 -75.86 -13.93 -35.28
CA SER G 180 -76.62 -14.36 -36.46
C SER G 180 -76.42 -15.83 -36.87
N LEU G 181 -77.46 -16.41 -37.50
CA LEU G 181 -77.57 -17.83 -37.85
C LEU G 181 -78.64 -18.11 -38.92
N SER G 182 -78.67 -19.32 -39.48
CA SER G 182 -79.75 -19.78 -40.38
C SER G 182 -80.00 -21.29 -40.31
N SER G 183 -81.23 -21.71 -40.59
CA SER G 183 -81.76 -23.05 -40.33
C SER G 183 -82.95 -23.46 -41.21
N THR G 184 -83.31 -24.75 -41.16
CA THR G 184 -84.40 -25.32 -41.95
C THR G 184 -84.97 -26.63 -41.39
N LEU G 185 -86.10 -27.07 -41.92
CA LEU G 185 -86.77 -28.31 -41.57
C LEU G 185 -85.98 -29.58 -41.95
N THR G 186 -85.91 -30.54 -41.02
CA THR G 186 -85.19 -31.79 -41.22
C THR G 186 -85.87 -32.71 -42.24
N LEU G 187 -85.13 -33.17 -43.24
CA LEU G 187 -85.61 -34.09 -44.27
C LEU G 187 -84.48 -34.95 -44.86
N SER G 188 -84.83 -36.12 -45.40
CA SER G 188 -83.95 -36.90 -46.27
C SER G 188 -83.70 -36.21 -47.61
N LYS G 189 -82.67 -36.64 -48.36
CA LYS G 189 -82.13 -35.89 -49.51
C LYS G 189 -83.19 -35.46 -50.54
N ALA G 190 -83.94 -36.38 -51.13
CA ALA G 190 -85.08 -36.05 -52.00
C ALA G 190 -86.32 -35.58 -51.24
N ASP G 191 -86.44 -35.90 -49.96
CA ASP G 191 -87.53 -35.48 -49.07
C ASP G 191 -87.63 -33.96 -48.85
N TYR G 192 -86.60 -33.19 -49.20
CA TYR G 192 -86.66 -31.73 -49.21
C TYR G 192 -87.71 -31.19 -50.21
N GLU G 193 -87.82 -31.82 -51.37
CA GLU G 193 -88.92 -31.63 -52.31
C GLU G 193 -90.12 -32.56 -52.05
N LYS G 194 -89.88 -33.81 -51.63
CA LYS G 194 -90.89 -34.87 -51.51
C LYS G 194 -91.73 -34.87 -50.21
N HIS G 195 -91.66 -33.82 -49.39
CA HIS G 195 -92.53 -33.64 -48.22
C HIS G 195 -93.98 -33.28 -48.60
N LYS G 196 -94.92 -33.52 -47.69
CA LYS G 196 -96.33 -33.15 -47.83
C LYS G 196 -96.63 -31.63 -47.93
N VAL G 197 -95.65 -30.80 -47.55
CA VAL G 197 -95.67 -29.33 -47.67
C VAL G 197 -94.24 -28.78 -47.65
N TYR G 198 -94.01 -27.58 -48.20
CA TYR G 198 -92.72 -26.89 -48.13
C TYR G 198 -92.81 -25.48 -47.51
N ALA G 199 -93.80 -25.26 -46.65
CA ALA G 199 -93.95 -24.08 -45.79
C ALA G 199 -92.71 -23.86 -44.90
N CYS G 200 -92.45 -22.60 -44.51
CA CYS G 200 -91.27 -22.24 -43.72
C CYS G 200 -91.56 -21.13 -42.70
N GLU G 201 -90.78 -21.10 -41.62
CA GLU G 201 -91.04 -20.33 -40.40
C GLU G 201 -89.78 -20.06 -39.57
N VAL G 202 -89.88 -19.13 -38.60
CA VAL G 202 -88.85 -18.83 -37.61
C VAL G 202 -89.46 -18.24 -36.33
N THR G 203 -88.76 -18.34 -35.21
CA THR G 203 -89.22 -17.94 -33.88
C THR G 203 -88.13 -17.29 -33.03
N HIS G 204 -88.53 -16.45 -32.07
CA HIS G 204 -87.65 -15.84 -31.09
C HIS G 204 -88.37 -15.63 -29.74
N GLN G 205 -87.63 -15.65 -28.63
CA GLN G 205 -88.19 -15.62 -27.29
C GLN G 205 -88.93 -14.32 -26.93
N GLY G 206 -88.58 -13.20 -27.58
CA GLY G 206 -89.16 -11.87 -27.42
C GLY G 206 -90.22 -11.49 -28.45
N LEU G 207 -90.58 -12.36 -29.37
CA LEU G 207 -91.70 -12.20 -30.28
C LEU G 207 -93.04 -12.54 -29.60
N SER G 208 -94.15 -11.95 -30.05
CA SER G 208 -95.50 -12.31 -29.62
C SER G 208 -95.91 -13.73 -30.04
N SER G 209 -95.28 -14.26 -31.10
CA SER G 209 -95.39 -15.63 -31.60
C SER G 209 -94.29 -15.95 -32.64
N PRO G 210 -94.06 -17.22 -33.00
CA PRO G 210 -93.37 -17.58 -34.23
C PRO G 210 -94.05 -16.99 -35.50
N VAL G 211 -93.27 -16.74 -36.55
CA VAL G 211 -93.73 -16.19 -37.82
C VAL G 211 -93.42 -17.13 -39.01
N THR G 212 -94.31 -17.19 -40.01
CA THR G 212 -94.24 -18.22 -41.05
C THR G 212 -95.04 -17.88 -42.33
N LYS G 213 -94.79 -18.63 -43.42
CA LYS G 213 -95.54 -18.56 -44.67
C LYS G 213 -95.54 -19.91 -45.43
N SER G 214 -96.57 -20.15 -46.25
CA SER G 214 -96.76 -21.41 -46.97
C SER G 214 -96.00 -21.51 -48.31
N PHE G 215 -95.74 -22.74 -48.75
CA PHE G 215 -95.33 -23.03 -50.12
C PHE G 215 -95.53 -24.50 -50.52
N ASN G 216 -95.56 -24.78 -51.82
CA ASN G 216 -95.62 -26.14 -52.38
C ASN G 216 -94.30 -26.91 -52.23
N ARG G 217 -94.39 -28.24 -52.19
CA ARG G 217 -93.26 -29.16 -52.03
C ARG G 217 -92.22 -29.02 -53.16
N GLY G 218 -91.02 -28.54 -52.83
CA GLY G 218 -89.97 -28.24 -53.82
C GLY G 218 -90.30 -27.13 -54.84
N GLU G 219 -91.24 -26.23 -54.52
CA GLU G 219 -91.74 -25.21 -55.44
C GLU G 219 -90.68 -24.16 -55.81
N CYS G 220 -90.47 -23.95 -57.11
CA CYS G 220 -89.50 -23.00 -57.67
C CYS G 220 -89.89 -22.53 -59.09
N GLN H 1 -28.29 -15.95 39.58
CA GLN H 1 -27.42 -14.83 40.00
C GLN H 1 -26.61 -15.13 41.25
N VAL H 2 -27.24 -15.47 42.38
CA VAL H 2 -26.62 -15.58 43.71
C VAL H 2 -25.73 -16.83 43.94
N GLN H 3 -24.98 -17.29 42.94
CA GLN H 3 -24.14 -18.49 42.97
C GLN H 3 -22.90 -18.37 43.88
N LEU H 4 -22.53 -17.15 44.26
CA LEU H 4 -21.58 -16.83 45.33
C LEU H 4 -22.18 -17.09 46.74
N VAL H 5 -22.82 -18.24 46.92
CA VAL H 5 -23.70 -18.53 48.05
C VAL H 5 -22.97 -18.62 49.40
N GLN H 6 -23.70 -18.39 50.48
CA GLN H 6 -23.19 -18.42 51.84
C GLN H 6 -22.74 -19.82 52.29
N SER H 7 -21.68 -19.87 53.09
CA SER H 7 -21.01 -21.09 53.59
C SER H 7 -21.76 -21.81 54.73
N GLY H 8 -23.09 -21.82 54.67
CA GLY H 8 -23.97 -22.52 55.60
C GLY H 8 -24.16 -21.82 56.95
N ALA H 9 -25.19 -22.26 57.67
CA ALA H 9 -25.66 -21.64 58.91
C ALA H 9 -24.63 -21.70 60.06
N GLU H 10 -24.84 -20.83 61.06
CA GLU H 10 -24.06 -20.79 62.31
C GLU H 10 -24.86 -20.18 63.47
N VAL H 11 -24.42 -20.41 64.70
CA VAL H 11 -24.93 -19.77 65.90
C VAL H 11 -23.84 -19.70 66.96
N LYS H 12 -23.96 -18.81 67.92
CA LYS H 12 -22.98 -18.57 68.97
C LYS H 12 -23.65 -17.99 70.24
N LYS H 13 -22.90 -17.94 71.33
CA LYS H 13 -23.37 -17.40 72.61
C LYS H 13 -23.86 -15.94 72.47
N PRO H 14 -24.88 -15.51 73.23
CA PRO H 14 -25.41 -14.14 73.18
C PRO H 14 -24.33 -13.08 73.38
N GLY H 15 -24.20 -12.16 72.42
CA GLY H 15 -23.18 -11.09 72.41
C GLY H 15 -21.77 -11.50 71.97
N ALA H 16 -21.53 -12.76 71.60
CA ALA H 16 -20.26 -13.21 71.03
C ALA H 16 -19.96 -12.60 69.66
N SER H 17 -18.70 -12.65 69.24
CA SER H 17 -18.25 -12.18 67.93
C SER H 17 -18.47 -13.23 66.83
N VAL H 18 -19.69 -13.34 66.31
CA VAL H 18 -20.03 -14.26 65.22
C VAL H 18 -19.35 -13.90 63.88
N GLN H 19 -19.15 -14.88 62.99
CA GLN H 19 -18.52 -14.70 61.68
C GLN H 19 -19.13 -15.61 60.60
N VAL H 20 -18.89 -15.30 59.34
CA VAL H 20 -19.43 -16.00 58.18
C VAL H 20 -18.55 -15.88 56.94
N SER H 21 -18.88 -16.60 55.88
CA SER H 21 -18.18 -16.56 54.59
C SER H 21 -19.11 -16.93 53.43
N CYS H 22 -18.70 -16.64 52.19
CA CYS H 22 -19.46 -16.95 50.98
C CYS H 22 -18.56 -17.21 49.77
N GLN H 23 -19.08 -17.88 48.75
CA GLN H 23 -18.40 -18.10 47.48
C GLN H 23 -18.24 -16.83 46.62
N ALA H 24 -17.65 -16.98 45.43
CA ALA H 24 -17.63 -15.94 44.38
C ALA H 24 -17.91 -16.59 43.00
N SER H 25 -19.19 -16.67 42.64
CA SER H 25 -19.67 -17.24 41.38
C SER H 25 -20.92 -16.52 40.84
N ALA H 26 -21.04 -16.44 39.51
CA ALA H 26 -22.09 -15.74 38.76
C ALA H 26 -22.18 -14.22 39.10
N ASN H 27 -22.76 -13.84 40.23
CA ASN H 27 -22.51 -12.56 40.90
C ASN H 27 -21.11 -12.46 41.54
N THR H 28 -20.09 -13.07 40.92
CA THR H 28 -18.71 -13.02 41.35
C THR H 28 -18.10 -11.62 41.22
N PHE H 29 -17.00 -11.36 41.92
CA PHE H 29 -16.38 -10.03 42.04
C PHE H 29 -16.04 -9.35 40.70
N THR H 30 -15.73 -10.12 39.66
CA THR H 30 -15.45 -9.61 38.32
C THR H 30 -16.69 -9.08 37.57
N ASN H 31 -17.90 -9.49 37.94
CA ASN H 31 -19.14 -9.12 37.26
C ASN H 31 -20.07 -8.23 38.09
N HIS H 32 -20.06 -8.38 39.42
CA HIS H 32 -21.01 -7.71 40.32
C HIS H 32 -20.42 -7.47 41.72
N TYR H 33 -21.10 -6.63 42.51
CA TYR H 33 -20.82 -6.48 43.94
C TYR H 33 -21.34 -7.68 44.75
N ILE H 34 -20.73 -7.93 45.91
CA ILE H 34 -21.31 -8.79 46.94
C ILE H 34 -22.28 -7.97 47.80
N HIS H 35 -23.58 -8.18 47.67
CA HIS H 35 -24.56 -7.58 48.56
C HIS H 35 -24.54 -8.29 49.92
N TRP H 36 -24.52 -7.51 51.01
CA TRP H 36 -24.72 -8.02 52.35
C TRP H 36 -26.21 -8.01 52.65
N VAL H 37 -26.88 -9.14 52.43
CA VAL H 37 -28.33 -9.26 52.59
C VAL H 37 -28.71 -10.60 53.20
N ARG H 38 -29.92 -10.70 53.75
CA ARG H 38 -30.35 -11.85 54.54
C ARG H 38 -31.86 -12.10 54.49
N GLN H 39 -32.28 -13.36 54.66
CA GLN H 39 -33.65 -13.70 55.01
C GLN H 39 -33.96 -13.26 56.45
N ALA H 40 -34.77 -12.22 56.64
CA ALA H 40 -35.10 -11.71 57.97
C ALA H 40 -35.87 -12.75 58.82
N PRO H 41 -35.75 -12.76 60.16
CA PRO H 41 -36.44 -13.73 61.02
C PRO H 41 -37.98 -13.63 61.07
N GLY H 42 -38.57 -12.59 60.46
CA GLY H 42 -40.01 -12.41 60.34
C GLY H 42 -40.48 -11.56 59.16
N GLN H 43 -39.78 -11.60 58.02
CA GLN H 43 -39.98 -10.68 56.88
C GLN H 43 -39.35 -11.19 55.58
N GLY H 44 -39.36 -10.35 54.54
CA GLY H 44 -38.64 -10.56 53.27
C GLY H 44 -37.11 -10.41 53.38
N LEU H 45 -36.47 -10.04 52.27
CA LEU H 45 -35.02 -9.76 52.21
C LEU H 45 -34.64 -8.49 53.02
N GLU H 46 -33.91 -8.67 54.12
CA GLU H 46 -33.25 -7.61 54.88
C GLU H 46 -31.88 -7.24 54.28
N TRP H 47 -31.46 -5.99 54.46
CA TRP H 47 -30.29 -5.43 53.77
C TRP H 47 -29.30 -4.79 54.75
N MET H 48 -28.09 -5.36 54.83
CA MET H 48 -27.01 -4.91 55.71
C MET H 48 -25.99 -4.00 55.02
N GLY H 49 -25.85 -4.05 53.69
CA GLY H 49 -24.83 -3.27 52.97
C GLY H 49 -24.48 -3.79 51.58
N ILE H 50 -23.44 -3.20 50.97
CA ILE H 50 -22.86 -3.57 49.67
C ILE H 50 -21.33 -3.58 49.79
N ILE H 51 -20.67 -4.56 49.17
CA ILE H 51 -19.22 -4.74 49.19
C ILE H 51 -18.70 -5.00 47.77
N TYR H 52 -17.52 -4.51 47.45
CA TYR H 52 -16.75 -4.96 46.28
C TYR H 52 -15.50 -5.71 46.77
N PRO H 53 -15.34 -7.01 46.46
CA PRO H 53 -14.13 -7.76 46.82
C PRO H 53 -12.89 -7.17 46.13
N THR H 54 -12.97 -6.89 44.83
CA THR H 54 -12.01 -6.08 44.09
C THR H 54 -11.93 -4.67 44.69
N GLY H 55 -10.82 -4.31 45.32
CA GLY H 55 -10.62 -3.01 45.95
C GLY H 55 -11.10 -2.90 47.40
N GLY H 56 -11.84 -3.88 47.93
CA GLY H 56 -12.25 -3.93 49.34
C GLY H 56 -13.15 -2.78 49.79
N ASN H 57 -13.98 -2.23 48.90
CA ASN H 57 -14.91 -1.15 49.22
C ASN H 57 -16.10 -1.71 50.00
N THR H 58 -16.54 -1.06 51.08
CA THR H 58 -17.71 -1.52 51.86
C THR H 58 -18.59 -0.38 52.34
N ILE H 59 -19.91 -0.58 52.28
CA ILE H 59 -20.93 0.35 52.78
C ILE H 59 -21.99 -0.45 53.53
N TYR H 60 -22.57 0.12 54.59
CA TYR H 60 -23.49 -0.59 55.50
C TYR H 60 -24.75 0.21 55.83
N ALA H 61 -25.86 -0.48 56.06
CA ALA H 61 -27.08 0.07 56.65
C ALA H 61 -26.91 0.34 58.17
N GLN H 62 -27.60 1.35 58.69
CA GLN H 62 -27.32 1.91 60.03
C GLN H 62 -27.57 0.95 61.20
N GLY H 63 -28.46 -0.03 61.05
CA GLY H 63 -28.69 -1.09 62.05
C GLY H 63 -27.56 -2.11 62.18
N PHE H 64 -26.66 -2.16 61.20
CA PHE H 64 -25.52 -3.09 61.11
C PHE H 64 -24.17 -2.36 61.20
N GLN H 65 -24.08 -1.14 60.68
CA GLN H 65 -22.85 -0.34 60.58
C GLN H 65 -22.12 -0.11 61.93
N GLY H 66 -22.86 -0.09 63.04
CA GLY H 66 -22.31 0.02 64.40
C GLY H 66 -21.63 -1.25 64.96
N ARG H 67 -21.59 -2.37 64.24
CA ARG H 67 -20.99 -3.62 64.72
C ARG H 67 -20.48 -4.61 63.64
N VAL H 68 -21.06 -4.62 62.44
CA VAL H 68 -20.68 -5.49 61.33
C VAL H 68 -19.36 -5.02 60.68
N THR H 69 -18.53 -5.97 60.27
CA THR H 69 -17.33 -5.72 59.47
C THR H 69 -17.09 -6.88 58.49
N MET H 70 -16.46 -6.61 57.35
CA MET H 70 -16.37 -7.54 56.22
C MET H 70 -14.97 -7.50 55.59
N THR H 71 -14.61 -8.51 54.79
CA THR H 71 -13.32 -8.58 54.11
C THR H 71 -13.37 -9.18 52.70
N ARG H 72 -12.46 -8.74 51.84
CA ARG H 72 -12.34 -9.15 50.45
C ARG H 72 -11.61 -10.49 50.29
N ASP H 73 -12.32 -11.58 50.58
CA ASP H 73 -11.87 -12.97 50.37
C ASP H 73 -11.74 -13.37 48.89
N THR H 74 -11.62 -12.43 47.96
CA THR H 74 -11.50 -12.64 46.52
C THR H 74 -10.24 -13.39 46.12
N SER H 75 -9.17 -13.26 46.91
CA SER H 75 -7.96 -14.08 46.80
C SER H 75 -8.19 -15.57 47.09
N LEU H 76 -9.29 -15.91 47.78
CA LEU H 76 -9.82 -17.26 47.95
C LEU H 76 -11.06 -17.54 47.09
N ASN H 77 -11.36 -16.68 46.09
CA ASN H 77 -12.61 -16.67 45.32
C ASN H 77 -13.86 -16.73 46.22
N THR H 78 -13.92 -15.81 47.19
CA THR H 78 -14.92 -15.79 48.25
C THR H 78 -15.20 -14.37 48.79
N ILE H 79 -16.01 -14.28 49.84
CA ILE H 79 -16.19 -13.12 50.71
C ILE H 79 -16.13 -13.53 52.18
N TYR H 80 -15.69 -12.63 53.06
CA TYR H 80 -15.59 -12.85 54.50
C TYR H 80 -16.46 -11.85 55.28
N LEU H 81 -17.03 -12.29 56.40
CA LEU H 81 -17.99 -11.54 57.21
C LEU H 81 -17.78 -11.71 58.72
N GLU H 82 -18.12 -10.68 59.50
CA GLU H 82 -18.01 -10.64 60.96
C GLU H 82 -19.00 -9.66 61.62
N LEU H 83 -19.26 -9.86 62.90
CA LEU H 83 -20.07 -9.01 63.76
C LEU H 83 -19.76 -9.22 65.25
N SER H 84 -20.25 -8.33 66.11
CA SER H 84 -20.13 -8.40 67.57
C SER H 84 -21.42 -7.92 68.27
N SER H 85 -21.62 -8.24 69.55
CA SER H 85 -22.85 -7.91 70.28
C SER H 85 -24.14 -8.46 69.66
N LEU H 86 -24.06 -9.53 68.87
CA LEU H 86 -25.19 -10.11 68.16
C LEU H 86 -26.25 -10.73 69.09
N ARG H 87 -27.51 -10.64 68.66
CA ARG H 87 -28.67 -11.29 69.26
C ARG H 87 -29.58 -11.87 68.18
N SER H 88 -30.48 -12.78 68.57
CA SER H 88 -31.30 -13.54 67.62
C SER H 88 -32.21 -12.71 66.71
N GLU H 89 -32.56 -11.48 67.11
CA GLU H 89 -33.28 -10.54 66.26
C GLU H 89 -32.44 -10.04 65.06
N ASP H 90 -31.15 -9.75 65.28
CA ASP H 90 -30.16 -9.39 64.25
C ASP H 90 -29.65 -10.58 63.43
N THR H 91 -29.91 -11.80 63.91
CA THR H 91 -29.54 -13.07 63.28
C THR H 91 -30.35 -13.44 62.04
N ALA H 92 -30.58 -12.48 61.13
CA ALA H 92 -31.12 -12.75 59.79
C ALA H 92 -30.23 -13.75 59.04
N VAL H 93 -30.80 -14.54 58.13
CA VAL H 93 -30.08 -15.55 57.36
C VAL H 93 -29.20 -14.92 56.27
N TYR H 94 -28.06 -14.36 56.68
CA TYR H 94 -27.15 -13.54 55.89
C TYR H 94 -26.26 -14.33 54.92
N TYR H 95 -26.06 -13.79 53.72
CA TYR H 95 -25.22 -14.37 52.68
C TYR H 95 -24.68 -13.31 51.71
N CYS H 96 -23.75 -13.71 50.83
CA CYS H 96 -23.31 -12.92 49.69
C CYS H 96 -24.40 -12.89 48.61
N ALA H 97 -25.36 -11.99 48.79
CA ALA H 97 -26.45 -11.76 47.87
C ALA H 97 -26.00 -11.10 46.55
N ARG H 98 -26.76 -11.30 45.48
CA ARG H 98 -26.42 -10.83 44.14
C ARG H 98 -26.68 -9.33 43.95
N ASP H 99 -25.75 -8.49 44.42
CA ASP H 99 -25.73 -7.05 44.15
C ASP H 99 -25.48 -6.81 42.67
N VAL H 100 -26.56 -6.75 41.90
CA VAL H 100 -26.58 -7.04 40.47
C VAL H 100 -25.62 -6.17 39.64
N ARG H 101 -25.20 -6.67 38.47
CA ARG H 101 -24.32 -5.98 37.51
C ARG H 101 -25.01 -4.83 36.73
N VAL H 102 -25.88 -4.08 37.39
CA VAL H 102 -26.71 -3.02 36.81
C VAL H 102 -25.96 -1.77 36.35
N ASP H 103 -24.63 -1.73 36.49
CA ASP H 103 -23.80 -0.55 36.27
C ASP H 103 -23.82 -0.03 34.82
N ASP H 104 -23.84 1.30 34.68
CA ASP H 104 -23.76 2.01 33.40
C ASP H 104 -22.35 1.95 32.79
N SER H 105 -22.08 2.79 31.79
CA SER H 105 -20.82 2.81 31.03
C SER H 105 -19.57 3.25 31.81
N TRP H 106 -19.67 3.62 33.09
CA TRP H 106 -18.52 4.00 33.91
C TRP H 106 -17.62 2.77 34.22
N SER H 107 -16.36 3.02 34.60
CA SER H 107 -15.43 2.00 35.14
C SER H 107 -14.99 2.32 36.57
N GLY H 108 -14.64 1.31 37.38
CA GLY H 108 -14.29 1.52 38.79
C GLY H 108 -15.50 1.61 39.72
N TYR H 109 -15.26 1.93 40.99
CA TYR H 109 -16.22 1.72 42.07
C TYR H 109 -17.38 2.73 42.08
N ASP H 110 -18.57 2.27 42.45
CA ASP H 110 -19.72 3.13 42.71
C ASP H 110 -20.60 2.62 43.87
N LEU H 111 -19.99 2.03 44.89
CA LEU H 111 -20.68 1.33 45.98
C LEU H 111 -21.68 2.16 46.80
N LEU H 112 -21.63 3.49 46.68
CA LEU H 112 -22.62 4.43 47.25
C LEU H 112 -23.92 4.58 46.44
N SER H 113 -24.00 4.02 45.24
CA SER H 113 -25.17 4.10 44.35
C SER H 113 -26.15 2.94 44.58
N GLY H 114 -27.44 3.14 44.29
CA GLY H 114 -28.48 2.11 44.48
C GLY H 114 -28.76 1.77 45.95
N GLY H 115 -29.22 0.57 46.22
CA GLY H 115 -29.67 0.09 47.54
C GLY H 115 -29.31 -1.35 47.85
N THR H 116 -29.35 -1.75 49.12
CA THR H 116 -28.79 -3.01 49.61
C THR H 116 -29.56 -4.30 49.26
N TYR H 117 -30.77 -4.22 48.70
CA TYR H 117 -31.51 -5.34 48.10
C TYR H 117 -30.81 -5.91 46.84
N PHE H 118 -31.10 -7.16 46.50
CA PHE H 118 -30.30 -7.95 45.55
C PHE H 118 -31.14 -8.83 44.62
N ASP H 119 -30.52 -9.34 43.56
CA ASP H 119 -31.11 -10.25 42.57
C ASP H 119 -31.58 -11.58 43.19
N TYR H 120 -30.79 -12.12 44.13
CA TYR H 120 -31.17 -13.19 45.04
C TYR H 120 -30.35 -13.10 46.33
N TRP H 121 -30.87 -13.59 47.46
CA TRP H 121 -30.25 -13.42 48.78
C TRP H 121 -29.09 -14.39 49.11
N GLY H 122 -28.35 -14.86 48.11
CA GLY H 122 -27.09 -15.60 48.29
C GLY H 122 -27.20 -16.95 48.99
N GLN H 123 -28.34 -17.63 48.90
CA GLN H 123 -28.67 -18.85 49.65
C GLN H 123 -28.68 -18.69 51.20
N GLY H 124 -28.59 -17.46 51.72
CA GLY H 124 -28.84 -17.06 53.12
C GLY H 124 -28.48 -18.05 54.23
N THR H 125 -27.21 -18.08 54.64
CA THR H 125 -26.77 -18.90 55.76
C THR H 125 -27.48 -18.49 57.07
N LEU H 126 -28.15 -19.42 57.73
CA LEU H 126 -28.96 -19.12 58.90
C LEU H 126 -28.12 -18.60 60.10
N VAL H 127 -28.77 -17.87 61.00
CA VAL H 127 -28.15 -17.24 62.17
C VAL H 127 -29.05 -17.31 63.40
N THR H 128 -28.44 -17.31 64.59
CA THR H 128 -29.15 -17.37 65.87
C THR H 128 -28.27 -16.97 67.05
N VAL H 129 -28.88 -16.65 68.19
CA VAL H 129 -28.22 -16.44 69.47
C VAL H 129 -28.53 -17.57 70.46
N SER H 130 -27.50 -18.22 71.01
CA SER H 130 -27.56 -19.41 71.85
C SER H 130 -28.04 -19.17 73.30
N SER H 131 -29.25 -18.64 73.47
CA SER H 131 -29.90 -18.37 74.77
C SER H 131 -30.20 -19.62 75.62
N ALA H 132 -30.27 -20.80 74.99
CA ALA H 132 -30.31 -22.11 75.64
C ALA H 132 -29.46 -23.12 74.85
N SER H 133 -29.10 -24.27 75.44
CA SER H 133 -28.20 -25.23 74.79
C SER H 133 -28.71 -25.74 73.42
N THR H 134 -27.82 -25.83 72.43
CA THR H 134 -28.15 -26.24 71.06
C THR H 134 -28.32 -27.75 70.84
N LYS H 135 -28.34 -28.57 71.90
CA LYS H 135 -28.54 -30.02 71.86
C LYS H 135 -29.97 -30.46 71.47
N GLY H 136 -30.16 -31.75 71.20
CA GLY H 136 -31.46 -32.34 70.86
C GLY H 136 -32.52 -32.11 71.95
N PRO H 137 -33.68 -31.49 71.64
CA PRO H 137 -34.67 -31.15 72.65
C PRO H 137 -35.23 -32.36 73.41
N SER H 138 -35.53 -32.15 74.69
CA SER H 138 -36.44 -32.97 75.48
C SER H 138 -37.90 -32.75 75.04
N VAL H 139 -38.83 -33.51 75.63
CA VAL H 139 -40.25 -33.34 75.37
C VAL H 139 -41.16 -33.70 76.54
N PHE H 140 -42.26 -32.95 76.69
CA PHE H 140 -43.33 -33.19 77.65
C PHE H 140 -44.59 -33.67 76.92
N PRO H 141 -45.10 -34.90 77.17
CA PRO H 141 -46.13 -35.52 76.33
C PRO H 141 -47.45 -34.75 76.20
N LEU H 142 -48.12 -34.94 75.06
CA LEU H 142 -49.28 -34.16 74.63
C LEU H 142 -50.34 -34.93 73.80
N ALA H 143 -50.50 -36.23 74.02
CA ALA H 143 -51.51 -37.05 73.30
C ALA H 143 -52.94 -36.91 73.88
N PRO H 144 -54.00 -37.26 73.13
CA PRO H 144 -55.38 -37.04 73.53
C PRO H 144 -55.85 -37.82 74.76
N SER H 145 -57.01 -37.44 75.28
CA SER H 145 -57.81 -38.26 76.19
C SER H 145 -58.73 -39.24 75.44
N SER H 146 -59.31 -40.20 76.16
CA SER H 146 -60.14 -41.28 75.60
C SER H 146 -61.41 -40.83 74.85
N LYS H 147 -61.84 -39.57 75.03
CA LYS H 147 -62.92 -38.94 74.26
C LYS H 147 -62.59 -38.69 72.78
N SER H 148 -61.33 -38.83 72.37
CA SER H 148 -60.84 -38.65 70.99
C SER H 148 -59.69 -39.60 70.59
N THR H 149 -58.92 -40.09 71.56
CA THR H 149 -57.79 -41.00 71.38
C THR H 149 -58.19 -42.38 70.82
N SER H 150 -57.22 -43.06 70.20
CA SER H 150 -57.37 -44.38 69.60
C SER H 150 -58.56 -44.47 68.62
N GLY H 151 -58.77 -43.43 67.82
CA GLY H 151 -59.94 -43.24 66.98
C GLY H 151 -59.93 -41.91 66.20
N GLY H 152 -61.10 -41.28 66.03
CA GLY H 152 -61.32 -40.13 65.14
C GLY H 152 -60.54 -38.83 65.43
N THR H 153 -59.83 -38.72 66.56
CA THR H 153 -58.92 -37.61 66.87
C THR H 153 -57.53 -38.06 67.38
N ALA H 154 -57.10 -39.29 67.09
CA ALA H 154 -55.82 -39.84 67.55
C ALA H 154 -54.59 -38.99 67.14
N ALA H 155 -53.71 -38.75 68.10
CA ALA H 155 -52.50 -37.94 67.98
C ALA H 155 -51.47 -38.35 69.04
N LEU H 156 -50.23 -37.91 68.87
CA LEU H 156 -49.07 -38.41 69.61
C LEU H 156 -47.95 -37.36 69.71
N GLY H 157 -46.89 -37.69 70.44
CA GLY H 157 -45.73 -36.82 70.67
C GLY H 157 -45.90 -35.88 71.88
N CYS H 158 -45.06 -34.85 71.91
CA CYS H 158 -44.86 -33.96 73.05
C CYS H 158 -44.47 -32.53 72.64
N LEU H 159 -44.68 -31.56 73.53
CA LEU H 159 -44.13 -30.21 73.39
C LEU H 159 -42.62 -30.20 73.70
N VAL H 160 -41.81 -29.45 72.96
CA VAL H 160 -40.36 -29.40 73.10
C VAL H 160 -39.86 -28.78 74.43
N LYS H 161 -38.64 -29.14 74.85
CA LYS H 161 -38.03 -28.73 76.12
C LYS H 161 -36.50 -28.80 76.12
N ASP H 162 -35.86 -28.18 77.12
CA ASP H 162 -34.44 -28.35 77.47
C ASP H 162 -33.40 -28.07 76.37
N TYR H 163 -33.77 -27.34 75.33
CA TYR H 163 -32.86 -26.89 74.28
C TYR H 163 -33.40 -25.65 73.58
N PHE H 164 -32.53 -24.88 72.92
CA PHE H 164 -32.92 -23.74 72.08
C PHE H 164 -33.62 -24.12 70.76
N PRO H 165 -33.18 -25.17 70.02
CA PRO H 165 -33.82 -25.57 68.76
C PRO H 165 -35.26 -26.07 68.92
N GLU H 166 -36.05 -25.91 67.86
CA GLU H 166 -37.43 -26.41 67.80
C GLU H 166 -37.58 -27.94 67.74
N PRO H 167 -36.80 -28.69 66.94
CA PRO H 167 -37.11 -30.10 66.63
C PRO H 167 -36.88 -31.11 67.76
N VAL H 168 -37.82 -31.19 68.71
CA VAL H 168 -38.07 -32.41 69.47
C VAL H 168 -38.70 -33.43 68.51
N THR H 169 -37.86 -34.05 67.69
CA THR H 169 -38.19 -34.68 66.41
C THR H 169 -38.92 -36.03 66.47
N VAL H 170 -39.88 -36.16 67.37
CA VAL H 170 -40.67 -37.35 67.63
C VAL H 170 -41.68 -37.71 66.53
N SER H 171 -42.16 -36.74 65.75
CA SER H 171 -43.12 -36.93 64.64
C SER H 171 -44.39 -37.70 65.03
N TRP H 172 -44.94 -37.46 66.22
CA TRP H 172 -45.93 -38.29 66.93
C TRP H 172 -45.40 -39.67 67.38
N ASN H 173 -44.74 -40.41 66.49
CA ASN H 173 -43.89 -41.55 66.82
C ASN H 173 -42.86 -41.79 65.71
N SER H 174 -41.59 -41.96 66.07
CA SER H 174 -40.49 -42.15 65.14
C SER H 174 -40.67 -43.45 64.33
N GLY H 175 -40.78 -43.30 63.01
CA GLY H 175 -41.01 -44.37 62.03
C GLY H 175 -42.45 -44.91 61.96
N ALA H 176 -43.21 -44.87 63.05
CA ALA H 176 -44.59 -45.37 63.08
C ALA H 176 -45.62 -44.35 62.56
N LEU H 177 -45.51 -43.07 62.93
CA LEU H 177 -46.33 -42.00 62.38
C LEU H 177 -45.77 -41.41 61.08
N THR H 178 -46.64 -40.88 60.22
CA THR H 178 -46.30 -40.29 58.92
C THR H 178 -47.40 -39.34 58.40
N SER H 179 -48.65 -39.83 58.31
CA SER H 179 -49.81 -38.99 58.00
C SER H 179 -50.11 -38.02 59.16
N GLY H 180 -50.12 -36.71 58.90
CA GLY H 180 -50.23 -35.68 59.93
C GLY H 180 -49.02 -35.56 60.86
N VAL H 181 -47.85 -36.10 60.49
CA VAL H 181 -46.63 -36.07 61.31
C VAL H 181 -45.97 -34.69 61.46
N HIS H 182 -46.40 -33.67 60.71
CA HIS H 182 -45.93 -32.30 60.88
C HIS H 182 -46.32 -31.71 62.24
N THR H 183 -45.49 -30.81 62.77
CA THR H 183 -45.54 -30.33 64.14
C THR H 183 -45.02 -28.88 64.24
N PHE H 184 -45.38 -28.15 65.30
CA PHE H 184 -45.06 -26.73 65.43
C PHE H 184 -43.56 -26.43 65.63
N PRO H 185 -42.98 -25.47 64.89
CA PRO H 185 -41.68 -24.87 65.18
C PRO H 185 -41.58 -24.23 66.58
N ALA H 186 -40.40 -23.74 66.93
CA ALA H 186 -40.11 -23.14 68.24
C ALA H 186 -41.07 -22.00 68.62
N VAL H 187 -41.32 -21.87 69.92
CA VAL H 187 -41.90 -20.69 70.58
C VAL H 187 -41.17 -20.43 71.92
N LEU H 188 -41.14 -19.20 72.40
CA LEU H 188 -40.25 -18.83 73.51
C LEU H 188 -40.70 -19.39 74.87
N GLN H 189 -39.87 -20.25 75.47
CA GLN H 189 -39.86 -20.53 76.91
C GLN H 189 -39.21 -19.39 77.71
N SER H 190 -39.48 -19.31 79.01
CA SER H 190 -38.91 -18.29 79.91
C SER H 190 -37.39 -18.41 80.11
N SER H 191 -36.81 -19.61 79.99
CA SER H 191 -35.37 -19.83 79.93
C SER H 191 -34.76 -19.68 78.52
N GLY H 192 -35.55 -19.22 77.54
CA GLY H 192 -35.12 -19.04 76.14
C GLY H 192 -35.04 -20.32 75.30
N LEU H 193 -35.42 -21.48 75.86
CA LEU H 193 -35.60 -22.73 75.12
C LEU H 193 -36.78 -22.68 74.14
N TYR H 194 -36.84 -23.62 73.21
CA TYR H 194 -37.96 -23.80 72.30
C TYR H 194 -39.07 -24.64 72.93
N SER H 195 -40.16 -23.99 73.34
CA SER H 195 -41.44 -24.60 73.72
C SER H 195 -42.31 -24.98 72.50
N LEU H 196 -41.71 -25.60 71.48
CA LEU H 196 -42.38 -25.96 70.22
C LEU H 196 -43.55 -26.93 70.42
N SER H 197 -44.68 -26.70 69.75
CA SER H 197 -45.88 -27.55 69.82
C SER H 197 -45.76 -28.81 68.95
N SER H 198 -44.76 -29.66 69.25
CA SER H 198 -44.27 -30.76 68.41
C SER H 198 -45.13 -32.03 68.33
N VAL H 199 -46.40 -31.97 68.73
CA VAL H 199 -47.38 -33.05 68.56
C VAL H 199 -47.78 -33.25 67.09
N VAL H 200 -48.22 -34.47 66.74
CA VAL H 200 -48.57 -34.87 65.37
C VAL H 200 -49.59 -36.02 65.36
N THR H 201 -50.20 -36.32 64.22
CA THR H 201 -51.03 -37.51 64.05
C THR H 201 -50.18 -38.80 64.04
N VAL H 202 -50.69 -39.88 64.63
CA VAL H 202 -50.01 -41.18 64.79
C VAL H 202 -50.99 -42.34 64.96
N PRO H 203 -50.57 -43.62 64.86
CA PRO H 203 -51.45 -44.80 64.87
C PRO H 203 -52.31 -44.90 66.14
N SER H 204 -53.54 -45.41 66.02
CA SER H 204 -54.52 -45.43 67.12
C SER H 204 -54.03 -46.16 68.38
N SER H 205 -53.35 -47.29 68.22
CA SER H 205 -52.76 -48.03 69.34
C SER H 205 -51.65 -47.25 70.06
N SER H 206 -50.91 -46.41 69.33
CA SER H 206 -49.86 -45.51 69.81
C SER H 206 -50.35 -44.09 70.16
N LEU H 207 -51.68 -43.89 70.21
CA LEU H 207 -52.30 -42.59 70.36
C LEU H 207 -53.64 -42.68 71.09
N GLY H 208 -53.74 -43.56 72.08
CA GLY H 208 -54.92 -43.73 72.94
C GLY H 208 -54.98 -45.04 73.72
N THR H 209 -54.49 -46.13 73.14
CA THR H 209 -54.29 -47.40 73.84
C THR H 209 -53.06 -47.37 74.75
N GLN H 210 -51.91 -46.96 74.19
CA GLN H 210 -50.65 -46.71 74.88
C GLN H 210 -49.89 -45.54 74.21
N THR H 211 -48.77 -45.09 74.79
CA THR H 211 -47.90 -44.10 74.16
C THR H 211 -47.09 -44.67 73.00
N TYR H 212 -47.02 -43.92 71.89
CA TYR H 212 -46.08 -44.14 70.79
C TYR H 212 -44.64 -43.75 71.14
N ILE H 213 -43.67 -44.24 70.37
CA ILE H 213 -42.23 -43.99 70.53
C ILE H 213 -41.77 -42.62 69.99
N CYS H 214 -42.12 -41.54 70.68
CA CYS H 214 -41.80 -40.14 70.35
C CYS H 214 -40.32 -39.75 70.57
N ASN H 215 -39.37 -40.57 70.09
CA ASN H 215 -37.93 -40.36 70.26
C ASN H 215 -37.43 -39.06 69.63
N VAL H 216 -36.92 -38.12 70.44
CA VAL H 216 -36.68 -36.72 70.07
C VAL H 216 -35.41 -36.45 69.24
N ASN H 217 -35.00 -37.35 68.35
CA ASN H 217 -33.77 -37.27 67.55
C ASN H 217 -33.71 -36.04 66.62
N HIS H 218 -33.23 -34.90 67.12
CA HIS H 218 -33.28 -33.61 66.44
C HIS H 218 -32.28 -33.49 65.28
N LYS H 219 -32.75 -33.07 64.11
CA LYS H 219 -31.91 -32.81 62.93
C LYS H 219 -30.91 -31.65 63.08
N PRO H 220 -31.28 -30.43 63.52
CA PRO H 220 -30.31 -29.35 63.70
C PRO H 220 -29.53 -29.48 65.02
N SER H 221 -30.09 -30.21 66.01
CA SER H 221 -29.55 -30.25 67.38
C SER H 221 -28.67 -31.47 67.71
N ASN H 222 -28.65 -32.51 66.86
CA ASN H 222 -27.69 -33.63 66.93
C ASN H 222 -27.69 -34.42 68.26
N THR H 223 -28.86 -34.64 68.83
CA THR H 223 -29.10 -35.43 70.03
C THR H 223 -30.55 -35.90 70.07
N LYS H 224 -30.88 -36.82 70.99
CA LYS H 224 -32.20 -37.42 71.12
C LYS H 224 -32.62 -37.59 72.59
N VAL H 225 -33.91 -37.78 72.84
CA VAL H 225 -34.47 -37.97 74.18
C VAL H 225 -35.67 -38.91 74.16
N ASP H 226 -35.92 -39.58 75.28
CA ASP H 226 -36.92 -40.64 75.43
C ASP H 226 -38.37 -40.15 75.59
N LYS H 227 -38.77 -39.12 74.85
CA LYS H 227 -40.16 -38.64 74.79
C LYS H 227 -41.13 -39.71 74.27
N LYS H 228 -42.42 -39.52 74.55
CA LYS H 228 -43.48 -40.48 74.29
C LYS H 228 -44.83 -39.81 74.00
N VAL H 229 -45.73 -40.55 73.36
CA VAL H 229 -47.09 -40.10 73.04
C VAL H 229 -48.10 -40.37 74.17
N GLU H 230 -47.78 -40.05 75.42
CA GLU H 230 -48.54 -40.43 76.63
C GLU H 230 -50.00 -39.94 76.68
N PRO H 231 -51.02 -40.83 76.56
CA PRO H 231 -52.44 -40.43 76.50
C PRO H 231 -53.09 -40.19 77.88
N LYS H 232 -54.21 -39.46 77.86
CA LYS H 232 -55.15 -39.26 78.97
C LYS H 232 -54.50 -38.91 80.31
N ASP I 1 -34.75 7.76 54.05
CA ASP I 1 -36.01 6.99 54.02
C ASP I 1 -36.24 6.31 52.66
N ILE I 2 -36.49 5.00 52.66
CA ILE I 2 -36.83 4.17 51.49
C ILE I 2 -37.68 2.95 51.90
N VAL I 3 -38.60 3.14 52.85
CA VAL I 3 -39.41 2.05 53.42
C VAL I 3 -40.35 1.40 52.38
N MET I 4 -40.38 0.06 52.36
CA MET I 4 -41.42 -0.75 51.71
C MET I 4 -42.59 -1.06 52.66
N THR I 5 -43.79 -1.16 52.11
CA THR I 5 -45.08 -1.46 52.78
C THR I 5 -45.95 -2.32 51.86
N GLN I 6 -46.93 -3.07 52.37
CA GLN I 6 -47.83 -3.89 51.53
C GLN I 6 -49.27 -3.96 52.05
N SER I 7 -50.21 -4.30 51.16
CA SER I 7 -51.65 -4.35 51.43
C SER I 7 -52.27 -5.74 51.74
N PRO I 8 -52.00 -6.83 50.97
CA PRO I 8 -52.87 -8.01 50.98
C PRO I 8 -52.56 -9.09 52.03
N ASP I 9 -51.29 -9.28 52.41
CA ASP I 9 -50.80 -10.42 53.23
C ASP I 9 -51.16 -11.81 52.65
N SER I 10 -50.94 -12.89 53.40
CA SER I 10 -51.33 -14.26 52.99
C SER I 10 -52.87 -14.44 52.98
N LEU I 11 -53.41 -15.20 52.01
CA LEU I 11 -54.83 -15.57 52.00
C LEU I 11 -55.24 -16.51 53.15
N ALA I 12 -56.52 -16.43 53.53
CA ALA I 12 -57.18 -17.27 54.52
C ALA I 12 -58.64 -17.58 54.09
N VAL I 13 -58.80 -18.30 52.98
CA VAL I 13 -60.07 -18.53 52.29
C VAL I 13 -60.16 -19.95 51.71
N SER I 14 -61.10 -20.19 50.79
CA SER I 14 -61.20 -21.45 50.02
C SER I 14 -60.03 -21.65 49.03
N LEU I 15 -59.75 -22.91 48.63
CA LEU I 15 -58.63 -23.24 47.72
C LEU I 15 -58.82 -22.67 46.30
N GLY I 16 -57.75 -22.15 45.70
CA GLY I 16 -57.80 -21.49 44.39
C GLY I 16 -58.46 -20.10 44.36
N GLU I 17 -58.78 -19.51 45.51
CA GLU I 17 -59.33 -18.16 45.60
C GLU I 17 -58.36 -17.11 45.00
N ARG I 18 -58.80 -16.37 43.98
CA ARG I 18 -57.96 -15.40 43.28
C ARG I 18 -57.50 -14.21 44.14
N ALA I 19 -56.37 -13.61 43.78
CA ALA I 19 -55.76 -12.47 44.47
C ALA I 19 -54.83 -11.66 43.55
N THR I 20 -54.47 -10.44 43.96
CA THR I 20 -53.33 -9.70 43.41
C THR I 20 -52.42 -9.20 44.54
N ILE I 21 -51.12 -9.30 44.32
CA ILE I 21 -50.13 -8.68 45.21
C ILE I 21 -50.21 -7.15 45.03
N ASN I 22 -50.25 -6.36 46.11
CA ASN I 22 -50.09 -4.89 46.03
C ASN I 22 -49.11 -4.40 47.11
N CYS I 23 -48.15 -3.59 46.71
CA CYS I 23 -47.01 -3.15 47.52
C CYS I 23 -46.69 -1.68 47.27
N ARG I 24 -46.11 -0.98 48.24
CA ARG I 24 -46.03 0.47 48.26
C ARG I 24 -44.75 1.00 48.91
N SER I 25 -44.34 2.19 48.49
CA SER I 25 -43.09 2.82 48.91
C SER I 25 -43.29 4.27 49.37
N SER I 26 -42.50 4.68 50.36
CA SER I 26 -42.72 5.92 51.11
C SER I 26 -42.78 7.20 50.26
N GLN I 27 -41.79 7.44 49.40
CA GLN I 27 -41.74 8.61 48.50
C GLN I 27 -40.68 8.45 47.38
N SER I 28 -40.76 9.31 46.35
CA SER I 28 -39.73 9.62 45.32
C SER I 28 -39.12 8.48 44.47
N VAL I 29 -39.52 7.21 44.65
CA VAL I 29 -38.91 6.01 44.02
C VAL I 29 -38.91 6.05 42.49
N LEU I 30 -39.89 6.73 41.90
CA LEU I 30 -40.02 7.12 40.49
C LEU I 30 -38.90 8.08 40.03
N TYR I 31 -37.66 7.59 40.01
CA TYR I 31 -36.45 8.37 39.74
C TYR I 31 -36.50 9.16 38.42
N SER I 32 -35.93 10.36 38.41
CA SER I 32 -36.19 11.39 37.41
C SER I 32 -35.46 11.20 36.08
N ASN I 34 -33.69 9.06 34.31
CA ASN I 34 -33.78 7.84 33.50
C ASN I 34 -35.17 7.17 33.58
N ASN I 35 -36.14 7.80 34.24
CA ASN I 35 -37.50 7.27 34.48
C ASN I 35 -37.53 5.89 35.18
N GLU I 36 -36.40 5.41 35.69
CA GLU I 36 -36.14 3.99 35.87
C GLU I 36 -36.80 3.34 37.08
N ASN I 37 -37.48 4.13 37.92
CA ASN I 37 -38.37 3.70 39.01
C ASN I 37 -37.80 2.52 39.85
N TYR I 38 -36.87 2.83 40.76
CA TYR I 38 -35.98 1.86 41.41
C TYR I 38 -36.62 1.03 42.55
N LEU I 39 -37.56 0.15 42.19
CA LEU I 39 -38.06 -0.96 43.02
C LEU I 39 -38.31 -2.22 42.17
N ALA I 40 -38.35 -3.38 42.80
CA ALA I 40 -38.45 -4.67 42.13
C ALA I 40 -39.28 -5.69 42.93
N TRP I 41 -39.98 -6.58 42.24
CA TRP I 41 -40.70 -7.69 42.86
C TRP I 41 -39.77 -8.81 43.28
N TYR I 42 -40.11 -9.58 44.32
CA TYR I 42 -39.38 -10.77 44.75
C TYR I 42 -40.32 -11.88 45.21
N GLN I 43 -39.83 -13.13 45.29
CA GLN I 43 -40.54 -14.26 45.90
C GLN I 43 -39.61 -15.32 46.50
N GLN I 44 -40.10 -16.06 47.48
CA GLN I 44 -39.47 -17.25 48.06
C GLN I 44 -40.51 -18.14 48.76
N LYS I 45 -40.19 -19.41 49.03
CA LYS I 45 -41.01 -20.21 49.96
C LYS I 45 -40.95 -19.63 51.38
N PRO I 46 -41.93 -19.88 52.26
CA PRO I 46 -41.98 -19.27 53.59
C PRO I 46 -40.64 -19.31 54.36
N GLY I 47 -40.12 -18.14 54.72
CA GLY I 47 -38.85 -17.94 55.43
C GLY I 47 -37.55 -18.08 54.61
N GLN I 48 -37.60 -18.46 53.33
CA GLN I 48 -36.41 -18.58 52.49
C GLN I 48 -35.75 -17.20 52.18
N PRO I 49 -34.44 -17.16 51.88
CA PRO I 49 -33.83 -16.03 51.19
C PRO I 49 -34.39 -15.94 49.74
N PRO I 50 -34.99 -14.82 49.33
CA PRO I 50 -35.77 -14.72 48.08
C PRO I 50 -34.92 -14.51 46.82
N LYS I 51 -35.59 -14.54 45.67
CA LYS I 51 -35.11 -14.06 44.36
C LYS I 51 -36.06 -13.02 43.74
N LEU I 52 -35.56 -12.11 42.90
CA LEU I 52 -36.39 -11.14 42.18
C LEU I 52 -37.27 -11.80 41.11
N LEU I 53 -38.53 -11.37 41.01
CA LEU I 53 -39.42 -11.66 39.88
C LEU I 53 -39.27 -10.66 38.73
N ILE I 54 -39.17 -9.35 39.03
CA ILE I 54 -39.17 -8.31 37.99
C ILE I 54 -38.60 -6.98 38.47
N TYR I 55 -37.66 -6.40 37.74
CA TYR I 55 -37.07 -5.07 37.98
C TYR I 55 -38.00 -3.93 37.57
N TRP I 56 -37.79 -2.71 38.09
CA TRP I 56 -38.66 -1.55 37.83
C TRP I 56 -40.17 -1.88 37.91
N ALA I 57 -40.53 -2.70 38.91
CA ALA I 57 -41.86 -3.31 39.13
C ALA I 57 -42.50 -4.05 37.93
N SER I 58 -41.78 -4.39 36.85
CA SER I 58 -42.38 -5.02 35.67
C SER I 58 -41.42 -5.73 34.69
N THR I 59 -40.13 -5.41 34.69
CA THR I 59 -39.11 -6.01 33.84
C THR I 59 -38.73 -7.44 34.32
N ARG I 60 -39.52 -8.42 33.92
CA ARG I 60 -39.45 -9.80 34.41
C ARG I 60 -38.11 -10.50 34.17
N GLU I 61 -37.60 -11.12 35.23
CA GLU I 61 -36.33 -11.83 35.28
C GLU I 61 -36.42 -13.28 34.77
N SER I 62 -35.36 -14.07 35.01
CA SER I 62 -35.32 -15.49 34.71
C SER I 62 -36.34 -16.28 35.55
N GLY I 63 -37.18 -17.08 34.89
CA GLY I 63 -38.25 -17.85 35.52
C GLY I 63 -39.39 -17.00 36.11
N ILE I 64 -39.59 -15.76 35.64
CA ILE I 64 -40.68 -14.90 36.11
C ILE I 64 -42.08 -15.47 35.79
N PRO I 65 -43.15 -14.99 36.49
CA PRO I 65 -44.45 -15.69 36.48
C PRO I 65 -45.26 -15.61 35.18
N ASP I 66 -44.96 -14.65 34.29
CA ASP I 66 -45.62 -14.39 33.00
C ASP I 66 -47.15 -14.12 33.08
N ARG I 67 -47.98 -15.14 33.24
CA ARG I 67 -49.42 -15.00 33.47
C ARG I 67 -49.74 -14.37 34.85
N PHE I 68 -48.83 -14.49 35.83
CA PHE I 68 -48.89 -13.82 37.12
C PHE I 68 -47.98 -12.57 37.20
N SER I 69 -47.75 -11.88 36.07
CA SER I 69 -46.75 -10.82 35.95
C SER I 69 -46.99 -9.58 36.82
N GLY I 70 -45.88 -8.93 37.21
CA GLY I 70 -45.86 -7.66 37.94
C GLY I 70 -46.19 -6.44 37.08
N SER I 71 -46.58 -5.33 37.71
CA SER I 71 -46.72 -4.01 37.09
C SER I 71 -46.47 -2.87 38.11
N GLY I 72 -45.97 -1.72 37.67
CA GLY I 72 -45.71 -0.55 38.50
C GLY I 72 -46.85 0.47 38.54
N SER I 73 -46.86 1.31 39.59
CA SER I 73 -47.82 2.40 39.82
C SER I 73 -47.19 3.50 40.68
N GLY I 74 -46.30 4.29 40.08
CA GLY I 74 -45.57 5.37 40.76
C GLY I 74 -44.57 4.83 41.79
N THR I 75 -44.64 5.28 43.05
CA THR I 75 -43.88 4.64 44.15
C THR I 75 -44.35 3.22 44.46
N ASP I 76 -45.55 2.83 44.04
CA ASP I 76 -46.21 1.59 44.44
C ASP I 76 -46.31 0.62 43.25
N PHE I 77 -46.89 -0.56 43.44
CA PHE I 77 -47.04 -1.54 42.37
C PHE I 77 -48.09 -2.64 42.66
N THR I 78 -48.55 -3.33 41.61
CA THR I 78 -49.42 -4.50 41.73
C THR I 78 -49.03 -5.67 40.81
N LEU I 79 -49.14 -6.91 41.26
CA LEU I 79 -48.75 -8.12 40.52
C LEU I 79 -49.86 -9.17 40.46
N THR I 80 -49.98 -9.84 39.32
CA THR I 80 -51.06 -10.78 39.02
C THR I 80 -50.99 -12.08 39.83
N ILE I 81 -52.15 -12.62 40.21
CA ILE I 81 -52.30 -13.94 40.82
C ILE I 81 -53.73 -14.51 40.65
N SER I 82 -54.26 -14.41 39.43
CA SER I 82 -55.62 -14.85 39.10
C SER I 82 -55.82 -16.35 39.37
N ARG I 83 -56.82 -16.72 40.18
CA ARG I 83 -57.08 -18.08 40.66
C ARG I 83 -55.90 -18.79 41.38
N LEU I 84 -54.93 -18.04 41.91
CA LEU I 84 -53.76 -18.59 42.59
C LEU I 84 -54.08 -19.28 43.93
N GLN I 85 -53.17 -20.13 44.42
CA GLN I 85 -53.41 -20.95 45.62
C GLN I 85 -52.12 -21.57 46.17
N ALA I 86 -52.07 -22.89 46.41
CA ALA I 86 -50.84 -23.61 46.73
C ALA I 86 -49.76 -23.42 45.63
N GLU I 87 -48.48 -23.50 46.02
CA GLU I 87 -47.31 -22.95 45.30
C GLU I 87 -47.28 -21.42 45.23
N ASP I 88 -48.40 -20.75 44.93
CA ASP I 88 -48.56 -19.29 45.04
C ASP I 88 -48.54 -18.76 46.48
N VAL I 89 -48.62 -19.65 47.47
CA VAL I 89 -48.40 -19.36 48.89
C VAL I 89 -46.94 -19.03 49.26
N ALA I 90 -45.99 -19.22 48.33
CA ALA I 90 -44.65 -18.66 48.41
C ALA I 90 -44.71 -17.13 48.50
N VAL I 91 -44.24 -16.54 49.61
CA VAL I 91 -44.39 -15.11 49.88
C VAL I 91 -43.59 -14.25 48.90
N TYR I 92 -44.24 -13.22 48.35
CA TYR I 92 -43.70 -12.29 47.38
C TYR I 92 -44.17 -10.84 47.64
N TYR I 93 -43.30 -9.86 47.38
CA TYR I 93 -43.58 -8.44 47.64
C TYR I 93 -42.65 -7.56 46.81
N CYS I 94 -42.70 -6.24 46.99
CA CYS I 94 -41.75 -5.30 46.40
C CYS I 94 -40.56 -5.03 47.33
N GLN I 95 -39.41 -4.75 46.73
CA GLN I 95 -38.15 -4.43 47.37
C GLN I 95 -37.51 -3.21 46.70
N GLN I 96 -36.96 -2.30 47.48
CA GLN I 96 -36.41 -1.06 46.96
C GLN I 96 -34.97 -1.23 46.47
N TYR I 97 -34.56 -0.44 45.48
CA TYR I 97 -33.16 -0.27 45.07
C TYR I 97 -32.75 1.20 44.88
N TYR I 98 -33.61 2.13 45.28
CA TYR I 98 -33.49 3.57 45.04
C TYR I 98 -32.33 4.23 45.79
N SER I 99 -32.10 3.85 47.06
CA SER I 99 -31.08 4.46 47.94
C SER I 99 -30.59 3.45 48.98
N LEU I 100 -29.43 3.70 49.62
CA LEU I 100 -28.58 2.67 50.25
C LEU I 100 -29.29 1.65 51.15
N PRO I 101 -30.08 2.05 52.17
CA PRO I 101 -30.72 1.10 53.09
C PRO I 101 -31.95 0.37 52.50
N ARG I 102 -32.15 0.40 51.19
CA ARG I 102 -33.25 -0.26 50.48
C ARG I 102 -33.26 -1.79 50.63
N THR I 103 -34.43 -2.36 50.94
CA THR I 103 -34.69 -3.78 51.20
C THR I 103 -36.13 -4.16 50.81
N PHE I 104 -36.56 -5.39 51.10
CA PHE I 104 -37.90 -5.92 50.83
C PHE I 104 -38.97 -5.56 51.88
N GLY I 105 -40.24 -5.65 51.48
CA GLY I 105 -41.42 -5.64 52.36
C GLY I 105 -41.60 -6.91 53.20
N GLN I 106 -42.84 -7.16 53.63
CA GLN I 106 -43.18 -8.30 54.49
C GLN I 106 -43.30 -9.64 53.75
N GLY I 107 -43.66 -9.61 52.46
CA GLY I 107 -44.08 -10.76 51.67
C GLY I 107 -45.58 -11.05 51.83
N THR I 108 -46.27 -11.27 50.73
CA THR I 108 -47.66 -11.71 50.66
C THR I 108 -47.85 -12.83 49.64
N LYS I 109 -48.90 -13.63 49.73
CA LYS I 109 -49.05 -14.83 48.90
C LYS I 109 -50.47 -15.37 48.87
N VAL I 110 -50.73 -16.31 47.97
CA VAL I 110 -51.92 -17.14 48.02
C VAL I 110 -51.89 -18.14 49.20
N GLU I 111 -52.73 -19.15 49.15
CA GLU I 111 -52.81 -20.21 50.16
C GLU I 111 -53.54 -21.46 49.62
N ILE I 112 -53.48 -22.58 50.33
CA ILE I 112 -54.44 -23.68 50.22
C ILE I 112 -55.87 -23.24 50.66
N LYS I 113 -56.77 -24.16 50.98
CA LYS I 113 -58.09 -23.85 51.56
C LYS I 113 -58.01 -23.36 53.02
N ARG I 114 -57.11 -22.41 53.30
CA ARG I 114 -56.69 -21.88 54.60
C ARG I 114 -57.74 -21.10 55.40
N THR I 115 -59.02 -21.14 55.02
CA THR I 115 -60.11 -20.58 55.80
C THR I 115 -60.22 -21.22 57.18
N VAL I 116 -60.97 -20.58 58.07
CA VAL I 116 -61.08 -20.95 59.48
C VAL I 116 -61.96 -22.18 59.77
N ALA I 117 -61.80 -23.25 58.98
CA ALA I 117 -62.55 -24.49 59.12
C ALA I 117 -62.40 -25.11 60.52
N ALA I 118 -63.50 -25.62 61.09
CA ALA I 118 -63.55 -26.06 62.48
C ALA I 118 -62.57 -27.22 62.77
N PRO I 119 -61.61 -27.11 63.72
CA PRO I 119 -60.59 -28.15 63.94
C PRO I 119 -61.11 -29.53 64.35
N SER I 120 -60.47 -30.59 63.83
CA SER I 120 -60.59 -31.97 64.32
C SER I 120 -59.85 -32.23 65.66
N VAL I 121 -59.24 -31.18 66.22
CA VAL I 121 -58.26 -31.24 67.30
C VAL I 121 -58.78 -31.92 68.57
N PHE I 122 -58.18 -33.06 68.93
CA PHE I 122 -58.47 -33.76 70.18
C PHE I 122 -57.91 -33.03 71.40
N ILE I 123 -58.66 -33.03 72.51
CA ILE I 123 -58.18 -32.52 73.80
C ILE I 123 -57.17 -33.47 74.46
N PHE I 124 -56.01 -32.95 74.88
CA PHE I 124 -54.92 -33.72 75.48
C PHE I 124 -54.62 -33.30 76.94
N PRO I 125 -54.84 -34.18 77.92
CA PRO I 125 -54.48 -33.91 79.30
C PRO I 125 -52.96 -33.89 79.53
N PRO I 126 -52.47 -33.21 80.58
CA PRO I 126 -51.05 -33.12 80.88
C PRO I 126 -50.49 -34.47 81.35
N SER I 127 -49.32 -34.83 80.84
CA SER I 127 -48.61 -36.03 81.26
C SER I 127 -47.99 -35.89 82.66
N ASP I 128 -47.84 -37.00 83.38
CA ASP I 128 -46.98 -37.04 84.58
C ASP I 128 -45.51 -36.84 84.19
N GLU I 129 -45.09 -37.34 83.02
CA GLU I 129 -43.79 -37.07 82.41
C GLU I 129 -43.62 -35.59 82.00
N GLN I 130 -44.69 -34.93 81.55
CA GLN I 130 -44.70 -33.50 81.24
C GLN I 130 -44.56 -32.63 82.51
N LEU I 131 -45.36 -32.88 83.55
CA LEU I 131 -45.23 -32.23 84.87
C LEU I 131 -43.87 -32.50 85.56
N LYS I 132 -43.14 -33.55 85.15
CA LYS I 132 -41.76 -33.80 85.55
C LYS I 132 -40.73 -33.04 84.69
N SER I 133 -40.91 -33.02 83.37
CA SER I 133 -40.01 -32.33 82.42
C SER I 133 -40.06 -30.79 82.53
N GLY I 134 -41.21 -30.22 82.87
CA GLY I 134 -41.44 -28.78 82.95
C GLY I 134 -42.77 -28.42 83.63
N THR I 135 -43.44 -27.37 83.16
CA THR I 135 -44.80 -27.03 83.55
C THR I 135 -45.80 -28.15 83.18
N ALA I 136 -46.77 -28.42 84.05
CA ALA I 136 -47.83 -29.42 83.85
C ALA I 136 -48.92 -28.93 82.88
N SER I 137 -48.54 -28.26 81.80
CA SER I 137 -49.43 -27.69 80.80
C SER I 137 -50.18 -28.76 80.01
N VAL I 138 -51.48 -28.55 79.82
CA VAL I 138 -52.32 -29.37 78.94
C VAL I 138 -52.07 -29.06 77.46
N VAL I 139 -52.54 -29.91 76.54
CA VAL I 139 -52.20 -29.89 75.11
C VAL I 139 -53.37 -30.22 74.17
N CYS I 140 -53.19 -30.01 72.87
CA CYS I 140 -54.14 -30.44 71.83
C CYS I 140 -53.54 -30.26 70.43
N LEU I 141 -53.33 -31.32 69.66
CA LEU I 141 -52.83 -31.20 68.28
C LEU I 141 -53.85 -30.51 67.35
N LEU I 142 -53.39 -29.62 66.48
CA LEU I 142 -54.23 -28.81 65.58
C LEU I 142 -54.76 -29.54 64.33
N ASN I 143 -55.81 -28.99 63.71
CA ASN I 143 -56.39 -29.50 62.47
C ASN I 143 -57.31 -28.50 61.73
N ASN I 144 -57.67 -28.83 60.50
CA ASN I 144 -58.61 -28.13 59.60
C ASN I 144 -58.26 -26.68 59.21
N PHE I 145 -58.27 -25.72 60.13
CA PHE I 145 -57.95 -24.33 59.81
C PHE I 145 -56.45 -24.08 59.68
N TYR I 146 -56.03 -23.27 58.71
CA TYR I 146 -54.65 -22.79 58.64
C TYR I 146 -54.35 -21.73 59.71
N PRO I 147 -53.08 -21.48 60.10
CA PRO I 147 -52.73 -20.43 61.06
C PRO I 147 -53.14 -19.00 60.65
N ARG I 148 -53.44 -18.76 59.37
CA ARG I 148 -54.08 -17.54 58.88
C ARG I 148 -55.54 -17.34 59.35
N GLU I 149 -56.18 -18.36 59.93
CA GLU I 149 -57.55 -18.34 60.43
C GLU I 149 -57.78 -19.10 61.76
N ALA I 150 -56.81 -19.90 62.21
CA ALA I 150 -56.85 -20.70 63.43
C ALA I 150 -56.50 -19.91 64.71
N LYS I 151 -56.77 -20.54 65.85
CA LYS I 151 -56.51 -20.08 67.21
C LYS I 151 -56.40 -21.26 68.20
N VAL I 152 -56.33 -20.99 69.50
CA VAL I 152 -56.28 -22.01 70.55
C VAL I 152 -56.88 -21.51 71.88
N GLN I 153 -57.22 -22.42 72.79
CA GLN I 153 -57.76 -22.10 74.11
C GLN I 153 -57.44 -23.15 75.18
N TRP I 154 -57.39 -22.73 76.46
CA TRP I 154 -57.24 -23.60 77.62
C TRP I 154 -58.59 -24.13 78.07
N LYS I 155 -58.89 -25.41 77.80
CA LYS I 155 -60.11 -26.06 78.28
C LYS I 155 -60.02 -26.58 79.73
N VAL I 156 -58.82 -26.61 80.31
CA VAL I 156 -58.54 -27.12 81.66
C VAL I 156 -59.17 -26.33 82.81
N ASP I 157 -59.39 -26.98 83.96
CA ASP I 157 -59.91 -26.37 85.19
C ASP I 157 -61.22 -25.57 85.01
N ASN I 158 -62.07 -25.97 84.07
CA ASN I 158 -63.27 -25.24 83.61
C ASN I 158 -63.04 -23.80 83.12
N ALA I 159 -61.80 -23.39 82.81
CA ALA I 159 -61.47 -22.03 82.41
C ALA I 159 -62.02 -21.66 81.00
N LEU I 160 -61.93 -22.57 80.03
CA LEU I 160 -62.36 -22.36 78.63
C LEU I 160 -61.79 -21.10 77.94
N GLN I 161 -60.56 -20.69 78.27
CA GLN I 161 -60.00 -19.38 77.96
C GLN I 161 -59.27 -19.34 76.61
N SER I 162 -59.84 -18.62 75.63
CA SER I 162 -59.19 -18.33 74.36
C SER I 162 -57.84 -17.63 74.57
N GLY I 163 -56.78 -18.15 73.95
CA GLY I 163 -55.40 -17.68 74.12
C GLY I 163 -54.67 -18.07 75.40
N ASN I 164 -55.28 -18.79 76.35
CA ASN I 164 -54.69 -19.12 77.66
C ASN I 164 -53.65 -20.26 77.68
N SER I 165 -52.73 -20.30 76.73
CA SER I 165 -51.91 -21.48 76.41
C SER I 165 -50.39 -21.23 76.32
N GLN I 166 -49.60 -22.27 76.60
CA GLN I 166 -48.24 -22.45 76.06
C GLN I 166 -48.22 -23.11 74.66
N GLU I 167 -49.19 -22.77 73.82
CA GLU I 167 -49.38 -23.31 72.47
C GLU I 167 -48.32 -22.83 71.47
N SER I 168 -48.24 -23.46 70.29
CA SER I 168 -47.46 -22.95 69.16
C SER I 168 -48.14 -23.18 67.81
N VAL I 169 -47.96 -22.24 66.88
CA VAL I 169 -48.45 -22.38 65.50
C VAL I 169 -47.54 -23.29 64.66
N THR I 170 -48.06 -23.83 63.56
CA THR I 170 -47.30 -24.63 62.58
C THR I 170 -47.89 -24.55 61.18
N GLU I 171 -47.07 -24.75 60.15
CA GLU I 171 -47.49 -24.79 58.75
C GLU I 171 -48.43 -25.96 58.44
N GLN I 172 -48.93 -26.02 57.20
CA GLN I 172 -49.93 -26.99 56.77
C GLN I 172 -49.52 -28.46 56.98
N ASP I 173 -50.50 -29.24 57.46
CA ASP I 173 -50.47 -30.69 57.66
C ASP I 173 -51.76 -31.37 57.18
N SER I 174 -52.61 -30.65 56.44
CA SER I 174 -53.83 -31.15 55.79
C SER I 174 -54.28 -30.23 54.64
N LYS I 175 -55.17 -30.73 53.78
CA LYS I 175 -55.54 -30.10 52.51
C LYS I 175 -56.09 -28.66 52.59
N ASP I 176 -56.78 -28.30 53.67
CA ASP I 176 -57.23 -26.94 53.98
C ASP I 176 -56.10 -25.99 54.47
N SER I 177 -54.85 -26.21 54.08
CA SER I 177 -53.66 -25.62 54.72
C SER I 177 -53.61 -25.86 56.24
N THR I 178 -54.29 -26.91 56.72
CA THR I 178 -54.67 -27.13 58.11
C THR I 178 -53.46 -27.19 59.04
N TYR I 179 -53.44 -26.41 60.12
CA TYR I 179 -52.24 -26.19 60.92
C TYR I 179 -51.69 -27.47 61.58
N SER I 180 -50.39 -27.73 61.46
CA SER I 180 -49.67 -28.74 62.23
C SER I 180 -49.39 -28.33 63.70
N LEU I 181 -50.02 -27.25 64.16
CA LEU I 181 -49.80 -26.62 65.46
C LEU I 181 -50.22 -27.47 66.66
N SER I 182 -50.08 -26.92 67.87
CA SER I 182 -50.80 -27.40 69.04
C SER I 182 -51.30 -26.26 69.91
N SER I 183 -52.53 -26.39 70.39
CA SER I 183 -53.11 -25.60 71.48
C SER I 183 -52.59 -26.05 72.85
N THR I 184 -52.74 -25.22 73.88
CA THR I 184 -52.34 -25.56 75.25
C THR I 184 -53.31 -25.05 76.33
N LEU I 185 -53.18 -25.58 77.54
CA LEU I 185 -53.71 -24.96 78.76
C LEU I 185 -52.56 -24.59 79.68
N THR I 186 -52.40 -23.31 80.01
CA THR I 186 -51.27 -22.85 80.83
C THR I 186 -51.28 -23.44 82.24
N LEU I 187 -50.10 -23.81 82.74
CA LEU I 187 -49.93 -24.39 84.07
C LEU I 187 -48.58 -24.08 84.74
N SER I 188 -48.57 -24.09 86.06
CA SER I 188 -47.37 -24.25 86.89
C SER I 188 -46.81 -25.68 86.80
N LYS I 189 -45.82 -26.01 87.63
CA LYS I 189 -45.22 -27.36 87.71
C LYS I 189 -46.18 -28.50 88.12
N ALA I 190 -47.42 -28.16 88.54
CA ALA I 190 -48.49 -29.13 88.85
C ALA I 190 -49.92 -28.66 88.45
N ASP I 191 -50.09 -27.43 87.95
CA ASP I 191 -51.38 -26.74 87.95
C ASP I 191 -52.52 -27.43 87.18
N TYR I 192 -52.30 -27.80 85.92
CA TYR I 192 -53.31 -28.52 85.13
C TYR I 192 -53.41 -30.02 85.50
N GLU I 193 -52.34 -30.61 86.05
CA GLU I 193 -52.33 -31.97 86.57
C GLU I 193 -53.17 -32.13 87.85
N LYS I 194 -53.19 -31.12 88.72
CA LYS I 194 -54.03 -31.08 89.93
C LYS I 194 -55.51 -30.72 89.65
N HIS I 195 -55.83 -30.15 88.49
CA HIS I 195 -57.20 -29.81 88.09
C HIS I 195 -58.11 -31.04 87.99
N LYS I 196 -59.42 -30.88 88.21
CA LYS I 196 -60.40 -31.97 88.07
C LYS I 196 -60.39 -32.63 86.69
N VAL I 197 -60.17 -31.82 85.64
CA VAL I 197 -59.83 -32.22 84.29
C VAL I 197 -58.95 -31.16 83.61
N TYR I 198 -58.14 -31.59 82.64
CA TYR I 198 -57.25 -30.71 81.87
C TYR I 198 -57.24 -31.06 80.38
N ALA I 199 -57.23 -30.05 79.51
CA ALA I 199 -56.86 -30.14 78.09
C ALA I 199 -56.64 -28.76 77.47
N CYS I 200 -55.95 -28.70 76.33
CA CYS I 200 -56.15 -27.62 75.37
C CYS I 200 -57.30 -27.92 74.39
N GLU I 201 -57.74 -26.91 73.67
CA GLU I 201 -58.49 -27.06 72.43
C GLU I 201 -57.94 -26.12 71.37
N VAL I 202 -57.74 -26.59 70.14
CA VAL I 202 -57.55 -25.71 69.00
C VAL I 202 -58.87 -25.06 68.59
N THR I 203 -58.80 -23.94 67.87
CA THR I 203 -59.96 -23.14 67.44
C THR I 203 -59.79 -22.61 66.02
N HIS I 204 -60.87 -22.16 65.39
CA HIS I 204 -60.82 -21.42 64.13
C HIS I 204 -62.09 -20.57 63.96
N GLN I 205 -61.99 -19.48 63.21
CA GLN I 205 -63.05 -18.46 63.08
C GLN I 205 -64.40 -18.93 62.51
N GLY I 206 -64.43 -20.03 61.75
CA GLY I 206 -65.65 -20.62 61.19
C GLY I 206 -66.39 -21.55 62.15
N LEU I 207 -65.74 -22.02 63.22
CA LEU I 207 -66.37 -22.70 64.35
C LEU I 207 -67.00 -21.74 65.37
N SER I 208 -67.98 -22.20 66.17
CA SER I 208 -68.56 -21.42 67.27
C SER I 208 -67.62 -21.25 68.48
N SER I 209 -66.72 -22.20 68.70
CA SER I 209 -65.79 -22.22 69.84
C SER I 209 -64.61 -23.19 69.61
N PRO I 210 -63.61 -23.22 70.50
CA PRO I 210 -62.56 -24.25 70.52
C PRO I 210 -63.14 -25.67 70.46
N VAL I 211 -62.47 -26.56 69.72
CA VAL I 211 -62.98 -27.86 69.28
C VAL I 211 -62.76 -29.04 70.24
N THR I 212 -62.32 -28.77 71.47
CA THR I 212 -61.98 -29.77 72.49
C THR I 212 -62.33 -29.31 73.91
N LYS I 213 -62.47 -30.24 74.85
CA LYS I 213 -62.79 -29.99 76.26
C LYS I 213 -62.00 -30.92 77.22
N SER I 214 -61.88 -30.54 78.50
CA SER I 214 -60.96 -31.19 79.45
C SER I 214 -61.29 -32.66 79.78
N PHE I 215 -60.26 -33.43 80.19
CA PHE I 215 -60.33 -34.84 80.58
C PHE I 215 -59.25 -35.20 81.62
N ASN I 216 -59.23 -36.44 82.09
CA ASN I 216 -58.38 -36.88 83.20
C ASN I 216 -56.87 -36.69 82.96
N ARG I 217 -56.23 -35.93 83.85
CA ARG I 217 -54.80 -35.61 83.85
C ARG I 217 -53.90 -36.73 84.40
N GLY I 218 -52.58 -36.58 84.27
CA GLY I 218 -51.61 -37.60 84.70
C GLY I 218 -51.34 -38.66 83.63
N GLU I 219 -51.26 -38.25 82.36
CA GLU I 219 -50.99 -39.13 81.22
C GLU I 219 -49.62 -39.83 81.27
N CYS I 220 -49.54 -41.05 80.75
CA CYS I 220 -48.34 -41.90 80.82
C CYS I 220 -48.20 -42.86 79.63
#